data_9FTK
#
_entry.id   9FTK
#
_cell.length_a   144.511
_cell.length_b   199.715
_cell.length_c   144.511
_cell.angle_alpha   90.000
_cell.angle_beta   92.581
_cell.angle_gamma   90.000
#
_symmetry.space_group_name_H-M   'I 1 2 1'
#
loop_
_entity.id
_entity.type
_entity.pdbx_description
1 polymer 'Trans-O-hydroxybenzylidenepyruvate hydratase-aldolase'
2 non-polymer '(4R)-4-hydroxy-4-(2-hydroxyphenyl)butanoic acid'
3 non-polymer 'PHOSPHATE ION'
4 non-polymer GLYCEROL
5 non-polymer SALICYLALDEHYDE
6 water water
#
_entity_poly.entity_id   1
_entity_poly.type   'polypeptide(L)'
_entity_poly.pdbx_seq_one_letter_code
;MRGSHHHHHHGSMSNKIMKTSRLTAEDINGAWTIMPTPSTPDASDWRSTATVDLEETARIVEELIAAGVNGILSMGTFGE
CATLTWDEKRDYVSTIVETIRGRVPYFCGTTALNTREVIRQTRELIDIGANGTMLGVPMWVKMDLPTAVQFYRDVADAVP
EAAIAIYANPEAFKFDFPRPFWAEMSKIPQVVTAKYLGIGMLDLDLRLAPNIRFLPHEDDYYAAARINPERITAFWSSGA
MCGPATAIMLRDEVVRAKSTGDWAKAKAISDDMRAADSTLFPRGDFSEFSKYNIGLEKARMDAAGWLKAGPCRPPYNLVP
EDYLAGAQKSGKAWAALHAKYSNELK
;
_entity_poly.pdbx_strand_id   A,B,C,D,G,H,J,K
#
loop_
_chem_comp.id
_chem_comp.type
_chem_comp.name
_chem_comp.formula
GOL non-polymer GLYCEROL 'C3 H8 O3'
KRN non-polymer '(4R)-4-hydroxy-4-(2-hydroxyphenyl)butanoic acid' 'C10 H12 O4'
NK non-polymer SALICYLALDEHYDE 'C7 H6 O2'
PO4 non-polymer 'PHOSPHATE ION' 'O4 P -3'
#
# COMPACT_ATOMS: atom_id res chain seq x y z
N SER A 21 5.21 4.26 21.55
CA SER A 21 5.10 4.13 20.07
C SER A 21 6.42 3.67 19.46
N ARG A 22 6.31 2.95 18.35
CA ARG A 22 7.43 2.18 17.82
C ARG A 22 8.56 3.12 17.39
N LEU A 23 9.81 2.71 17.65
CA LEU A 23 10.98 3.42 17.11
C LEU A 23 10.83 3.66 15.61
N THR A 24 11.44 4.75 15.13
CA THR A 24 11.60 4.96 13.70
C THR A 24 13.10 5.02 13.36
N ALA A 25 13.40 4.97 12.06
CA ALA A 25 14.76 5.11 11.58
C ALA A 25 15.41 6.40 12.04
N GLU A 26 14.66 7.50 11.98
CA GLU A 26 15.16 8.82 12.38
C GLU A 26 15.67 8.80 13.82
N ASP A 27 15.07 7.96 14.67
CA ASP A 27 15.43 7.84 16.08
C ASP A 27 16.71 7.00 16.30
N ILE A 28 17.33 6.45 15.23
CA ILE A 28 18.50 5.60 15.37
C ILE A 28 19.72 6.41 14.97
N ASN A 29 20.61 6.69 15.94
CA ASN A 29 21.81 7.49 15.74
C ASN A 29 22.90 7.03 16.70
N GLY A 30 24.15 7.30 16.35
CA GLY A 30 25.30 7.12 17.19
C GLY A 30 25.75 5.66 17.31
N ALA A 31 26.25 5.36 18.53
CA ALA A 31 26.88 4.09 18.79
C ALA A 31 25.86 3.07 19.30
N TRP A 32 25.62 2.03 18.48
CA TRP A 32 24.74 0.93 18.86
C TRP A 32 25.54 -0.33 19.15
N THR A 33 25.53 -0.75 20.43
CA THR A 33 26.48 -1.75 20.89
C THR A 33 25.76 -3.06 21.06
N ILE A 34 26.36 -4.13 20.52
CA ILE A 34 25.86 -5.48 20.63
C ILE A 34 26.51 -6.15 21.84
N MET A 35 25.65 -6.44 22.83
CA MET A 35 26.00 -7.12 24.07
C MET A 35 26.01 -8.63 23.87
N PRO A 36 26.94 -9.38 24.51
CA PRO A 36 26.83 -10.85 24.58
C PRO A 36 25.79 -11.25 25.60
N THR A 37 25.60 -12.56 25.75
CA THR A 37 24.74 -13.10 26.80
C THR A 37 25.64 -13.74 27.83
N PRO A 38 25.97 -13.05 28.95
CA PRO A 38 26.96 -13.54 29.88
C PRO A 38 26.60 -14.90 30.40
N SER A 39 27.62 -15.71 30.55
CA SER A 39 27.37 -17.08 30.94
CA SER A 39 27.52 -17.13 30.88
C SER A 39 27.97 -17.39 32.30
N THR A 40 27.32 -18.35 32.95
CA THR A 40 27.81 -18.95 34.19
C THR A 40 29.01 -19.84 33.86
N PRO A 41 29.82 -20.22 34.89
CA PRO A 41 30.99 -21.07 34.67
C PRO A 41 30.69 -22.40 34.02
N ASP A 42 29.48 -22.95 34.24
CA ASP A 42 29.16 -24.29 33.76
C ASP A 42 28.45 -24.27 32.40
N ALA A 43 28.43 -23.11 31.72
CA ALA A 43 27.55 -22.93 30.56
C ALA A 43 27.92 -23.82 29.37
N SER A 44 29.13 -24.39 29.31
CA SER A 44 29.50 -25.21 28.17
C SER A 44 28.94 -26.63 28.27
N ASP A 45 28.41 -26.96 29.45
CA ASP A 45 27.92 -28.31 29.73
C ASP A 45 26.46 -28.45 29.29
N TRP A 46 26.14 -29.47 28.49
CA TRP A 46 24.76 -29.68 28.07
C TRP A 46 23.82 -29.98 29.25
N ARG A 47 24.37 -30.42 30.38
CA ARG A 47 23.54 -30.70 31.55
C ARG A 47 23.00 -29.42 32.21
N SER A 48 23.65 -28.27 31.96
CA SER A 48 23.33 -27.06 32.71
C SER A 48 22.03 -26.45 32.19
N THR A 49 21.21 -25.84 33.08
CA THR A 49 19.87 -25.40 32.69
C THR A 49 19.63 -23.90 32.86
N ALA A 50 20.44 -23.22 33.65
CA ALA A 50 20.21 -21.82 33.90
C ALA A 50 21.54 -21.10 33.81
N THR A 51 22.01 -20.86 32.58
CA THR A 51 23.39 -20.49 32.35
C THR A 51 23.60 -19.00 32.16
N VAL A 52 22.57 -18.16 32.31
CA VAL A 52 22.76 -16.73 32.09
C VAL A 52 23.13 -16.09 33.44
N ASP A 53 24.25 -15.39 33.46
CA ASP A 53 24.64 -14.59 34.60
C ASP A 53 23.86 -13.28 34.51
N LEU A 54 22.75 -13.25 35.24
CA LEU A 54 21.84 -12.12 35.19
C LEU A 54 22.41 -10.85 35.86
N GLU A 55 23.25 -11.01 36.90
CA GLU A 55 23.84 -9.83 37.51
C GLU A 55 24.92 -9.22 36.60
N GLU A 56 25.68 -10.03 35.87
CA GLU A 56 26.62 -9.49 34.89
C GLU A 56 25.87 -8.80 33.77
N THR A 57 24.70 -9.34 33.39
CA THR A 57 23.86 -8.74 32.35
C THR A 57 23.48 -7.30 32.75
N ALA A 58 22.98 -7.17 33.98
CA ALA A 58 22.55 -5.87 34.49
C ALA A 58 23.72 -4.90 34.55
N ARG A 59 24.86 -5.38 35.02
CA ARG A 59 26.05 -4.56 35.15
C ARG A 59 26.49 -4.04 33.78
N ILE A 60 26.60 -4.94 32.81
CA ILE A 60 26.95 -4.52 31.46
C ILE A 60 26.00 -3.44 30.94
N VAL A 61 24.69 -3.59 31.15
CA VAL A 61 23.73 -2.63 30.63
C VAL A 61 23.95 -1.25 31.24
N GLU A 62 24.17 -1.22 32.56
CA GLU A 62 24.32 0.06 33.23
C GLU A 62 25.63 0.70 32.81
N GLU A 63 26.68 -0.10 32.61
CA GLU A 63 27.95 0.44 32.16
C GLU A 63 27.82 1.03 30.73
N LEU A 64 27.09 0.34 29.85
CA LEU A 64 26.92 0.84 28.49
C LEU A 64 26.15 2.16 28.51
N ILE A 65 25.07 2.21 29.30
CA ILE A 65 24.31 3.44 29.47
C ILE A 65 25.19 4.58 29.99
N ALA A 66 26.00 4.28 31.02
CA ALA A 66 26.86 5.30 31.64
C ALA A 66 27.88 5.85 30.65
N ALA A 67 28.35 5.00 29.72
CA ALA A 67 29.33 5.41 28.73
C ALA A 67 28.70 6.26 27.64
N GLY A 68 27.38 6.29 27.57
CA GLY A 68 26.70 7.15 26.62
C GLY A 68 26.29 6.44 25.31
N VAL A 69 26.22 5.11 25.32
CA VAL A 69 25.77 4.40 24.11
C VAL A 69 24.35 4.86 23.80
N ASN A 70 24.01 4.83 22.49
CA ASN A 70 22.76 5.36 21.97
C ASN A 70 21.66 4.29 21.99
N GLY A 71 22.07 3.03 21.86
CA GLY A 71 21.15 1.90 21.89
C GLY A 71 21.90 0.59 22.02
N ILE A 72 21.15 -0.44 22.43
CA ILE A 72 21.70 -1.75 22.70
C ILE A 72 21.03 -2.79 21.82
N LEU A 73 21.86 -3.59 21.13
CA LEU A 73 21.42 -4.77 20.40
C LEU A 73 21.92 -6.01 21.15
N SER A 74 21.29 -7.14 20.87
CA SER A 74 21.62 -8.37 21.54
C SER A 74 21.14 -9.57 20.72
N MET A 75 21.61 -10.75 21.11
CA MET A 75 21.02 -12.01 20.72
C MET A 75 21.12 -12.19 19.21
N GLY A 76 22.29 -11.85 18.65
CA GLY A 76 22.68 -12.28 17.31
C GLY A 76 23.48 -13.58 17.38
N THR A 77 24.52 -13.72 16.55
CA THR A 77 25.32 -14.93 16.54
C THR A 77 26.17 -15.05 17.81
N PHE A 78 27.03 -14.09 18.11
CA PHE A 78 27.88 -14.24 19.30
C PHE A 78 27.09 -14.11 20.59
N GLY A 79 25.90 -13.49 20.52
CA GLY A 79 24.97 -13.34 21.61
C GLY A 79 24.23 -14.64 21.91
N GLU A 80 24.47 -15.67 21.08
CA GLU A 80 24.08 -17.05 21.35
C GLU A 80 22.55 -17.20 21.34
N CYS A 81 21.90 -16.45 20.46
CA CYS A 81 20.50 -16.70 20.17
C CYS A 81 20.27 -18.19 19.79
N ALA A 82 21.26 -18.83 19.16
CA ALA A 82 21.10 -20.19 18.68
C ALA A 82 21.09 -21.18 19.84
N THR A 83 21.81 -20.86 20.92
CA THR A 83 22.14 -21.87 21.90
C THR A 83 21.55 -21.62 23.29
N LEU A 84 20.85 -20.49 23.53
CA LEU A 84 20.10 -20.27 24.76
C LEU A 84 18.79 -21.05 24.76
N THR A 85 18.34 -21.46 25.97
CA THR A 85 17.01 -22.01 26.11
C THR A 85 16.04 -20.84 26.18
N TRP A 86 14.76 -21.16 26.02
CA TRP A 86 13.74 -20.14 26.02
C TRP A 86 13.64 -19.47 27.40
N ASP A 87 13.72 -20.24 28.48
CA ASP A 87 13.69 -19.64 29.81
C ASP A 87 14.86 -18.68 30.02
N GLU A 88 16.03 -19.06 29.51
CA GLU A 88 17.21 -18.21 29.62
C GLU A 88 16.98 -16.88 28.89
N LYS A 89 16.40 -16.97 27.69
CA LYS A 89 16.16 -15.79 26.88
C LYS A 89 15.22 -14.83 27.60
N ARG A 90 14.11 -15.37 28.12
CA ARG A 90 13.13 -14.56 28.79
C ARG A 90 13.76 -13.87 30.00
N ASP A 91 14.55 -14.62 30.77
CA ASP A 91 15.17 -14.10 31.98
C ASP A 91 16.15 -13.01 31.62
N TYR A 92 16.93 -13.25 30.54
CA TYR A 92 17.93 -12.28 30.08
C TYR A 92 17.26 -10.98 29.69
N VAL A 93 16.24 -11.08 28.84
CA VAL A 93 15.54 -9.89 28.35
C VAL A 93 14.86 -9.18 29.52
N SER A 94 14.27 -9.93 30.47
CA SER A 94 13.58 -9.31 31.60
C SER A 94 14.53 -8.45 32.41
N THR A 95 15.75 -8.97 32.64
CA THR A 95 16.81 -8.28 33.38
C THR A 95 17.25 -7.04 32.62
N ILE A 96 17.47 -7.16 31.30
CA ILE A 96 17.84 -6.00 30.53
C ILE A 96 16.77 -4.91 30.62
N VAL A 97 15.51 -5.28 30.39
CA VAL A 97 14.42 -4.31 30.32
C VAL A 97 14.30 -3.59 31.66
N GLU A 98 14.43 -4.34 32.77
CA GLU A 98 14.23 -3.73 34.07
C GLU A 98 15.43 -2.83 34.42
N THR A 99 16.63 -3.15 33.88
CA THR A 99 17.82 -2.34 34.13
C THR A 99 17.73 -1.06 33.31
N ILE A 100 17.32 -1.19 32.03
CA ILE A 100 17.32 -0.04 31.14
C ILE A 100 16.30 1.00 31.63
N ARG A 101 15.10 0.51 32.00
CA ARG A 101 13.98 1.32 32.48
C ARG A 101 13.69 2.47 31.50
N GLY A 102 13.58 2.14 30.20
CA GLY A 102 13.20 3.07 29.15
C GLY A 102 14.25 4.11 28.76
N ARG A 103 15.48 4.03 29.29
CA ARG A 103 16.45 5.07 29.07
C ARG A 103 17.10 5.04 27.69
N VAL A 104 17.29 3.86 27.07
CA VAL A 104 17.80 3.78 25.70
C VAL A 104 17.02 2.67 25.00
N PRO A 105 16.95 2.70 23.66
CA PRO A 105 16.30 1.62 22.93
C PRO A 105 17.02 0.29 23.08
N TYR A 106 16.28 -0.82 23.06
CA TYR A 106 16.86 -2.14 23.20
C TYR A 106 16.22 -3.11 22.18
N PHE A 107 17.07 -3.87 21.47
CA PHE A 107 16.60 -4.93 20.59
C PHE A 107 17.04 -6.28 21.12
N CYS A 108 16.08 -7.19 21.24
CA CYS A 108 16.33 -8.59 21.48
C CYS A 108 16.62 -9.20 20.11
N GLY A 109 16.82 -10.51 20.06
CA GLY A 109 16.97 -11.23 18.80
C GLY A 109 16.10 -12.47 18.82
N THR A 110 15.41 -12.76 17.71
CA THR A 110 14.41 -13.81 17.71
C THR A 110 14.52 -14.68 16.45
N THR A 111 15.73 -14.75 15.87
CA THR A 111 15.92 -15.61 14.71
C THR A 111 15.67 -17.03 15.15
N ALA A 112 14.93 -17.79 14.34
CA ALA A 112 14.61 -19.18 14.67
C ALA A 112 14.44 -19.93 13.35
N LEU A 113 14.07 -21.21 13.43
CA LEU A 113 14.05 -22.06 12.25
C LEU A 113 12.77 -21.87 11.42
N ASN A 114 11.75 -21.17 11.96
CA ASN A 114 10.53 -21.01 11.19
C ASN A 114 9.77 -19.77 11.62
N THR A 115 8.83 -19.33 10.77
CA THR A 115 8.11 -18.08 10.95
C THR A 115 7.29 -18.10 12.23
N ARG A 116 6.59 -19.21 12.49
CA ARG A 116 5.70 -19.24 13.64
C ARG A 116 6.48 -19.07 14.94
N GLU A 117 7.63 -19.75 15.06
CA GLU A 117 8.49 -19.66 16.22
C GLU A 117 9.10 -18.26 16.38
N VAL A 118 9.51 -17.63 15.27
CA VAL A 118 9.99 -16.26 15.33
C VAL A 118 8.90 -15.35 15.88
N ILE A 119 7.66 -15.49 15.38
CA ILE A 119 6.54 -14.66 15.81
C ILE A 119 6.28 -14.84 17.30
N ARG A 120 6.17 -16.11 17.72
CA ARG A 120 5.91 -16.42 19.12
C ARG A 120 6.97 -15.75 20.01
N GLN A 121 8.25 -15.91 19.67
CA GLN A 121 9.32 -15.35 20.49
C GLN A 121 9.30 -13.82 20.48
N THR A 122 9.07 -13.24 19.29
CA THR A 122 9.07 -11.79 19.15
C THR A 122 7.94 -11.21 20.01
N ARG A 123 6.76 -11.80 19.99
CA ARG A 123 5.65 -11.26 20.77
C ARG A 123 5.98 -11.22 22.26
N GLU A 124 6.49 -12.35 22.79
CA GLU A 124 6.78 -12.48 24.21
C GLU A 124 7.91 -11.55 24.65
N LEU A 125 9.00 -11.44 23.87
CA LEU A 125 10.10 -10.55 24.23
C LEU A 125 9.72 -9.06 24.12
N ILE A 126 8.97 -8.67 23.09
CA ILE A 126 8.45 -7.31 22.99
C ILE A 126 7.49 -7.06 24.16
N ASP A 127 6.63 -8.03 24.49
CA ASP A 127 5.73 -7.90 25.63
CA ASP A 127 5.73 -7.91 25.64
C ASP A 127 6.49 -7.61 26.92
N ILE A 128 7.60 -8.33 27.16
CA ILE A 128 8.44 -8.11 28.33
C ILE A 128 9.01 -6.68 28.35
N GLY A 129 9.33 -6.13 27.17
CA GLY A 129 9.62 -4.71 27.04
C GLY A 129 10.75 -4.36 26.08
N ALA A 130 11.27 -5.32 25.27
CA ALA A 130 12.16 -4.91 24.19
C ALA A 130 11.42 -4.00 23.19
N ASN A 131 12.16 -3.09 22.54
CA ASN A 131 11.57 -2.22 21.54
C ASN A 131 11.53 -2.87 20.16
N GLY A 132 12.39 -3.89 19.94
CA GLY A 132 12.50 -4.45 18.60
C GLY A 132 13.29 -5.76 18.65
N THR A 133 13.39 -6.38 17.48
CA THR A 133 14.17 -7.61 17.32
C THR A 133 15.20 -7.46 16.20
N MET A 134 16.39 -8.00 16.49
CA MET A 134 17.45 -8.08 15.52
C MET A 134 17.30 -9.46 14.91
N LEU A 135 16.91 -9.49 13.64
CA LEU A 135 16.37 -10.71 13.07
C LEU A 135 17.00 -11.09 11.73
N GLY A 136 17.59 -12.30 11.71
CA GLY A 136 18.05 -12.93 10.50
C GLY A 136 16.92 -13.72 9.87
N VAL A 137 17.24 -14.68 9.02
CA VAL A 137 16.20 -15.50 8.42
C VAL A 137 16.43 -16.95 8.80
N PRO A 138 15.35 -17.76 8.88
CA PRO A 138 15.47 -19.22 9.00
C PRO A 138 16.46 -19.79 7.99
N MET A 139 17.32 -20.71 8.42
CA MET A 139 18.47 -21.08 7.61
C MET A 139 18.67 -22.58 7.44
N TRP A 140 17.74 -23.44 7.86
CA TRP A 140 17.92 -24.85 7.55
C TRP A 140 17.88 -25.01 6.04
N VAL A 141 16.84 -24.45 5.44
CA VAL A 141 16.72 -24.35 4.00
C VAL A 141 17.06 -22.92 3.59
N LYS A 142 17.98 -22.84 2.65
CA LYS A 142 18.40 -21.52 2.12
C LYS A 142 17.21 -20.80 1.48
N MET A 143 17.00 -19.59 1.93
CA MET A 143 15.89 -18.79 1.40
C MET A 143 16.24 -18.08 0.08
N ASP A 144 15.22 -17.91 -0.75
CA ASP A 144 15.38 -17.10 -1.96
C ASP A 144 14.79 -15.73 -1.63
N LEU A 145 14.86 -14.82 -2.59
CA LEU A 145 14.42 -13.46 -2.39
C LEU A 145 12.95 -13.39 -1.98
N PRO A 146 11.98 -13.91 -2.75
CA PRO A 146 10.58 -13.75 -2.36
C PRO A 146 10.26 -14.43 -1.02
N THR A 147 10.95 -15.52 -0.70
CA THR A 147 10.74 -16.22 0.58
C THR A 147 11.19 -15.33 1.74
N ALA A 148 12.36 -14.72 1.59
CA ALA A 148 12.91 -13.85 2.63
C ALA A 148 12.03 -12.60 2.81
N VAL A 149 11.55 -12.03 1.70
CA VAL A 149 10.71 -10.85 1.75
C VAL A 149 9.41 -11.15 2.52
N GLN A 150 8.78 -12.27 2.17
CA GLN A 150 7.52 -12.69 2.76
CA GLN A 150 7.50 -12.61 2.77
C GLN A 150 7.71 -12.95 4.26
N PHE A 151 8.87 -13.53 4.60
CA PHE A 151 9.18 -13.80 6.00
C PHE A 151 9.12 -12.53 6.83
N TYR A 152 9.85 -11.48 6.42
CA TYR A 152 9.86 -10.24 7.15
C TYR A 152 8.48 -9.57 7.12
N ARG A 153 7.75 -9.63 6.00
CA ARG A 153 6.40 -9.10 5.97
C ARG A 153 5.50 -9.82 6.97
N ASP A 154 5.68 -11.13 7.10
CA ASP A 154 4.83 -11.90 7.99
C ASP A 154 5.10 -11.53 9.45
N VAL A 155 6.36 -11.39 9.80
CA VAL A 155 6.71 -11.00 11.17
C VAL A 155 6.17 -9.61 11.48
N ALA A 156 6.36 -8.62 10.58
CA ALA A 156 5.88 -7.27 10.82
C ALA A 156 4.34 -7.22 10.92
N ASP A 157 3.66 -8.12 10.18
CA ASP A 157 2.21 -8.21 10.21
C ASP A 157 1.73 -8.80 11.53
N ALA A 158 2.47 -9.79 12.03
CA ALA A 158 2.07 -10.51 13.24
C ALA A 158 2.37 -9.71 14.50
N VAL A 159 3.47 -8.92 14.50
CA VAL A 159 3.92 -8.17 15.66
C VAL A 159 4.14 -6.70 15.26
N PRO A 160 3.05 -5.96 14.96
CA PRO A 160 3.14 -4.63 14.37
C PRO A 160 3.88 -3.58 15.20
N GLU A 161 3.98 -3.82 16.52
CA GLU A 161 4.62 -2.86 17.41
C GLU A 161 6.10 -3.17 17.64
N ALA A 162 6.63 -4.27 17.08
CA ALA A 162 8.06 -4.53 17.15
C ALA A 162 8.80 -3.77 16.05
N ALA A 163 9.85 -3.03 16.42
CA ALA A 163 10.80 -2.60 15.41
C ALA A 163 11.61 -3.81 14.97
N ILE A 164 12.08 -3.80 13.72
CA ILE A 164 12.92 -4.87 13.20
C ILE A 164 14.26 -4.29 12.76
N ALA A 165 15.35 -4.93 13.19
CA ALA A 165 16.68 -4.70 12.65
C ALA A 165 17.05 -5.92 11.80
N ILE A 166 17.28 -5.73 10.51
CA ILE A 166 17.67 -6.82 9.63
C ILE A 166 19.08 -7.25 9.98
N TYR A 167 19.28 -8.53 10.30
CA TYR A 167 20.60 -9.06 10.60
C TYR A 167 21.17 -9.67 9.33
N ALA A 168 21.86 -8.85 8.52
CA ALA A 168 22.18 -9.23 7.16
C ALA A 168 23.51 -9.97 7.12
N ASN A 169 23.51 -11.20 7.64
CA ASN A 169 24.69 -12.04 7.70
C ASN A 169 24.51 -13.25 6.78
N PRO A 170 25.14 -13.26 5.59
CA PRO A 170 25.05 -14.40 4.67
C PRO A 170 25.71 -15.70 5.12
N GLU A 171 26.75 -15.60 5.97
CA GLU A 171 27.45 -16.77 6.46
C GLU A 171 26.51 -17.54 7.38
N ALA A 172 25.87 -16.82 8.30
CA ALA A 172 24.94 -17.47 9.20
C ALA A 172 23.69 -17.91 8.47
N PHE A 173 23.10 -17.03 7.66
CA PHE A 173 21.72 -17.26 7.26
C PHE A 173 21.60 -17.76 5.83
N LYS A 174 22.72 -17.90 5.12
CA LYS A 174 22.81 -18.47 3.76
C LYS A 174 22.34 -17.48 2.69
N PHE A 175 21.13 -16.96 2.84
CA PHE A 175 20.62 -15.85 2.06
C PHE A 175 21.57 -14.67 2.06
N ASP A 176 21.73 -14.01 0.91
CA ASP A 176 22.76 -12.99 0.85
C ASP A 176 22.23 -11.54 0.86
N PHE A 177 20.93 -11.32 1.10
CA PHE A 177 20.44 -9.97 1.38
C PHE A 177 20.82 -9.01 0.23
N PRO A 178 20.36 -9.32 -1.00
CA PRO A 178 20.74 -8.57 -2.20
C PRO A 178 19.98 -7.25 -2.33
N ARG A 179 20.37 -6.49 -3.37
CA ARG A 179 19.87 -5.15 -3.58
CA ARG A 179 19.86 -5.16 -3.60
C ARG A 179 18.34 -5.13 -3.59
N PRO A 180 17.64 -5.97 -4.39
CA PRO A 180 16.19 -5.95 -4.42
C PRO A 180 15.49 -6.24 -3.09
N PHE A 181 16.16 -7.00 -2.22
CA PHE A 181 15.65 -7.26 -0.89
C PHE A 181 15.55 -5.96 -0.09
N TRP A 182 16.56 -5.08 -0.19
CA TRP A 182 16.54 -3.83 0.54
C TRP A 182 15.43 -2.92 0.05
N ALA A 183 15.20 -2.90 -1.27
CA ALA A 183 14.08 -2.14 -1.83
C ALA A 183 12.76 -2.59 -1.22
N GLU A 184 12.60 -3.90 -1.01
CA GLU A 184 11.36 -4.44 -0.43
C GLU A 184 11.22 -4.12 1.05
N MET A 185 12.32 -4.21 1.80
CA MET A 185 12.28 -3.96 3.23
C MET A 185 11.94 -2.50 3.52
N SER A 186 12.39 -1.57 2.68
CA SER A 186 12.07 -0.17 2.86
C SER A 186 10.56 0.07 2.79
N LYS A 187 9.77 -0.85 2.22
CA LYS A 187 8.31 -0.67 2.22
C LYS A 187 7.65 -1.16 3.50
N ILE A 188 8.40 -1.75 4.42
CA ILE A 188 7.81 -2.31 5.62
C ILE A 188 8.10 -1.35 6.76
N PRO A 189 7.09 -0.67 7.34
CA PRO A 189 7.37 0.39 8.31
C PRO A 189 8.13 -0.07 9.54
N GLN A 190 7.90 -1.30 9.99
CA GLN A 190 8.57 -1.85 11.16
C GLN A 190 10.07 -1.97 10.92
N VAL A 191 10.52 -2.09 9.67
CA VAL A 191 11.93 -2.32 9.39
C VAL A 191 12.63 -0.98 9.42
N VAL A 192 13.33 -0.67 10.53
CA VAL A 192 13.88 0.65 10.76
C VAL A 192 15.41 0.68 10.62
N THR A 193 16.07 -0.47 10.67
CA THR A 193 17.53 -0.44 10.70
C THR A 193 18.04 -1.79 10.21
N ALA A 194 19.34 -1.83 9.97
CA ALA A 194 20.02 -3.04 9.52
C ALA A 194 21.38 -3.13 10.16
N LYS A 195 21.68 -4.33 10.71
CA LYS A 195 23.04 -4.65 11.04
C LYS A 195 23.71 -5.09 9.74
N TYR A 196 24.52 -4.20 9.15
CA TYR A 196 25.05 -4.41 7.81
C TYR A 196 26.51 -4.79 7.86
N LEU A 197 26.94 -5.57 6.85
CA LEU A 197 28.33 -5.97 6.73
C LEU A 197 28.99 -5.12 5.64
N GLY A 198 29.64 -5.73 4.64
CA GLY A 198 30.57 -4.94 3.82
C GLY A 198 29.83 -3.82 3.06
N ILE A 199 30.50 -2.67 2.86
CA ILE A 199 29.85 -1.46 2.34
C ILE A 199 30.07 -1.23 0.85
N GLY A 200 30.50 -2.27 0.12
CA GLY A 200 30.66 -2.15 -1.33
C GLY A 200 29.42 -1.63 -2.07
N MET A 201 28.22 -1.99 -1.61
CA MET A 201 27.00 -1.59 -2.29
C MET A 201 26.12 -0.71 -1.39
N LEU A 202 26.73 -0.05 -0.42
CA LEU A 202 25.96 0.79 0.48
C LEU A 202 25.37 2.01 -0.23
N ASP A 203 26.13 2.68 -1.12
CA ASP A 203 25.63 3.80 -1.90
C ASP A 203 24.28 3.46 -2.57
N LEU A 204 24.25 2.31 -3.26
CA LEU A 204 23.04 1.91 -3.94
C LEU A 204 21.97 1.48 -2.94
N ASP A 205 22.34 0.70 -1.92
CA ASP A 205 21.31 0.24 -1.01
C ASP A 205 20.60 1.40 -0.32
N LEU A 206 21.36 2.43 0.02
CA LEU A 206 20.74 3.64 0.62
C LEU A 206 19.70 4.21 -0.35
N ARG A 207 20.08 4.33 -1.61
CA ARG A 207 19.11 4.83 -2.63
CA ARG A 207 19.11 4.83 -2.63
C ARG A 207 17.82 3.96 -2.82
N LEU A 208 18.07 2.64 -2.71
CA LEU A 208 16.93 1.67 -2.86
C LEU A 208 16.08 1.59 -1.59
N ALA A 209 16.67 1.93 -0.44
CA ALA A 209 15.95 1.76 0.79
C ALA A 209 15.96 3.07 1.60
N PRO A 210 15.21 4.10 1.16
CA PRO A 210 15.17 5.39 1.84
C PRO A 210 14.70 5.37 3.29
N ASN A 211 14.00 4.31 3.73
CA ASN A 211 13.38 4.35 5.04
C ASN A 211 14.18 3.58 6.09
N ILE A 212 15.36 3.05 5.73
CA ILE A 212 16.14 2.26 6.67
C ILE A 212 17.40 3.02 7.12
N ARG A 213 17.66 2.98 8.43
CA ARG A 213 18.95 3.41 8.94
C ARG A 213 19.93 2.24 8.84
N PHE A 214 20.86 2.31 7.88
CA PHE A 214 21.84 1.24 7.73
C PHE A 214 22.98 1.42 8.74
N LEU A 215 23.25 0.40 9.56
CA LEU A 215 24.34 0.42 10.50
C LEU A 215 25.52 -0.33 9.90
N PRO A 216 26.57 0.37 9.48
CA PRO A 216 27.81 -0.33 9.13
C PRO A 216 28.45 -0.80 10.41
N HIS A 217 29.34 -1.77 10.26
CA HIS A 217 30.26 -2.13 11.32
C HIS A 217 31.14 -0.93 11.67
N GLU A 218 31.45 -0.81 12.96
CA GLU A 218 32.23 0.29 13.49
C GLU A 218 33.46 0.60 12.64
N ASP A 219 34.17 -0.41 12.15
CA ASP A 219 35.39 -0.14 11.38
C ASP A 219 35.09 0.54 10.04
N ASP A 220 33.89 0.33 9.52
CA ASP A 220 33.46 0.85 8.23
C ASP A 220 32.67 2.15 8.35
N TYR A 221 32.44 2.62 9.59
CA TYR A 221 31.62 3.80 9.80
C TYR A 221 32.26 5.04 9.17
N TYR A 222 33.56 5.20 9.37
CA TYR A 222 34.30 6.31 8.80
C TYR A 222 34.04 6.45 7.30
N ALA A 223 34.29 5.39 6.54
CA ALA A 223 34.13 5.46 5.11
C ALA A 223 32.65 5.71 4.78
N ALA A 224 31.77 5.01 5.48
CA ALA A 224 30.36 5.08 5.15
C ALA A 224 29.79 6.46 5.45
N ALA A 225 30.27 7.08 6.55
CA ALA A 225 29.75 8.39 6.91
C ALA A 225 30.24 9.42 5.90
N ARG A 226 31.42 9.20 5.31
CA ARG A 226 31.94 10.08 4.28
C ARG A 226 31.17 9.94 2.97
N ILE A 227 30.74 8.72 2.64
CA ILE A 227 29.92 8.45 1.47
C ILE A 227 28.61 9.23 1.55
N ASN A 228 27.94 9.13 2.71
CA ASN A 228 26.64 9.74 2.87
C ASN A 228 26.49 10.20 4.32
N PRO A 229 26.96 11.41 4.63
CA PRO A 229 26.90 11.91 6.02
C PRO A 229 25.51 12.24 6.56
N GLU A 230 24.56 12.47 5.66
CA GLU A 230 23.19 12.72 6.08
C GLU A 230 22.54 11.43 6.54
N ARG A 231 22.78 10.32 5.83
CA ARG A 231 22.07 9.06 6.09
C ARG A 231 22.82 8.18 7.10
N ILE A 232 24.17 8.25 7.10
CA ILE A 232 24.97 7.34 7.91
C ILE A 232 25.40 8.10 9.18
N THR A 233 24.55 7.98 10.19
CA THR A 233 24.68 8.69 11.46
C THR A 233 24.92 7.72 12.63
N ALA A 234 24.90 6.40 12.34
CA ALA A 234 24.89 5.33 13.34
C ALA A 234 25.69 4.14 12.85
N PHE A 235 26.16 3.33 13.81
CA PHE A 235 26.92 2.14 13.48
C PHE A 235 26.70 1.12 14.58
N TRP A 236 27.07 -0.13 14.31
CA TRP A 236 27.05 -1.15 15.34
C TRP A 236 28.49 -1.51 15.77
N SER A 237 28.62 -1.84 17.06
CA SER A 237 29.90 -2.10 17.67
C SER A 237 29.87 -3.40 18.46
N SER A 238 30.84 -4.29 18.25
CA SER A 238 31.16 -5.32 19.21
C SER A 238 32.48 -5.01 19.93
N GLY A 239 33.32 -4.16 19.35
CA GLY A 239 34.52 -3.73 20.05
C GLY A 239 34.23 -2.98 21.35
N ALA A 240 33.04 -2.38 21.46
CA ALA A 240 32.66 -1.65 22.66
C ALA A 240 32.60 -2.57 23.88
N MET A 241 32.46 -3.88 23.64
CA MET A 241 32.38 -4.86 24.72
C MET A 241 33.76 -5.05 25.35
N CYS A 242 34.79 -4.49 24.71
CA CYS A 242 36.12 -4.49 25.26
C CYS A 242 36.48 -3.13 25.88
N GLY A 243 35.46 -2.27 25.97
CA GLY A 243 35.62 -0.92 26.45
C GLY A 243 35.03 0.07 25.44
N PRO A 244 33.92 0.73 25.78
CA PRO A 244 33.19 1.53 24.81
C PRO A 244 33.74 2.91 24.47
N ALA A 245 34.79 3.37 25.14
CA ALA A 245 35.27 4.74 24.93
C ALA A 245 35.65 4.98 23.46
N THR A 246 36.24 3.98 22.80
CA THR A 246 36.69 4.11 21.43
C THR A 246 35.49 4.39 20.52
N ALA A 247 34.41 3.65 20.70
CA ALA A 247 33.23 3.86 19.87
C ALA A 247 32.59 5.22 20.15
N ILE A 248 32.62 5.67 21.41
CA ILE A 248 32.00 6.94 21.77
C ILE A 248 32.85 8.04 21.14
N MET A 249 34.17 7.89 21.18
CA MET A 249 35.07 8.87 20.57
C MET A 249 34.86 8.94 19.06
N LEU A 250 34.77 7.78 18.41
CA LEU A 250 34.48 7.76 16.97
C LEU A 250 33.19 8.52 16.68
N ARG A 251 32.13 8.19 17.39
CA ARG A 251 30.86 8.82 17.18
C ARG A 251 31.07 10.33 17.26
N ASP A 252 31.70 10.80 18.35
CA ASP A 252 31.74 12.23 18.63
C ASP A 252 32.59 12.96 17.59
N GLU A 253 33.65 12.30 17.15
CA GLU A 253 34.59 12.94 16.25
CA GLU A 253 34.61 12.92 16.24
C GLU A 253 34.03 12.96 14.82
N VAL A 254 33.20 11.98 14.49
CA VAL A 254 32.56 11.98 13.18
C VAL A 254 31.52 13.10 13.14
N VAL A 255 30.79 13.32 14.24
CA VAL A 255 29.88 14.44 14.30
C VAL A 255 30.66 15.73 14.01
N ARG A 256 31.82 15.89 14.68
CA ARG A 256 32.61 17.11 14.52
CA ARG A 256 32.68 17.06 14.53
C ARG A 256 33.17 17.21 13.10
N ALA A 257 33.68 16.11 12.51
CA ALA A 257 34.18 16.13 11.13
C ALA A 257 33.10 16.56 10.11
N LYS A 258 31.86 16.11 10.31
CA LYS A 258 30.77 16.43 9.42
C LYS A 258 30.51 17.95 9.42
N SER A 259 30.75 18.59 10.55
CA SER A 259 30.51 20.01 10.69
C SER A 259 31.70 20.81 10.16
N THR A 260 32.92 20.43 10.53
CA THR A 260 34.12 21.19 10.22
C THR A 260 34.72 20.81 8.85
N GLY A 261 34.49 19.59 8.37
CA GLY A 261 35.16 19.11 7.17
C GLY A 261 36.56 18.55 7.38
N ASP A 262 37.01 18.49 8.64
CA ASP A 262 38.32 17.95 8.97
C ASP A 262 38.15 16.54 9.55
N TRP A 263 38.55 15.52 8.76
CA TRP A 263 38.26 14.13 9.05
C TRP A 263 39.46 13.41 9.66
N ALA A 264 40.54 14.13 9.97
CA ALA A 264 41.80 13.46 10.25
C ALA A 264 41.73 12.69 11.57
N LYS A 265 41.05 13.26 12.57
CA LYS A 265 41.00 12.63 13.87
C LYS A 265 40.06 11.42 13.80
N ALA A 266 38.97 11.54 13.05
CA ALA A 266 38.08 10.40 12.90
C ALA A 266 38.82 9.26 12.20
N LYS A 267 39.64 9.64 11.20
CA LYS A 267 40.42 8.69 10.42
CA LYS A 267 40.41 8.69 10.43
C LYS A 267 41.41 7.97 11.34
N ALA A 268 42.05 8.73 12.24
CA ALA A 268 43.02 8.12 13.15
C ALA A 268 42.35 7.07 14.05
N ILE A 269 41.16 7.39 14.56
CA ILE A 269 40.45 6.48 15.45
C ILE A 269 40.09 5.23 14.65
N SER A 270 39.55 5.45 13.46
CA SER A 270 39.07 4.35 12.62
C SER A 270 40.24 3.43 12.28
N ASP A 271 41.37 4.02 11.92
CA ASP A 271 42.56 3.23 11.62
C ASP A 271 43.01 2.37 12.82
N ASP A 272 42.96 2.95 14.03
CA ASP A 272 43.24 2.27 15.28
C ASP A 272 42.32 1.05 15.47
N MET A 273 41.03 1.23 15.17
CA MET A 273 40.05 0.16 15.33
C MET A 273 40.36 -1.02 14.39
N ARG A 274 40.69 -0.69 13.14
CA ARG A 274 40.99 -1.73 12.17
C ARG A 274 42.25 -2.49 12.59
N ALA A 275 43.28 -1.77 13.11
CA ALA A 275 44.46 -2.44 13.60
C ALA A 275 44.15 -3.38 14.77
N ALA A 276 43.31 -2.93 15.72
CA ALA A 276 42.87 -3.79 16.83
C ALA A 276 42.11 -5.04 16.35
N ASP A 277 41.39 -4.93 15.22
CA ASP A 277 40.68 -6.06 14.63
C ASP A 277 41.55 -6.96 13.75
N SER A 278 42.81 -6.61 13.53
CA SER A 278 43.58 -7.23 12.45
C SER A 278 43.92 -8.69 12.73
N THR A 279 43.77 -9.15 13.99
CA THR A 279 44.10 -10.52 14.37
C THR A 279 42.86 -11.32 14.73
N LEU A 280 41.66 -10.74 14.60
CA LEU A 280 40.44 -11.42 15.01
C LEU A 280 40.10 -12.59 14.09
N PHE A 281 40.13 -12.35 12.77
CA PHE A 281 39.68 -13.36 11.81
C PHE A 281 40.79 -14.39 11.59
N PRO A 282 40.54 -15.70 11.78
CA PRO A 282 41.51 -16.75 11.40
C PRO A 282 41.88 -16.60 9.92
N ARG A 283 43.18 -16.43 9.63
CA ARG A 283 43.69 -16.25 8.27
C ARG A 283 43.06 -15.09 7.51
N GLY A 284 42.50 -14.09 8.20
CA GLY A 284 41.92 -12.94 7.53
C GLY A 284 40.59 -13.22 6.83
N ASP A 285 39.94 -14.32 7.21
CA ASP A 285 38.92 -14.97 6.41
C ASP A 285 37.60 -14.96 7.20
N PHE A 286 36.58 -14.26 6.66
CA PHE A 286 35.31 -14.08 7.34
C PHE A 286 34.60 -15.44 7.46
N SER A 287 34.78 -16.31 6.45
CA SER A 287 34.10 -17.60 6.46
C SER A 287 34.64 -18.49 7.60
N GLU A 288 35.97 -18.48 7.81
CA GLU A 288 36.60 -19.23 8.89
C GLU A 288 36.27 -18.60 10.26
N PHE A 289 36.28 -17.27 10.33
CA PHE A 289 35.76 -16.56 11.51
C PHE A 289 34.32 -17.00 11.81
N SER A 290 33.48 -17.13 10.78
CA SER A 290 32.07 -17.41 10.97
C SER A 290 31.85 -18.80 11.60
N LYS A 291 32.77 -19.74 11.41
CA LYS A 291 32.67 -21.03 12.05
C LYS A 291 32.91 -20.94 13.56
N TYR A 292 33.52 -19.84 14.03
CA TYR A 292 33.89 -19.71 15.45
C TYR A 292 33.50 -18.35 15.99
N ASN A 293 32.48 -17.74 15.38
CA ASN A 293 32.07 -16.36 15.69
C ASN A 293 31.81 -16.24 17.20
N ILE A 294 31.09 -17.21 17.77
CA ILE A 294 30.76 -17.19 19.19
C ILE A 294 32.03 -17.20 20.05
N GLY A 295 32.83 -18.26 19.93
CA GLY A 295 33.98 -18.48 20.81
C GLY A 295 35.06 -17.41 20.64
N LEU A 296 35.19 -16.88 19.42
CA LEU A 296 36.16 -15.83 19.16
C LEU A 296 35.70 -14.50 19.77
N GLU A 297 34.45 -14.08 19.54
CA GLU A 297 33.98 -12.85 20.17
C GLU A 297 34.06 -13.00 21.70
N LYS A 298 33.61 -14.14 22.25
CA LYS A 298 33.52 -14.22 23.71
C LYS A 298 34.92 -14.23 24.33
N ALA A 299 35.87 -14.94 23.69
CA ALA A 299 37.24 -14.98 24.15
C ALA A 299 37.87 -13.59 24.07
N ARG A 300 37.53 -12.82 23.03
CA ARG A 300 38.07 -11.50 22.89
C ARG A 300 37.59 -10.64 24.05
N MET A 301 36.30 -10.71 24.34
CA MET A 301 35.76 -9.96 25.47
C MET A 301 36.35 -10.37 26.81
N ASP A 302 36.49 -11.68 27.05
CA ASP A 302 37.09 -12.17 28.29
C ASP A 302 38.51 -11.61 28.45
N ALA A 303 39.27 -11.55 27.34
CA ALA A 303 40.66 -11.11 27.39
C ALA A 303 40.76 -9.61 27.67
N ALA A 304 39.80 -8.82 27.16
CA ALA A 304 39.82 -7.38 27.35
C ALA A 304 39.54 -6.98 28.79
N GLY A 305 38.70 -7.74 29.49
CA GLY A 305 38.51 -7.57 30.92
C GLY A 305 37.51 -6.47 31.27
N TRP A 306 36.79 -5.93 30.28
CA TRP A 306 35.76 -4.95 30.56
C TRP A 306 34.46 -5.64 31.04
N LEU A 307 34.21 -6.85 30.53
CA LEU A 307 33.07 -7.63 30.97
C LEU A 307 33.46 -9.10 30.90
N LYS A 308 32.63 -9.93 31.54
CA LYS A 308 32.88 -11.36 31.62
C LYS A 308 31.86 -12.08 30.74
N ALA A 309 32.26 -12.44 29.51
CA ALA A 309 31.34 -13.07 28.59
C ALA A 309 31.09 -14.52 28.99
N GLY A 310 32.17 -15.23 29.34
CA GLY A 310 32.04 -16.55 29.92
C GLY A 310 31.98 -17.65 28.88
N PRO A 311 31.83 -18.92 29.32
CA PRO A 311 31.90 -20.06 28.39
C PRO A 311 30.78 -20.06 27.37
N CYS A 312 31.04 -20.74 26.26
CA CYS A 312 30.07 -20.85 25.19
C CYS A 312 29.16 -22.05 25.40
N ARG A 313 27.87 -21.88 25.09
CA ARG A 313 26.87 -22.90 25.27
C ARG A 313 27.03 -23.93 24.15
N PRO A 314 26.66 -25.20 24.40
CA PRO A 314 26.88 -26.25 23.38
C PRO A 314 25.92 -26.07 22.20
N PRO A 315 26.34 -26.39 20.96
CA PRO A 315 27.59 -27.11 20.67
C PRO A 315 28.89 -26.34 20.42
N TYR A 316 28.83 -25.00 20.45
CA TYR A 316 29.90 -24.18 19.90
C TYR A 316 30.93 -23.79 20.97
N ASN A 317 31.51 -24.79 21.62
CA ASN A 317 32.33 -24.59 22.80
C ASN A 317 33.77 -25.02 22.54
N LEU A 318 34.14 -25.26 21.28
CA LEU A 318 35.48 -25.73 20.93
C LEU A 318 36.04 -24.78 19.88
N VAL A 319 37.20 -24.19 20.18
CA VAL A 319 37.83 -23.27 19.23
C VAL A 319 39.31 -23.64 19.15
N PRO A 320 39.90 -23.81 17.95
CA PRO A 320 41.34 -24.05 17.82
C PRO A 320 42.19 -23.01 18.57
N GLU A 321 43.26 -23.43 19.24
CA GLU A 321 44.03 -22.54 20.13
C GLU A 321 44.61 -21.32 19.41
N ASP A 322 45.17 -21.46 18.19
CA ASP A 322 45.80 -20.34 17.52
C ASP A 322 44.73 -19.31 17.14
N TYR A 323 43.52 -19.76 16.86
CA TYR A 323 42.47 -18.81 16.55
C TYR A 323 42.14 -18.03 17.82
N LEU A 324 42.03 -18.72 18.96
CA LEU A 324 41.78 -18.09 20.24
C LEU A 324 42.82 -17.01 20.53
N ALA A 325 44.09 -17.29 20.26
CA ALA A 325 45.15 -16.34 20.54
C ALA A 325 44.94 -15.05 19.75
N GLY A 326 44.51 -15.20 18.49
CA GLY A 326 44.25 -14.06 17.63
C GLY A 326 43.16 -13.20 18.26
N ALA A 327 42.09 -13.84 18.76
CA ALA A 327 40.99 -13.08 19.34
C ALA A 327 41.37 -12.39 20.67
N GLN A 328 42.17 -13.07 21.48
CA GLN A 328 42.65 -12.52 22.75
C GLN A 328 43.55 -11.30 22.53
N LYS A 329 44.43 -11.39 21.54
CA LYS A 329 45.26 -10.25 21.15
C LYS A 329 44.41 -9.06 20.71
N SER A 330 43.35 -9.34 19.94
CA SER A 330 42.43 -8.29 19.52
C SER A 330 41.76 -7.69 20.76
N GLY A 331 41.40 -8.51 21.72
CA GLY A 331 40.78 -8.00 22.94
C GLY A 331 41.69 -7.07 23.72
N LYS A 332 42.98 -7.45 23.78
CA LYS A 332 43.98 -6.62 24.42
C LYS A 332 44.15 -5.32 23.65
N ALA A 333 44.07 -5.38 22.32
CA ALA A 333 44.28 -4.17 21.55
C ALA A 333 43.11 -3.22 21.81
N TRP A 334 41.87 -3.75 21.78
CA TRP A 334 40.70 -2.93 22.03
C TRP A 334 40.69 -2.34 23.46
N ALA A 335 41.15 -3.13 24.44
CA ALA A 335 41.21 -2.63 25.81
C ALA A 335 42.16 -1.44 25.84
N ALA A 336 43.28 -1.54 25.10
CA ALA A 336 44.27 -0.48 25.08
C ALA A 336 43.68 0.79 24.45
N LEU A 337 42.85 0.62 23.39
CA LEU A 337 42.17 1.76 22.78
C LEU A 337 41.22 2.40 23.80
N HIS A 338 40.49 1.57 24.57
CA HIS A 338 39.52 2.08 25.52
C HIS A 338 40.25 2.96 26.56
N ALA A 339 41.45 2.56 26.97
CA ALA A 339 42.16 3.33 27.98
C ALA A 339 42.67 4.63 27.36
N LYS A 340 43.12 4.55 26.09
CA LYS A 340 43.56 5.70 25.34
C LYS A 340 42.44 6.72 25.20
N TYR A 341 41.27 6.30 24.70
CA TYR A 341 40.17 7.20 24.39
C TYR A 341 39.39 7.61 25.64
N SER A 342 39.45 6.81 26.72
CA SER A 342 38.90 7.21 28.00
C SER A 342 39.53 8.52 28.47
N ASN A 343 40.85 8.62 28.32
CA ASN A 343 41.61 9.81 28.67
C ASN A 343 41.28 11.00 27.75
N GLU A 344 41.13 10.75 26.44
CA GLU A 344 40.80 11.81 25.51
C GLU A 344 39.36 12.32 25.70
N LEU A 345 38.46 11.54 26.32
CA LEU A 345 37.11 12.00 26.66
C LEU A 345 37.10 12.71 28.02
N LYS A 346 38.17 12.55 28.81
CA LYS A 346 38.31 13.17 30.13
C LYS A 346 39.35 14.30 30.06
N SER B 21 60.33 8.61 -16.57
CA SER B 21 59.61 8.29 -17.83
C SER B 21 58.68 7.08 -17.67
N ARG B 22 59.03 6.13 -16.81
CA ARG B 22 58.06 5.05 -16.54
C ARG B 22 56.91 5.72 -15.79
N LEU B 23 55.68 5.43 -16.21
CA LEU B 23 54.48 6.03 -15.56
C LEU B 23 54.54 5.87 -14.06
N THR B 24 54.02 6.86 -13.33
CA THR B 24 53.90 6.78 -11.87
C THR B 24 52.44 6.84 -11.47
N ALA B 25 52.13 6.36 -10.29
CA ALA B 25 50.80 6.46 -9.73
C ALA B 25 50.31 7.91 -9.79
N GLU B 26 51.20 8.88 -9.50
CA GLU B 26 50.76 10.28 -9.48
C GLU B 26 50.27 10.77 -10.84
N ASP B 27 50.75 10.14 -11.92
CA ASP B 27 50.38 10.52 -13.27
C ASP B 27 49.05 9.92 -13.68
N ILE B 28 48.44 9.05 -12.84
CA ILE B 28 47.20 8.38 -13.18
C ILE B 28 46.08 9.18 -12.52
N ASN B 29 45.31 9.93 -13.33
CA ASN B 29 44.17 10.74 -12.89
C ASN B 29 43.05 10.60 -13.90
N GLY B 30 41.82 10.80 -13.43
CA GLY B 30 40.67 10.98 -14.30
C GLY B 30 40.10 9.66 -14.84
N ALA B 31 39.63 9.73 -16.10
CA ALA B 31 38.84 8.67 -16.70
C ALA B 31 39.75 7.77 -17.52
N TRP B 32 39.78 6.50 -17.12
CA TRP B 32 40.60 5.50 -17.78
C TRP B 32 39.67 4.49 -18.41
N THR B 33 39.63 4.49 -19.74
CA THR B 33 38.60 3.74 -20.44
C THR B 33 39.21 2.44 -20.94
N ILE B 34 38.50 1.33 -20.74
CA ILE B 34 38.92 0.02 -21.23
C ILE B 34 38.22 -0.28 -22.56
N MET B 35 39.06 -0.46 -23.57
CA MET B 35 38.53 -0.60 -24.92
C MET B 35 38.50 -2.08 -25.27
N PRO B 36 37.54 -2.53 -26.10
CA PRO B 36 37.50 -3.93 -26.55
C PRO B 36 38.50 -4.12 -27.68
N THR B 37 38.56 -5.35 -28.17
CA THR B 37 39.36 -5.65 -29.33
C THR B 37 38.38 -5.90 -30.47
N PRO B 38 38.15 -4.88 -31.34
CA PRO B 38 37.16 -4.97 -32.38
C PRO B 38 37.36 -6.19 -33.27
N SER B 39 36.26 -6.84 -33.63
CA SER B 39 36.44 -8.02 -34.44
CA SER B 39 36.27 -8.08 -34.37
C SER B 39 35.80 -7.88 -35.81
N THR B 40 36.34 -8.69 -36.73
CA THR B 40 35.82 -8.84 -38.08
C THR B 40 34.59 -9.71 -38.01
N PRO B 41 33.73 -9.74 -39.06
CA PRO B 41 32.50 -10.53 -39.03
C PRO B 41 32.66 -12.03 -38.83
N ASP B 42 33.83 -12.57 -39.21
CA ASP B 42 34.07 -14.01 -39.15
C ASP B 42 34.76 -14.41 -37.84
N ALA B 43 34.81 -13.51 -36.85
CA ALA B 43 35.66 -13.71 -35.70
C ALA B 43 35.19 -14.86 -34.79
N SER B 44 33.93 -15.28 -34.86
CA SER B 44 33.47 -16.35 -34.01
C SER B 44 33.92 -17.74 -34.51
N ASP B 45 34.47 -17.80 -35.72
CA ASP B 45 34.79 -19.07 -36.34
C ASP B 45 36.24 -19.44 -36.06
N TRP B 46 36.45 -20.66 -35.54
CA TRP B 46 37.79 -21.11 -35.19
C TRP B 46 38.70 -21.17 -36.41
N ARG B 47 38.15 -21.24 -37.62
CA ARG B 47 38.97 -21.25 -38.84
C ARG B 47 39.56 -19.89 -39.19
N SER B 48 39.04 -18.79 -38.61
CA SER B 48 39.49 -17.46 -39.00
C SER B 48 40.84 -17.12 -38.37
N THR B 49 41.73 -16.35 -39.05
CA THR B 49 43.09 -16.15 -38.54
C THR B 49 43.46 -14.68 -38.27
N ALA B 50 42.75 -13.71 -38.83
CA ALA B 50 43.16 -12.32 -38.62
C ALA B 50 41.90 -11.52 -38.32
N THR B 51 41.38 -11.65 -37.11
CA THR B 51 40.03 -11.25 -36.79
C THR B 51 39.97 -9.85 -36.17
N VAL B 52 41.10 -9.13 -36.07
CA VAL B 52 41.10 -7.81 -35.50
C VAL B 52 40.78 -6.81 -36.61
N ASP B 53 39.72 -6.04 -36.40
CA ASP B 53 39.44 -4.89 -37.25
C ASP B 53 40.34 -3.75 -36.81
N LEU B 54 41.46 -3.61 -37.51
CA LEU B 54 42.48 -2.67 -37.12
C LEU B 54 42.03 -1.23 -37.41
N GLU B 55 41.19 -1.00 -38.42
CA GLU B 55 40.79 0.37 -38.67
C GLU B 55 39.78 0.83 -37.60
N GLU B 56 38.91 -0.06 -37.13
CA GLU B 56 37.96 0.27 -36.08
C GLU B 56 38.73 0.50 -34.78
N THR B 57 39.81 -0.29 -34.57
CA THR B 57 40.72 -0.05 -33.46
C THR B 57 41.22 1.39 -33.46
N ALA B 58 41.74 1.85 -34.61
CA ALA B 58 42.32 3.20 -34.72
C ALA B 58 41.27 4.27 -34.50
N ARG B 59 40.08 4.03 -35.05
CA ARG B 59 38.97 4.96 -34.95
C ARG B 59 38.55 5.14 -33.49
N ILE B 60 38.47 4.02 -32.76
CA ILE B 60 38.08 4.06 -31.35
C ILE B 60 39.09 4.90 -30.57
N VAL B 61 40.38 4.63 -30.81
CA VAL B 61 41.42 5.33 -30.06
C VAL B 61 41.31 6.84 -30.27
N GLU B 62 41.20 7.25 -31.53
CA GLU B 62 41.16 8.68 -31.83
C GLU B 62 39.93 9.31 -31.19
N GLU B 63 38.80 8.59 -31.18
CA GLU B 63 37.57 9.09 -30.60
C GLU B 63 37.72 9.27 -29.09
N LEU B 64 38.41 8.35 -28.46
CA LEU B 64 38.59 8.39 -27.00
C LEU B 64 39.50 9.55 -26.64
N ILE B 65 40.58 9.72 -27.39
CA ILE B 65 41.46 10.85 -27.15
C ILE B 65 40.66 12.14 -27.34
N ALA B 66 39.86 12.19 -28.42
CA ALA B 66 39.11 13.41 -28.73
C ALA B 66 38.08 13.74 -27.64
N ALA B 67 37.54 12.71 -26.99
CA ALA B 67 36.58 12.90 -25.92
C ALA B 67 37.25 13.45 -24.66
N GLY B 68 38.57 13.36 -24.59
CA GLY B 68 39.32 13.85 -23.44
C GLY B 68 39.66 12.76 -22.40
N VAL B 69 39.71 11.46 -22.79
CA VAL B 69 39.98 10.42 -21.82
C VAL B 69 41.43 10.59 -21.39
N ASN B 70 41.73 10.19 -20.17
CA ASN B 70 43.03 10.43 -19.56
C ASN B 70 44.04 9.32 -19.91
N GLY B 71 43.53 8.11 -20.11
CA GLY B 71 44.34 6.93 -20.37
C GLY B 71 43.50 5.79 -20.91
N ILE B 72 44.13 4.86 -21.60
CA ILE B 72 43.42 3.74 -22.24
C ILE B 72 43.96 2.43 -21.71
N LEU B 73 43.05 1.56 -21.29
CA LEU B 73 43.39 0.20 -20.90
C LEU B 73 42.78 -0.73 -21.94
N SER B 74 43.28 -1.95 -21.99
CA SER B 74 42.80 -2.92 -22.96
C SER B 74 43.23 -4.33 -22.53
N MET B 75 42.71 -5.30 -23.27
CA MET B 75 43.16 -6.67 -23.23
C MET B 75 43.01 -7.25 -21.82
N GLY B 76 41.87 -6.96 -21.19
CA GLY B 76 41.40 -7.74 -20.06
C GLY B 76 40.46 -8.87 -20.50
N THR B 77 39.42 -9.11 -19.70
CA THR B 77 38.49 -10.21 -19.97
C THR B 77 37.69 -9.89 -21.23
N PHE B 78 36.90 -8.80 -21.24
CA PHE B 78 36.03 -8.54 -22.40
C PHE B 78 36.85 -8.15 -23.63
N GLY B 79 38.09 -7.70 -23.40
CA GLY B 79 39.00 -7.32 -24.47
C GLY B 79 39.63 -8.54 -25.16
N GLU B 80 39.30 -9.73 -24.65
CA GLU B 80 39.59 -11.01 -25.29
C GLU B 80 41.08 -11.32 -25.31
N CYS B 81 41.78 -10.89 -24.26
CA CYS B 81 43.15 -11.34 -24.07
C CYS B 81 43.25 -12.87 -24.13
N ALA B 82 42.22 -13.57 -23.67
CA ALA B 82 42.28 -15.02 -23.60
C ALA B 82 42.17 -15.64 -25.01
N THR B 83 41.43 -14.97 -25.92
CA THR B 83 41.02 -15.62 -27.16
C THR B 83 41.67 -15.06 -28.44
N LEU B 84 42.48 -14.00 -28.35
CA LEU B 84 43.23 -13.51 -29.49
C LEU B 84 44.45 -14.38 -29.74
N THR B 85 44.88 -14.48 -31.02
CA THR B 85 46.18 -15.08 -31.32
C THR B 85 47.28 -14.05 -31.06
N TRP B 86 48.51 -14.55 -30.99
CA TRP B 86 49.65 -13.69 -30.72
C TRP B 86 49.84 -12.67 -31.84
N ASP B 87 49.68 -13.10 -33.11
CA ASP B 87 49.79 -12.16 -34.22
C ASP B 87 48.69 -11.08 -34.16
N GLU B 88 47.49 -11.46 -33.71
CA GLU B 88 46.40 -10.52 -33.57
C GLU B 88 46.77 -9.47 -32.52
N LYS B 89 47.33 -9.94 -31.40
CA LYS B 89 47.66 -9.06 -30.30
C LYS B 89 48.72 -8.03 -30.73
N ARG B 90 49.77 -8.49 -31.43
CA ARG B 90 50.84 -7.59 -31.84
C ARG B 90 50.33 -6.57 -32.85
N ASP B 91 49.45 -7.00 -33.77
CA ASP B 91 48.88 -6.09 -34.74
C ASP B 91 48.00 -5.04 -34.05
N TYR B 92 47.19 -5.48 -33.07
CA TYR B 92 46.28 -4.60 -32.34
C TYR B 92 47.06 -3.52 -31.60
N VAL B 93 48.05 -3.95 -30.82
CA VAL B 93 48.84 -3.04 -30.06
C VAL B 93 49.61 -2.08 -30.97
N SER B 94 50.20 -2.62 -32.05
CA SER B 94 50.91 -1.80 -33.02
C SER B 94 50.03 -0.66 -33.53
N THR B 95 48.79 -0.98 -33.94
CA THR B 95 47.83 0.00 -34.42
C THR B 95 47.53 1.02 -33.32
N ILE B 96 47.33 0.56 -32.07
CA ILE B 96 46.99 1.49 -31.00
C ILE B 96 48.15 2.47 -30.80
N VAL B 97 49.38 1.97 -30.77
CA VAL B 97 50.53 2.78 -30.44
C VAL B 97 50.78 3.83 -31.54
N GLU B 98 50.67 3.41 -32.80
CA GLU B 98 50.77 4.30 -33.96
C GLU B 98 49.71 5.39 -33.92
N THR B 99 48.49 5.05 -33.49
CA THR B 99 47.39 5.99 -33.45
C THR B 99 47.59 6.96 -32.29
N ILE B 100 47.96 6.47 -31.09
CA ILE B 100 48.11 7.33 -29.93
C ILE B 100 49.25 8.33 -30.13
N ARG B 101 50.37 7.86 -30.70
CA ARG B 101 51.56 8.68 -30.90
C ARG B 101 51.90 9.43 -29.63
N GLY B 102 51.90 8.71 -28.49
CA GLY B 102 52.32 9.20 -27.18
C GLY B 102 51.42 10.22 -26.48
N ARG B 103 50.22 10.48 -27.02
CA ARG B 103 49.36 11.53 -26.48
C ARG B 103 48.73 11.20 -25.12
N VAL B 104 48.35 9.93 -24.92
CA VAL B 104 47.83 9.46 -23.64
C VAL B 104 48.53 8.14 -23.31
N PRO B 105 48.65 7.80 -22.00
CA PRO B 105 49.15 6.50 -21.60
C PRO B 105 48.26 5.36 -22.06
N TYR B 106 48.89 4.22 -22.34
CA TYR B 106 48.21 3.06 -22.90
C TYR B 106 48.72 1.80 -22.22
N PHE B 107 47.81 0.98 -21.70
CA PHE B 107 48.15 -0.33 -21.16
C PHE B 107 47.59 -1.45 -22.03
N CYS B 108 48.49 -2.36 -22.44
CA CYS B 108 48.08 -3.61 -23.08
C CYS B 108 47.68 -4.54 -21.94
N GLY B 109 47.46 -5.81 -22.25
CA GLY B 109 47.16 -6.82 -21.25
C GLY B 109 47.89 -8.09 -21.63
N THR B 110 48.60 -8.71 -20.68
CA THR B 110 49.45 -9.85 -21.03
C THR B 110 49.26 -11.00 -20.04
N THR B 111 48.05 -11.14 -19.48
CA THR B 111 47.77 -12.27 -18.59
C THR B 111 47.89 -13.56 -19.40
N ALA B 112 48.57 -14.56 -18.84
CA ALA B 112 48.71 -15.81 -19.55
C ALA B 112 48.82 -16.94 -18.53
N LEU B 113 49.04 -18.15 -19.01
CA LEU B 113 48.99 -19.32 -18.12
C LEU B 113 50.28 -19.47 -17.30
N ASN B 114 51.37 -18.78 -17.62
CA ASN B 114 52.57 -18.93 -16.80
C ASN B 114 53.44 -17.68 -16.86
N THR B 115 54.41 -17.60 -15.94
CA THR B 115 55.25 -16.44 -15.75
C THR B 115 56.07 -16.19 -17.00
N ARG B 116 56.61 -17.26 -17.60
CA ARG B 116 57.56 -17.05 -18.68
C ARG B 116 56.83 -16.49 -19.90
N GLU B 117 55.61 -16.98 -20.15
CA GLU B 117 54.82 -16.44 -21.25
C GLU B 117 54.40 -14.99 -20.98
N VAL B 118 53.96 -14.65 -19.78
CA VAL B 118 53.65 -13.27 -19.46
C VAL B 118 54.84 -12.36 -19.71
N ILE B 119 56.04 -12.81 -19.32
CA ILE B 119 57.24 -11.99 -19.50
C ILE B 119 57.49 -11.81 -21.00
N ARG B 120 57.43 -12.90 -21.77
CA ARG B 120 57.66 -12.83 -23.20
C ARG B 120 56.75 -11.79 -23.86
N GLN B 121 55.44 -11.92 -23.62
CA GLN B 121 54.44 -11.04 -24.18
C GLN B 121 54.64 -9.62 -23.71
N THR B 122 54.93 -9.41 -22.41
CA THR B 122 55.04 -8.07 -21.87
C THR B 122 56.21 -7.35 -22.53
N ARG B 123 57.35 -8.02 -22.65
CA ARG B 123 58.52 -7.43 -23.30
C ARG B 123 58.20 -6.96 -24.72
N GLU B 124 57.56 -7.83 -25.53
CA GLU B 124 57.24 -7.52 -26.92
C GLU B 124 56.28 -6.33 -27.05
N LEU B 125 55.19 -6.35 -26.28
CA LEU B 125 54.21 -5.27 -26.37
C LEU B 125 54.72 -3.96 -25.80
N ILE B 126 55.53 -3.97 -24.74
CA ILE B 126 56.15 -2.74 -24.27
C ILE B 126 57.11 -2.22 -25.35
N ASP B 127 57.85 -3.12 -26.01
CA ASP B 127 58.79 -2.76 -27.08
C ASP B 127 58.07 -2.09 -28.25
N ILE B 128 56.88 -2.57 -28.58
CA ILE B 128 56.09 -1.97 -29.65
C ILE B 128 55.65 -0.58 -29.22
N GLY B 129 55.36 -0.38 -27.93
CA GLY B 129 55.21 0.97 -27.40
C GLY B 129 54.11 1.15 -26.35
N ALA B 130 53.52 0.07 -25.82
CA ALA B 130 52.64 0.24 -24.67
C ALA B 130 53.46 0.75 -23.48
N ASN B 131 52.82 1.48 -22.58
CA ASN B 131 53.47 2.01 -21.38
C ASN B 131 53.45 0.99 -20.23
N GLY B 132 52.51 0.06 -20.29
CA GLY B 132 52.28 -0.84 -19.16
C GLY B 132 51.40 -2.01 -19.56
N THR B 133 51.25 -2.99 -18.65
CA THR B 133 50.37 -4.11 -18.85
C THR B 133 49.35 -4.21 -17.72
N MET B 134 48.09 -4.40 -18.12
CA MET B 134 47.01 -4.69 -17.20
C MET B 134 46.99 -6.20 -17.03
N LEU B 135 47.31 -6.66 -15.81
CA LEU B 135 47.78 -8.04 -15.62
C LEU B 135 47.08 -8.72 -14.45
N GLY B 136 46.37 -9.81 -14.76
CA GLY B 136 45.81 -10.69 -13.74
C GLY B 136 46.83 -11.74 -13.37
N VAL B 137 46.39 -12.89 -12.84
CA VAL B 137 47.37 -13.93 -12.55
C VAL B 137 47.03 -15.19 -13.33
N PRO B 138 48.07 -16.02 -13.65
CA PRO B 138 47.82 -17.38 -14.15
C PRO B 138 46.77 -18.13 -13.32
N MET B 139 45.84 -18.78 -13.99
CA MET B 139 44.64 -19.24 -13.30
C MET B 139 44.26 -20.70 -13.59
N TRP B 140 45.09 -21.50 -14.27
CA TRP B 140 44.81 -22.95 -14.33
C TRP B 140 44.86 -23.55 -12.93
N VAL B 141 45.93 -23.24 -12.19
CA VAL B 141 46.06 -23.58 -10.79
C VAL B 141 45.81 -22.30 -10.00
N LYS B 142 44.89 -22.37 -9.04
CA LYS B 142 44.57 -21.23 -8.20
C LYS B 142 45.80 -20.84 -7.38
N MET B 143 46.22 -19.58 -7.47
CA MET B 143 47.35 -19.06 -6.73
C MET B 143 47.02 -18.81 -5.26
N ASP B 144 47.99 -19.01 -4.38
CA ASP B 144 47.91 -18.51 -3.01
C ASP B 144 48.67 -17.18 -2.93
N LEU B 145 48.74 -16.60 -1.71
CA LEU B 145 49.24 -15.25 -1.56
C LEU B 145 50.71 -15.19 -1.98
N PRO B 146 51.63 -16.00 -1.39
CA PRO B 146 53.05 -15.90 -1.74
C PRO B 146 53.35 -16.14 -3.23
N THR B 147 52.61 -17.06 -3.86
CA THR B 147 52.71 -17.35 -5.30
C THR B 147 52.37 -16.12 -6.14
N ALA B 148 51.26 -15.46 -5.82
CA ALA B 148 50.82 -14.29 -6.57
C ALA B 148 51.82 -13.14 -6.40
N VAL B 149 52.27 -12.92 -5.16
CA VAL B 149 53.22 -11.85 -4.89
C VAL B 149 54.49 -12.08 -5.72
N GLN B 150 55.01 -13.31 -5.67
CA GLN B 150 56.22 -13.70 -6.38
CA GLN B 150 56.25 -13.61 -6.37
C GLN B 150 56.04 -13.48 -7.87
N PHE B 151 54.84 -13.83 -8.36
CA PHE B 151 54.55 -13.70 -9.78
C PHE B 151 54.72 -12.24 -10.23
N TYR B 152 54.11 -11.28 -9.52
CA TYR B 152 54.24 -9.89 -9.95
C TYR B 152 55.66 -9.38 -9.77
N ARG B 153 56.34 -9.81 -8.70
CA ARG B 153 57.74 -9.42 -8.50
C ARG B 153 58.60 -9.88 -9.69
N ASP B 154 58.32 -11.09 -10.16
CA ASP B 154 59.07 -11.70 -11.26
C ASP B 154 58.87 -10.90 -12.54
N VAL B 155 57.62 -10.51 -12.81
CA VAL B 155 57.32 -9.78 -14.02
C VAL B 155 58.00 -8.42 -13.94
N ALA B 156 57.90 -7.74 -12.80
CA ALA B 156 58.52 -6.43 -12.69
C ALA B 156 60.06 -6.54 -12.81
N ASP B 157 60.67 -7.61 -12.26
CA ASP B 157 62.11 -7.80 -12.34
C ASP B 157 62.51 -8.00 -13.81
N ALA B 158 61.69 -8.71 -14.56
CA ALA B 158 62.04 -9.11 -15.91
C ALA B 158 61.83 -7.96 -16.88
N VAL B 159 60.80 -7.13 -16.66
CA VAL B 159 60.45 -6.04 -17.57
C VAL B 159 60.35 -4.75 -16.77
N PRO B 160 61.49 -4.25 -16.25
CA PRO B 160 61.49 -3.13 -15.32
C PRO B 160 60.90 -1.84 -15.87
N GLU B 161 60.88 -1.71 -17.21
CA GLU B 161 60.36 -0.51 -17.84
C GLU B 161 58.83 -0.53 -17.94
N ALA B 162 58.20 -1.68 -17.73
CA ALA B 162 56.73 -1.76 -17.83
C ALA B 162 56.08 -1.25 -16.56
N ALA B 163 55.10 -0.34 -16.68
CA ALA B 163 54.17 -0.14 -15.58
C ALA B 163 53.23 -1.35 -15.51
N ILE B 164 52.71 -1.62 -14.31
CA ILE B 164 51.75 -2.71 -14.08
C ILE B 164 50.48 -2.17 -13.43
N ALA B 165 49.34 -2.55 -14.04
CA ALA B 165 48.04 -2.38 -13.46
C ALA B 165 47.53 -3.75 -13.03
N ILE B 166 47.36 -3.92 -11.74
CA ILE B 166 46.84 -5.16 -11.21
C ILE B 166 45.40 -5.30 -11.68
N TYR B 167 45.08 -6.43 -12.32
CA TYR B 167 43.71 -6.71 -12.72
C TYR B 167 43.05 -7.61 -11.69
N ALA B 168 42.45 -6.99 -10.65
CA ALA B 168 42.05 -7.75 -9.48
C ALA B 168 40.62 -8.30 -9.65
N ASN B 169 40.50 -9.38 -10.44
CA ASN B 169 39.23 -10.04 -10.75
C ASN B 169 39.26 -11.50 -10.23
N PRO B 170 38.67 -11.78 -9.05
CA PRO B 170 38.69 -13.14 -8.48
C PRO B 170 37.91 -14.19 -9.25
N GLU B 171 36.85 -13.76 -9.97
CA GLU B 171 36.07 -14.68 -10.78
C GLU B 171 36.94 -15.24 -11.91
N ALA B 172 37.61 -14.35 -12.64
CA ALA B 172 38.48 -14.81 -13.69
C ALA B 172 39.73 -15.55 -13.17
N PHE B 173 40.44 -15.01 -12.16
CA PHE B 173 41.77 -15.46 -11.82
C PHE B 173 41.81 -16.31 -10.54
N LYS B 174 40.64 -16.55 -9.92
CA LYS B 174 40.49 -17.43 -8.77
C LYS B 174 41.03 -16.83 -7.49
N PHE B 175 42.29 -16.39 -7.50
CA PHE B 175 42.89 -15.69 -6.39
C PHE B 175 42.05 -14.46 -6.05
N ASP B 176 41.94 -14.11 -4.77
CA ASP B 176 40.99 -13.07 -4.41
C ASP B 176 41.64 -11.73 -4.09
N PHE B 177 42.97 -11.56 -4.31
CA PHE B 177 43.64 -10.27 -4.13
C PHE B 177 43.31 -9.63 -2.77
N PRO B 178 43.75 -10.31 -1.67
CA PRO B 178 43.46 -9.91 -0.30
C PRO B 178 44.32 -8.76 0.22
N ARG B 179 43.96 -8.27 1.43
CA ARG B 179 44.62 -7.11 2.01
C ARG B 179 46.13 -7.26 1.99
N PRO B 180 46.73 -8.36 2.49
CA PRO B 180 48.19 -8.43 2.53
C PRO B 180 48.85 -8.40 1.15
N PHE B 181 48.09 -8.78 0.12
CA PHE B 181 48.58 -8.73 -1.25
C PHE B 181 48.85 -7.28 -1.63
N TRP B 182 47.90 -6.40 -1.29
CA TRP B 182 48.07 -4.99 -1.62
C TRP B 182 49.29 -4.38 -0.93
N ALA B 183 49.52 -4.76 0.33
CA ALA B 183 50.67 -4.27 1.06
C ALA B 183 51.95 -4.63 0.31
N GLU B 184 52.02 -5.85 -0.22
CA GLU B 184 53.20 -6.31 -0.92
C GLU B 184 53.35 -5.59 -2.28
N MET B 185 52.22 -5.34 -2.97
CA MET B 185 52.31 -4.72 -4.29
C MET B 185 52.82 -3.29 -4.18
N SER B 186 52.52 -2.63 -3.07
CA SER B 186 52.92 -1.25 -2.85
C SER B 186 54.45 -1.11 -2.73
N LYS B 187 55.14 -2.23 -2.49
CA LYS B 187 56.60 -2.26 -2.47
C LYS B 187 57.24 -2.40 -3.85
N ILE B 188 56.45 -2.66 -4.87
CA ILE B 188 56.96 -2.90 -6.21
C ILE B 188 56.77 -1.61 -7.01
N PRO B 189 57.83 -0.85 -7.36
CA PRO B 189 57.64 0.45 -7.98
C PRO B 189 56.91 0.39 -9.31
N GLN B 190 57.05 -0.70 -10.06
CA GLN B 190 56.34 -0.82 -11.32
C GLN B 190 54.83 -0.91 -11.14
N VAL B 191 54.34 -1.35 -9.96
CA VAL B 191 52.91 -1.49 -9.77
C VAL B 191 52.34 -0.12 -9.41
N VAL B 192 51.67 0.52 -10.38
CA VAL B 192 51.28 1.91 -10.20
C VAL B 192 49.77 2.04 -10.00
N THR B 193 49.01 1.01 -10.38
CA THR B 193 47.58 1.15 -10.38
C THR B 193 46.92 -0.23 -10.27
N ALA B 194 45.61 -0.20 -10.10
CA ALA B 194 44.82 -1.42 -9.98
C ALA B 194 43.45 -1.18 -10.62
N LYS B 195 43.03 -2.13 -11.45
CA LYS B 195 41.65 -2.24 -11.85
C LYS B 195 40.94 -3.00 -10.72
N TYR B 196 40.20 -2.24 -9.90
CA TYR B 196 39.66 -2.70 -8.64
C TYR B 196 38.18 -2.98 -8.77
N LEU B 197 37.66 -3.91 -7.98
CA LEU B 197 36.23 -4.18 -8.01
C LEU B 197 35.61 -3.60 -6.73
N GLY B 198 34.89 -4.40 -5.95
CA GLY B 198 34.06 -3.82 -4.89
C GLY B 198 34.91 -3.03 -3.90
N ILE B 199 34.36 -1.94 -3.33
CA ILE B 199 35.12 -0.98 -2.56
C ILE B 199 34.92 -1.14 -1.05
N GLY B 200 34.40 -2.29 -0.61
CA GLY B 200 34.18 -2.57 0.79
C GLY B 200 35.43 -2.43 1.66
N MET B 201 36.59 -2.80 1.11
CA MET B 201 37.85 -2.71 1.82
C MET B 201 38.80 -1.66 1.18
N LEU B 202 38.27 -0.72 0.39
CA LEU B 202 39.12 0.28 -0.24
C LEU B 202 39.83 1.13 0.82
N ASP B 203 39.12 1.52 1.88
CA ASP B 203 39.68 2.38 2.91
C ASP B 203 40.96 1.76 3.47
N LEU B 204 40.89 0.47 3.83
CA LEU B 204 42.05 -0.24 4.34
C LEU B 204 43.08 -0.46 3.25
N ASP B 205 42.68 -0.91 2.04
CA ASP B 205 43.68 -1.16 1.00
C ASP B 205 44.46 0.13 0.66
N LEU B 206 43.81 1.29 0.69
CA LEU B 206 44.55 2.54 0.45
C LEU B 206 45.67 2.71 1.50
N ARG B 207 45.34 2.42 2.76
CA ARG B 207 46.27 2.54 3.88
C ARG B 207 47.42 1.54 3.73
N LEU B 208 47.11 0.30 3.35
CA LEU B 208 48.11 -0.74 3.20
C LEU B 208 49.00 -0.46 1.99
N ALA B 209 48.48 0.23 0.98
CA ALA B 209 49.19 0.34 -0.28
C ALA B 209 49.28 1.81 -0.71
N PRO B 210 50.12 2.60 -0.01
CA PRO B 210 50.21 4.04 -0.27
C PRO B 210 50.72 4.40 -1.66
N ASN B 211 51.38 3.47 -2.38
CA ASN B 211 52.04 3.81 -3.63
C ASN B 211 51.20 3.47 -4.87
N ILE B 212 49.99 2.96 -4.69
CA ILE B 212 49.18 2.50 -5.81
C ILE B 212 47.98 3.45 -6.02
N ARG B 213 47.71 3.79 -7.29
CA ARG B 213 46.48 4.49 -7.62
C ARG B 213 45.39 3.43 -7.83
N PHE B 214 44.47 3.36 -6.87
CA PHE B 214 43.37 2.42 -6.99
C PHE B 214 42.30 2.99 -7.92
N LEU B 215 41.94 2.24 -8.96
CA LEU B 215 40.84 2.62 -9.84
C LEU B 215 39.59 1.83 -9.47
N PRO B 216 38.59 2.50 -8.86
CA PRO B 216 37.28 1.88 -8.73
C PRO B 216 36.65 1.84 -10.12
N HIS B 217 35.68 0.96 -10.23
CA HIS B 217 34.74 0.97 -11.34
C HIS B 217 33.98 2.29 -11.32
N GLU B 218 33.66 2.83 -12.49
CA GLU B 218 33.00 4.11 -12.67
C GLU B 218 31.79 4.29 -11.74
N ASP B 219 30.94 3.25 -11.57
CA ASP B 219 29.75 3.41 -10.74
C ASP B 219 30.10 3.66 -9.27
N ASP B 220 31.27 3.20 -8.82
CA ASP B 220 31.73 3.32 -7.44
C ASP B 220 32.63 4.53 -7.22
N TYR B 221 32.96 5.27 -8.29
CA TYR B 221 33.89 6.37 -8.17
C TYR B 221 33.32 7.44 -7.22
N TYR B 222 32.03 7.74 -7.34
CA TYR B 222 31.38 8.71 -6.48
C TYR B 222 31.63 8.39 -5.00
N ALA B 223 31.27 7.18 -4.56
CA ALA B 223 31.48 6.79 -3.18
C ALA B 223 32.97 6.84 -2.82
N ALA B 224 33.79 6.24 -3.67
CA ALA B 224 35.21 6.10 -3.34
C ALA B 224 35.88 7.46 -3.25
N ALA B 225 35.50 8.39 -4.14
CA ALA B 225 36.05 9.73 -4.16
C ALA B 225 35.66 10.47 -2.87
N ARG B 226 34.48 10.15 -2.31
CA ARG B 226 34.04 10.74 -1.05
C ARG B 226 34.80 10.17 0.16
N ILE B 227 35.16 8.88 0.11
CA ILE B 227 35.96 8.26 1.15
C ILE B 227 37.33 8.92 1.25
N ASN B 228 38.00 9.06 0.09
CA ASN B 228 39.35 9.54 0.06
C ASN B 228 39.60 10.43 -1.16
N PRO B 229 39.20 11.71 -1.06
CA PRO B 229 39.29 12.64 -2.19
C PRO B 229 40.72 12.89 -2.67
N GLU B 230 41.70 12.79 -1.77
CA GLU B 230 43.09 13.02 -2.13
C GLU B 230 43.65 11.85 -2.96
N ARG B 231 43.29 10.61 -2.59
CA ARG B 231 43.88 9.45 -3.25
C ARG B 231 43.05 9.00 -4.47
N ILE B 232 41.73 9.13 -4.36
CA ILE B 232 40.83 8.57 -5.38
C ILE B 232 40.46 9.69 -6.36
N THR B 233 41.29 9.78 -7.40
CA THR B 233 41.25 10.81 -8.45
C THR B 233 41.00 10.24 -9.83
N ALA B 234 40.90 8.90 -9.92
CA ALA B 234 40.80 8.20 -11.19
C ALA B 234 39.85 7.03 -11.05
N PHE B 235 39.32 6.57 -12.20
CA PHE B 235 38.46 5.39 -12.21
C PHE B 235 38.59 4.70 -13.56
N TRP B 236 38.17 3.44 -13.62
CA TRP B 236 38.06 2.76 -14.88
C TRP B 236 36.61 2.69 -15.37
N SER B 237 36.47 2.67 -16.69
CA SER B 237 35.17 2.71 -17.35
C SER B 237 35.14 1.73 -18.51
N SER B 238 34.08 0.92 -18.57
CA SER B 238 33.66 0.24 -19.79
C SER B 238 32.39 0.87 -20.36
N GLY B 239 31.61 1.58 -19.56
CA GLY B 239 30.45 2.31 -20.08
C GLY B 239 30.83 3.36 -21.14
N ALA B 240 32.07 3.87 -21.06
CA ALA B 240 32.57 4.82 -22.04
C ALA B 240 32.52 4.28 -23.47
N MET B 241 32.53 2.94 -23.65
CA MET B 241 32.53 2.33 -24.97
C MET B 241 31.15 2.41 -25.61
N CYS B 242 30.20 2.91 -24.82
CA CYS B 242 28.86 3.20 -25.29
C CYS B 242 28.64 4.71 -25.49
N GLY B 243 29.72 5.48 -25.35
CA GLY B 243 29.69 6.93 -25.45
C GLY B 243 30.34 7.52 -24.20
N PRO B 244 31.54 8.12 -24.34
CA PRO B 244 32.31 8.60 -23.19
C PRO B 244 31.90 9.88 -22.46
N ALA B 245 30.87 10.58 -22.94
CA ALA B 245 30.56 11.88 -22.32
C ALA B 245 30.19 11.73 -20.84
N THR B 246 29.54 10.59 -20.52
CA THR B 246 29.10 10.34 -19.15
C THR B 246 30.28 10.29 -18.20
N ALA B 247 31.28 9.50 -18.54
CA ALA B 247 32.48 9.36 -17.74
C ALA B 247 33.24 10.67 -17.67
N ILE B 248 33.24 11.44 -18.76
CA ILE B 248 33.94 12.72 -18.79
C ILE B 248 33.22 13.69 -17.85
N MET B 249 31.89 13.70 -17.90
CA MET B 249 31.09 14.55 -17.02
C MET B 249 31.32 14.15 -15.54
N LEU B 250 31.36 12.85 -15.27
CA LEU B 250 31.57 12.38 -13.90
C LEU B 250 32.91 12.92 -13.39
N ARG B 251 33.98 12.69 -14.15
CA ARG B 251 35.29 13.13 -13.78
C ARG B 251 35.24 14.62 -13.45
N ASP B 252 34.64 15.40 -14.38
CA ASP B 252 34.66 16.88 -14.26
C ASP B 252 33.88 17.35 -13.04
N GLU B 253 32.73 16.73 -12.77
CA GLU B 253 31.85 17.16 -11.71
C GLU B 253 32.44 16.73 -10.37
N VAL B 254 33.17 15.61 -10.33
CA VAL B 254 33.79 15.20 -9.08
C VAL B 254 34.93 16.17 -8.72
N VAL B 255 35.73 16.55 -9.71
CA VAL B 255 36.75 17.58 -9.49
C VAL B 255 36.10 18.83 -8.88
N ARG B 256 34.97 19.23 -9.45
CA ARG B 256 34.25 20.40 -8.96
C ARG B 256 33.75 20.21 -7.53
N ALA B 257 33.12 19.08 -7.26
CA ALA B 257 32.59 18.78 -5.95
C ALA B 257 33.68 18.83 -4.88
N LYS B 258 34.86 18.32 -5.18
CA LYS B 258 35.96 18.31 -4.24
C LYS B 258 36.36 19.75 -3.90
N SER B 259 36.20 20.66 -4.86
CA SER B 259 36.59 22.04 -4.67
C SER B 259 35.48 22.81 -3.92
N THR B 260 34.21 22.57 -4.26
CA THR B 260 33.12 23.40 -3.77
C THR B 260 32.44 22.80 -2.53
N GLY B 261 32.58 21.48 -2.36
CA GLY B 261 31.87 20.74 -1.34
C GLY B 261 30.45 20.36 -1.68
N ASP B 262 30.03 20.64 -2.91
CA ASP B 262 28.68 20.38 -3.37
C ASP B 262 28.68 19.17 -4.31
N TRP B 263 28.21 18.02 -3.78
CA TRP B 263 28.36 16.74 -4.46
C TRP B 263 27.11 16.35 -5.22
N ALA B 264 26.11 17.25 -5.27
CA ALA B 264 24.81 16.86 -5.76
C ALA B 264 24.84 16.42 -7.23
N LYS B 265 25.53 17.16 -8.12
CA LYS B 265 25.52 16.81 -9.53
CA LYS B 265 25.57 16.85 -9.54
C LYS B 265 26.32 15.53 -9.78
N ALA B 266 27.42 15.34 -9.06
CA ALA B 266 28.21 14.12 -9.15
C ALA B 266 27.36 12.92 -8.76
N LYS B 267 26.58 13.08 -7.68
CA LYS B 267 25.67 12.02 -7.23
C LYS B 267 24.63 11.69 -8.30
N ALA B 268 24.03 12.71 -8.93
CA ALA B 268 23.02 12.52 -9.97
C ALA B 268 23.60 11.74 -11.17
N ILE B 269 24.82 12.08 -11.61
CA ILE B 269 25.45 11.36 -12.72
C ILE B 269 25.72 9.90 -12.29
N SER B 270 26.32 9.72 -11.12
CA SER B 270 26.64 8.39 -10.64
C SER B 270 25.38 7.53 -10.49
N ASP B 271 24.28 8.12 -10.02
CA ASP B 271 23.04 7.36 -9.90
C ASP B 271 22.50 6.96 -11.28
N ASP B 272 22.63 7.86 -12.28
CA ASP B 272 22.28 7.55 -13.66
C ASP B 272 23.07 6.35 -14.21
N MET B 273 24.36 6.33 -13.92
CA MET B 273 25.23 5.26 -14.38
C MET B 273 24.81 3.90 -13.81
N ARG B 274 24.52 3.88 -12.51
CA ARG B 274 24.09 2.67 -11.82
C ARG B 274 22.80 2.12 -12.47
N ALA B 275 21.84 3.01 -12.75
CA ALA B 275 20.61 2.62 -13.39
C ALA B 275 20.86 2.05 -14.80
N ALA B 276 21.73 2.73 -15.57
CA ALA B 276 22.14 2.21 -16.88
C ALA B 276 22.73 0.80 -16.83
N ASP B 277 23.40 0.46 -15.72
CA ASP B 277 24.01 -0.84 -15.49
C ASP B 277 23.04 -1.85 -14.88
N SER B 278 21.82 -1.42 -14.55
CA SER B 278 20.96 -2.24 -13.71
C SER B 278 20.48 -3.52 -14.39
N THR B 279 20.59 -3.64 -15.72
CA THR B 279 20.13 -4.85 -16.42
C THR B 279 21.29 -5.66 -16.98
N LEU B 280 22.54 -5.25 -16.73
CA LEU B 280 23.70 -5.88 -17.34
C LEU B 280 23.93 -7.30 -16.83
N PHE B 281 23.98 -7.43 -15.50
CA PHE B 281 24.33 -8.68 -14.84
C PHE B 281 23.13 -9.64 -14.88
N PRO B 282 23.24 -10.87 -15.47
CA PRO B 282 22.16 -11.88 -15.40
C PRO B 282 21.75 -12.12 -13.95
N ARG B 283 20.50 -11.85 -13.63
CA ARG B 283 19.95 -11.96 -12.28
C ARG B 283 20.75 -11.24 -11.20
N GLY B 284 21.38 -10.11 -11.55
CA GLY B 284 22.08 -9.30 -10.57
C GLY B 284 23.38 -9.92 -10.05
N ASP B 285 23.88 -10.98 -10.71
CA ASP B 285 24.89 -11.87 -10.14
C ASP B 285 26.19 -11.71 -10.92
N PHE B 286 27.27 -11.26 -10.26
CA PHE B 286 28.57 -11.07 -10.91
C PHE B 286 29.12 -12.42 -11.37
N SER B 287 28.86 -13.50 -10.61
CA SER B 287 29.35 -14.83 -11.00
C SER B 287 28.71 -15.30 -12.31
N GLU B 288 27.40 -15.04 -12.49
CA GLU B 288 26.73 -15.39 -13.73
C GLU B 288 27.16 -14.44 -14.87
N PHE B 289 27.29 -13.15 -14.55
CA PHE B 289 27.89 -12.20 -15.46
C PHE B 289 29.26 -12.69 -15.94
N SER B 290 30.08 -13.19 -15.01
CA SER B 290 31.48 -13.56 -15.28
C SER B 290 31.55 -14.72 -16.28
N LYS B 291 30.53 -15.58 -16.35
CA LYS B 291 30.54 -16.62 -17.37
C LYS B 291 30.33 -16.06 -18.78
N TYR B 292 29.77 -14.85 -18.90
CA TYR B 292 29.42 -14.30 -20.20
C TYR B 292 30.01 -12.89 -20.32
N ASN B 293 31.09 -12.63 -19.57
CA ASN B 293 31.68 -11.30 -19.50
C ASN B 293 31.89 -10.76 -20.92
N ILE B 294 32.44 -11.61 -21.82
CA ILE B 294 32.84 -11.14 -23.13
C ILE B 294 31.62 -10.77 -23.94
N GLY B 295 30.72 -11.75 -24.11
CA GLY B 295 29.55 -11.60 -24.96
C GLY B 295 28.64 -10.47 -24.48
N LEU B 296 28.51 -10.29 -23.17
CA LEU B 296 27.60 -9.29 -22.63
C LEU B 296 28.18 -7.89 -22.86
N GLU B 297 29.47 -7.70 -22.58
CA GLU B 297 30.09 -6.41 -22.80
C GLU B 297 30.07 -6.04 -24.29
N LYS B 298 30.48 -6.98 -25.14
CA LYS B 298 30.53 -6.69 -26.57
C LYS B 298 29.13 -6.45 -27.14
N ALA B 299 28.12 -7.22 -26.69
CA ALA B 299 26.76 -7.00 -27.15
C ALA B 299 26.23 -5.64 -26.70
N ARG B 300 26.60 -5.23 -25.47
CA ARG B 300 26.17 -3.94 -24.96
C ARG B 300 26.75 -2.81 -25.82
N MET B 301 28.05 -2.91 -26.12
CA MET B 301 28.70 -1.96 -27.00
C MET B 301 28.09 -1.93 -28.40
N ASP B 302 27.83 -3.11 -28.97
CA ASP B 302 27.21 -3.20 -30.29
C ASP B 302 25.87 -2.47 -30.26
N ALA B 303 25.10 -2.70 -29.21
CA ALA B 303 23.77 -2.12 -29.09
C ALA B 303 23.81 -0.60 -28.93
N ALA B 304 24.83 -0.05 -28.24
CA ALA B 304 24.90 1.39 -28.01
C ALA B 304 25.19 2.13 -29.31
N GLY B 305 25.96 1.51 -30.22
CA GLY B 305 26.19 2.12 -31.52
C GLY B 305 27.34 3.12 -31.58
N TRP B 306 28.14 3.28 -30.51
CA TRP B 306 29.24 4.22 -30.51
C TRP B 306 30.48 3.60 -31.15
N LEU B 307 30.62 2.29 -30.98
CA LEU B 307 31.68 1.52 -31.64
C LEU B 307 31.17 0.13 -31.99
N LYS B 308 31.91 -0.56 -32.87
CA LYS B 308 31.55 -1.89 -33.30
C LYS B 308 32.52 -2.89 -32.65
N ALA B 309 32.08 -3.60 -31.61
CA ALA B 309 32.96 -4.54 -30.91
C ALA B 309 33.05 -5.85 -31.70
N GLY B 310 31.92 -6.26 -32.24
CA GLY B 310 31.88 -7.36 -33.18
C GLY B 310 31.77 -8.71 -32.48
N PRO B 311 31.74 -9.81 -33.25
CA PRO B 311 31.53 -11.16 -32.69
C PRO B 311 32.67 -11.58 -31.76
N CYS B 312 32.34 -12.48 -30.84
CA CYS B 312 33.30 -12.97 -29.87
C CYS B 312 34.11 -14.14 -30.42
N ARG B 313 35.42 -14.15 -30.13
CA ARG B 313 36.27 -15.24 -30.62
C ARG B 313 35.97 -16.51 -29.82
N PRO B 314 36.17 -17.70 -30.44
CA PRO B 314 35.91 -18.96 -29.75
C PRO B 314 36.85 -19.19 -28.56
N PRO B 315 36.37 -19.82 -27.48
CA PRO B 315 35.06 -20.46 -27.44
C PRO B 315 33.84 -19.70 -26.93
N TYR B 316 34.02 -18.42 -26.54
CA TYR B 316 33.02 -17.70 -25.77
C TYR B 316 32.07 -16.92 -26.65
N ASN B 317 31.45 -17.62 -27.61
CA ASN B 317 30.64 -17.00 -28.65
C ASN B 317 29.17 -17.43 -28.50
N LEU B 318 28.80 -18.00 -27.35
CA LEU B 318 27.41 -18.35 -27.10
C LEU B 318 26.90 -17.68 -25.82
N VAL B 319 25.85 -16.88 -25.92
CA VAL B 319 25.29 -16.20 -24.77
C VAL B 319 23.79 -16.47 -24.77
N PRO B 320 23.16 -16.90 -23.65
CA PRO B 320 21.69 -17.06 -23.61
C PRO B 320 20.98 -15.75 -24.00
N GLU B 321 19.91 -15.86 -24.81
CA GLU B 321 19.19 -14.72 -25.36
C GLU B 321 18.70 -13.72 -24.29
N ASP B 322 18.11 -14.15 -23.17
CA ASP B 322 17.58 -13.21 -22.18
CA ASP B 322 17.57 -13.18 -22.22
C ASP B 322 18.71 -12.41 -21.54
N TYR B 323 19.89 -13.03 -21.46
CA TYR B 323 21.01 -12.30 -20.91
C TYR B 323 21.45 -11.23 -21.92
N LEU B 324 21.46 -11.61 -23.20
CA LEU B 324 21.84 -10.67 -24.24
C LEU B 324 20.95 -9.42 -24.20
N ALA B 325 19.66 -9.63 -24.02
CA ALA B 325 18.69 -8.55 -24.00
C ALA B 325 18.97 -7.59 -22.86
N GLY B 326 19.29 -8.13 -21.67
CA GLY B 326 19.71 -7.26 -20.57
C GLY B 326 20.89 -6.38 -20.95
N ALA B 327 21.92 -6.97 -21.57
CA ALA B 327 23.12 -6.24 -21.97
C ALA B 327 22.79 -5.17 -23.01
N GLN B 328 21.91 -5.49 -23.96
CA GLN B 328 21.53 -4.56 -25.00
C GLN B 328 20.76 -3.40 -24.43
N LYS B 329 19.86 -3.68 -23.47
CA LYS B 329 19.12 -2.62 -22.79
C LYS B 329 20.08 -1.68 -22.07
N SER B 330 21.10 -2.26 -21.44
CA SER B 330 22.10 -1.47 -20.75
C SER B 330 22.81 -0.58 -21.76
N GLY B 331 23.18 -1.12 -22.93
CA GLY B 331 23.87 -0.36 -23.97
C GLY B 331 23.05 0.83 -24.46
N LYS B 332 21.75 0.63 -24.65
CA LYS B 332 20.86 1.70 -25.02
C LYS B 332 20.82 2.75 -23.92
N ALA B 333 20.81 2.32 -22.65
CA ALA B 333 20.74 3.26 -21.55
C ALA B 333 21.98 4.14 -21.48
N TRP B 334 23.18 3.51 -21.61
CA TRP B 334 24.42 4.28 -21.63
C TRP B 334 24.47 5.19 -22.86
N ALA B 335 23.93 4.76 -24.01
CA ALA B 335 23.91 5.64 -25.18
C ALA B 335 23.07 6.89 -24.89
N ALA B 336 21.96 6.68 -24.17
CA ALA B 336 21.07 7.79 -23.81
C ALA B 336 21.79 8.74 -22.86
N LEU B 337 22.57 8.21 -21.92
CA LEU B 337 23.35 9.07 -21.03
C LEU B 337 24.39 9.85 -21.84
N HIS B 338 25.01 9.18 -22.82
CA HIS B 338 26.05 9.84 -23.59
C HIS B 338 25.46 11.04 -24.31
N ALA B 339 24.27 10.90 -24.88
CA ALA B 339 23.62 11.98 -25.58
C ALA B 339 23.25 13.09 -24.60
N LYS B 340 22.77 12.73 -23.39
CA LYS B 340 22.38 13.71 -22.39
C LYS B 340 23.60 14.53 -21.95
N TYR B 341 24.71 13.84 -21.65
CA TYR B 341 25.85 14.51 -21.08
C TYR B 341 26.69 15.20 -22.16
N SER B 342 26.58 14.74 -23.44
CA SER B 342 27.23 15.41 -24.55
C SER B 342 26.75 16.85 -24.64
N ASN B 343 25.43 17.04 -24.47
CA ASN B 343 24.85 18.35 -24.44
C ASN B 343 25.25 19.17 -23.21
N GLU B 344 25.46 18.51 -22.07
CA GLU B 344 25.81 19.23 -20.87
C GLU B 344 27.26 19.67 -20.92
N LEU B 345 28.13 18.89 -21.58
CA LEU B 345 29.50 19.31 -21.90
C LEU B 345 29.46 20.53 -22.85
N LYS B 346 28.33 20.71 -23.55
CA LYS B 346 28.14 21.60 -24.69
C LYS B 346 28.34 20.78 -25.99
N THR C 20 11.90 -53.81 24.25
CA THR C 20 12.73 -53.73 23.02
C THR C 20 14.08 -53.07 23.34
N SER C 21 15.15 -53.82 23.09
CA SER C 21 16.51 -53.29 23.14
C SER C 21 16.75 -52.39 21.93
N ARG C 22 17.74 -51.51 22.06
CA ARG C 22 18.01 -50.51 21.05
C ARG C 22 18.32 -51.18 19.72
N LEU C 23 17.83 -50.61 18.63
CA LEU C 23 18.21 -51.05 17.29
C LEU C 23 19.72 -51.15 17.11
N THR C 24 20.15 -52.14 16.32
CA THR C 24 21.54 -52.26 15.87
C THR C 24 21.57 -52.03 14.36
N ALA C 25 22.77 -51.76 13.83
CA ALA C 25 22.98 -51.71 12.39
C ALA C 25 22.59 -53.03 11.74
N GLU C 26 22.91 -54.15 12.41
CA GLU C 26 22.63 -55.46 11.84
C GLU C 26 21.12 -55.61 11.63
N ASP C 27 20.31 -54.91 12.41
CA ASP C 27 18.85 -54.99 12.28
C ASP C 27 18.29 -54.10 11.16
N ILE C 28 19.12 -53.28 10.50
CA ILE C 28 18.65 -52.34 9.49
C ILE C 28 18.93 -52.94 8.11
N ASN C 29 17.86 -53.24 7.38
CA ASN C 29 17.94 -53.93 6.10
C ASN C 29 16.78 -53.47 5.23
N GLY C 30 16.95 -53.50 3.92
CA GLY C 30 15.86 -53.32 2.97
C GLY C 30 15.47 -51.86 2.75
N ALA C 31 14.15 -51.63 2.55
CA ALA C 31 13.65 -50.34 2.10
C ALA C 31 13.19 -49.51 3.29
N TRP C 32 13.92 -48.41 3.53
CA TRP C 32 13.63 -47.48 4.62
C TRP C 32 13.07 -46.21 4.01
N THR C 33 11.77 -45.98 4.24
CA THR C 33 11.06 -44.96 3.51
C THR C 33 10.91 -43.75 4.41
N ILE C 34 11.25 -42.56 3.89
CA ILE C 34 11.10 -41.28 4.57
C ILE C 34 9.74 -40.68 4.25
N MET C 35 8.94 -40.53 5.32
CA MET C 35 7.57 -40.04 5.28
C MET C 35 7.56 -38.52 5.42
N PRO C 36 6.65 -37.78 4.72
CA PRO C 36 6.44 -36.37 5.00
C PRO C 36 5.61 -36.24 6.25
N THR C 37 5.43 -34.99 6.68
CA THR C 37 4.50 -34.65 7.74
C THR C 37 3.24 -34.04 7.10
N PRO C 38 2.18 -34.83 6.89
CA PRO C 38 1.01 -34.38 6.11
C PRO C 38 0.39 -33.13 6.71
N SER C 39 -0.04 -32.23 5.83
CA SER C 39 -0.49 -30.96 6.34
CA SER C 39 -0.45 -30.88 6.18
C SER C 39 -1.96 -30.71 5.99
N THR C 40 -2.60 -29.93 6.86
CA THR C 40 -3.97 -29.49 6.66
C THR C 40 -4.00 -28.40 5.59
N PRO C 41 -5.18 -28.08 5.01
CA PRO C 41 -5.28 -27.05 3.97
C PRO C 41 -4.73 -25.66 4.31
N ASP C 42 -4.78 -25.28 5.58
CA ASP C 42 -4.36 -23.96 6.02
C ASP C 42 -2.90 -23.93 6.47
N ALA C 43 -2.10 -24.95 6.15
CA ALA C 43 -0.80 -25.10 6.81
C ALA C 43 0.23 -24.05 6.38
N SER C 44 0.04 -23.37 5.25
CA SER C 44 1.01 -22.34 4.85
C SER C 44 0.83 -21.02 5.59
N ASP C 45 -0.29 -20.86 6.30
CA ASP C 45 -0.59 -19.64 7.02
C ASP C 45 0.08 -19.65 8.39
N TRP C 46 0.88 -18.62 8.67
CA TRP C 46 1.57 -18.51 9.95
C TRP C 46 0.60 -18.46 11.13
N ARG C 47 -0.67 -18.10 10.87
CA ARG C 47 -1.65 -18.00 11.94
C ARG C 47 -2.12 -19.37 12.42
N SER C 48 -1.88 -20.42 11.62
CA SER C 48 -2.44 -21.73 11.92
C SER C 48 -1.64 -22.44 12.99
N THR C 49 -2.38 -23.09 13.90
N THR C 49 -2.31 -23.22 13.84
CA THR C 49 -1.84 -24.13 14.76
CA THR C 49 -1.68 -23.71 15.06
C THR C 49 -2.48 -25.46 14.35
C THR C 49 -1.67 -25.24 15.11
N ALA C 50 -2.02 -26.53 14.96
N ALA C 50 -2.51 -25.88 14.29
CA ALA C 50 -2.47 -27.84 14.56
CA ALA C 50 -2.73 -27.32 14.40
C ALA C 50 -2.66 -27.84 13.05
C ALA C 50 -2.67 -28.00 13.02
N THR C 51 -1.52 -27.89 12.33
CA THR C 51 -1.49 -28.08 10.88
C THR C 51 -1.20 -29.51 10.45
N VAL C 52 -1.08 -30.48 11.37
CA VAL C 52 -0.73 -31.83 10.99
C VAL C 52 -2.04 -32.59 10.77
N ASP C 53 -2.18 -33.20 9.60
CA ASP C 53 -3.29 -34.12 9.34
C ASP C 53 -2.92 -35.47 9.93
N LEU C 54 -3.46 -35.73 11.12
CA LEU C 54 -3.09 -36.92 11.85
C LEU C 54 -3.74 -38.18 11.28
N GLU C 55 -4.92 -38.08 10.66
CA GLU C 55 -5.52 -39.26 10.05
C GLU C 55 -4.77 -39.68 8.77
N GLU C 56 -4.34 -38.69 7.97
CA GLU C 56 -3.49 -38.98 6.83
C GLU C 56 -2.17 -39.60 7.32
N THR C 57 -1.64 -39.09 8.44
CA THR C 57 -0.41 -39.65 9.01
C THR C 57 -0.58 -41.15 9.28
N ALA C 58 -1.67 -41.52 9.97
CA ALA C 58 -1.96 -42.90 10.31
C ALA C 58 -2.10 -43.75 9.05
N ARG C 59 -2.84 -43.24 8.08
CA ARG C 59 -3.09 -43.93 6.83
C ARG C 59 -1.80 -44.22 6.08
N ILE C 60 -0.91 -43.21 6.02
CA ILE C 60 0.36 -43.42 5.36
C ILE C 60 1.14 -44.53 6.03
N VAL C 61 1.25 -44.49 7.36
CA VAL C 61 1.99 -45.51 8.09
C VAL C 61 1.45 -46.91 7.78
N GLU C 62 0.13 -47.09 7.85
CA GLU C 62 -0.44 -48.42 7.60
C GLU C 62 -0.22 -48.82 6.14
N GLU C 63 -0.30 -47.90 5.20
CA GLU C 63 -0.04 -48.23 3.81
C GLU C 63 1.41 -48.69 3.60
N LEU C 64 2.35 -48.02 4.26
CA LEU C 64 3.77 -48.38 4.14
C LEU C 64 4.05 -49.76 4.74
N ILE C 65 3.49 -50.03 5.92
CA ILE C 65 3.63 -51.32 6.54
C ILE C 65 3.03 -52.39 5.61
N ALA C 66 1.81 -52.17 5.09
CA ALA C 66 1.17 -53.13 4.20
C ALA C 66 1.99 -53.43 2.96
N ALA C 67 2.74 -52.43 2.47
CA ALA C 67 3.57 -52.61 1.29
C ALA C 67 4.83 -53.42 1.59
N GLY C 68 5.18 -53.56 2.87
CA GLY C 68 6.32 -54.39 3.23
C GLY C 68 7.59 -53.57 3.50
N VAL C 69 7.46 -52.25 3.73
CA VAL C 69 8.65 -51.45 4.04
C VAL C 69 9.31 -52.01 5.30
N ASN C 70 10.63 -51.86 5.40
CA ASN C 70 11.38 -52.42 6.50
C ASN C 70 11.46 -51.47 7.69
N GLY C 71 11.47 -50.16 7.40
CA GLY C 71 11.53 -49.15 8.45
C GLY C 71 11.03 -47.82 7.93
N ILE C 72 10.68 -46.94 8.88
CA ILE C 72 10.15 -45.63 8.55
C ILE C 72 11.04 -44.54 9.17
N LEU C 73 11.48 -43.62 8.31
CA LEU C 73 12.16 -42.41 8.71
C LEU C 73 11.22 -41.23 8.53
N SER C 74 11.52 -40.14 9.24
CA SER C 74 10.67 -38.97 9.23
C SER C 74 11.44 -37.75 9.71
N MET C 75 10.87 -36.59 9.45
CA MET C 75 11.24 -35.37 10.13
C MET C 75 12.69 -35.01 9.80
N GLY C 76 13.10 -35.20 8.54
CA GLY C 76 14.22 -34.46 7.96
C GLY C 76 13.79 -33.14 7.34
N THR C 77 14.38 -32.82 6.17
CA THR C 77 14.17 -31.54 5.53
C THR C 77 12.74 -31.47 4.98
N PHE C 78 12.37 -32.37 4.08
CA PHE C 78 11.06 -32.23 3.45
C PHE C 78 9.94 -32.63 4.41
N GLY C 79 10.30 -33.37 5.45
CA GLY C 79 9.44 -33.72 6.58
C GLY C 79 9.20 -32.54 7.53
N GLU C 80 9.83 -31.38 7.27
CA GLU C 80 9.46 -30.12 7.92
C GLU C 80 9.78 -30.13 9.41
N CYS C 81 10.86 -30.83 9.78
CA CYS C 81 11.41 -30.66 11.12
C CYS C 81 11.68 -29.19 11.44
N ALA C 82 12.05 -28.38 10.45
CA ALA C 82 12.38 -27.00 10.74
C ALA C 82 11.13 -26.16 11.00
N THR C 83 9.95 -26.53 10.45
CA THR C 83 8.83 -25.60 10.44
C THR C 83 7.61 -26.06 11.26
N LEU C 84 7.64 -27.26 11.84
CA LEU C 84 6.58 -27.71 12.73
C LEU C 84 6.73 -27.07 14.12
N THR C 85 5.61 -26.89 14.83
CA THR C 85 5.70 -26.48 16.22
C THR C 85 5.93 -27.74 17.04
N TRP C 86 6.31 -27.56 18.31
CA TRP C 86 6.61 -28.69 19.16
C TRP C 86 5.35 -29.52 19.39
N ASP C 87 4.20 -28.85 19.58
CA ASP C 87 2.97 -29.60 19.83
C ASP C 87 2.62 -30.46 18.61
N GLU C 88 2.82 -29.92 17.40
CA GLU C 88 2.60 -30.64 16.16
C GLU C 88 3.50 -31.87 16.08
N LYS C 89 4.77 -31.71 16.46
CA LYS C 89 5.73 -32.85 16.37
C LYS C 89 5.29 -33.97 17.33
N ARG C 90 4.91 -33.57 18.54
CA ARG C 90 4.49 -34.57 19.55
C ARG C 90 3.26 -35.33 19.04
N ASP C 91 2.31 -34.60 18.47
CA ASP C 91 1.06 -35.27 18.03
C ASP C 91 1.38 -36.22 16.87
N TYR C 92 2.25 -35.77 15.98
CA TYR C 92 2.60 -36.53 14.79
C TYR C 92 3.29 -37.81 15.21
N VAL C 93 4.29 -37.68 16.08
CA VAL C 93 5.02 -38.84 16.57
C VAL C 93 4.08 -39.75 17.37
N SER C 94 3.17 -39.20 18.19
CA SER C 94 2.26 -40.03 18.96
C SER C 94 1.39 -40.88 18.04
N THR C 95 0.86 -40.25 17.00
CA THR C 95 0.02 -40.94 16.05
C THR C 95 0.77 -42.06 15.32
N ILE C 96 1.99 -41.77 14.88
CA ILE C 96 2.81 -42.77 14.20
C ILE C 96 3.06 -43.96 15.12
N VAL C 97 3.46 -43.69 16.37
CA VAL C 97 3.83 -44.75 17.29
C VAL C 97 2.62 -45.65 17.59
N GLU C 98 1.44 -45.04 17.80
CA GLU C 98 0.27 -45.85 18.15
C GLU C 98 -0.22 -46.62 16.92
N THR C 99 0.11 -46.12 15.72
CA THR C 99 -0.27 -46.80 14.51
C THR C 99 0.66 -47.98 14.26
N ILE C 100 1.98 -47.79 14.40
CA ILE C 100 2.93 -48.84 14.08
C ILE C 100 2.77 -50.02 15.02
N ARG C 101 2.53 -49.70 16.30
CA ARG C 101 2.49 -50.60 17.43
C ARG C 101 3.59 -51.65 17.36
N GLY C 102 4.83 -51.20 17.27
CA GLY C 102 5.99 -52.06 17.37
C GLY C 102 6.28 -52.90 16.11
N ARG C 103 5.49 -52.77 15.03
CA ARG C 103 5.64 -53.69 13.89
C ARG C 103 6.88 -53.42 13.03
N VAL C 104 7.32 -52.16 12.90
CA VAL C 104 8.52 -51.82 12.15
C VAL C 104 9.25 -50.72 12.92
N PRO C 105 10.58 -50.59 12.78
CA PRO C 105 11.28 -49.52 13.48
C PRO C 105 10.94 -48.16 12.88
N TYR C 106 11.08 -47.13 13.72
CA TYR C 106 10.64 -45.79 13.37
C TYR C 106 11.64 -44.78 13.95
N PHE C 107 12.12 -43.90 13.09
CA PHE C 107 12.93 -42.75 13.50
C PHE C 107 12.12 -41.46 13.34
N CYS C 108 12.07 -40.71 14.43
CA CYS C 108 11.65 -39.31 14.42
C CYS C 108 12.84 -38.48 13.92
N GLY C 109 12.71 -37.15 13.95
CA GLY C 109 13.80 -36.23 13.60
C GLY C 109 13.87 -35.13 14.64
N THR C 110 15.10 -34.82 15.17
CA THR C 110 15.21 -33.86 16.25
C THR C 110 16.32 -32.84 16.04
N THR C 111 16.67 -32.58 14.78
CA THR C 111 17.66 -31.55 14.49
C THR C 111 17.10 -30.21 14.97
N ALA C 112 17.93 -29.42 15.66
CA ALA C 112 17.52 -28.16 16.25
C ALA C 112 18.75 -27.25 16.31
N LEU C 113 18.61 -26.03 16.83
CA LEU C 113 19.69 -25.04 16.73
C LEU C 113 20.77 -25.27 17.80
N ASN C 114 20.54 -26.14 18.80
CA ASN C 114 21.55 -26.33 19.82
C ASN C 114 21.38 -27.70 20.52
N THR C 115 22.42 -28.09 21.26
CA THR C 115 22.53 -29.44 21.78
C THR C 115 21.46 -29.68 22.84
N ARG C 116 21.19 -28.70 23.68
CA ARG C 116 20.21 -28.88 24.75
C ARG C 116 18.81 -29.08 24.18
N GLU C 117 18.46 -28.33 23.13
CA GLU C 117 17.14 -28.49 22.50
C GLU C 117 17.03 -29.84 21.80
N VAL C 118 18.11 -30.29 21.14
CA VAL C 118 18.11 -31.60 20.51
C VAL C 118 17.84 -32.67 21.55
N ILE C 119 18.57 -32.58 22.68
CA ILE C 119 18.46 -33.56 23.76
C ILE C 119 17.04 -33.55 24.31
N ARG C 120 16.51 -32.37 24.60
CA ARG C 120 15.15 -32.26 25.12
C ARG C 120 14.16 -32.96 24.19
N GLN C 121 14.17 -32.61 22.90
CA GLN C 121 13.24 -33.19 21.95
C GLN C 121 13.45 -34.70 21.81
N THR C 122 14.71 -35.14 21.75
CA THR C 122 14.99 -36.55 21.54
C THR C 122 14.45 -37.36 22.71
N ARG C 123 14.73 -36.92 23.95
CA ARG C 123 14.19 -37.65 25.11
C ARG C 123 12.67 -37.78 25.04
N GLU C 124 11.97 -36.70 24.68
CA GLU C 124 10.51 -36.73 24.66
C GLU C 124 10.00 -37.69 23.58
N LEU C 125 10.54 -37.61 22.35
CA LEU C 125 9.99 -38.38 21.24
C LEU C 125 10.34 -39.86 21.36
N ILE C 126 11.53 -40.16 21.88
CA ILE C 126 11.86 -41.53 22.23
C ILE C 126 10.89 -42.04 23.29
N ASP C 127 10.60 -41.21 24.31
CA ASP C 127 9.75 -41.64 25.40
C ASP C 127 8.35 -41.96 24.88
N ILE C 128 7.87 -41.19 23.90
CA ILE C 128 6.57 -41.41 23.30
C ILE C 128 6.58 -42.77 22.60
N GLY C 129 7.73 -43.12 22.02
CA GLY C 129 7.95 -44.47 21.51
C GLY C 129 8.71 -44.60 20.20
N ALA C 130 9.34 -43.53 19.66
CA ALA C 130 10.18 -43.71 18.50
C ALA C 130 11.39 -44.55 18.88
N ASN C 131 12.01 -45.24 17.92
CA ASN C 131 13.16 -46.05 18.23
C ASN C 131 14.47 -45.25 18.12
N GLY C 132 14.46 -44.17 17.37
CA GLY C 132 15.67 -43.41 17.13
C GLY C 132 15.35 -42.05 16.53
N THR C 133 16.40 -41.27 16.27
CA THR C 133 16.24 -39.96 15.68
C THR C 133 17.16 -39.84 14.49
N MET C 134 16.58 -39.28 13.42
CA MET C 134 17.33 -38.94 12.23
C MET C 134 17.81 -37.50 12.43
N LEU C 135 19.13 -37.32 12.56
CA LEU C 135 19.68 -36.14 13.20
C LEU C 135 20.80 -35.53 12.37
N GLY C 136 20.59 -34.29 11.93
CA GLY C 136 21.63 -33.47 11.33
C GLY C 136 22.37 -32.70 12.41
N VAL C 137 23.03 -31.61 12.06
CA VAL C 137 23.75 -30.85 13.09
C VAL C 137 23.19 -29.43 13.12
N PRO C 138 23.24 -28.78 14.28
CA PRO C 138 22.89 -27.35 14.39
C PRO C 138 23.66 -26.54 13.35
N MET C 139 22.98 -25.60 12.68
CA MET C 139 23.54 -25.04 11.46
C MET C 139 23.55 -23.51 11.42
N TRP C 140 23.20 -22.78 12.48
CA TRP C 140 23.32 -21.33 12.42
C TRP C 140 24.80 -20.95 12.22
N VAL C 141 25.65 -21.59 13.03
CA VAL C 141 27.09 -21.50 12.87
C VAL C 141 27.55 -22.84 12.29
N LYS C 142 28.36 -22.77 11.23
CA LYS C 142 28.86 -23.96 10.57
C LYS C 142 29.82 -24.70 11.50
N MET C 143 29.56 -26.00 11.71
CA MET C 143 30.37 -26.78 12.60
C MET C 143 31.63 -27.25 11.91
N ASP C 144 32.72 -27.35 12.69
CA ASP C 144 33.90 -28.07 12.28
C ASP C 144 33.84 -29.51 12.81
N LEU C 145 34.86 -30.31 12.45
CA LEU C 145 34.88 -31.72 12.73
C LEU C 145 34.75 -32.00 14.23
N PRO C 146 35.63 -31.50 15.12
CA PRO C 146 35.50 -31.84 16.53
C PRO C 146 34.18 -31.39 17.13
N THR C 147 33.68 -30.22 16.72
CA THR C 147 32.39 -29.74 17.19
C THR C 147 31.26 -30.74 16.84
N ALA C 148 31.26 -31.23 15.60
CA ALA C 148 30.22 -32.15 15.15
C ALA C 148 30.34 -33.50 15.88
N VAL C 149 31.57 -33.98 16.07
CA VAL C 149 31.77 -35.22 16.77
C VAL C 149 31.27 -35.11 18.20
N GLN C 150 31.64 -34.02 18.89
CA GLN C 150 31.21 -33.87 20.26
C GLN C 150 29.67 -33.75 20.33
N PHE C 151 29.08 -33.11 19.34
CA PHE C 151 27.60 -32.95 19.33
C PHE C 151 26.94 -34.33 19.41
N TYR C 152 27.32 -35.20 18.49
CA TYR C 152 26.70 -36.55 18.46
C TYR C 152 27.05 -37.33 19.72
N ARG C 153 28.30 -37.20 20.18
CA ARG C 153 28.63 -37.88 21.48
CA ARG C 153 28.64 -37.87 21.47
C ARG C 153 27.74 -37.40 22.67
N ASP C 154 27.50 -36.09 22.66
CA ASP C 154 26.66 -35.50 23.73
C ASP C 154 25.24 -36.07 23.65
N VAL C 155 24.68 -36.09 22.45
CA VAL C 155 23.31 -36.60 22.31
C VAL C 155 23.28 -38.04 22.76
N ALA C 156 24.21 -38.87 22.29
CA ALA C 156 24.18 -40.29 22.63
C ALA C 156 24.36 -40.49 24.14
N ASP C 157 25.22 -39.67 24.76
CA ASP C 157 25.42 -39.73 26.20
C ASP C 157 24.16 -39.35 26.98
N ALA C 158 23.44 -38.33 26.48
CA ALA C 158 22.26 -37.80 27.14
C ALA C 158 21.06 -38.73 27.00
N VAL C 159 20.96 -39.41 25.84
CA VAL C 159 19.79 -40.20 25.50
C VAL C 159 20.26 -41.59 25.05
N PRO C 160 20.85 -42.40 25.96
CA PRO C 160 21.58 -43.62 25.57
C PRO C 160 20.70 -44.69 24.90
N GLU C 161 19.39 -44.58 25.07
CA GLU C 161 18.45 -45.56 24.56
C GLU C 161 17.99 -45.20 23.16
N ALA C 162 18.36 -44.00 22.64
CA ALA C 162 17.96 -43.63 21.28
C ALA C 162 18.97 -44.19 20.28
N ALA C 163 18.49 -44.86 19.24
CA ALA C 163 19.33 -45.04 18.08
C ALA C 163 19.46 -43.70 17.34
N ILE C 164 20.59 -43.51 16.66
CA ILE C 164 20.85 -42.31 15.85
C ILE C 164 21.08 -42.70 14.40
N ALA C 165 20.41 -41.96 13.51
CA ALA C 165 20.69 -41.96 12.09
C ALA C 165 21.31 -40.61 11.71
N ILE C 166 22.54 -40.66 11.23
CA ILE C 166 23.22 -39.44 10.84
C ILE C 166 22.56 -38.93 9.57
N TYR C 167 22.07 -37.68 9.57
CA TYR C 167 21.50 -37.09 8.38
C TYR C 167 22.57 -36.25 7.72
N ALA C 168 23.28 -36.84 6.75
CA ALA C 168 24.52 -36.27 6.23
C ALA C 168 24.25 -35.37 5.04
N ASN C 169 23.62 -34.23 5.29
CA ASN C 169 23.20 -33.29 4.27
C ASN C 169 24.00 -31.98 4.42
N PRO C 170 25.07 -31.80 3.62
CA PRO C 170 25.88 -30.58 3.65
C PRO C 170 25.13 -29.30 3.27
N GLU C 171 24.16 -29.41 2.36
CA GLU C 171 23.40 -28.25 1.95
C GLU C 171 22.61 -27.70 3.13
N ALA C 172 21.85 -28.57 3.80
CA ALA C 172 21.10 -28.13 4.96
C ALA C 172 22.04 -27.70 6.07
N PHE C 173 23.03 -28.55 6.40
CA PHE C 173 23.65 -28.42 7.71
C PHE C 173 25.02 -27.77 7.63
N LYS C 174 25.51 -27.39 6.42
CA LYS C 174 26.79 -26.70 6.22
C LYS C 174 28.03 -27.58 6.41
N PHE C 175 28.13 -28.29 7.54
CA PHE C 175 29.17 -29.27 7.76
C PHE C 175 29.10 -30.35 6.68
N ASP C 176 30.25 -30.86 6.23
CA ASP C 176 30.21 -31.75 5.08
C ASP C 176 30.41 -33.24 5.43
N PHE C 177 30.47 -33.59 6.73
CA PHE C 177 30.42 -35.01 7.11
C PHE C 177 31.56 -35.75 6.44
N PRO C 178 32.82 -35.33 6.74
CA PRO C 178 34.00 -35.84 6.04
C PRO C 178 34.38 -37.23 6.53
N ARG C 179 35.36 -37.83 5.86
CA ARG C 179 35.84 -39.16 6.20
C ARG C 179 36.12 -39.35 7.69
N PRO C 180 36.97 -38.51 8.32
CA PRO C 180 37.30 -38.69 9.73
C PRO C 180 36.09 -38.67 10.67
N PHE C 181 35.06 -37.90 10.27
CA PHE C 181 33.83 -37.87 11.05
C PHE C 181 33.23 -39.27 11.12
N TRP C 182 33.24 -40.04 10.02
CA TRP C 182 32.60 -41.36 10.01
C TRP C 182 33.38 -42.32 10.89
N ALA C 183 34.72 -42.21 10.91
CA ALA C 183 35.53 -43.03 11.79
C ALA C 183 35.16 -42.80 13.25
N GLU C 184 34.84 -41.55 13.58
CA GLU C 184 34.47 -41.20 14.93
C GLU C 184 33.07 -41.70 15.28
N MET C 185 32.15 -41.59 14.34
CA MET C 185 30.78 -41.98 14.61
C MET C 185 30.73 -43.51 14.85
N SER C 186 31.59 -44.27 14.15
CA SER C 186 31.60 -45.71 14.29
C SER C 186 31.95 -46.15 15.72
N LYS C 187 32.51 -45.24 16.52
CA LYS C 187 32.82 -45.57 17.92
C LYS C 187 31.65 -45.36 18.88
N ILE C 188 30.55 -44.77 18.38
CA ILE C 188 29.40 -44.46 19.20
C ILE C 188 28.35 -45.55 18.97
N PRO C 189 28.08 -46.43 19.96
CA PRO C 189 27.19 -47.54 19.70
C PRO C 189 25.80 -47.11 19.24
N GLN C 190 25.34 -45.93 19.68
CA GLN C 190 24.02 -45.43 19.33
C GLN C 190 23.90 -45.10 17.85
N VAL C 191 25.02 -44.81 17.19
CA VAL C 191 24.96 -44.43 15.80
C VAL C 191 24.95 -45.72 14.98
N VAL C 192 23.77 -46.09 14.45
CA VAL C 192 23.59 -47.35 13.75
C VAL C 192 23.43 -47.19 12.25
N THR C 193 23.12 -45.99 11.75
CA THR C 193 22.85 -45.84 10.34
C THR C 193 23.11 -44.40 9.94
N ALA C 194 23.04 -44.17 8.63
CA ALA C 194 23.23 -42.85 8.08
C ALA C 194 22.37 -42.72 6.84
N LYS C 195 21.64 -41.61 6.80
CA LYS C 195 21.03 -41.17 5.55
C LYS C 195 22.12 -40.47 4.75
N TYR C 196 22.65 -41.18 3.75
CA TYR C 196 23.85 -40.76 3.07
C TYR C 196 23.49 -40.26 1.69
N LEU C 197 24.36 -39.39 1.16
CA LEU C 197 24.12 -38.83 -0.16
C LEU C 197 25.09 -39.43 -1.15
N GLY C 198 25.86 -38.64 -1.90
CA GLY C 198 26.58 -39.21 -3.04
C GLY C 198 27.61 -40.26 -2.59
N ILE C 199 27.82 -41.30 -3.43
CA ILE C 199 28.54 -42.51 -3.03
C ILE C 199 30.02 -42.51 -3.47
N GLY C 200 30.53 -41.34 -3.89
CA GLY C 200 31.91 -41.26 -4.36
C GLY C 200 32.95 -41.80 -3.36
N MET C 201 32.72 -41.62 -2.05
CA MET C 201 33.63 -42.08 -1.01
C MET C 201 33.00 -43.19 -0.15
N LEU C 202 31.97 -43.86 -0.65
CA LEU C 202 31.31 -44.90 0.12
C LEU C 202 32.26 -46.06 0.47
N ASP C 203 33.04 -46.52 -0.49
CA ASP C 203 33.96 -47.64 -0.29
C ASP C 203 34.84 -47.34 0.94
N LEU C 204 35.44 -46.15 0.92
CA LEU C 204 36.29 -45.72 2.03
C LEU C 204 35.48 -45.55 3.31
N ASP C 205 34.28 -44.95 3.24
CA ASP C 205 33.55 -44.68 4.47
C ASP C 205 33.15 -46.00 5.15
N LEU C 206 32.80 -47.01 4.37
CA LEU C 206 32.50 -48.32 4.92
C LEU C 206 33.68 -48.89 5.69
N ARG C 207 34.90 -48.72 5.16
CA ARG C 207 36.10 -49.23 5.82
C ARG C 207 36.37 -48.43 7.10
N LEU C 208 36.08 -47.13 7.09
CA LEU C 208 36.37 -46.28 8.25
C LEU C 208 35.34 -46.44 9.35
N ALA C 209 34.13 -46.90 8.94
CA ALA C 209 33.03 -46.97 9.87
C ALA C 209 32.40 -48.35 9.76
N PRO C 210 33.07 -49.40 10.28
CA PRO C 210 32.52 -50.76 10.28
C PRO C 210 31.20 -50.97 11.02
N ASN C 211 30.81 -50.06 11.93
CA ASN C 211 29.63 -50.30 12.77
C ASN C 211 28.38 -49.58 12.27
N ILE C 212 28.42 -48.97 11.09
CA ILE C 212 27.28 -48.19 10.65
C ILE C 212 26.69 -48.82 9.39
N ARG C 213 25.35 -48.95 9.35
CA ARG C 213 24.66 -49.30 8.12
C ARG C 213 24.44 -48.03 7.29
N PHE C 214 25.26 -47.85 6.24
CA PHE C 214 25.10 -46.69 5.36
C PHE C 214 23.91 -46.88 4.43
N LEU C 215 22.98 -45.93 4.44
CA LEU C 215 21.84 -45.98 3.54
C LEU C 215 22.09 -45.06 2.36
N PRO C 216 22.36 -45.56 1.13
CA PRO C 216 22.44 -44.68 -0.04
C PRO C 216 21.02 -44.27 -0.37
N HIS C 217 20.90 -43.21 -1.11
CA HIS C 217 19.63 -42.93 -1.77
C HIS C 217 19.23 -44.09 -2.70
N GLU C 218 17.92 -44.31 -2.83
CA GLU C 218 17.36 -45.40 -3.61
C GLU C 218 18.00 -45.49 -5.01
N ASP C 219 18.27 -44.36 -5.65
CA ASP C 219 18.82 -44.40 -7.00
C ASP C 219 20.27 -44.90 -7.04
N ASP C 220 20.99 -44.79 -5.92
CA ASP C 220 22.38 -45.20 -5.83
C ASP C 220 22.52 -46.59 -5.21
N TYR C 221 21.40 -47.19 -4.81
CA TYR C 221 21.45 -48.46 -4.11
C TYR C 221 22.08 -49.55 -5.00
N TYR C 222 21.64 -49.60 -6.25
CA TYR C 222 22.15 -50.54 -7.24
C TYR C 222 23.68 -50.50 -7.24
N ALA C 223 24.23 -49.32 -7.50
CA ALA C 223 25.67 -49.19 -7.60
C ALA C 223 26.34 -49.56 -6.28
N ALA C 224 25.79 -49.05 -5.18
CA ALA C 224 26.36 -49.26 -3.86
C ALA C 224 26.33 -50.72 -3.44
N ALA C 225 25.24 -51.42 -3.75
CA ALA C 225 25.12 -52.81 -3.39
C ALA C 225 26.13 -53.65 -4.16
N ARG C 226 26.45 -53.25 -5.39
CA ARG C 226 27.45 -54.00 -6.17
C ARG C 226 28.85 -53.71 -5.66
N ILE C 227 29.10 -52.50 -5.15
CA ILE C 227 30.37 -52.17 -4.55
C ILE C 227 30.62 -53.07 -3.33
N ASN C 228 29.63 -53.16 -2.43
CA ASN C 228 29.79 -53.93 -1.22
C ASN C 228 28.47 -54.62 -0.85
N PRO C 229 28.21 -55.79 -1.46
CA PRO C 229 26.95 -56.51 -1.21
C PRO C 229 26.75 -57.03 0.22
N GLU C 230 27.85 -57.19 0.96
CA GLU C 230 27.76 -57.64 2.34
C GLU C 230 27.22 -56.53 3.23
N ARG C 231 27.70 -55.29 3.03
CA ARG C 231 27.37 -54.17 3.92
C ARG C 231 26.15 -53.37 3.46
N ILE C 232 25.95 -53.26 2.14
CA ILE C 232 24.94 -52.37 1.62
C ILE C 232 23.72 -53.25 1.31
N THR C 233 22.90 -53.42 2.33
CA THR C 233 21.67 -54.20 2.27
C THR C 233 20.42 -53.33 2.42
N ALA C 234 20.60 -52.00 2.60
CA ALA C 234 19.50 -51.10 2.90
C ALA C 234 19.67 -49.79 2.14
N PHE C 235 18.54 -49.09 1.90
CA PHE C 235 18.60 -47.78 1.26
C PHE C 235 17.45 -46.95 1.83
N TRP C 236 17.53 -45.63 1.65
CA TRP C 236 16.44 -44.73 1.96
C TRP C 236 15.72 -44.29 0.67
N SER C 237 14.42 -44.01 0.81
CA SER C 237 13.54 -43.75 -0.31
C SER C 237 12.59 -42.60 0.04
N SER C 238 12.53 -41.61 -0.84
CA SER C 238 11.43 -40.65 -0.81
C SER C 238 10.51 -40.92 -1.99
N GLY C 239 11.03 -41.60 -3.00
CA GLY C 239 10.22 -42.03 -4.14
C GLY C 239 9.06 -42.93 -3.76
N ALA C 240 9.20 -43.68 -2.63
CA ALA C 240 8.15 -44.55 -2.11
C ALA C 240 6.90 -43.78 -1.73
N MET C 241 7.05 -42.49 -1.44
CA MET C 241 5.91 -41.63 -1.10
C MET C 241 5.04 -41.39 -2.33
N CYS C 242 5.50 -41.85 -3.52
CA CYS C 242 4.73 -41.78 -4.75
C CYS C 242 4.13 -43.13 -5.15
N GLY C 243 4.24 -44.13 -4.25
CA GLY C 243 3.93 -45.50 -4.58
C GLY C 243 5.12 -46.40 -4.28
N PRO C 244 5.08 -47.20 -3.19
CA PRO C 244 6.26 -47.93 -2.74
C PRO C 244 6.63 -49.20 -3.50
N ALA C 245 5.84 -49.57 -4.52
CA ALA C 245 6.08 -50.84 -5.17
C ALA C 245 7.47 -50.88 -5.81
N THR C 246 7.92 -49.74 -6.36
CA THR C 246 9.19 -49.67 -7.04
C THR C 246 10.33 -49.98 -6.08
N ALA C 247 10.31 -49.37 -4.87
CA ALA C 247 11.32 -49.61 -3.84
C ALA C 247 11.34 -51.06 -3.37
N ILE C 248 10.15 -51.63 -3.21
CA ILE C 248 10.02 -53.01 -2.78
C ILE C 248 10.63 -53.92 -3.85
N MET C 249 10.31 -53.67 -5.11
CA MET C 249 10.81 -54.53 -6.18
C MET C 249 12.34 -54.41 -6.29
N LEU C 250 12.85 -53.18 -6.17
CA LEU C 250 14.29 -52.97 -6.17
C LEU C 250 14.93 -53.78 -5.03
N ARG C 251 14.37 -53.67 -3.83
CA ARG C 251 14.90 -54.43 -2.71
C ARG C 251 14.97 -55.92 -3.04
N ASP C 252 13.84 -56.48 -3.48
CA ASP C 252 13.70 -57.91 -3.73
C ASP C 252 14.66 -58.33 -4.84
N GLU C 253 14.79 -57.49 -5.89
CA GLU C 253 15.55 -57.90 -7.05
CA GLU C 253 15.55 -57.90 -7.05
C GLU C 253 17.05 -57.87 -6.73
N VAL C 254 17.47 -56.95 -5.86
CA VAL C 254 18.87 -56.90 -5.46
C VAL C 254 19.22 -58.10 -4.56
N VAL C 255 18.30 -58.50 -3.67
CA VAL C 255 18.52 -59.72 -2.91
C VAL C 255 18.75 -60.90 -3.87
N ARG C 256 17.92 -61.04 -4.90
CA ARG C 256 18.09 -62.13 -5.86
C ARG C 256 19.40 -61.98 -6.67
N ALA C 257 19.74 -60.76 -7.09
CA ALA C 257 20.99 -60.51 -7.82
C ALA C 257 22.22 -60.94 -7.02
N LYS C 258 22.24 -60.65 -5.71
CA LYS C 258 23.38 -60.97 -4.89
C LYS C 258 23.60 -62.48 -4.85
N SER C 259 22.49 -63.22 -4.94
CA SER C 259 22.49 -64.67 -4.84
C SER C 259 22.87 -65.29 -6.18
N THR C 260 22.32 -64.75 -7.28
CA THR C 260 22.47 -65.41 -8.57
C THR C 260 23.67 -64.86 -9.30
N GLY C 261 23.99 -63.57 -9.10
CA GLY C 261 24.97 -62.86 -9.90
C GLY C 261 24.37 -62.22 -11.15
N ASP C 262 23.06 -62.33 -11.34
CA ASP C 262 22.42 -61.70 -12.48
C ASP C 262 21.74 -60.39 -12.03
N TRP C 263 22.35 -59.26 -12.43
CA TRP C 263 22.01 -57.92 -11.96
C TRP C 263 21.14 -57.18 -12.98
N ALA C 264 20.74 -57.81 -14.09
CA ALA C 264 20.08 -57.05 -15.16
C ALA C 264 18.74 -56.46 -14.72
N LYS C 265 17.94 -57.23 -13.96
CA LYS C 265 16.62 -56.79 -13.58
C LYS C 265 16.74 -55.65 -12.57
N ALA C 266 17.68 -55.79 -11.64
CA ALA C 266 17.95 -54.76 -10.65
C ALA C 266 18.40 -53.48 -11.36
N LYS C 267 19.30 -53.65 -12.35
CA LYS C 267 19.80 -52.52 -13.12
C LYS C 267 18.66 -51.79 -13.82
N ALA C 268 17.69 -52.55 -14.36
CA ALA C 268 16.61 -51.92 -15.13
C ALA C 268 15.68 -51.12 -14.22
N ILE C 269 15.42 -51.63 -13.01
CA ILE C 269 14.58 -50.89 -12.09
C ILE C 269 15.31 -49.61 -11.71
N SER C 270 16.59 -49.71 -11.38
CA SER C 270 17.38 -48.56 -10.98
C SER C 270 17.38 -47.48 -12.07
N ASP C 271 17.57 -47.90 -13.32
CA ASP C 271 17.57 -46.97 -14.44
C ASP C 271 16.22 -46.28 -14.58
N ASP C 272 15.12 -47.01 -14.36
CA ASP C 272 13.78 -46.42 -14.33
C ASP C 272 13.66 -45.35 -13.24
N MET C 273 14.25 -45.64 -12.08
CA MET C 273 14.18 -44.70 -10.95
C MET C 273 14.90 -43.40 -11.29
N ARG C 274 16.09 -43.52 -11.86
CA ARG C 274 16.86 -42.33 -12.19
C ARG C 274 16.11 -41.49 -13.22
N ALA C 275 15.50 -42.17 -14.21
CA ALA C 275 14.71 -41.47 -15.22
C ALA C 275 13.55 -40.74 -14.55
N ALA C 276 12.87 -41.39 -13.59
CA ALA C 276 11.76 -40.74 -12.89
C ALA C 276 12.22 -39.49 -12.12
N ASP C 277 13.46 -39.53 -11.62
CA ASP C 277 14.08 -38.42 -10.90
C ASP C 277 14.66 -37.34 -11.82
N SER C 278 14.70 -37.57 -13.14
CA SER C 278 15.49 -36.71 -14.01
C SER C 278 15.00 -35.25 -14.06
N THR C 279 13.75 -34.95 -13.66
CA THR C 279 13.23 -33.60 -13.73
C THR C 279 13.03 -32.97 -12.36
N LEU C 280 13.49 -33.64 -11.29
CA LEU C 280 13.21 -33.19 -9.93
C LEU C 280 14.06 -31.98 -9.54
N PHE C 281 15.37 -32.04 -9.83
CA PHE C 281 16.29 -30.97 -9.42
C PHE C 281 16.21 -29.81 -10.41
N PRO C 282 15.91 -28.56 -9.99
CA PRO C 282 15.97 -27.39 -10.87
C PRO C 282 17.34 -27.30 -11.53
N ARG C 283 17.36 -27.20 -12.85
CA ARG C 283 18.58 -27.15 -13.66
C ARG C 283 19.52 -28.32 -13.39
N GLY C 284 19.03 -29.46 -12.90
CA GLY C 284 19.89 -30.57 -12.55
C GLY C 284 20.82 -30.33 -11.34
N ASP C 285 20.57 -29.28 -10.56
CA ASP C 285 21.48 -28.78 -9.53
C ASP C 285 20.97 -29.09 -8.13
N PHE C 286 21.80 -29.78 -7.31
CA PHE C 286 21.41 -30.19 -5.97
C PHE C 286 21.23 -28.96 -5.10
N SER C 287 22.06 -27.92 -5.33
CA SER C 287 22.07 -26.73 -4.49
C SER C 287 20.79 -25.93 -4.72
N GLU C 288 20.33 -25.83 -5.97
CA GLU C 288 19.06 -25.20 -6.27
C GLU C 288 17.85 -26.02 -5.76
N PHE C 289 17.86 -27.33 -5.95
CA PHE C 289 16.88 -28.21 -5.32
C PHE C 289 16.80 -27.97 -3.81
N SER C 290 17.95 -27.77 -3.19
CA SER C 290 18.05 -27.62 -1.74
C SER C 290 17.33 -26.37 -1.24
N LYS C 291 17.27 -25.30 -2.04
CA LYS C 291 16.50 -24.12 -1.69
C LYS C 291 15.00 -24.42 -1.62
N TYR C 292 14.55 -25.46 -2.32
CA TYR C 292 13.12 -25.72 -2.47
C TYR C 292 12.82 -27.19 -2.13
N ASN C 293 13.65 -27.78 -1.27
CA ASN C 293 13.61 -29.21 -0.96
C ASN C 293 12.22 -29.59 -0.45
N ILE C 294 11.68 -28.75 0.43
CA ILE C 294 10.38 -29.04 1.01
C ILE C 294 9.28 -28.96 -0.06
N GLY C 295 9.18 -27.81 -0.74
CA GLY C 295 8.09 -27.59 -1.67
C GLY C 295 8.12 -28.53 -2.87
N LEU C 296 9.31 -28.92 -3.31
CA LEU C 296 9.42 -29.82 -4.46
C LEU C 296 9.08 -31.25 -4.08
N GLU C 297 9.57 -31.73 -2.94
CA GLU C 297 9.21 -33.09 -2.55
C GLU C 297 7.69 -33.19 -2.36
N LYS C 298 7.12 -32.18 -1.69
CA LYS C 298 5.73 -32.25 -1.31
C LYS C 298 4.84 -32.13 -2.54
N ALA C 299 5.23 -31.27 -3.50
CA ALA C 299 4.52 -31.15 -4.77
C ALA C 299 4.59 -32.45 -5.58
N ARG C 300 5.74 -33.11 -5.57
CA ARG C 300 5.88 -34.37 -6.28
C ARG C 300 4.90 -35.41 -5.70
N MET C 301 4.87 -35.48 -4.38
CA MET C 301 4.02 -36.46 -3.71
C MET C 301 2.55 -36.14 -4.00
N ASP C 302 2.20 -34.85 -3.97
CA ASP C 302 0.85 -34.41 -4.24
C ASP C 302 0.46 -34.82 -5.67
N ALA C 303 1.37 -34.64 -6.63
CA ALA C 303 1.10 -34.99 -8.02
C ALA C 303 0.95 -36.50 -8.24
N ALA C 304 1.72 -37.32 -7.52
CA ALA C 304 1.69 -38.76 -7.67
C ALA C 304 0.37 -39.36 -7.19
N GLY C 305 -0.23 -38.73 -6.18
CA GLY C 305 -1.57 -39.11 -5.74
C GLY C 305 -1.63 -40.35 -4.83
N TRP C 306 -0.48 -40.86 -4.32
CA TRP C 306 -0.47 -41.98 -3.39
C TRP C 306 -0.76 -41.50 -1.96
N LEU C 307 -0.30 -40.29 -1.63
CA LEU C 307 -0.60 -39.63 -0.37
C LEU C 307 -0.81 -38.14 -0.60
N LYS C 308 -1.38 -37.47 0.42
CA LYS C 308 -1.61 -36.04 0.37
C LYS C 308 -0.62 -35.36 1.31
N ALA C 309 0.47 -34.82 0.76
CA ALA C 309 1.50 -34.24 1.62
C ALA C 309 1.02 -32.88 2.12
N GLY C 310 0.39 -32.13 1.21
CA GLY C 310 -0.29 -30.91 1.59
C GLY C 310 0.63 -29.67 1.57
N PRO C 311 0.11 -28.47 1.85
CA PRO C 311 0.93 -27.25 1.77
C PRO C 311 2.12 -27.22 2.74
N CYS C 312 3.10 -26.38 2.37
CA CYS C 312 4.30 -26.19 3.15
C CYS C 312 4.14 -25.16 4.25
N ARG C 313 4.68 -25.46 5.42
CA ARG C 313 4.60 -24.53 6.53
C ARG C 313 5.58 -23.40 6.29
N PRO C 314 5.25 -22.19 6.80
CA PRO C 314 6.06 -20.99 6.57
C PRO C 314 7.40 -21.14 7.28
N PRO C 315 8.50 -20.66 6.67
CA PRO C 315 8.43 -19.75 5.53
C PRO C 315 8.52 -20.34 4.13
N TYR C 316 8.72 -21.64 4.02
CA TYR C 316 9.14 -22.28 2.77
C TYR C 316 7.92 -22.68 1.94
N ASN C 317 7.08 -21.70 1.64
CA ASN C 317 5.80 -21.93 1.01
C ASN C 317 5.75 -21.31 -0.39
N LEU C 318 6.90 -20.89 -0.93
CA LEU C 318 6.98 -20.30 -2.27
C LEU C 318 7.98 -21.07 -3.13
N VAL C 319 7.52 -21.65 -4.25
CA VAL C 319 8.40 -22.32 -5.20
C VAL C 319 8.13 -21.80 -6.61
N PRO C 320 9.16 -21.43 -7.39
CA PRO C 320 8.94 -21.02 -8.78
C PRO C 320 8.17 -22.08 -9.58
N GLU C 321 7.24 -21.62 -10.42
CA GLU C 321 6.36 -22.47 -11.21
C GLU C 321 7.12 -23.52 -12.05
N ASP C 322 8.18 -23.13 -12.74
CA ASP C 322 8.92 -24.04 -13.60
CA ASP C 322 8.87 -24.07 -13.61
C ASP C 322 9.49 -25.19 -12.76
N TYR C 323 9.92 -24.86 -11.55
CA TYR C 323 10.52 -25.89 -10.74
C TYR C 323 9.44 -26.85 -10.25
N LEU C 324 8.29 -26.31 -9.82
CA LEU C 324 7.17 -27.15 -9.40
C LEU C 324 6.80 -28.15 -10.49
N ALA C 325 6.81 -27.69 -11.73
CA ALA C 325 6.40 -28.51 -12.86
C ALA C 325 7.33 -29.72 -13.04
N GLY C 326 8.64 -29.49 -12.86
CA GLY C 326 9.57 -30.61 -12.90
C GLY C 326 9.25 -31.63 -11.80
N ALA C 327 8.91 -31.12 -10.61
CA ALA C 327 8.58 -31.96 -9.47
C ALA C 327 7.33 -32.80 -9.73
N GLN C 328 6.32 -32.18 -10.32
CA GLN C 328 5.06 -32.84 -10.66
C GLN C 328 5.26 -33.93 -11.71
N LYS C 329 6.07 -33.62 -12.73
CA LYS C 329 6.39 -34.60 -13.76
C LYS C 329 7.10 -35.82 -13.13
N SER C 330 8.00 -35.57 -12.17
CA SER C 330 8.69 -36.64 -11.47
C SER C 330 7.66 -37.46 -10.68
N GLY C 331 6.71 -36.80 -10.03
CA GLY C 331 5.71 -37.52 -9.26
C GLY C 331 4.87 -38.45 -10.13
N LYS C 332 4.49 -37.95 -11.33
CA LYS C 332 3.73 -38.74 -12.29
C LYS C 332 4.57 -39.92 -12.74
N ALA C 333 5.87 -39.71 -12.93
CA ALA C 333 6.72 -40.79 -13.43
C ALA C 333 6.86 -41.86 -12.34
N TRP C 334 7.00 -41.45 -11.05
CA TRP C 334 7.07 -42.42 -9.98
C TRP C 334 5.72 -43.15 -9.78
N ALA C 335 4.61 -42.47 -10.03
CA ALA C 335 3.31 -43.12 -9.91
C ALA C 335 3.23 -44.20 -10.99
N ALA C 336 3.71 -43.89 -12.19
CA ALA C 336 3.74 -44.85 -13.28
C ALA C 336 4.60 -46.08 -12.95
N LEU C 337 5.78 -45.85 -12.30
CA LEU C 337 6.59 -46.97 -11.87
C LEU C 337 5.86 -47.83 -10.84
N HIS C 338 5.20 -47.21 -9.84
CA HIS C 338 4.43 -47.95 -8.86
C HIS C 338 3.40 -48.88 -9.52
N ALA C 339 2.67 -48.36 -10.50
CA ALA C 339 1.66 -49.14 -11.21
C ALA C 339 2.31 -50.33 -11.94
N LYS C 340 3.48 -50.08 -12.56
CA LYS C 340 4.17 -51.13 -13.29
C LYS C 340 4.67 -52.22 -12.33
N TYR C 341 5.33 -51.82 -11.24
CA TYR C 341 5.96 -52.77 -10.35
C TYR C 341 4.91 -53.43 -9.44
N SER C 342 3.77 -52.76 -9.19
CA SER C 342 2.70 -53.36 -8.41
C SER C 342 2.23 -54.63 -9.12
N ASN C 343 2.20 -54.56 -10.45
CA ASN C 343 1.76 -55.67 -11.29
C ASN C 343 2.83 -56.76 -11.30
N GLU C 344 4.11 -56.38 -11.32
CA GLU C 344 5.17 -57.39 -11.29
C GLU C 344 5.25 -58.09 -9.93
N LEU C 345 4.78 -57.44 -8.85
CA LEU C 345 4.80 -58.07 -7.53
C LEU C 345 3.63 -59.04 -7.41
N LYS C 346 2.68 -58.95 -8.34
CA LYS C 346 1.54 -59.85 -8.49
C LYS C 346 0.27 -59.13 -7.99
N SER D 21 44.99 -46.47 -37.57
CA SER D 21 43.67 -45.89 -37.39
C SER D 21 43.52 -45.30 -35.97
N ARG D 22 42.59 -44.37 -35.81
CA ARG D 22 42.44 -43.62 -34.59
C ARG D 22 42.01 -44.59 -33.49
N LEU D 23 42.63 -44.44 -32.31
CA LEU D 23 42.28 -45.20 -31.11
C LEU D 23 40.76 -45.19 -30.88
N THR D 24 40.21 -46.34 -30.46
CA THR D 24 38.82 -46.43 -30.07
C THR D 24 38.73 -46.66 -28.57
N ALA D 25 37.54 -46.43 -28.00
CA ALA D 25 37.32 -46.69 -26.58
C ALA D 25 37.53 -48.16 -26.28
N GLU D 26 37.11 -49.02 -27.21
CA GLU D 26 37.25 -50.46 -27.04
C GLU D 26 38.70 -50.85 -26.80
N ASP D 27 39.64 -50.09 -27.36
CA ASP D 27 41.05 -50.42 -27.23
C ASP D 27 41.67 -49.90 -25.94
N ILE D 28 40.94 -49.14 -25.14
CA ILE D 28 41.46 -48.57 -23.91
CA ILE D 28 41.49 -48.59 -23.92
C ILE D 28 41.16 -49.55 -22.78
N ASN D 29 42.18 -50.17 -22.22
CA ASN D 29 42.00 -51.16 -21.16
C ASN D 29 43.18 -51.04 -20.22
N GLY D 30 42.98 -51.44 -18.97
CA GLY D 30 44.09 -51.63 -18.08
C GLY D 30 44.59 -50.33 -17.45
N ALA D 31 45.90 -50.28 -17.21
CA ALA D 31 46.49 -49.23 -16.40
C ALA D 31 47.03 -48.15 -17.31
N TRP D 32 46.45 -46.96 -17.18
CA TRP D 32 46.86 -45.80 -17.96
C TRP D 32 47.56 -44.81 -17.05
N THR D 33 48.89 -44.66 -17.22
CA THR D 33 49.72 -43.93 -16.24
C THR D 33 49.99 -42.51 -16.74
N ILE D 34 49.77 -41.52 -15.88
CA ILE D 34 49.99 -40.11 -16.23
C ILE D 34 51.39 -39.74 -15.78
N MET D 35 52.25 -39.35 -16.75
CA MET D 35 53.64 -39.08 -16.44
C MET D 35 53.83 -37.58 -16.27
N PRO D 36 54.78 -37.14 -15.39
CA PRO D 36 55.12 -35.73 -15.27
C PRO D 36 55.96 -35.35 -16.49
N THR D 37 56.32 -34.07 -16.49
CA THR D 37 57.27 -33.55 -17.45
C THR D 37 58.54 -33.24 -16.65
N PRO D 38 59.55 -34.12 -16.68
CA PRO D 38 60.74 -33.98 -15.85
C PRO D 38 61.49 -32.67 -16.08
N SER D 39 61.93 -32.08 -14.98
CA SER D 39 62.56 -30.77 -14.99
C SER D 39 64.05 -30.91 -14.80
N THR D 40 64.79 -29.99 -15.43
CA THR D 40 66.19 -29.70 -15.09
C THR D 40 66.27 -28.93 -13.77
N PRO D 41 67.46 -28.88 -13.13
CA PRO D 41 67.60 -28.22 -11.81
C PRO D 41 67.22 -26.74 -11.76
N ASP D 42 67.33 -26.03 -12.89
CA ASP D 42 67.04 -24.61 -12.89
C ASP D 42 65.58 -24.32 -13.25
N ALA D 43 64.69 -25.31 -13.26
CA ALA D 43 63.38 -25.11 -13.91
C ALA D 43 62.44 -24.12 -13.20
N SER D 44 62.70 -23.83 -11.92
CA SER D 44 61.86 -22.92 -11.15
C SER D 44 62.11 -21.46 -11.52
N ASP D 45 63.22 -21.18 -12.21
CA ASP D 45 63.66 -19.82 -12.48
C ASP D 45 63.05 -19.37 -13.81
N TRP D 46 62.39 -18.19 -13.80
CA TRP D 46 61.73 -17.66 -14.99
C TRP D 46 62.73 -17.39 -16.11
N ARG D 47 64.00 -17.21 -15.75
CA ARG D 47 65.04 -16.95 -16.75
C ARG D 47 65.43 -18.21 -17.51
N SER D 48 65.03 -19.40 -17.04
CA SER D 48 65.49 -20.63 -17.67
C SER D 48 64.68 -20.90 -18.94
N THR D 49 65.36 -21.43 -19.95
CA THR D 49 64.73 -22.00 -21.13
C THR D 49 65.17 -23.49 -21.23
N ALA D 50 64.51 -24.30 -22.04
CA ALA D 50 64.88 -25.71 -22.16
C ALA D 50 65.02 -26.39 -20.79
N THR D 51 63.91 -26.39 -20.04
CA THR D 51 63.84 -26.96 -18.70
C THR D 51 63.39 -28.42 -18.71
N VAL D 52 63.24 -29.07 -19.86
CA VAL D 52 62.78 -30.45 -19.89
C VAL D 52 64.01 -31.35 -19.87
N ASP D 53 64.05 -32.26 -18.92
CA ASP D 53 65.08 -33.31 -18.94
C ASP D 53 64.62 -34.42 -19.88
N LEU D 54 65.07 -34.35 -21.11
CA LEU D 54 64.58 -35.22 -22.16
C LEU D 54 65.08 -36.65 -21.97
N GLU D 55 66.26 -36.84 -21.38
CA GLU D 55 66.74 -38.20 -21.18
C GLU D 55 65.93 -38.86 -20.05
N GLU D 56 65.65 -38.12 -18.97
CA GLU D 56 64.82 -38.68 -17.92
C GLU D 56 63.43 -38.98 -18.49
N THR D 57 62.93 -38.14 -19.40
CA THR D 57 61.67 -38.39 -20.11
C THR D 57 61.70 -39.78 -20.78
N ALA D 58 62.76 -40.05 -21.56
CA ALA D 58 62.86 -41.30 -22.30
C ALA D 58 62.93 -42.48 -21.36
N ARG D 59 63.68 -42.29 -20.28
CA ARG D 59 63.89 -43.37 -19.34
C ARG D 59 62.59 -43.75 -18.65
N ILE D 60 61.76 -42.74 -18.34
CA ILE D 60 60.46 -43.01 -17.71
C ILE D 60 59.56 -43.80 -18.67
N VAL D 61 59.51 -43.36 -19.92
CA VAL D 61 58.70 -44.01 -20.91
C VAL D 61 59.11 -45.48 -20.96
N GLU D 62 60.42 -45.73 -21.06
CA GLU D 62 60.86 -47.12 -21.28
C GLU D 62 60.50 -47.96 -20.06
N GLU D 63 60.66 -47.39 -18.87
CA GLU D 63 60.35 -48.08 -17.63
C GLU D 63 58.86 -48.42 -17.54
N LEU D 64 58.00 -47.48 -17.93
CA LEU D 64 56.55 -47.69 -17.94
C LEU D 64 56.16 -48.82 -18.91
N ILE D 65 56.68 -48.77 -20.13
CA ILE D 65 56.43 -49.84 -21.06
C ILE D 65 56.91 -51.17 -20.48
N ALA D 66 58.14 -51.20 -19.94
CA ALA D 66 58.69 -52.45 -19.39
C ALA D 66 57.84 -53.00 -18.25
N ALA D 67 57.23 -52.10 -17.44
CA ALA D 67 56.34 -52.54 -16.36
C ALA D 67 55.04 -53.16 -16.87
N GLY D 68 54.68 -52.95 -18.14
CA GLY D 68 53.44 -53.51 -18.68
C GLY D 68 52.25 -52.53 -18.73
N VAL D 69 52.52 -51.21 -18.65
CA VAL D 69 51.43 -50.22 -18.68
CA VAL D 69 51.46 -50.20 -18.70
C VAL D 69 50.75 -50.31 -20.05
N ASN D 70 49.44 -50.06 -20.03
CA ASN D 70 48.64 -50.17 -21.22
C ASN D 70 48.75 -48.93 -22.10
N GLY D 71 48.93 -47.76 -21.48
CA GLY D 71 48.86 -46.50 -22.18
C GLY D 71 49.46 -45.40 -21.34
N ILE D 72 49.91 -44.34 -21.99
CA ILE D 72 50.55 -43.23 -21.30
C ILE D 72 49.81 -41.93 -21.58
N LEU D 73 49.47 -41.23 -20.50
CA LEU D 73 48.92 -39.90 -20.53
C LEU D 73 49.96 -38.91 -20.02
N SER D 74 49.79 -37.63 -20.35
CA SER D 74 50.71 -36.60 -19.96
C SER D 74 50.07 -35.22 -20.12
N MET D 75 50.77 -34.22 -19.59
CA MET D 75 50.49 -32.82 -19.86
C MET D 75 49.10 -32.44 -19.37
N GLY D 76 48.74 -32.98 -18.21
CA GLY D 76 47.63 -32.45 -17.41
C GLY D 76 48.12 -31.35 -16.47
N THR D 77 47.50 -31.26 -15.29
CA THR D 77 47.85 -30.23 -14.33
C THR D 77 49.28 -30.44 -13.82
N PHE D 78 49.55 -31.59 -13.19
CA PHE D 78 50.86 -31.79 -12.58
C PHE D 78 51.91 -32.05 -13.65
N GLY D 79 51.50 -32.36 -14.88
CA GLY D 79 52.39 -32.45 -16.02
C GLY D 79 52.78 -31.09 -16.61
N GLU D 80 52.28 -29.98 -16.03
CA GLU D 80 52.77 -28.64 -16.32
C GLU D 80 52.46 -28.18 -17.73
N CYS D 81 51.34 -28.67 -18.28
CA CYS D 81 50.82 -28.11 -19.52
C CYS D 81 50.69 -26.58 -19.40
N ALA D 82 50.41 -26.07 -18.18
CA ALA D 82 50.19 -24.65 -18.01
C ALA D 82 51.49 -23.85 -18.09
N THR D 83 52.63 -24.47 -17.70
CA THR D 83 53.85 -23.70 -17.42
C THR D 83 55.02 -24.03 -18.34
N LEU D 84 54.87 -24.99 -19.25
CA LEU D 84 55.92 -25.28 -20.24
C LEU D 84 55.82 -24.26 -21.36
N THR D 85 56.95 -23.94 -22.00
CA THR D 85 56.92 -23.19 -23.24
C THR D 85 56.59 -24.14 -24.39
N TRP D 86 56.27 -23.53 -25.53
CA TRP D 86 55.89 -24.33 -26.68
C TRP D 86 57.07 -25.17 -27.17
N ASP D 87 58.27 -24.62 -27.18
CA ASP D 87 59.43 -25.39 -27.63
C ASP D 87 59.67 -26.61 -26.72
N GLU D 88 59.51 -26.42 -25.39
CA GLU D 88 59.63 -27.49 -24.40
C GLU D 88 58.63 -28.61 -24.71
N LYS D 89 57.38 -28.26 -24.99
CA LYS D 89 56.35 -29.25 -25.24
C LYS D 89 56.68 -30.07 -26.48
N ARG D 90 57.13 -29.38 -27.55
CA ARG D 90 57.49 -30.05 -28.79
C ARG D 90 58.62 -31.03 -28.57
N ASP D 91 59.63 -30.64 -27.80
CA ASP D 91 60.78 -31.50 -27.52
C ASP D 91 60.35 -32.71 -26.69
N TYR D 92 59.49 -32.48 -25.69
CA TYR D 92 59.02 -33.52 -24.81
C TYR D 92 58.24 -34.58 -25.59
N VAL D 93 57.24 -34.12 -26.36
CA VAL D 93 56.42 -35.01 -27.12
C VAL D 93 57.27 -35.77 -28.15
N SER D 94 58.21 -35.08 -28.82
CA SER D 94 59.11 -35.72 -29.77
C SER D 94 59.91 -36.84 -29.12
N THR D 95 60.47 -36.58 -27.94
CA THR D 95 61.23 -37.60 -27.20
C THR D 95 60.34 -38.78 -26.86
N ILE D 96 59.13 -38.51 -26.35
CA ILE D 96 58.23 -39.60 -25.97
C ILE D 96 57.89 -40.45 -27.18
N VAL D 97 57.52 -39.82 -28.30
CA VAL D 97 57.11 -40.55 -29.50
C VAL D 97 58.25 -41.43 -30.04
N GLU D 98 59.45 -40.88 -30.13
CA GLU D 98 60.62 -41.61 -30.60
C GLU D 98 60.89 -42.81 -29.71
N THR D 99 60.68 -42.63 -28.38
CA THR D 99 60.95 -43.69 -27.42
C THR D 99 59.89 -44.79 -27.53
N ILE D 100 58.60 -44.44 -27.54
CA ILE D 100 57.53 -45.43 -27.58
C ILE D 100 57.56 -46.27 -28.86
N ARG D 101 57.87 -45.62 -29.99
CA ARG D 101 57.95 -46.27 -31.28
CA ARG D 101 57.95 -46.27 -31.30
C ARG D 101 56.71 -47.13 -31.51
N GLY D 102 55.53 -46.58 -31.17
CA GLY D 102 54.23 -47.15 -31.54
C GLY D 102 53.79 -48.36 -30.70
N ARG D 103 54.47 -48.66 -29.60
CA ARG D 103 54.20 -49.86 -28.83
C ARG D 103 53.01 -49.74 -27.87
N VAL D 104 52.77 -48.54 -27.31
CA VAL D 104 51.61 -48.27 -26.48
C VAL D 104 51.00 -46.95 -26.96
N PRO D 105 49.69 -46.70 -26.77
CA PRO D 105 49.13 -45.40 -27.14
C PRO D 105 49.61 -44.34 -26.17
N TYR D 106 49.64 -43.10 -26.67
CA TYR D 106 50.20 -41.95 -25.97
C TYR D 106 49.30 -40.74 -26.20
N PHE D 107 48.92 -40.08 -25.11
CA PHE D 107 48.15 -38.84 -25.18
C PHE D 107 49.04 -37.71 -24.66
N CYS D 108 49.18 -36.68 -25.49
CA CYS D 108 49.73 -35.40 -25.07
C CYS D 108 48.61 -34.63 -24.38
N GLY D 109 48.85 -33.36 -24.08
CA GLY D 109 47.85 -32.48 -23.46
C GLY D 109 47.93 -31.10 -24.12
N THR D 110 46.79 -30.51 -24.51
CA THR D 110 46.81 -29.27 -25.27
C THR D 110 45.76 -28.28 -24.74
N THR D 111 45.40 -28.38 -23.46
CA THR D 111 44.49 -27.40 -22.89
C THR D 111 45.15 -26.03 -22.99
N ALA D 112 44.41 -25.01 -23.44
CA ALA D 112 44.95 -23.66 -23.57
C ALA D 112 43.79 -22.69 -23.35
N LEU D 113 44.05 -21.40 -23.50
CA LEU D 113 43.10 -20.36 -23.16
C LEU D 113 42.02 -20.18 -24.22
N ASN D 114 42.20 -20.75 -25.43
CA ASN D 114 41.20 -20.59 -26.45
C ASN D 114 41.25 -21.72 -27.48
N THR D 115 40.15 -21.82 -28.27
CA THR D 115 39.90 -22.93 -29.16
C THR D 115 40.96 -22.95 -30.24
N ARG D 116 41.38 -21.77 -30.73
CA ARG D 116 42.29 -21.73 -31.86
C ARG D 116 43.69 -22.20 -31.43
N GLU D 117 44.13 -21.81 -30.23
CA GLU D 117 45.41 -22.28 -29.71
C GLU D 117 45.37 -23.80 -29.44
N VAL D 118 44.27 -24.29 -28.89
CA VAL D 118 44.15 -25.71 -28.66
C VAL D 118 44.31 -26.45 -29.99
N ILE D 119 43.59 -25.96 -31.02
CA ILE D 119 43.63 -26.61 -32.34
C ILE D 119 45.06 -26.60 -32.87
N ARG D 120 45.72 -25.45 -32.78
CA ARG D 120 47.08 -25.30 -33.27
C ARG D 120 48.02 -26.32 -32.62
N GLN D 121 47.99 -26.35 -31.29
CA GLN D 121 48.84 -27.26 -30.54
C GLN D 121 48.52 -28.71 -30.84
N THR D 122 47.22 -29.07 -30.89
CA THR D 122 46.81 -30.44 -31.08
C THR D 122 47.29 -30.96 -32.44
N ARG D 123 47.12 -30.15 -33.49
CA ARG D 123 47.57 -30.52 -34.82
C ARG D 123 49.06 -30.82 -34.83
N GLU D 124 49.87 -29.94 -34.21
CA GLU D 124 51.32 -30.14 -34.19
C GLU D 124 51.72 -31.41 -33.43
N LEU D 125 51.12 -31.63 -32.24
CA LEU D 125 51.61 -32.68 -31.37
C LEU D 125 51.13 -34.02 -31.91
N ILE D 126 49.94 -34.05 -32.50
CA ILE D 126 49.49 -35.26 -33.18
C ILE D 126 50.42 -35.52 -34.36
N ASP D 127 50.80 -34.47 -35.12
CA ASP D 127 51.67 -34.64 -36.29
C ASP D 127 53.04 -35.22 -35.90
N ILE D 128 53.57 -34.81 -34.76
CA ILE D 128 54.80 -35.39 -34.23
C ILE D 128 54.61 -36.88 -33.94
N GLY D 129 53.41 -37.26 -33.46
CA GLY D 129 53.03 -38.67 -33.40
C GLY D 129 52.31 -39.11 -32.13
N ALA D 130 51.82 -38.16 -31.31
CA ALA D 130 50.91 -38.56 -30.24
C ALA D 130 49.62 -39.12 -30.85
N ASN D 131 48.92 -39.97 -30.13
CA ASN D 131 47.69 -40.56 -30.63
C ASN D 131 46.44 -39.75 -30.28
N GLY D 132 46.55 -38.91 -29.26
CA GLY D 132 45.39 -38.18 -28.76
C GLY D 132 45.84 -37.09 -27.80
N THR D 133 44.86 -36.26 -27.39
CA THR D 133 45.11 -35.20 -26.44
C THR D 133 44.17 -35.34 -25.26
N MET D 134 44.78 -35.17 -24.10
CA MET D 134 44.11 -35.10 -22.84
C MET D 134 43.81 -33.63 -22.57
N LEU D 135 42.52 -33.30 -22.61
CA LEU D 135 42.07 -31.93 -22.85
C LEU D 135 40.96 -31.52 -21.87
N GLY D 136 41.28 -30.46 -21.11
CA GLY D 136 40.31 -29.75 -20.31
C GLY D 136 39.66 -28.65 -21.12
N VAL D 137 39.09 -27.64 -20.46
CA VAL D 137 38.49 -26.55 -21.22
C VAL D 137 39.18 -25.23 -20.85
N PRO D 138 39.23 -24.27 -21.81
CA PRO D 138 39.67 -22.91 -21.51
C PRO D 138 38.96 -22.39 -20.27
N MET D 139 39.74 -21.72 -19.40
CA MET D 139 39.23 -21.46 -18.05
C MET D 139 39.40 -20.02 -17.56
N TRP D 140 39.88 -19.07 -18.37
CA TRP D 140 39.83 -17.69 -17.94
C TRP D 140 38.40 -17.29 -17.64
N VAL D 141 37.50 -17.52 -18.59
CA VAL D 141 36.07 -17.39 -18.39
C VAL D 141 35.51 -18.79 -18.18
N LYS D 142 34.69 -18.90 -17.15
CA LYS D 142 34.05 -20.20 -16.82
C LYS D 142 33.04 -20.56 -17.90
N MET D 143 33.21 -21.77 -18.43
CA MET D 143 32.34 -22.19 -19.55
C MET D 143 31.00 -22.72 -19.04
N ASP D 144 29.97 -22.55 -19.86
CA ASP D 144 28.68 -23.20 -19.55
C ASP D 144 28.59 -24.47 -20.41
N LEU D 145 27.47 -25.18 -20.29
CA LEU D 145 27.32 -26.43 -21.00
C LEU D 145 27.45 -26.26 -22.50
N PRO D 146 26.65 -25.42 -23.19
CA PRO D 146 26.74 -25.33 -24.65
C PRO D 146 28.09 -24.88 -25.18
N THR D 147 28.76 -23.97 -24.47
CA THR D 147 30.12 -23.54 -24.77
C THR D 147 31.13 -24.68 -24.70
N ALA D 148 31.06 -25.49 -23.64
CA ALA D 148 31.97 -26.61 -23.49
C ALA D 148 31.70 -27.62 -24.60
N VAL D 149 30.44 -27.87 -24.90
CA VAL D 149 30.12 -28.91 -25.86
C VAL D 149 30.65 -28.51 -27.23
N GLN D 150 30.40 -27.25 -27.59
CA GLN D 150 30.86 -26.72 -28.87
C GLN D 150 32.39 -26.69 -28.94
N PHE D 151 33.06 -26.42 -27.82
CA PHE D 151 34.51 -26.43 -27.81
C PHE D 151 35.05 -27.79 -28.23
N TYR D 152 34.58 -28.88 -27.60
CA TYR D 152 35.08 -30.20 -27.95
C TYR D 152 34.67 -30.60 -29.36
N ARG D 153 33.46 -30.21 -29.80
CA ARG D 153 33.06 -30.46 -31.17
C ARG D 153 34.03 -29.78 -32.14
N ASP D 154 34.45 -28.56 -31.80
CA ASP D 154 35.28 -27.74 -32.67
C ASP D 154 36.66 -28.38 -32.83
N VAL D 155 37.24 -28.83 -31.73
CA VAL D 155 38.54 -29.44 -31.75
C VAL D 155 38.45 -30.73 -32.57
N ALA D 156 37.42 -31.55 -32.32
CA ALA D 156 37.25 -32.79 -33.06
C ALA D 156 37.06 -32.54 -34.55
N ASP D 157 36.23 -31.54 -34.92
CA ASP D 157 36.08 -31.14 -36.31
C ASP D 157 37.43 -30.72 -36.91
N ALA D 158 38.23 -29.99 -36.15
CA ALA D 158 39.45 -29.38 -36.67
C ALA D 158 40.57 -30.41 -36.80
N VAL D 159 40.59 -31.40 -35.92
CA VAL D 159 41.70 -32.34 -35.88
C VAL D 159 41.12 -33.74 -35.82
N PRO D 160 40.46 -34.20 -36.89
CA PRO D 160 39.66 -35.42 -36.80
C PRO D 160 40.46 -36.70 -36.54
N GLU D 161 41.77 -36.65 -36.75
CA GLU D 161 42.66 -37.78 -36.53
CA GLU D 161 42.63 -37.81 -36.53
C GLU D 161 42.99 -37.96 -35.05
N ALA D 162 42.80 -36.91 -34.23
CA ALA D 162 43.14 -36.98 -32.80
C ALA D 162 42.05 -37.69 -31.99
N ALA D 163 42.44 -38.66 -31.18
CA ALA D 163 41.58 -39.13 -30.10
C ALA D 163 41.61 -38.05 -29.00
N ILE D 164 40.51 -37.94 -28.26
CA ILE D 164 40.37 -36.99 -27.17
C ILE D 164 40.03 -37.73 -25.88
N ALA D 165 40.75 -37.34 -24.83
CA ALA D 165 40.45 -37.75 -23.48
C ALA D 165 40.00 -36.51 -22.72
N ILE D 166 38.73 -36.55 -22.29
CA ILE D 166 38.17 -35.44 -21.54
C ILE D 166 38.87 -35.38 -20.19
N TYR D 167 39.45 -34.21 -19.88
CA TYR D 167 40.09 -34.04 -18.59
C TYR D 167 39.10 -33.35 -17.66
N ALA D 168 38.34 -34.15 -16.90
CA ALA D 168 37.16 -33.61 -16.24
C ALA D 168 37.47 -33.15 -14.83
N ASN D 169 38.19 -32.03 -14.72
CA ASN D 169 38.65 -31.51 -13.45
C ASN D 169 38.01 -30.14 -13.21
N PRO D 170 36.95 -30.06 -12.40
CA PRO D 170 36.29 -28.78 -12.15
C PRO D 170 37.12 -27.75 -11.36
N GLU D 171 38.05 -28.20 -10.50
CA GLU D 171 38.87 -27.24 -9.77
C GLU D 171 39.74 -26.45 -10.75
N ALA D 172 40.40 -27.15 -11.67
CA ALA D 172 41.23 -26.49 -12.66
C ALA D 172 40.42 -25.70 -13.69
N PHE D 173 39.35 -26.29 -14.25
CA PHE D 173 38.72 -25.75 -15.43
C PHE D 173 37.38 -25.08 -15.14
N LYS D 174 36.95 -25.04 -13.83
CA LYS D 174 35.79 -24.28 -13.37
C LYS D 174 34.47 -24.94 -13.80
N PHE D 175 34.34 -25.26 -15.09
CA PHE D 175 33.24 -26.09 -15.56
C PHE D 175 33.16 -27.42 -14.82
N ASP D 176 31.95 -27.90 -14.54
CA ASP D 176 31.86 -29.05 -13.67
C ASP D 176 31.57 -30.35 -14.42
N PHE D 177 31.52 -30.32 -15.76
CA PHE D 177 31.42 -31.54 -16.57
C PHE D 177 30.18 -32.36 -16.15
N PRO D 178 28.98 -31.77 -16.29
CA PRO D 178 27.74 -32.39 -15.78
C PRO D 178 27.22 -33.52 -16.64
N ARG D 179 26.18 -34.20 -16.11
CA ARG D 179 25.55 -35.33 -16.78
C ARG D 179 25.30 -35.06 -18.25
N PRO D 180 24.54 -34.01 -18.62
CA PRO D 180 24.22 -33.77 -20.03
C PRO D 180 25.43 -33.56 -20.94
N PHE D 181 26.51 -33.07 -20.35
CA PHE D 181 27.75 -32.93 -21.10
C PHE D 181 28.21 -34.31 -21.57
N TRP D 182 28.15 -35.33 -20.70
CA TRP D 182 28.66 -36.64 -21.08
C TRP D 182 27.84 -37.25 -22.22
N ALA D 183 26.52 -36.99 -22.20
CA ALA D 183 25.63 -37.44 -23.25
C ALA D 183 26.02 -36.82 -24.60
N GLU D 184 26.44 -35.55 -24.60
CA GLU D 184 26.87 -34.89 -25.82
C GLU D 184 28.23 -35.42 -26.30
N MET D 185 29.15 -35.68 -25.36
CA MET D 185 30.48 -36.09 -25.76
C MET D 185 30.43 -37.49 -26.39
N SER D 186 29.46 -38.31 -25.97
CA SER D 186 29.28 -39.66 -26.49
C SER D 186 28.87 -39.65 -27.97
N LYS D 187 28.40 -38.49 -28.48
CA LYS D 187 28.11 -38.39 -29.90
C LYS D 187 29.31 -38.00 -30.76
N ILE D 188 30.45 -37.70 -30.15
CA ILE D 188 31.65 -37.27 -30.87
C ILE D 188 32.58 -38.47 -30.96
N PRO D 189 32.81 -39.07 -32.14
CA PRO D 189 33.63 -40.27 -32.24
C PRO D 189 35.06 -40.15 -31.68
N GLN D 190 35.67 -38.96 -31.80
CA GLN D 190 37.03 -38.75 -31.34
C GLN D 190 37.11 -38.85 -29.81
N VAL D 191 35.99 -38.59 -29.10
CA VAL D 191 36.02 -38.63 -27.64
C VAL D 191 35.91 -40.08 -27.18
N VAL D 192 37.06 -40.68 -26.84
CA VAL D 192 37.13 -42.12 -26.58
C VAL D 192 37.28 -42.40 -25.10
N THR D 193 37.68 -41.40 -24.30
CA THR D 193 37.93 -41.68 -22.92
C THR D 193 37.80 -40.40 -22.10
N ALA D 194 37.91 -40.57 -20.79
CA ALA D 194 37.84 -39.47 -19.84
C ALA D 194 38.73 -39.78 -18.66
N LYS D 195 39.49 -38.76 -18.27
CA LYS D 195 40.14 -38.75 -16.97
C LYS D 195 39.09 -38.27 -15.97
N TYR D 196 38.50 -39.21 -15.22
CA TYR D 196 37.32 -38.95 -14.43
C TYR D 196 37.69 -38.82 -12.96
N LEU D 197 36.94 -37.99 -12.22
CA LEU D 197 37.18 -37.86 -10.79
C LEU D 197 36.14 -38.64 -10.00
N GLY D 198 35.45 -38.02 -9.03
CA GLY D 198 34.61 -38.78 -8.14
C GLY D 198 33.56 -39.62 -8.88
N ILE D 199 33.23 -40.82 -8.36
CA ILE D 199 32.39 -41.77 -9.08
C ILE D 199 30.95 -41.77 -8.58
N GLY D 200 30.54 -40.76 -7.82
CA GLY D 200 29.17 -40.68 -7.35
C GLY D 200 28.12 -40.85 -8.46
N MET D 201 28.39 -40.33 -9.66
CA MET D 201 27.41 -40.42 -10.74
C MET D 201 27.95 -41.25 -11.92
N LEU D 202 28.92 -42.12 -11.67
CA LEU D 202 29.49 -42.93 -12.73
C LEU D 202 28.45 -43.86 -13.36
N ASP D 203 27.62 -44.53 -12.54
CA ASP D 203 26.56 -45.40 -13.01
C ASP D 203 25.70 -44.69 -14.08
N LEU D 204 25.24 -43.46 -13.77
CA LEU D 204 24.42 -42.73 -14.73
C LEU D 204 25.25 -42.25 -15.91
N ASP D 205 26.47 -41.74 -15.68
CA ASP D 205 27.28 -41.22 -16.79
C ASP D 205 27.56 -42.35 -17.79
N LEU D 206 27.73 -43.57 -17.32
CA LEU D 206 27.98 -44.70 -18.19
C LEU D 206 26.79 -44.94 -19.12
N ARG D 207 25.58 -44.79 -18.58
CA ARG D 207 24.34 -44.98 -19.33
CA ARG D 207 24.37 -45.00 -19.36
C ARG D 207 24.19 -43.85 -20.36
N LEU D 208 24.53 -42.61 -19.95
CA LEU D 208 24.37 -41.46 -20.81
C LEU D 208 25.39 -41.46 -21.93
N ALA D 209 26.56 -42.10 -21.67
CA ALA D 209 27.68 -42.00 -22.62
C ALA D 209 28.19 -43.39 -22.94
N PRO D 210 27.45 -44.19 -23.73
CA PRO D 210 27.85 -45.56 -24.03
C PRO D 210 29.15 -45.69 -24.82
N ASN D 211 29.65 -44.62 -25.47
CA ASN D 211 30.79 -44.73 -26.36
C ASN D 211 32.12 -44.33 -25.71
N ILE D 212 32.11 -43.93 -24.44
CA ILE D 212 33.31 -43.41 -23.78
C ILE D 212 33.83 -44.45 -22.79
N ARG D 213 35.15 -44.68 -22.80
CA ARG D 213 35.78 -45.46 -21.73
C ARG D 213 36.08 -44.52 -20.59
N PHE D 214 35.31 -44.59 -19.52
CA PHE D 214 35.53 -43.72 -18.37
C PHE D 214 36.68 -44.28 -17.53
N LEU D 215 37.69 -43.45 -17.26
CA LEU D 215 38.80 -43.85 -16.41
C LEU D 215 38.60 -43.27 -15.03
N PRO D 216 38.24 -44.08 -14.03
CA PRO D 216 38.29 -43.62 -12.66
C PRO D 216 39.77 -43.48 -12.27
N HIS D 217 40.02 -42.63 -11.27
CA HIS D 217 41.28 -42.66 -10.53
C HIS D 217 41.54 -44.07 -9.93
N GLU D 218 42.81 -44.44 -9.84
CA GLU D 218 43.21 -45.78 -9.44
C GLU D 218 42.54 -46.21 -8.13
N ASP D 219 42.41 -45.29 -7.17
CA ASP D 219 41.84 -45.67 -5.88
C ASP D 219 40.36 -46.06 -5.93
N ASP D 220 39.64 -45.55 -6.94
CA ASP D 220 38.22 -45.78 -7.14
C ASP D 220 37.97 -46.92 -8.13
N TYR D 221 39.06 -47.46 -8.72
CA TYR D 221 38.92 -48.46 -9.76
C TYR D 221 38.20 -49.71 -9.20
N TYR D 222 38.61 -50.15 -8.01
CA TYR D 222 37.96 -51.28 -7.35
C TYR D 222 36.44 -51.10 -7.32
N ALA D 223 35.95 -50.02 -6.70
CA ALA D 223 34.52 -49.80 -6.59
C ALA D 223 33.87 -49.72 -7.97
N ALA D 224 34.44 -48.90 -8.86
CA ALA D 224 33.89 -48.68 -10.18
C ALA D 224 33.82 -49.97 -11.01
N ALA D 225 34.85 -50.83 -10.92
CA ALA D 225 34.86 -52.10 -11.63
C ALA D 225 33.78 -53.05 -11.09
N ARG D 226 33.44 -52.96 -9.80
CA ARG D 226 32.33 -53.75 -9.27
C ARG D 226 30.97 -53.23 -9.74
N ILE D 227 30.83 -51.90 -9.88
CA ILE D 227 29.61 -51.31 -10.39
C ILE D 227 29.30 -51.79 -11.80
N ASN D 228 30.32 -51.76 -12.68
CA ASN D 228 30.10 -52.10 -14.07
C ASN D 228 31.37 -52.73 -14.61
N PRO D 229 31.50 -54.06 -14.41
CA PRO D 229 32.72 -54.76 -14.82
C PRO D 229 32.91 -54.88 -16.32
N GLU D 230 31.82 -54.79 -17.06
CA GLU D 230 31.89 -54.84 -18.52
C GLU D 230 32.51 -53.54 -19.05
N ARG D 231 32.16 -52.38 -18.46
CA ARG D 231 32.58 -51.10 -19.05
C ARG D 231 33.86 -50.56 -18.41
N ILE D 232 34.01 -50.80 -17.11
CA ILE D 232 35.12 -50.25 -16.35
C ILE D 232 36.22 -51.32 -16.30
N THR D 233 37.08 -51.25 -17.33
CA THR D 233 38.22 -52.12 -17.55
C THR D 233 39.54 -51.36 -17.50
N ALA D 234 39.49 -50.02 -17.25
CA ALA D 234 40.70 -49.19 -17.31
C ALA D 234 40.63 -48.11 -16.26
N PHE D 235 41.80 -47.65 -15.79
CA PHE D 235 41.87 -46.60 -14.78
C PHE D 235 43.07 -45.75 -15.09
N TRP D 236 43.08 -44.52 -14.56
CA TRP D 236 44.28 -43.69 -14.62
C TRP D 236 45.04 -43.70 -13.28
N SER D 237 46.37 -43.52 -13.37
CA SER D 237 47.25 -43.61 -12.21
C SER D 237 48.32 -42.52 -12.25
N SER D 238 48.46 -41.80 -11.14
CA SER D 238 49.65 -41.00 -10.88
C SER D 238 50.54 -41.72 -9.88
N GLY D 239 49.94 -42.55 -9.03
CA GLY D 239 50.73 -43.30 -8.07
C GLY D 239 51.78 -44.19 -8.72
N ALA D 240 51.53 -44.64 -9.95
CA ALA D 240 52.50 -45.45 -10.69
C ALA D 240 53.83 -44.72 -10.90
N MET D 241 53.85 -43.37 -10.83
CA MET D 241 55.10 -42.61 -10.97
C MET D 241 56.00 -42.73 -9.74
N CYS D 242 55.49 -43.46 -8.72
CA CYS D 242 56.20 -43.81 -7.51
C CYS D 242 56.59 -45.29 -7.52
N GLY D 243 56.40 -45.95 -8.67
CA GLY D 243 56.61 -47.37 -8.81
C GLY D 243 55.34 -48.05 -9.30
N PRO D 244 55.29 -48.53 -10.57
CA PRO D 244 54.04 -49.02 -11.15
C PRO D 244 53.51 -50.40 -10.77
N ALA D 245 54.23 -51.13 -9.90
CA ALA D 245 53.88 -52.52 -9.68
C ALA D 245 52.50 -52.58 -9.00
N THR D 246 52.19 -51.59 -8.16
CA THR D 246 50.91 -51.55 -7.50
C THR D 246 49.78 -51.50 -8.53
N ALA D 247 49.86 -50.56 -9.47
CA ALA D 247 48.83 -50.39 -10.49
C ALA D 247 48.72 -51.62 -11.37
N ILE D 248 49.87 -52.23 -11.69
CA ILE D 248 49.86 -53.44 -12.50
C ILE D 248 49.19 -54.59 -11.74
N MET D 249 49.49 -54.74 -10.45
CA MET D 249 48.88 -55.78 -9.63
C MET D 249 47.36 -55.57 -9.50
N LEU D 250 46.95 -54.31 -9.33
CA LEU D 250 45.51 -54.01 -9.25
C LEU D 250 44.83 -54.44 -10.53
N ARG D 251 45.37 -54.03 -11.66
CA ARG D 251 44.79 -54.39 -12.94
C ARG D 251 44.62 -55.90 -13.03
N ASP D 252 45.73 -56.64 -12.80
CA ASP D 252 45.74 -58.09 -12.96
C ASP D 252 44.74 -58.75 -12.01
N GLU D 253 44.60 -58.24 -10.79
CA GLU D 253 43.77 -58.90 -9.79
C GLU D 253 42.29 -58.63 -10.03
N VAL D 254 41.97 -57.44 -10.58
CA VAL D 254 40.60 -57.13 -10.94
C VAL D 254 40.16 -58.04 -12.10
N VAL D 255 41.01 -58.21 -13.12
CA VAL D 255 40.71 -59.11 -14.22
C VAL D 255 40.37 -60.48 -13.64
N ARG D 256 41.14 -60.93 -12.65
CA ARG D 256 40.92 -62.24 -12.03
C ARG D 256 39.60 -62.25 -11.26
N ALA D 257 39.33 -61.17 -10.51
CA ALA D 257 38.13 -61.10 -9.68
C ALA D 257 36.86 -61.12 -10.52
N LYS D 258 36.88 -60.49 -11.68
CA LYS D 258 35.73 -60.43 -12.57
C LYS D 258 35.41 -61.83 -13.10
N SER D 259 36.45 -62.67 -13.22
CA SER D 259 36.29 -64.04 -13.67
C SER D 259 35.91 -64.99 -12.52
N THR D 260 36.39 -64.80 -11.30
CA THR D 260 36.20 -65.78 -10.24
C THR D 260 35.08 -65.39 -9.29
N GLY D 261 34.77 -64.08 -9.23
CA GLY D 261 33.87 -63.53 -8.22
C GLY D 261 34.52 -63.30 -6.85
N ASP D 262 35.82 -63.53 -6.73
CA ASP D 262 36.53 -63.34 -5.48
C ASP D 262 37.31 -62.03 -5.55
N TRP D 263 36.76 -61.00 -4.91
CA TRP D 263 37.31 -59.64 -4.93
C TRP D 263 38.22 -59.34 -3.74
N ALA D 264 38.50 -60.31 -2.85
CA ALA D 264 39.26 -60.06 -1.63
C ALA D 264 40.63 -59.45 -1.92
N LYS D 265 41.35 -60.00 -2.89
CA LYS D 265 42.71 -59.57 -3.17
C LYS D 265 42.73 -58.18 -3.81
N ALA D 266 41.82 -57.95 -4.76
CA ALA D 266 41.65 -56.63 -5.37
C ALA D 266 41.33 -55.59 -4.28
N LYS D 267 40.42 -55.93 -3.35
CA LYS D 267 40.07 -54.99 -2.29
C LYS D 267 41.30 -54.63 -1.45
N ALA D 268 42.13 -55.61 -1.12
CA ALA D 268 43.25 -55.36 -0.21
C ALA D 268 44.29 -54.44 -0.89
N ILE D 269 44.52 -54.62 -2.19
CA ILE D 269 45.38 -53.73 -2.96
C ILE D 269 44.82 -52.32 -2.95
N SER D 270 43.54 -52.22 -3.33
CA SER D 270 42.85 -50.93 -3.39
C SER D 270 42.87 -50.21 -2.05
N ASP D 271 42.70 -50.93 -0.94
CA ASP D 271 42.75 -50.32 0.39
C ASP D 271 44.16 -49.84 0.76
N ASP D 272 45.19 -50.56 0.30
CA ASP D 272 46.57 -50.13 0.48
C ASP D 272 46.83 -48.80 -0.25
N MET D 273 46.28 -48.71 -1.44
CA MET D 273 46.40 -47.51 -2.26
C MET D 273 45.74 -46.29 -1.58
N ARG D 274 44.51 -46.46 -1.10
CA ARG D 274 43.87 -45.35 -0.40
C ARG D 274 44.68 -44.91 0.81
N ALA D 275 45.23 -45.87 1.57
CA ALA D 275 46.08 -45.54 2.71
C ALA D 275 47.33 -44.78 2.26
N ALA D 276 47.95 -45.23 1.16
CA ALA D 276 49.14 -44.53 0.68
C ALA D 276 48.85 -43.06 0.31
N ASP D 277 47.63 -42.79 -0.15
CA ASP D 277 47.16 -41.47 -0.55
C ASP D 277 46.63 -40.64 0.62
N SER D 278 46.53 -41.24 1.81
CA SER D 278 45.81 -40.59 2.91
C SER D 278 46.45 -39.28 3.39
N THR D 279 47.74 -39.02 3.11
CA THR D 279 48.40 -37.80 3.57
C THR D 279 48.62 -36.82 2.43
N LEU D 280 48.12 -37.12 1.24
CA LEU D 280 48.47 -36.31 0.06
C LEU D 280 47.73 -34.97 0.06
N PHE D 281 46.42 -35.00 0.25
CA PHE D 281 45.59 -33.80 0.20
C PHE D 281 45.73 -32.99 1.48
N PRO D 282 46.14 -31.69 1.39
CA PRO D 282 46.21 -30.83 2.56
C PRO D 282 44.89 -30.81 3.32
N ARG D 283 44.94 -31.17 4.61
CA ARG D 283 43.73 -31.28 5.47
C ARG D 283 42.60 -32.05 4.77
N GLY D 284 42.94 -33.07 3.98
CA GLY D 284 41.93 -33.92 3.32
C GLY D 284 41.08 -33.19 2.30
N ASP D 285 41.53 -32.03 1.83
CA ASP D 285 40.70 -31.16 0.95
C ASP D 285 41.18 -31.13 -0.51
N PHE D 286 40.33 -31.55 -1.43
CA PHE D 286 40.67 -31.52 -2.85
C PHE D 286 40.94 -30.08 -3.29
N SER D 287 40.17 -29.10 -2.78
CA SER D 287 40.32 -27.70 -3.20
C SER D 287 41.69 -27.16 -2.78
N GLU D 288 42.13 -27.47 -1.56
CA GLU D 288 43.45 -27.08 -1.08
C GLU D 288 44.58 -27.83 -1.83
N PHE D 289 44.41 -29.11 -2.09
CA PHE D 289 45.33 -29.86 -2.93
C PHE D 289 45.47 -29.18 -4.31
N SER D 290 44.35 -28.71 -4.87
CA SER D 290 44.31 -28.14 -6.21
C SER D 290 45.14 -26.86 -6.33
N LYS D 291 45.30 -26.09 -5.25
CA LYS D 291 46.20 -24.95 -5.26
C LYS D 291 47.67 -25.36 -5.40
N TYR D 292 48.00 -26.61 -5.07
CA TYR D 292 49.41 -27.04 -5.04
C TYR D 292 49.57 -28.36 -5.78
N ASN D 293 48.69 -28.59 -6.77
CA ASN D 293 48.58 -29.88 -7.45
C ASN D 293 49.96 -30.23 -8.02
N ILE D 294 50.60 -29.25 -8.64
CA ILE D 294 51.86 -29.50 -9.34
C ILE D 294 52.93 -29.86 -8.31
N GLY D 295 53.09 -28.98 -7.31
CA GLY D 295 54.19 -29.12 -6.37
C GLY D 295 54.05 -30.38 -5.54
N LEU D 296 52.82 -30.73 -5.16
CA LEU D 296 52.61 -31.90 -4.31
C LEU D 296 52.86 -33.20 -5.10
N GLU D 297 52.38 -33.27 -6.33
CA GLU D 297 52.58 -34.49 -7.09
C GLU D 297 54.07 -34.68 -7.37
N LYS D 298 54.72 -33.61 -7.83
CA LYS D 298 56.14 -33.67 -8.12
C LYS D 298 56.97 -34.03 -6.88
N ALA D 299 56.66 -33.41 -5.74
CA ALA D 299 57.36 -33.69 -4.49
C ALA D 299 57.17 -35.13 -4.05
N ARG D 300 55.96 -35.67 -4.24
CA ARG D 300 55.70 -37.07 -3.91
C ARG D 300 56.56 -38.00 -4.76
N MET D 301 56.62 -37.70 -6.07
CA MET D 301 57.41 -38.49 -7.00
C MET D 301 58.90 -38.41 -6.65
N ASP D 302 59.39 -37.19 -6.37
CA ASP D 302 60.78 -37.02 -5.96
C ASP D 302 61.09 -37.90 -4.75
N ALA D 303 60.17 -37.92 -3.78
CA ALA D 303 60.36 -38.62 -2.53
C ALA D 303 60.35 -40.13 -2.76
N ALA D 304 59.52 -40.63 -3.69
CA ALA D 304 59.41 -42.08 -3.90
C ALA D 304 60.69 -42.64 -4.53
N GLY D 305 61.35 -41.86 -5.38
CA GLY D 305 62.66 -42.26 -5.89
C GLY D 305 62.60 -43.18 -7.11
N TRP D 306 61.42 -43.36 -7.73
CA TRP D 306 61.30 -44.14 -8.94
C TRP D 306 61.64 -43.32 -10.19
N LEU D 307 61.34 -42.02 -10.13
CA LEU D 307 61.72 -41.08 -11.17
C LEU D 307 62.03 -39.73 -10.56
N LYS D 308 62.66 -38.86 -11.37
CA LYS D 308 63.01 -37.54 -10.91
C LYS D 308 62.13 -36.53 -11.63
N ALA D 309 61.13 -36.02 -10.91
CA ALA D 309 60.15 -35.12 -11.50
C ALA D 309 60.76 -33.72 -11.62
N GLY D 310 61.43 -33.29 -10.56
CA GLY D 310 62.25 -32.11 -10.60
C GLY D 310 61.47 -30.86 -10.16
N PRO D 311 62.12 -29.71 -10.12
CA PRO D 311 61.46 -28.47 -9.69
C PRO D 311 60.28 -28.05 -10.55
N CYS D 312 59.39 -27.24 -9.97
CA CYS D 312 58.18 -26.79 -10.65
C CYS D 312 58.42 -25.49 -11.42
N ARG D 313 57.88 -25.41 -12.64
CA ARG D 313 58.09 -24.22 -13.44
C ARG D 313 57.25 -23.08 -12.86
N PRO D 314 57.70 -21.81 -13.02
CA PRO D 314 56.98 -20.67 -12.43
C PRO D 314 55.63 -20.51 -13.11
N PRO D 315 54.57 -20.07 -12.40
CA PRO D 315 54.69 -19.54 -11.05
C PRO D 315 54.55 -20.50 -9.87
N TYR D 316 54.22 -21.78 -10.13
CA TYR D 316 53.76 -22.69 -9.09
C TYR D 316 54.92 -23.44 -8.43
N ASN D 317 55.84 -22.69 -7.85
CA ASN D 317 57.08 -23.24 -7.34
C ASN D 317 57.17 -23.03 -5.82
N LEU D 318 56.05 -22.68 -5.17
CA LEU D 318 56.05 -22.43 -3.73
C LEU D 318 54.94 -23.25 -3.08
N VAL D 319 55.32 -24.13 -2.14
CA VAL D 319 54.37 -25.02 -1.51
C VAL D 319 54.64 -24.98 -0.01
N PRO D 320 53.62 -24.78 0.87
CA PRO D 320 53.87 -24.76 2.32
C PRO D 320 54.54 -26.08 2.73
N GLU D 321 55.52 -25.96 3.66
CA GLU D 321 56.34 -27.07 4.11
C GLU D 321 55.51 -28.21 4.73
N ASP D 322 54.45 -27.93 5.48
CA ASP D 322 53.56 -28.97 6.01
C ASP D 322 52.89 -29.80 4.91
N TYR D 323 52.46 -29.12 3.85
CA TYR D 323 51.79 -29.82 2.78
C TYR D 323 52.79 -30.70 2.03
N LEU D 324 53.97 -30.15 1.72
CA LEU D 324 55.04 -30.92 1.11
C LEU D 324 55.28 -32.22 1.90
N ALA D 325 55.40 -32.12 3.22
CA ALA D 325 55.69 -33.29 4.04
C ALA D 325 54.61 -34.39 3.90
N GLY D 326 53.33 -34.02 3.78
CA GLY D 326 52.32 -35.04 3.56
C GLY D 326 52.55 -35.73 2.22
N ALA D 327 52.90 -34.92 1.21
CA ALA D 327 53.17 -35.43 -0.12
C ALA D 327 54.33 -36.43 -0.07
N GLN D 328 55.39 -36.07 0.65
CA GLN D 328 56.56 -36.93 0.73
C GLN D 328 56.21 -38.25 1.38
N LYS D 329 55.41 -38.18 2.46
CA LYS D 329 55.03 -39.40 3.15
C LYS D 329 54.22 -40.32 2.23
N SER D 330 53.33 -39.75 1.42
CA SER D 330 52.56 -40.49 0.43
C SER D 330 53.50 -41.14 -0.58
N GLY D 331 54.49 -40.38 -1.05
CA GLY D 331 55.50 -40.89 -1.96
C GLY D 331 56.25 -42.10 -1.42
N LYS D 332 56.70 -42.03 -0.16
CA LYS D 332 57.35 -43.16 0.48
C LYS D 332 56.40 -44.34 0.62
N ALA D 333 55.12 -44.06 0.89
CA ALA D 333 54.15 -45.13 1.08
C ALA D 333 53.92 -45.87 -0.24
N TRP D 334 53.76 -45.14 -1.35
CA TRP D 334 53.61 -45.77 -2.64
C TRP D 334 54.89 -46.51 -3.05
N ALA D 335 56.09 -46.00 -2.69
CA ALA D 335 57.31 -46.71 -2.98
C ALA D 335 57.30 -48.06 -2.26
N ALA D 336 56.83 -48.07 -1.00
CA ALA D 336 56.73 -49.31 -0.23
C ALA D 336 55.75 -50.31 -0.88
N LEU D 337 54.62 -49.80 -1.38
CA LEU D 337 53.70 -50.66 -2.12
C LEU D 337 54.39 -51.25 -3.35
N HIS D 338 55.12 -50.43 -4.09
CA HIS D 338 55.82 -50.88 -5.28
C HIS D 338 56.76 -52.03 -4.91
N ALA D 339 57.49 -51.90 -3.80
CA ALA D 339 58.39 -52.95 -3.37
C ALA D 339 57.60 -54.21 -3.05
N LYS D 340 56.50 -54.04 -2.34
CA LYS D 340 55.72 -55.19 -1.90
C LYS D 340 55.19 -55.90 -3.13
N TYR D 341 54.59 -55.15 -4.07
CA TYR D 341 53.86 -55.78 -5.17
C TYR D 341 54.80 -56.25 -6.28
N SER D 342 55.99 -55.64 -6.41
CA SER D 342 57.00 -56.15 -7.33
C SER D 342 57.32 -57.61 -6.99
N ASN D 343 57.36 -57.95 -5.70
CA ASN D 343 57.66 -59.31 -5.28
C ASN D 343 56.47 -60.23 -5.56
N GLU D 344 55.24 -59.75 -5.40
CA GLU D 344 54.08 -60.61 -5.67
C GLU D 344 53.94 -60.86 -7.18
N LEU D 345 54.42 -59.94 -8.03
CA LEU D 345 54.18 -60.06 -9.47
C LEU D 345 54.90 -61.28 -10.03
N LYS D 346 56.17 -61.46 -9.65
CA LYS D 346 57.05 -62.45 -10.24
C LYS D 346 57.10 -63.71 -9.35
N SER E 21 -63.03 -3.33 -15.60
CA SER E 21 -63.10 -2.85 -14.20
C SER E 21 -61.84 -2.03 -13.83
N ARG E 22 -61.86 -1.40 -12.67
CA ARG E 22 -60.73 -0.53 -12.27
C ARG E 22 -59.51 -1.41 -11.97
N LEU E 23 -58.37 -1.03 -12.55
CA LEU E 23 -57.07 -1.82 -12.31
CA LEU E 23 -57.10 -1.76 -12.23
C LEU E 23 -56.79 -2.00 -10.71
N THR E 24 -56.25 -3.18 -10.45
CA THR E 24 -55.86 -3.52 -9.07
C THR E 24 -54.34 -3.62 -9.03
N ALA E 25 -53.76 -3.59 -7.84
CA ALA E 25 -52.33 -3.78 -7.67
C ALA E 25 -51.89 -5.14 -8.18
N GLU E 26 -52.71 -6.18 -7.93
CA GLU E 26 -52.35 -7.52 -8.36
C GLU E 26 -52.17 -7.57 -9.86
N ASP E 27 -52.84 -6.69 -10.62
CA ASP E 27 -52.75 -6.63 -12.07
C ASP E 27 -51.50 -5.91 -12.58
N ILE E 28 -50.74 -5.23 -11.71
CA ILE E 28 -49.54 -4.50 -12.10
C ILE E 28 -48.34 -5.45 -11.92
N ASN E 29 -47.69 -5.82 -13.04
CA ASN E 29 -46.53 -6.69 -13.03
C ASN E 29 -45.59 -6.26 -14.16
N GLY E 30 -44.30 -6.59 -14.01
CA GLY E 30 -43.34 -6.48 -15.10
C GLY E 30 -42.88 -5.03 -15.34
N ALA E 31 -42.65 -4.73 -16.62
CA ALA E 31 -41.97 -3.52 -17.04
C ALA E 31 -42.97 -2.44 -17.42
N TRP E 32 -43.00 -1.39 -16.62
CA TRP E 32 -43.88 -0.24 -16.79
C TRP E 32 -43.02 0.91 -17.26
N THR E 33 -43.20 1.29 -18.53
CA THR E 33 -42.28 2.21 -19.18
C THR E 33 -42.92 3.58 -19.18
N ILE E 34 -42.15 4.61 -18.79
CA ILE E 34 -42.60 6.01 -18.79
C ILE E 34 -42.18 6.67 -20.10
N MET E 35 -43.17 7.10 -20.88
CA MET E 35 -43.00 7.73 -22.19
CA MET E 35 -42.84 7.71 -22.16
C MET E 35 -42.86 9.23 -22.04
N PRO E 36 -42.04 9.90 -22.87
CA PRO E 36 -42.06 11.36 -22.94
C PRO E 36 -43.28 11.78 -23.75
N THR E 37 -43.41 13.11 -23.87
CA THR E 37 -44.39 13.72 -24.73
C THR E 37 -43.64 14.32 -25.92
N PRO E 38 -43.59 13.63 -27.08
CA PRO E 38 -42.69 14.03 -28.15
C PRO E 38 -43.05 15.42 -28.65
N SER E 39 -42.02 16.18 -29.01
CA SER E 39 -42.13 17.59 -29.37
C SER E 39 -41.94 17.79 -30.88
N THR E 40 -42.70 18.75 -31.44
CA THR E 40 -42.40 19.34 -32.74
C THR E 40 -41.13 20.19 -32.69
N PRO E 41 -40.49 20.50 -33.83
CA PRO E 41 -39.25 21.29 -33.80
C PRO E 41 -39.29 22.65 -33.13
N ASP E 42 -40.47 23.30 -33.12
CA ASP E 42 -40.65 24.65 -32.59
C ASP E 42 -41.04 24.64 -31.11
N ALA E 43 -40.91 23.52 -30.41
CA ALA E 43 -41.60 23.38 -29.13
C ALA E 43 -40.96 24.21 -28.02
N SER E 44 -39.74 24.71 -28.19
CA SER E 44 -39.10 25.48 -27.14
C SER E 44 -39.54 26.95 -27.16
N ASP E 45 -40.25 27.36 -28.22
CA ASP E 45 -40.66 28.75 -28.38
C ASP E 45 -42.01 28.95 -27.69
N TRP E 46 -42.12 29.98 -26.83
CA TRP E 46 -43.36 30.24 -26.12
C TRP E 46 -44.48 30.62 -27.09
N ARG E 47 -44.13 31.07 -28.31
CA ARG E 47 -45.13 31.41 -29.30
C ARG E 47 -45.83 30.17 -29.86
N SER E 48 -45.27 28.97 -29.66
CA SER E 48 -45.75 27.79 -30.37
C SER E 48 -46.96 27.24 -29.65
N THR E 49 -47.99 26.94 -30.43
N THR E 49 -47.87 26.55 -30.37
CA THR E 49 -49.02 26.07 -29.90
CA THR E 49 -49.19 26.24 -29.82
C THR E 49 -48.70 24.72 -30.54
C THR E 49 -49.51 24.73 -29.71
N ALA E 50 -49.74 24.00 -30.82
CA ALA E 50 -49.70 22.55 -30.88
C ALA E 50 -48.28 21.94 -31.07
N THR E 51 -47.59 21.67 -29.96
CA THR E 51 -46.20 21.24 -29.99
C THR E 51 -46.07 19.75 -29.81
N VAL E 52 -47.18 18.99 -29.78
CA VAL E 52 -47.10 17.56 -29.60
C VAL E 52 -46.99 16.88 -30.96
N ASP E 53 -45.94 16.09 -31.15
CA ASP E 53 -45.84 15.25 -32.36
C ASP E 53 -46.70 14.01 -32.12
N LEU E 54 -47.92 14.03 -32.60
CA LEU E 54 -48.89 12.98 -32.31
C LEU E 54 -48.57 11.70 -33.06
N GLU E 55 -47.96 11.81 -34.24
CA GLU E 55 -47.61 10.61 -34.97
C GLU E 55 -46.44 9.90 -34.30
N GLU E 56 -45.44 10.66 -33.82
CA GLU E 56 -44.36 10.05 -33.03
C GLU E 56 -44.91 9.44 -31.74
N THR E 57 -45.92 10.07 -31.10
CA THR E 57 -46.60 9.48 -29.94
C THR E 57 -47.18 8.09 -30.26
N ALA E 58 -47.95 7.96 -31.35
CA ALA E 58 -48.55 6.70 -31.74
C ALA E 58 -47.49 5.66 -32.03
N ARG E 59 -46.40 6.08 -32.69
CA ARG E 59 -45.33 5.16 -33.09
C ARG E 59 -44.65 4.59 -31.85
N ILE E 60 -44.35 5.47 -30.89
CA ILE E 60 -43.74 5.01 -29.64
C ILE E 60 -44.63 3.97 -28.95
N VAL E 61 -45.93 4.24 -28.84
CA VAL E 61 -46.84 3.36 -28.13
C VAL E 61 -46.80 1.98 -28.78
N GLU E 62 -46.93 1.97 -30.10
CA GLU E 62 -47.00 0.71 -30.81
C GLU E 62 -45.68 -0.05 -30.62
N GLU E 63 -44.55 0.66 -30.67
CA GLU E 63 -43.26 0.03 -30.46
C GLU E 63 -43.17 -0.58 -29.05
N LEU E 64 -43.65 0.17 -28.04
CA LEU E 64 -43.59 -0.32 -26.66
C LEU E 64 -44.43 -1.59 -26.51
N ILE E 65 -45.65 -1.57 -27.06
CA ILE E 65 -46.52 -2.75 -27.04
C ILE E 65 -45.84 -3.94 -27.74
N ALA E 66 -45.22 -3.67 -28.89
CA ALA E 66 -44.55 -4.74 -29.66
C ALA E 66 -43.37 -5.34 -28.92
N ALA E 67 -42.71 -4.52 -28.08
CA ALA E 67 -41.56 -4.97 -27.32
C ALA E 67 -41.99 -5.83 -26.15
N GLY E 68 -43.29 -5.77 -25.79
CA GLY E 68 -43.86 -6.61 -24.76
C GLY E 68 -43.99 -5.92 -23.40
N VAL E 69 -43.98 -4.59 -23.39
CA VAL E 69 -44.10 -3.86 -22.11
C VAL E 69 -45.45 -4.17 -21.48
N ASN E 70 -45.50 -4.11 -20.14
CA ASN E 70 -46.67 -4.50 -19.36
C ASN E 70 -47.66 -3.35 -19.18
N GLY E 71 -47.15 -2.13 -19.10
CA GLY E 71 -48.00 -0.96 -18.96
C GLY E 71 -47.23 0.31 -19.28
N ILE E 72 -47.96 1.38 -19.55
CA ILE E 72 -47.37 2.64 -19.97
C ILE E 72 -47.78 3.73 -18.98
N LEU E 73 -46.75 4.40 -18.48
CA LEU E 73 -46.91 5.60 -17.68
C LEU E 73 -46.50 6.80 -18.53
N SER E 74 -47.01 7.98 -18.16
CA SER E 74 -46.73 9.19 -18.90
C SER E 74 -46.96 10.40 -18.00
N MET E 75 -46.49 11.55 -18.48
CA MET E 75 -46.90 12.84 -17.97
C MET E 75 -46.50 13.01 -16.52
N GLY E 76 -45.26 12.62 -16.22
CA GLY E 76 -44.60 13.04 -14.99
C GLY E 76 -43.74 14.28 -15.22
N THR E 77 -42.53 14.30 -14.65
CA THR E 77 -41.65 15.45 -14.84
C THR E 77 -41.13 15.51 -16.27
N PHE E 78 -40.32 14.55 -16.72
CA PHE E 78 -39.73 14.68 -18.04
C PHE E 78 -40.78 14.61 -19.16
N GLY E 79 -41.95 14.00 -18.85
CA GLY E 79 -43.12 13.97 -19.70
C GLY E 79 -43.79 15.32 -19.86
N GLU E 80 -43.30 16.34 -19.13
CA GLU E 80 -43.67 17.74 -19.35
C GLU E 80 -45.14 18.01 -19.01
N CYS E 81 -45.68 17.25 -18.06
CA CYS E 81 -46.97 17.59 -17.46
C CYS E 81 -46.99 19.08 -17.05
N ALA E 82 -45.87 19.61 -16.55
CA ALA E 82 -45.83 21.01 -16.12
C ALA E 82 -45.99 21.99 -17.29
N THR E 83 -45.52 21.62 -18.50
CA THR E 83 -45.27 22.62 -19.53
C THR E 83 -46.15 22.44 -20.77
N LEU E 84 -46.99 21.41 -20.85
CA LEU E 84 -47.96 21.23 -21.94
C LEU E 84 -49.18 22.09 -21.67
N THR E 85 -49.84 22.54 -22.73
CA THR E 85 -51.14 23.19 -22.62
C THR E 85 -52.19 22.09 -22.47
N TRP E 86 -53.37 22.51 -22.02
CA TRP E 86 -54.47 21.58 -21.82
C TRP E 86 -54.86 20.92 -23.14
N ASP E 87 -54.92 21.69 -24.23
CA ASP E 87 -55.25 21.12 -25.52
C ASP E 87 -54.19 20.09 -25.94
N GLU E 88 -52.90 20.37 -25.64
CA GLU E 88 -51.85 19.43 -26.00
C GLU E 88 -52.05 18.11 -25.24
N LYS E 89 -52.38 18.21 -23.96
CA LYS E 89 -52.49 17.03 -23.11
C LYS E 89 -53.65 16.14 -23.58
N ARG E 90 -54.81 16.75 -23.87
CA ARG E 90 -55.97 16.05 -24.40
C ARG E 90 -55.64 15.37 -25.72
N ASP E 91 -54.98 16.07 -26.64
CA ASP E 91 -54.59 15.50 -27.92
C ASP E 91 -53.69 14.27 -27.73
N TYR E 92 -52.67 14.42 -26.87
CA TYR E 92 -51.70 13.37 -26.58
C TYR E 92 -52.38 12.14 -26.01
N VAL E 93 -53.20 12.33 -24.97
CA VAL E 93 -53.91 11.23 -24.35
C VAL E 93 -54.82 10.54 -25.36
N SER E 94 -55.56 11.33 -26.16
CA SER E 94 -56.50 10.74 -27.13
C SER E 94 -55.73 9.85 -28.10
N THR E 95 -54.56 10.32 -28.55
CA THR E 95 -53.74 9.57 -29.47
C THR E 95 -53.27 8.28 -28.81
N ILE E 96 -52.81 8.38 -27.57
CA ILE E 96 -52.35 7.20 -26.87
C ILE E 96 -53.49 6.18 -26.72
N VAL E 97 -54.65 6.64 -26.27
CA VAL E 97 -55.78 5.76 -26.00
C VAL E 97 -56.20 5.03 -27.29
N GLU E 98 -56.36 5.78 -28.39
CA GLU E 98 -56.80 5.18 -29.65
C GLU E 98 -55.75 4.19 -30.20
N THR E 99 -54.46 4.40 -29.91
CA THR E 99 -53.38 3.53 -30.35
C THR E 99 -53.37 2.26 -29.51
N ILE E 100 -53.49 2.40 -28.16
CA ILE E 100 -53.40 1.23 -27.32
C ILE E 100 -54.58 0.29 -27.60
N ARG E 101 -55.79 0.86 -27.76
CA ARG E 101 -57.03 0.12 -28.00
CA ARG E 101 -57.03 0.13 -28.01
C ARG E 101 -57.21 -1.00 -26.99
N GLY E 102 -56.99 -0.67 -25.71
CA GLY E 102 -57.26 -1.58 -24.61
C GLY E 102 -56.19 -2.65 -24.31
N ARG E 103 -55.06 -2.66 -25.02
CA ARG E 103 -54.20 -3.82 -24.99
C ARG E 103 -53.26 -3.85 -23.78
N VAL E 104 -52.90 -2.67 -23.24
CA VAL E 104 -52.12 -2.59 -22.01
C VAL E 104 -52.71 -1.42 -21.20
N PRO E 105 -52.54 -1.45 -19.87
CA PRO E 105 -52.97 -0.34 -19.03
C PRO E 105 -52.14 0.92 -19.28
N TYR E 106 -52.77 2.07 -19.06
CA TYR E 106 -52.20 3.35 -19.42
C TYR E 106 -52.55 4.36 -18.31
N PHE E 107 -51.50 4.99 -17.77
CA PHE E 107 -51.61 6.11 -16.85
C PHE E 107 -51.21 7.41 -17.54
N CYS E 108 -52.14 8.35 -17.51
CA CYS E 108 -51.88 9.76 -17.79
C CYS E 108 -51.26 10.36 -16.53
N GLY E 109 -51.03 11.67 -16.51
CA GLY E 109 -50.54 12.37 -15.33
C GLY E 109 -51.29 13.69 -15.16
N THR E 110 -51.79 13.96 -13.95
CA THR E 110 -52.63 15.15 -13.78
C THR E 110 -52.21 16.00 -12.57
N THR E 111 -50.92 15.98 -12.24
CA THR E 111 -50.45 16.84 -11.16
C THR E 111 -50.67 18.29 -11.56
N ALA E 112 -51.20 19.09 -10.63
CA ALA E 112 -51.47 20.48 -10.89
C ALA E 112 -51.35 21.23 -9.57
N LEU E 113 -51.59 22.53 -9.61
CA LEU E 113 -51.36 23.39 -8.47
C LEU E 113 -52.42 23.32 -7.38
N ASN E 114 -53.60 22.73 -7.69
CA ASN E 114 -54.65 22.60 -6.70
C ASN E 114 -55.57 21.38 -6.95
N THR E 115 -56.35 21.06 -5.93
CA THR E 115 -57.17 19.86 -5.93
C THR E 115 -58.23 19.91 -7.00
N ARG E 116 -58.86 21.08 -7.15
CA ARG E 116 -59.96 21.20 -8.08
C ARG E 116 -59.45 21.00 -9.50
N GLU E 117 -58.27 21.55 -9.79
CA GLU E 117 -57.70 21.41 -11.13
C GLU E 117 -57.29 19.96 -11.39
N VAL E 118 -56.72 19.28 -10.39
CA VAL E 118 -56.35 17.89 -10.56
C VAL E 118 -57.60 17.06 -10.85
N ILE E 119 -58.69 17.34 -10.13
CA ILE E 119 -59.91 16.57 -10.33
C ILE E 119 -60.44 16.80 -11.74
N ARG E 120 -60.45 18.07 -12.16
CA ARG E 120 -60.95 18.45 -13.48
C ARG E 120 -60.19 17.65 -14.54
N GLN E 121 -58.87 17.79 -14.54
CA GLN E 121 -58.02 17.11 -15.50
C GLN E 121 -58.20 15.60 -15.46
N THR E 122 -58.25 15.03 -14.24
CA THR E 122 -58.34 13.59 -14.07
C THR E 122 -59.63 13.06 -14.69
N ARG E 123 -60.74 13.74 -14.41
CA ARG E 123 -62.04 13.29 -14.91
C ARG E 123 -62.02 13.29 -16.44
N GLU E 124 -61.41 14.32 -17.05
CA GLU E 124 -61.42 14.37 -18.50
C GLU E 124 -60.56 13.27 -19.13
N LEU E 125 -59.32 13.12 -18.62
CA LEU E 125 -58.37 12.19 -19.24
C LEU E 125 -58.82 10.75 -19.00
N ILE E 126 -59.40 10.44 -17.84
CA ILE E 126 -59.97 9.11 -17.62
C ILE E 126 -61.16 8.87 -18.56
N ASP E 127 -62.01 9.86 -18.73
CA ASP E 127 -63.09 9.82 -19.70
C ASP E 127 -62.59 9.52 -21.12
N ILE E 128 -61.53 10.18 -21.57
CA ILE E 128 -60.97 9.94 -22.89
C ILE E 128 -60.55 8.46 -22.99
N GLY E 129 -60.02 7.89 -21.89
CA GLY E 129 -59.82 6.44 -21.81
C GLY E 129 -58.54 5.98 -21.11
N ALA E 130 -57.79 6.88 -20.46
CA ALA E 130 -56.74 6.45 -19.55
C ALA E 130 -57.33 5.62 -18.40
N ASN E 131 -56.53 4.70 -17.86
CA ASN E 131 -56.96 3.82 -16.78
C ASN E 131 -56.66 4.44 -15.40
N GLY E 132 -55.73 5.37 -15.39
CA GLY E 132 -55.26 5.92 -14.13
C GLY E 132 -54.44 7.18 -14.35
N THR E 133 -54.11 7.84 -13.23
CA THR E 133 -53.25 9.00 -13.25
C THR E 133 -52.03 8.77 -12.36
N MET E 134 -50.88 9.19 -12.87
CA MET E 134 -49.63 9.22 -12.15
C MET E 134 -49.51 10.62 -11.55
N LEU E 135 -49.67 10.72 -10.22
CA LEU E 135 -50.01 11.95 -9.56
C LEU E 135 -49.09 12.25 -8.36
N GLY E 136 -48.38 13.39 -8.45
CA GLY E 136 -47.67 13.96 -7.32
C GLY E 136 -48.62 14.87 -6.55
N VAL E 137 -48.08 15.87 -5.85
CA VAL E 137 -48.91 16.73 -5.01
C VAL E 137 -48.67 18.17 -5.41
N PRO E 138 -49.71 19.03 -5.32
CA PRO E 138 -49.53 20.47 -5.51
C PRO E 138 -48.30 20.92 -4.73
N MET E 139 -47.48 21.77 -5.35
CA MET E 139 -46.18 22.04 -4.76
C MET E 139 -45.88 23.54 -4.64
N TRP E 140 -46.81 24.46 -4.90
CA TRP E 140 -46.46 25.86 -4.65
C TRP E 140 -46.20 26.03 -3.16
N VAL E 141 -47.12 25.49 -2.35
CA VAL E 141 -46.95 25.47 -0.92
C VAL E 141 -46.60 24.02 -0.59
N LYS E 142 -45.55 23.85 0.21
CA LYS E 142 -45.14 22.54 0.65
C LYS E 142 -46.20 21.87 1.51
N MET E 143 -46.59 20.66 1.12
CA MET E 143 -47.61 19.96 1.87
C MET E 143 -47.03 19.31 3.12
N ASP E 144 -47.83 19.22 4.18
CA ASP E 144 -47.55 18.31 5.28
C ASP E 144 -48.35 17.02 5.12
N LEU E 145 -48.21 16.10 6.07
CA LEU E 145 -48.76 14.77 5.95
C LEU E 145 -50.28 14.76 5.83
N PRO E 146 -51.06 15.40 6.74
CA PRO E 146 -52.50 15.31 6.64
C PRO E 146 -53.03 15.99 5.39
N THR E 147 -52.35 17.06 4.95
CA THR E 147 -52.71 17.78 3.74
C THR E 147 -52.55 16.84 2.53
N ALA E 148 -51.44 16.12 2.46
CA ALA E 148 -51.20 15.25 1.31
C ALA E 148 -52.17 14.05 1.33
N VAL E 149 -52.41 13.51 2.53
CA VAL E 149 -53.35 12.41 2.66
C VAL E 149 -54.73 12.81 2.16
N GLN E 150 -55.24 13.93 2.68
CA GLN E 150 -56.54 14.42 2.29
C GLN E 150 -56.57 14.71 0.78
N PHE E 151 -55.45 15.14 0.22
CA PHE E 151 -55.46 15.48 -1.21
C PHE E 151 -55.78 14.20 -2.05
N TYR E 152 -55.02 13.14 -1.79
CA TYR E 152 -55.24 11.87 -2.54
C TYR E 152 -56.65 11.34 -2.22
N ARG E 153 -57.03 11.37 -0.94
CA ARG E 153 -58.43 10.97 -0.60
CA ARG E 153 -58.43 10.97 -0.59
C ARG E 153 -59.55 11.71 -1.41
N ASP E 154 -59.29 13.02 -1.55
CA ASP E 154 -60.28 13.85 -2.29
C ASP E 154 -60.34 13.46 -3.77
N VAL E 155 -59.16 13.32 -4.40
CA VAL E 155 -59.14 12.89 -5.82
C VAL E 155 -59.84 11.53 -5.96
N ALA E 156 -59.55 10.61 -5.05
CA ALA E 156 -60.14 9.29 -5.16
C ALA E 156 -61.65 9.36 -4.99
N ASP E 157 -62.10 10.19 -4.05
CA ASP E 157 -63.52 10.38 -3.84
C ASP E 157 -64.16 11.00 -5.07
N ALA E 158 -63.47 11.98 -5.69
CA ALA E 158 -64.05 12.71 -6.81
C ALA E 158 -64.05 11.91 -8.12
N VAL E 159 -63.08 10.99 -8.30
CA VAL E 159 -62.91 10.26 -9.54
C VAL E 159 -62.72 8.78 -9.21
N PRO E 160 -63.77 8.11 -8.70
CA PRO E 160 -63.58 6.80 -8.07
C PRO E 160 -63.20 5.70 -9.07
N GLU E 161 -63.41 5.95 -10.35
CA GLU E 161 -63.06 4.97 -11.36
C GLU E 161 -61.60 5.12 -11.77
N ALA E 162 -60.89 6.18 -11.36
CA ALA E 162 -59.48 6.35 -11.73
C ALA E 162 -58.57 5.56 -10.80
N ALA E 163 -57.66 4.73 -11.35
CA ALA E 163 -56.56 4.22 -10.54
C ALA E 163 -55.54 5.34 -10.36
N ILE E 164 -54.82 5.31 -9.24
CA ILE E 164 -53.81 6.30 -8.92
C ILE E 164 -52.46 5.62 -8.71
N ALA E 165 -51.43 6.18 -9.36
CA ALA E 165 -50.06 5.86 -9.11
C ALA E 165 -49.45 7.08 -8.39
N ILE E 166 -49.02 6.88 -7.15
CA ILE E 166 -48.41 7.94 -6.38
C ILE E 166 -47.06 8.23 -7.02
N TYR E 167 -46.85 9.49 -7.43
CA TYR E 167 -45.57 9.93 -7.95
C TYR E 167 -44.75 10.51 -6.81
N ALA E 168 -43.95 9.65 -6.17
CA ALA E 168 -43.30 10.00 -4.91
C ALA E 168 -41.93 10.65 -5.15
N ASN E 169 -41.92 11.86 -5.73
CA ASN E 169 -40.71 12.63 -6.02
C ASN E 169 -40.63 13.84 -5.10
N PRO E 170 -39.83 13.78 -4.02
CA PRO E 170 -39.64 14.92 -3.09
C PRO E 170 -39.03 16.18 -3.70
N GLU E 171 -38.21 16.00 -4.75
CA GLU E 171 -37.52 17.13 -5.36
C GLU E 171 -38.53 17.99 -6.09
N ALA E 172 -39.32 17.35 -6.92
CA ALA E 172 -40.40 18.04 -7.59
C ALA E 172 -41.46 18.57 -6.63
N PHE E 173 -41.93 17.74 -5.68
CA PHE E 173 -43.18 18.06 -5.03
C PHE E 173 -43.00 18.55 -3.59
N LYS E 174 -41.75 18.59 -3.10
CA LYS E 174 -41.37 19.14 -1.80
C LYS E 174 -41.70 18.15 -0.70
N PHE E 175 -42.95 17.71 -0.64
CA PHE E 175 -43.32 16.69 0.34
C PHE E 175 -42.48 15.44 0.15
N ASP E 176 -42.12 14.77 1.25
CA ASP E 176 -41.18 13.64 1.15
C ASP E 176 -41.82 12.25 1.22
N PHE E 177 -43.15 12.17 1.22
CA PHE E 177 -43.86 10.89 1.09
C PHE E 177 -43.33 9.91 2.14
N PRO E 178 -43.51 10.22 3.45
CA PRO E 178 -42.91 9.43 4.56
C PRO E 178 -43.70 8.16 4.85
N ARG E 179 -43.16 7.37 5.80
CA ARG E 179 -43.75 6.10 6.17
C ARG E 179 -45.25 6.21 6.43
N PRO E 180 -45.70 7.09 7.35
CA PRO E 180 -47.12 7.10 7.69
C PRO E 180 -48.06 7.43 6.54
N PHE E 181 -47.57 8.18 5.55
CA PHE E 181 -48.32 8.48 4.34
C PHE E 181 -48.65 7.20 3.59
N TRP E 182 -47.69 6.28 3.48
CA TRP E 182 -47.93 5.05 2.75
C TRP E 182 -48.98 4.22 3.48
N ALA E 183 -48.97 4.22 4.81
CA ALA E 183 -49.96 3.45 5.55
C ALA E 183 -51.33 4.02 5.24
N GLU E 184 -51.43 5.35 5.07
CA GLU E 184 -52.72 5.96 4.78
C GLU E 184 -53.17 5.64 3.35
N MET E 185 -52.23 5.70 2.39
CA MET E 185 -52.56 5.43 1.01
C MET E 185 -53.10 4.01 0.81
N SER E 186 -52.61 3.06 1.60
CA SER E 186 -52.98 1.66 1.48
C SER E 186 -54.47 1.47 1.82
N LYS E 187 -55.06 2.45 2.52
CA LYS E 187 -56.47 2.39 2.84
C LYS E 187 -57.37 2.90 1.72
N ILE E 188 -56.79 3.46 0.64
CA ILE E 188 -57.55 4.04 -0.43
C ILE E 188 -57.53 3.02 -1.57
N PRO E 189 -58.66 2.39 -1.92
CA PRO E 189 -58.66 1.35 -2.95
C PRO E 189 -58.12 1.79 -4.31
N GLN E 190 -58.35 3.04 -4.68
CA GLN E 190 -57.90 3.56 -5.96
C GLN E 190 -56.38 3.62 -6.08
N VAL E 191 -55.69 3.72 -4.94
CA VAL E 191 -54.24 3.83 -4.97
C VAL E 191 -53.65 2.43 -5.12
N VAL E 192 -53.19 2.10 -6.33
CA VAL E 192 -52.80 0.73 -6.64
C VAL E 192 -51.30 0.59 -6.80
N THR E 193 -50.59 1.71 -7.03
CA THR E 193 -49.18 1.59 -7.31
C THR E 193 -48.48 2.90 -6.96
N ALA E 194 -47.15 2.87 -7.01
CA ALA E 194 -46.34 4.05 -6.76
C ALA E 194 -45.11 4.02 -7.65
N LYS E 195 -44.79 5.19 -8.23
CA LYS E 195 -43.51 5.44 -8.84
C LYS E 195 -42.56 5.81 -7.71
N TYR E 196 -41.72 4.88 -7.31
CA TYR E 196 -40.96 5.00 -6.06
C TYR E 196 -39.51 5.30 -6.40
N LEU E 197 -38.83 6.01 -5.48
CA LEU E 197 -37.44 6.33 -5.69
C LEU E 197 -36.59 5.42 -4.78
N GLY E 198 -35.72 5.98 -3.92
CA GLY E 198 -34.73 5.16 -3.23
C GLY E 198 -35.42 4.11 -2.35
N ILE E 199 -34.83 2.92 -2.24
CA ILE E 199 -35.46 1.75 -1.62
C ILE E 199 -34.99 1.50 -0.19
N GLY E 200 -34.28 2.48 0.40
CA GLY E 200 -33.84 2.40 1.77
C GLY E 200 -34.95 1.96 2.74
N MET E 201 -36.20 2.43 2.55
CA MET E 201 -37.27 2.07 3.46
C MET E 201 -38.34 1.20 2.78
N LEU E 202 -37.99 0.50 1.68
CA LEU E 202 -39.00 -0.26 0.94
C LEU E 202 -39.54 -1.40 1.81
N ASP E 203 -38.66 -2.09 2.54
CA ASP E 203 -39.05 -3.23 3.39
C ASP E 203 -40.17 -2.82 4.33
N LEU E 204 -39.99 -1.66 5.00
CA LEU E 204 -40.99 -1.14 5.92
C LEU E 204 -42.24 -0.67 5.17
N ASP E 205 -42.05 0.11 4.09
CA ASP E 205 -43.20 0.63 3.35
C ASP E 205 -44.09 -0.50 2.82
N LEU E 206 -43.50 -1.62 2.41
CA LEU E 206 -44.29 -2.78 1.94
C LEU E 206 -45.16 -3.30 3.09
N ARG E 207 -44.57 -3.37 4.28
CA ARG E 207 -45.36 -3.78 5.47
CA ARG E 207 -45.37 -3.79 5.47
C ARG E 207 -46.54 -2.82 5.87
N LEU E 208 -46.21 -1.53 5.76
CA LEU E 208 -47.24 -0.51 6.14
C LEU E 208 -48.30 -0.38 5.05
N ALA E 209 -47.94 -0.72 3.81
CA ALA E 209 -48.89 -0.51 2.73
C ALA E 209 -49.10 -1.82 1.97
N PRO E 210 -49.87 -2.78 2.52
CA PRO E 210 -50.06 -4.08 1.88
C PRO E 210 -50.82 -4.07 0.56
N ASN E 211 -51.53 -2.97 0.25
CA ASN E 211 -52.42 -2.93 -0.92
C ASN E 211 -51.78 -2.20 -2.11
N ILE E 212 -50.54 -1.75 -2.00
CA ILE E 212 -49.90 -0.99 -3.08
C ILE E 212 -48.84 -1.82 -3.79
N ARG E 213 -48.84 -1.80 -5.14
CA ARG E 213 -47.71 -2.32 -5.91
C ARG E 213 -46.67 -1.23 -6.05
N PHE E 214 -45.59 -1.36 -5.25
CA PHE E 214 -44.53 -0.39 -5.30
C PHE E 214 -43.63 -0.68 -6.51
N LEU E 215 -43.44 0.34 -7.35
CA LEU E 215 -42.55 0.25 -8.50
C LEU E 215 -41.22 0.90 -8.17
N PRO E 216 -40.13 0.15 -7.92
CA PRO E 216 -38.81 0.77 -7.88
C PRO E 216 -38.38 1.20 -9.28
N HIS E 217 -37.41 2.09 -9.32
CA HIS E 217 -36.72 2.41 -10.55
C HIS E 217 -36.03 1.14 -11.08
N GLU E 218 -36.00 0.98 -12.41
CA GLU E 218 -35.41 -0.18 -13.03
C GLU E 218 -34.06 -0.59 -12.44
N ASP E 219 -33.19 0.37 -12.12
CA ASP E 219 -31.86 0.01 -11.62
C ASP E 219 -31.89 -0.65 -10.22
N ASP E 220 -32.93 -0.33 -9.43
CA ASP E 220 -33.14 -0.84 -8.09
C ASP E 220 -34.02 -2.09 -8.08
N TYR E 221 -34.55 -2.50 -9.25
CA TYR E 221 -35.47 -3.63 -9.29
C TYR E 221 -34.78 -4.90 -8.80
N TYR E 222 -33.54 -5.13 -9.23
CA TYR E 222 -32.78 -6.31 -8.81
C TYR E 222 -32.78 -6.42 -7.29
N ALA E 223 -32.37 -5.36 -6.61
CA ALA E 223 -32.26 -5.39 -5.16
C ALA E 223 -33.64 -5.58 -4.53
N ALA E 224 -34.60 -4.82 -5.02
CA ALA E 224 -35.95 -4.81 -4.48
C ALA E 224 -36.63 -6.17 -4.62
N ALA E 225 -36.48 -6.80 -5.79
CA ALA E 225 -37.05 -8.11 -6.04
C ALA E 225 -36.43 -9.15 -5.11
N ARG E 226 -35.14 -9.00 -4.76
CA ARG E 226 -34.50 -9.92 -3.84
C ARG E 226 -34.99 -9.71 -2.40
N ILE E 227 -35.31 -8.45 -2.05
CA ILE E 227 -35.84 -8.16 -0.72
C ILE E 227 -37.18 -8.85 -0.52
N ASN E 228 -38.09 -8.67 -1.47
CA ASN E 228 -39.43 -9.20 -1.38
C ASN E 228 -39.90 -9.66 -2.76
N PRO E 229 -39.56 -10.90 -3.16
CA PRO E 229 -39.94 -11.39 -4.50
C PRO E 229 -41.43 -11.64 -4.71
N GLU E 230 -42.18 -11.79 -3.62
CA GLU E 230 -43.62 -11.94 -3.76
C GLU E 230 -44.25 -10.60 -4.12
N ARG E 231 -43.77 -9.49 -3.52
CA ARG E 231 -44.45 -8.20 -3.65
C ARG E 231 -43.87 -7.38 -4.81
N ILE E 232 -42.57 -7.53 -5.04
CA ILE E 232 -41.88 -6.71 -6.01
C ILE E 232 -41.75 -7.50 -7.31
N THR E 233 -42.79 -7.31 -8.14
CA THR E 233 -42.93 -8.00 -9.41
C THR E 233 -42.89 -7.03 -10.58
N ALA E 234 -42.72 -5.72 -10.31
CA ALA E 234 -42.89 -4.70 -11.33
C ALA E 234 -41.91 -3.57 -11.06
N PHE E 235 -41.54 -2.84 -12.12
CA PHE E 235 -40.67 -1.68 -11.94
C PHE E 235 -41.03 -0.65 -12.99
N TRP E 236 -40.55 0.60 -12.82
CA TRP E 236 -40.71 1.62 -13.82
C TRP E 236 -39.36 1.88 -14.53
N SER E 237 -39.44 2.24 -15.81
CA SER E 237 -38.25 2.42 -16.63
C SER E 237 -38.37 3.68 -17.47
N SER E 238 -37.34 4.52 -17.45
CA SER E 238 -37.19 5.53 -18.48
C SER E 238 -36.09 5.12 -19.47
N GLY E 239 -35.19 4.23 -19.06
CA GLY E 239 -34.18 3.69 -19.97
C GLY E 239 -34.80 2.97 -21.17
N ALA E 240 -36.04 2.48 -21.03
CA ALA E 240 -36.71 1.78 -22.12
C ALA E 240 -36.91 2.70 -23.32
N MET E 241 -37.01 4.02 -23.09
CA MET E 241 -37.13 5.00 -24.16
C MET E 241 -35.88 5.09 -25.03
N CYS E 242 -34.78 4.41 -24.62
CA CYS E 242 -33.56 4.32 -25.40
C CYS E 242 -33.44 2.95 -26.09
N GLY E 243 -34.49 2.15 -26.00
CA GLY E 243 -34.46 0.77 -26.46
C GLY E 243 -34.93 -0.14 -25.32
N PRO E 244 -36.14 -0.70 -25.42
CA PRO E 244 -36.72 -1.48 -24.33
C PRO E 244 -36.22 -2.90 -24.10
N ALA E 245 -35.30 -3.41 -24.94
CA ALA E 245 -34.95 -4.81 -24.80
C ALA E 245 -34.33 -5.08 -23.44
N THR E 246 -33.58 -4.10 -22.91
CA THR E 246 -32.88 -4.25 -21.65
C THR E 246 -33.89 -4.45 -20.53
N ALA E 247 -34.93 -3.59 -20.48
CA ALA E 247 -35.93 -3.73 -19.44
C ALA E 247 -36.69 -5.05 -19.58
N ILE E 248 -36.93 -5.50 -20.81
CA ILE E 248 -37.65 -6.75 -21.04
C ILE E 248 -36.79 -7.92 -20.55
N MET E 249 -35.52 -7.90 -20.88
CA MET E 249 -34.60 -8.95 -20.47
C MET E 249 -34.48 -8.97 -18.93
N LEU E 250 -34.43 -7.80 -18.31
CA LEU E 250 -34.40 -7.75 -16.85
C LEU E 250 -35.64 -8.44 -16.27
N ARG E 251 -36.83 -8.03 -16.70
CA ARG E 251 -38.07 -8.63 -16.22
C ARG E 251 -37.98 -10.15 -16.32
N ASP E 252 -37.64 -10.64 -17.52
CA ASP E 252 -37.68 -12.06 -17.84
C ASP E 252 -36.69 -12.81 -16.97
N GLU E 253 -35.51 -12.24 -16.78
CA GLU E 253 -34.48 -12.95 -16.05
C GLU E 253 -34.76 -12.93 -14.55
N VAL E 254 -35.40 -11.85 -14.09
CA VAL E 254 -35.79 -11.83 -12.70
C VAL E 254 -36.89 -12.86 -12.44
N VAL E 255 -37.87 -13.03 -13.35
CA VAL E 255 -38.86 -14.09 -13.19
C VAL E 255 -38.14 -15.45 -13.06
N ARG E 256 -37.18 -15.71 -13.93
CA ARG E 256 -36.46 -16.97 -13.89
C ARG E 256 -35.68 -17.13 -12.58
N ALA E 257 -34.98 -16.06 -12.14
CA ALA E 257 -34.20 -16.08 -10.90
C ALA E 257 -35.07 -16.40 -9.70
N LYS E 258 -36.29 -15.87 -9.66
CA LYS E 258 -37.17 -16.14 -8.54
C LYS E 258 -37.54 -17.62 -8.49
N SER E 259 -37.60 -18.27 -9.66
CA SER E 259 -37.94 -19.67 -9.72
C SER E 259 -36.71 -20.56 -9.53
N THR E 260 -35.52 -20.16 -10.02
CA THR E 260 -34.37 -21.06 -9.99
C THR E 260 -33.50 -20.81 -8.76
N GLY E 261 -33.49 -19.58 -8.25
CA GLY E 261 -32.57 -19.17 -7.20
C GLY E 261 -31.21 -18.68 -7.71
N ASP E 262 -31.01 -18.68 -9.03
CA ASP E 262 -29.76 -18.24 -9.60
C ASP E 262 -29.93 -16.81 -10.13
N TRP E 263 -29.38 -15.82 -9.41
CA TRP E 263 -29.59 -14.41 -9.73
C TRP E 263 -28.45 -13.83 -10.57
N ALA E 264 -27.49 -14.64 -11.04
CA ALA E 264 -26.29 -14.07 -11.64
C ALA E 264 -26.61 -13.28 -12.92
N LYS E 265 -27.51 -13.79 -13.75
CA LYS E 265 -27.82 -13.14 -15.02
CA LYS E 265 -27.81 -13.15 -15.01
C LYS E 265 -28.54 -11.82 -14.77
N ALA E 266 -29.52 -11.86 -13.88
CA ALA E 266 -30.29 -10.66 -13.55
C ALA E 266 -29.37 -9.58 -12.97
N LYS E 267 -28.41 -9.99 -12.11
CA LYS E 267 -27.43 -9.07 -11.54
CA LYS E 267 -27.44 -9.07 -11.54
C LYS E 267 -26.61 -8.42 -12.65
N ALA E 268 -26.20 -9.19 -13.66
CA ALA E 268 -25.32 -8.64 -14.69
C ALA E 268 -26.05 -7.61 -15.56
N ILE E 269 -27.33 -7.86 -15.82
CA ILE E 269 -28.15 -6.92 -16.57
C ILE E 269 -28.30 -5.63 -15.73
N SER E 270 -28.61 -5.83 -14.45
CA SER E 270 -28.80 -4.72 -13.52
C SER E 270 -27.53 -3.86 -13.43
N ASP E 271 -26.38 -4.51 -13.35
CA ASP E 271 -25.11 -3.82 -13.28
C ASP E 271 -24.80 -3.02 -14.55
N ASP E 272 -25.17 -3.55 -15.73
CA ASP E 272 -25.05 -2.86 -17.00
C ASP E 272 -25.95 -1.61 -17.02
N MET E 273 -27.15 -1.73 -16.46
CA MET E 273 -28.08 -0.60 -16.42
C MET E 273 -27.51 0.55 -15.58
N ARG E 274 -26.92 0.21 -14.43
CA ARG E 274 -26.40 1.23 -13.55
C ARG E 274 -25.22 1.93 -14.22
N ALA E 275 -24.36 1.17 -14.92
CA ALA E 275 -23.23 1.77 -15.63
C ALA E 275 -23.74 2.69 -16.74
N ALA E 276 -24.79 2.28 -17.45
CA ALA E 276 -25.38 3.12 -18.48
C ALA E 276 -25.93 4.42 -17.91
N ASP E 277 -26.40 4.39 -16.66
CA ASP E 277 -26.91 5.59 -16.00
C ASP E 277 -25.82 6.41 -15.29
N SER E 278 -24.56 5.98 -15.35
CA SER E 278 -23.54 6.50 -14.48
C SER E 278 -23.13 7.95 -14.81
N THR E 279 -23.44 8.42 -16.02
CA THR E 279 -23.12 9.78 -16.43
C THR E 279 -24.36 10.67 -16.50
N LEU E 280 -25.53 10.17 -16.08
CA LEU E 280 -26.77 10.90 -16.28
C LEU E 280 -26.90 12.08 -15.31
N PHE E 281 -26.60 11.84 -14.03
CA PHE E 281 -26.84 12.88 -13.01
C PHE E 281 -25.65 13.86 -13.02
N PRO E 282 -25.83 15.18 -13.22
CA PRO E 282 -24.72 16.14 -13.07
C PRO E 282 -24.10 15.97 -11.69
N ARG E 283 -22.79 15.67 -11.68
CA ARG E 283 -22.01 15.39 -10.48
C ARG E 283 -22.64 14.30 -9.59
N GLY E 284 -23.31 13.32 -10.18
CA GLY E 284 -23.87 12.23 -9.37
C GLY E 284 -25.01 12.65 -8.43
N ASP E 285 -25.54 13.86 -8.60
CA ASP E 285 -26.39 14.53 -7.62
C ASP E 285 -27.82 14.60 -8.16
N PHE E 286 -28.76 13.96 -7.45
CA PHE E 286 -30.17 13.93 -7.84
C PHE E 286 -30.77 15.34 -7.80
N SER E 287 -30.41 16.16 -6.80
CA SER E 287 -30.93 17.53 -6.74
C SER E 287 -30.55 18.33 -8.02
N GLU E 288 -29.30 18.21 -8.46
CA GLU E 288 -28.83 18.93 -9.63
C GLU E 288 -29.46 18.37 -10.91
N PHE E 289 -29.57 17.03 -10.97
CA PHE E 289 -30.33 16.35 -12.01
C PHE E 289 -31.75 16.91 -12.08
N SER E 290 -32.37 17.11 -10.90
CA SER E 290 -33.76 17.52 -10.80
C SER E 290 -34.02 18.92 -11.38
N LYS E 291 -33.01 19.78 -11.39
CA LYS E 291 -33.14 21.07 -12.03
C LYS E 291 -33.21 20.95 -13.56
N TYR E 292 -32.77 19.83 -14.11
CA TYR E 292 -32.69 19.67 -15.57
C TYR E 292 -33.31 18.33 -15.98
N ASN E 293 -34.21 17.82 -15.15
CA ASN E 293 -34.79 16.48 -15.34
C ASN E 293 -35.36 16.35 -16.75
N ILE E 294 -36.08 17.38 -17.21
CA ILE E 294 -36.72 17.32 -18.52
C ILE E 294 -35.66 17.26 -19.62
N GLY E 295 -34.74 18.22 -19.64
CA GLY E 295 -33.80 18.37 -20.75
C GLY E 295 -32.84 17.20 -20.80
N LEU E 296 -32.45 16.69 -19.63
CA LEU E 296 -31.50 15.59 -19.57
C LEU E 296 -32.15 14.29 -20.06
N GLU E 297 -33.38 14.02 -19.65
CA GLU E 297 -34.06 12.82 -20.13
C GLU E 297 -34.28 12.94 -21.64
N LYS E 298 -34.80 14.09 -22.07
CA LYS E 298 -35.11 14.24 -23.50
C LYS E 298 -33.84 14.18 -24.35
N ALA E 299 -32.72 14.76 -23.87
CA ALA E 299 -31.48 14.70 -24.62
C ALA E 299 -30.92 13.28 -24.69
N ARG E 300 -31.03 12.50 -23.62
CA ARG E 300 -30.60 11.11 -23.65
C ARG E 300 -31.42 10.32 -24.67
N MET E 301 -32.73 10.52 -24.68
CA MET E 301 -33.58 9.76 -25.60
C MET E 301 -33.21 10.16 -27.03
N ASP E 302 -33.04 11.45 -27.29
CA ASP E 302 -32.68 11.89 -28.63
C ASP E 302 -31.36 11.25 -29.06
N ALA E 303 -30.36 11.18 -28.14
CA ALA E 303 -29.06 10.60 -28.45
C ALA E 303 -29.12 9.11 -28.76
N ALA E 304 -29.99 8.37 -28.03
CA ALA E 304 -30.13 6.94 -28.21
C ALA E 304 -30.74 6.57 -29.57
N GLY E 305 -31.62 7.42 -30.11
CA GLY E 305 -32.14 7.25 -31.46
C GLY E 305 -33.23 6.19 -31.60
N TRP E 306 -33.80 5.68 -30.49
CA TRP E 306 -34.96 4.80 -30.55
C TRP E 306 -36.26 5.58 -30.73
N LEU E 307 -36.32 6.79 -30.16
CA LEU E 307 -37.42 7.71 -30.40
C LEU E 307 -36.95 9.15 -30.45
N LYS E 308 -37.84 10.01 -30.89
CA LYS E 308 -37.51 11.42 -30.98
C LYS E 308 -38.32 12.17 -29.93
N ALA E 309 -37.67 12.57 -28.86
CA ALA E 309 -38.33 13.25 -27.76
C ALA E 309 -38.56 14.71 -28.11
N GLY E 310 -37.55 15.33 -28.70
CA GLY E 310 -37.69 16.64 -29.29
C GLY E 310 -37.40 17.74 -28.25
N PRO E 311 -37.45 19.00 -28.67
CA PRO E 311 -37.18 20.13 -27.80
C PRO E 311 -38.10 20.22 -26.57
N CYS E 312 -37.55 20.86 -25.54
CA CYS E 312 -38.27 21.06 -24.29
C CYS E 312 -39.12 22.32 -24.31
N ARG E 313 -40.33 22.21 -23.76
CA ARG E 313 -41.26 23.31 -23.70
C ARG E 313 -40.78 24.31 -22.64
N PRO E 314 -41.08 25.62 -22.85
CA PRO E 314 -40.62 26.67 -21.93
C PRO E 314 -41.35 26.57 -20.60
N PRO E 315 -40.66 26.84 -19.48
CA PRO E 315 -39.34 27.48 -19.48
C PRO E 315 -38.07 26.63 -19.49
N TYR E 316 -38.20 25.30 -19.46
CA TYR E 316 -37.10 24.42 -19.12
C TYR E 316 -36.33 23.97 -20.36
N ASN E 317 -35.87 24.94 -21.15
CA ASN E 317 -35.35 24.65 -22.48
C ASN E 317 -33.86 24.99 -22.53
N LEU E 318 -33.23 25.18 -21.36
CA LEU E 318 -31.81 25.48 -21.27
C LEU E 318 -31.12 24.51 -20.33
N VAL E 319 -30.10 23.82 -20.84
CA VAL E 319 -29.31 22.91 -20.04
C VAL E 319 -27.83 23.20 -20.30
N PRO E 320 -26.98 23.31 -19.25
CA PRO E 320 -25.52 23.39 -19.42
C PRO E 320 -24.96 22.29 -20.33
N GLU E 321 -24.08 22.66 -21.23
CA GLU E 321 -23.49 21.74 -22.19
C GLU E 321 -22.86 20.48 -21.57
N ASP E 322 -22.06 20.59 -20.49
CA ASP E 322 -21.44 19.40 -19.92
C ASP E 322 -22.50 18.42 -19.38
N TYR E 323 -23.60 18.97 -18.85
CA TYR E 323 -24.64 18.10 -18.34
C TYR E 323 -25.33 17.40 -19.52
N LEU E 324 -25.59 18.12 -20.62
CA LEU E 324 -26.19 17.51 -21.81
C LEU E 324 -25.33 16.33 -22.29
N ALA E 325 -24.01 16.53 -22.35
CA ALA E 325 -23.09 15.51 -22.83
C ALA E 325 -23.13 14.22 -21.99
N GLY E 326 -23.28 14.39 -20.66
CA GLY E 326 -23.44 13.23 -19.78
C GLY E 326 -24.71 12.45 -20.15
N ALA E 327 -25.81 13.18 -20.36
CA ALA E 327 -27.07 12.55 -20.72
C ALA E 327 -26.98 11.89 -22.09
N GLN E 328 -26.23 12.48 -23.03
CA GLN E 328 -26.07 11.90 -24.37
C GLN E 328 -25.25 10.62 -24.30
N LYS E 329 -24.17 10.63 -23.51
CA LYS E 329 -23.38 9.44 -23.27
C LYS E 329 -24.22 8.32 -22.65
N SER E 330 -25.12 8.67 -21.72
CA SER E 330 -26.01 7.69 -21.14
C SER E 330 -26.93 7.08 -22.20
N GLY E 331 -27.48 7.95 -23.03
CA GLY E 331 -28.38 7.51 -24.09
C GLY E 331 -27.66 6.55 -25.05
N LYS E 332 -26.38 6.82 -25.35
CA LYS E 332 -25.61 5.92 -26.22
C LYS E 332 -25.35 4.60 -25.51
N ALA E 333 -25.13 4.63 -24.18
CA ALA E 333 -24.89 3.40 -23.43
C ALA E 333 -26.17 2.53 -23.40
N TRP E 334 -27.35 3.15 -23.16
CA TRP E 334 -28.60 2.40 -23.17
C TRP E 334 -28.92 1.87 -24.58
N ALA E 335 -28.56 2.61 -25.62
CA ALA E 335 -28.77 2.14 -26.98
C ALA E 335 -27.92 0.91 -27.23
N ALA E 336 -26.68 0.90 -26.74
CA ALA E 336 -25.81 -0.26 -26.86
C ALA E 336 -26.37 -1.47 -26.09
N LEU E 337 -26.98 -1.23 -24.92
CA LEU E 337 -27.61 -2.28 -24.14
C LEU E 337 -28.79 -2.86 -24.93
N HIS E 338 -29.59 -1.98 -25.58
CA HIS E 338 -30.75 -2.43 -26.34
C HIS E 338 -30.27 -3.41 -27.43
N ALA E 339 -29.17 -3.06 -28.12
CA ALA E 339 -28.67 -3.89 -29.21
C ALA E 339 -28.16 -5.24 -28.69
N LYS E 340 -27.49 -5.25 -27.54
CA LYS E 340 -26.99 -6.46 -26.91
C LYS E 340 -28.14 -7.38 -26.53
N TYR E 341 -29.13 -6.85 -25.79
CA TYR E 341 -30.18 -7.68 -25.24
C TYR E 341 -31.23 -8.01 -26.31
N SER E 342 -31.30 -7.21 -27.38
CA SER E 342 -32.14 -7.54 -28.52
C SER E 342 -31.69 -8.87 -29.09
N ASN E 343 -30.38 -9.09 -29.12
CA ASN E 343 -29.81 -10.30 -29.67
C ASN E 343 -30.05 -11.48 -28.73
N GLU E 344 -30.03 -11.23 -27.44
CA GLU E 344 -30.24 -12.29 -26.47
C GLU E 344 -31.72 -12.65 -26.38
N LEU E 345 -32.61 -11.70 -26.68
CA LEU E 345 -34.04 -11.98 -26.70
C LEU E 345 -34.37 -12.89 -27.88
N LYS E 346 -33.96 -12.49 -29.09
CA LYS E 346 -34.58 -12.94 -30.33
C LYS E 346 -33.83 -12.33 -31.54
N SER F 21 -2.43 -9.99 13.96
CA SER F 21 -2.36 -9.22 12.68
C SER F 21 -3.66 -8.43 12.48
N ARG F 22 -3.60 -7.48 11.54
CA ARG F 22 -4.70 -6.54 11.32
C ARG F 22 -5.94 -7.26 10.79
N LEU F 23 -7.10 -6.92 11.35
CA LEU F 23 -8.40 -7.46 10.93
CA LEU F 23 -8.39 -7.47 10.95
C LEU F 23 -8.61 -7.21 9.45
N THR F 24 -9.20 -8.19 8.76
CA THR F 24 -9.63 -7.97 7.38
C THR F 24 -11.16 -8.01 7.34
N ALA F 25 -11.71 -7.61 6.21
CA ALA F 25 -13.15 -7.64 6.00
C ALA F 25 -13.68 -9.06 6.14
N GLU F 26 -12.91 -10.05 5.66
CA GLU F 26 -13.37 -11.42 5.73
C GLU F 26 -13.59 -11.83 7.19
N ASP F 27 -12.87 -11.19 8.11
CA ASP F 27 -12.91 -11.50 9.53
C ASP F 27 -14.12 -10.86 10.22
N ILE F 28 -14.90 -10.03 9.51
CA ILE F 28 -16.05 -9.33 10.10
C ILE F 28 -17.33 -10.00 9.67
N ASN F 29 -18.02 -10.60 10.66
CA ASN F 29 -19.23 -11.39 10.49
C ASN F 29 -20.13 -11.20 11.69
N GLY F 30 -21.43 -11.31 11.46
CA GLY F 30 -22.40 -11.49 12.54
C GLY F 30 -22.76 -10.15 13.21
N ALA F 31 -22.98 -10.19 14.52
CA ALA F 31 -23.53 -9.06 15.25
C ALA F 31 -22.43 -8.22 15.88
N TRP F 32 -22.30 -6.97 15.43
CA TRP F 32 -21.34 -6.03 15.92
C TRP F 32 -22.06 -4.95 16.71
N THR F 33 -21.89 -4.97 18.04
CA THR F 33 -22.68 -4.16 18.95
C THR F 33 -21.91 -2.91 19.36
N ILE F 34 -22.59 -1.76 19.28
CA ILE F 34 -22.00 -0.47 19.60
CA ILE F 34 -21.98 -0.48 19.61
C ILE F 34 -22.36 -0.12 21.05
N MET F 35 -21.34 -0.05 21.90
CA MET F 35 -21.56 0.17 23.31
C MET F 35 -21.44 1.66 23.62
N PRO F 36 -22.21 2.15 24.62
CA PRO F 36 -22.10 3.51 25.10
C PRO F 36 -20.85 3.62 25.96
N THR F 37 -20.58 4.83 26.45
CA THR F 37 -19.53 5.07 27.39
C THR F 37 -20.21 5.39 28.72
N PRO F 38 -20.38 4.39 29.60
CA PRO F 38 -21.14 4.56 30.84
C PRO F 38 -20.65 5.74 31.65
N SER F 39 -21.60 6.46 32.26
CA SER F 39 -21.19 7.64 32.98
CA SER F 39 -21.37 7.71 32.95
C SER F 39 -21.58 7.54 34.45
N THR F 40 -20.77 8.24 35.24
CA THR F 40 -21.05 8.45 36.66
C THR F 40 -22.20 9.43 36.85
N PRO F 41 -22.80 9.49 38.06
CA PRO F 41 -23.92 10.40 38.30
C PRO F 41 -23.74 11.89 38.02
N ASP F 42 -22.53 12.39 38.23
CA ASP F 42 -22.23 13.81 38.05
C ASP F 42 -21.80 14.12 36.60
N ALA F 43 -21.99 13.21 35.62
CA ALA F 43 -21.38 13.36 34.30
C ALA F 43 -21.88 14.58 33.53
N SER F 44 -23.08 15.07 33.82
CA SER F 44 -23.63 16.17 33.06
C SER F 44 -22.98 17.50 33.49
N ASP F 45 -22.20 17.49 34.58
CA ASP F 45 -21.70 18.73 35.15
C ASP F 45 -20.34 19.03 34.54
N TRP F 46 -20.19 20.26 34.00
CA TRP F 46 -18.92 20.62 33.39
C TRP F 46 -17.77 20.56 34.37
N ARG F 47 -18.06 20.71 35.67
CA ARG F 47 -17.01 20.66 36.67
C ARG F 47 -16.44 19.26 36.89
N SER F 48 -17.13 18.23 36.42
CA SER F 48 -16.71 16.86 36.74
C SER F 48 -15.57 16.42 35.84
N THR F 49 -14.68 15.65 36.46
CA THR F 49 -13.65 14.91 35.80
C THR F 49 -13.88 13.42 36.12
N ALA F 50 -13.25 12.52 35.37
CA ALA F 50 -13.37 11.10 35.64
C ALA F 50 -14.84 10.68 35.68
N THR F 51 -15.57 10.93 34.57
CA THR F 51 -16.99 10.64 34.53
C THR F 51 -17.26 9.27 33.93
N VAL F 52 -16.25 8.43 33.70
CA VAL F 52 -16.50 7.13 33.09
C VAL F 52 -16.67 6.12 34.22
N ASP F 53 -17.77 5.38 34.19
CA ASP F 53 -17.94 4.28 35.14
C ASP F 53 -17.20 3.09 34.56
N LEU F 54 -15.98 2.88 35.04
CA LEU F 54 -15.14 1.88 34.43
C LEU F 54 -15.62 0.46 34.76
N GLU F 55 -16.22 0.25 35.95
CA GLU F 55 -16.68 -1.08 36.30
C GLU F 55 -17.92 -1.44 35.49
N GLU F 56 -18.84 -0.49 35.30
CA GLU F 56 -19.94 -0.69 34.37
C GLU F 56 -19.43 -1.00 32.96
N THR F 57 -18.38 -0.32 32.53
CA THR F 57 -17.78 -0.60 31.22
C THR F 57 -17.40 -2.09 31.12
N ALA F 58 -16.65 -2.60 32.11
CA ALA F 58 -16.18 -3.98 32.11
C ALA F 58 -17.34 -4.97 32.17
N ARG F 59 -18.35 -4.66 32.97
CA ARG F 59 -19.51 -5.53 33.08
C ARG F 59 -20.22 -5.67 31.74
N ILE F 60 -20.36 -4.52 31.03
CA ILE F 60 -21.01 -4.53 29.72
C ILE F 60 -20.22 -5.42 28.75
N VAL F 61 -18.91 -5.25 28.72
CA VAL F 61 -18.08 -5.98 27.79
C VAL F 61 -18.25 -7.48 28.04
N GLU F 62 -18.14 -7.89 29.30
CA GLU F 62 -18.25 -9.32 29.63
C GLU F 62 -19.64 -9.83 29.25
N GLU F 63 -20.69 -9.05 29.48
CA GLU F 63 -22.03 -9.46 29.15
C GLU F 63 -22.18 -9.66 27.63
N LEU F 64 -21.60 -8.72 26.87
CA LEU F 64 -21.68 -8.79 25.41
C LEU F 64 -20.95 -10.04 24.91
N ILE F 65 -19.75 -10.30 25.42
CA ILE F 65 -19.01 -11.48 25.02
C ILE F 65 -19.81 -12.75 25.37
N ALA F 66 -20.44 -12.75 26.54
CA ALA F 66 -21.20 -13.89 27.03
C ALA F 66 -22.43 -14.15 26.19
N ALA F 67 -23.04 -13.07 25.69
CA ALA F 67 -24.19 -13.20 24.82
C ALA F 67 -23.79 -13.75 23.45
N GLY F 68 -22.50 -13.77 23.14
CA GLY F 68 -22.04 -14.29 21.85
C GLY F 68 -21.85 -13.22 20.75
N VAL F 69 -21.68 -11.95 21.13
CA VAL F 69 -21.49 -10.94 20.07
C VAL F 69 -20.15 -11.19 19.34
N ASN F 70 -20.08 -10.76 18.07
CA ASN F 70 -18.96 -11.09 17.20
C ASN F 70 -17.86 -10.04 17.35
N GLY F 71 -18.30 -8.82 17.62
CA GLY F 71 -17.38 -7.70 17.73
C GLY F 71 -18.02 -6.54 18.47
N ILE F 72 -17.18 -5.66 19.00
CA ILE F 72 -17.63 -4.52 19.76
C ILE F 72 -17.15 -3.25 19.08
N LEU F 73 -18.08 -2.33 18.85
CA LEU F 73 -17.74 -1.00 18.41
C LEU F 73 -18.06 -0.01 19.54
N SER F 74 -17.50 1.19 19.45
CA SER F 74 -17.63 2.21 20.49
C SER F 74 -17.16 3.56 19.97
N MET F 75 -17.49 4.59 20.77
CA MET F 75 -16.96 5.93 20.59
C MET F 75 -17.34 6.53 19.23
N GLY F 76 -18.61 6.34 18.86
CA GLY F 76 -19.25 7.15 17.82
C GLY F 76 -20.01 8.33 18.43
N THR F 77 -21.22 8.61 17.94
CA THR F 77 -21.96 9.76 18.41
C THR F 77 -22.49 9.52 19.82
N PHE F 78 -23.36 8.52 19.99
CA PHE F 78 -23.95 8.29 21.29
C PHE F 78 -22.93 7.79 22.31
N GLY F 79 -21.83 7.21 21.83
CA GLY F 79 -20.74 6.84 22.71
C GLY F 79 -19.91 8.03 23.20
N GLU F 80 -20.28 9.26 22.79
CA GLU F 80 -19.75 10.51 23.34
C GLU F 80 -18.26 10.71 23.08
N CYS F 81 -17.80 10.20 21.93
CA CYS F 81 -16.48 10.55 21.41
C CYS F 81 -16.25 12.06 21.46
N ALA F 82 -17.29 12.85 21.19
CA ALA F 82 -17.19 14.30 21.14
C ALA F 82 -17.00 14.93 22.50
N THR F 83 -17.51 14.27 23.57
CA THR F 83 -17.64 14.95 24.86
C THR F 83 -16.81 14.36 26.00
N LEU F 84 -16.14 13.24 25.79
CA LEU F 84 -15.19 12.70 26.76
C LEU F 84 -13.88 13.49 26.71
N THR F 85 -13.19 13.56 27.85
CA THR F 85 -11.82 14.07 27.86
C THR F 85 -10.90 12.96 27.37
N TRP F 86 -9.66 13.37 27.05
CA TRP F 86 -8.66 12.43 26.57
C TRP F 86 -8.35 11.40 27.65
N ASP F 87 -8.23 11.85 28.89
CA ASP F 87 -7.98 10.93 29.99
C ASP F 87 -9.12 9.90 30.13
N GLU F 88 -10.35 10.35 29.96
CA GLU F 88 -11.49 9.46 30.09
C GLU F 88 -11.45 8.39 28.98
N LYS F 89 -11.14 8.84 27.77
CA LYS F 89 -11.07 7.96 26.62
C LYS F 89 -10.01 6.86 26.84
N ARG F 90 -8.79 7.24 27.27
CA ARG F 90 -7.73 6.26 27.46
C ARG F 90 -8.13 5.23 28.52
N ASP F 91 -8.77 5.70 29.61
CA ASP F 91 -9.17 4.84 30.72
C ASP F 91 -10.23 3.85 30.27
N TYR F 92 -11.23 4.37 29.53
CA TYR F 92 -12.29 3.55 28.97
C TYR F 92 -11.71 2.45 28.08
N VAL F 93 -10.83 2.85 27.14
CA VAL F 93 -10.27 1.90 26.19
C VAL F 93 -9.41 0.86 26.91
N SER F 94 -8.58 1.31 27.87
CA SER F 94 -7.75 0.37 28.62
C SER F 94 -8.60 -0.67 29.31
N THR F 95 -9.70 -0.25 29.95
CA THR F 95 -10.58 -1.15 30.68
C THR F 95 -11.20 -2.17 29.71
N ILE F 96 -11.64 -1.68 28.57
CA ILE F 96 -12.23 -2.55 27.58
C ILE F 96 -11.20 -3.62 27.13
N VAL F 97 -10.03 -3.15 26.71
CA VAL F 97 -8.99 -4.04 26.19
C VAL F 97 -8.63 -5.08 27.26
N GLU F 98 -8.39 -4.62 28.49
CA GLU F 98 -8.07 -5.52 29.59
C GLU F 98 -9.20 -6.54 29.81
N THR F 99 -10.45 -6.12 29.64
CA THR F 99 -11.56 -7.02 29.84
C THR F 99 -11.67 -8.04 28.70
N ILE F 100 -11.52 -7.59 27.45
CA ILE F 100 -11.74 -8.45 26.30
C ILE F 100 -10.67 -9.55 26.26
N ARG F 101 -9.44 -9.18 26.61
CA ARG F 101 -8.31 -10.11 26.62
C ARG F 101 -8.24 -10.86 25.29
N GLY F 102 -8.46 -10.18 24.16
CA GLY F 102 -8.25 -10.79 22.86
C GLY F 102 -9.39 -11.67 22.34
N ARG F 103 -10.52 -11.76 23.05
CA ARG F 103 -11.52 -12.76 22.70
C ARG F 103 -12.42 -12.34 21.52
N VAL F 104 -12.64 -11.04 21.35
CA VAL F 104 -13.43 -10.52 20.26
C VAL F 104 -12.71 -9.25 19.78
N PRO F 105 -12.88 -8.88 18.51
CA PRO F 105 -12.32 -7.61 18.02
C PRO F 105 -13.08 -6.41 18.58
N TYR F 106 -12.35 -5.29 18.66
CA TYR F 106 -12.80 -4.12 19.36
C TYR F 106 -12.31 -2.88 18.59
N PHE F 107 -13.25 -1.98 18.29
CA PHE F 107 -12.97 -0.72 17.65
C PHE F 107 -13.27 0.39 18.66
N CYS F 108 -12.24 1.20 18.89
CA CYS F 108 -12.36 2.51 19.54
C CYS F 108 -12.88 3.51 18.50
N GLY F 109 -12.97 4.79 18.85
CA GLY F 109 -13.44 5.80 17.92
C GLY F 109 -12.58 7.03 18.10
N THR F 110 -12.03 7.58 16.99
CA THR F 110 -11.04 8.64 17.12
C THR F 110 -11.34 9.84 16.22
N THR F 111 -12.62 10.03 15.89
CA THR F 111 -12.99 11.20 15.10
C THR F 111 -12.62 12.45 15.87
N ALA F 112 -12.03 13.43 15.18
CA ALA F 112 -11.64 14.67 15.83
C ALA F 112 -11.69 15.79 14.78
N LEU F 113 -11.32 17.00 15.18
CA LEU F 113 -11.42 18.17 14.31
C LEU F 113 -10.31 18.25 13.25
N ASN F 114 -9.24 17.44 13.35
CA ASN F 114 -8.21 17.52 12.32
C ASN F 114 -7.42 16.21 12.22
N THR F 115 -6.66 16.08 11.13
CA THR F 115 -5.95 14.85 10.78
C THR F 115 -4.89 14.51 11.83
N ARG F 116 -4.15 15.53 12.26
CA ARG F 116 -3.08 15.32 13.24
C ARG F 116 -3.63 14.76 14.55
N GLU F 117 -4.78 15.30 14.99
CA GLU F 117 -5.35 14.86 16.26
C GLU F 117 -5.92 13.45 16.10
N VAL F 118 -6.53 13.15 14.95
CA VAL F 118 -7.06 11.83 14.72
C VAL F 118 -5.90 10.83 14.79
N ILE F 119 -4.78 11.18 14.14
CA ILE F 119 -3.66 10.26 14.03
C ILE F 119 -3.08 10.01 15.42
N ARG F 120 -2.88 11.11 16.17
CA ARG F 120 -2.38 11.00 17.52
C ARG F 120 -3.27 10.09 18.38
N GLN F 121 -4.58 10.32 18.39
CA GLN F 121 -5.48 9.48 19.17
C GLN F 121 -5.42 8.03 18.70
N THR F 122 -5.45 7.84 17.40
CA THR F 122 -5.53 6.51 16.86
C THR F 122 -4.27 5.73 17.24
N ARG F 123 -3.09 6.32 17.05
CA ARG F 123 -1.85 5.63 17.46
C ARG F 123 -1.94 5.19 18.95
N GLU F 124 -2.36 6.10 19.81
CA GLU F 124 -2.38 5.77 21.27
C GLU F 124 -3.38 4.64 21.56
N LEU F 125 -4.60 4.73 21.03
CA LEU F 125 -5.63 3.73 21.41
C LEU F 125 -5.32 2.36 20.76
N ILE F 126 -4.80 2.36 19.54
CA ILE F 126 -4.36 1.11 18.93
C ILE F 126 -3.21 0.50 19.73
N ASP F 127 -2.26 1.33 20.20
CA ASP F 127 -1.18 0.85 21.03
C ASP F 127 -1.70 0.24 22.34
N ILE F 128 -2.75 0.81 22.91
CA ILE F 128 -3.34 0.29 24.14
C ILE F 128 -3.91 -1.12 23.90
N GLY F 129 -4.43 -1.38 22.69
CA GLY F 129 -4.83 -2.70 22.26
C GLY F 129 -6.12 -2.73 21.45
N ALA F 130 -6.70 -1.57 21.06
CA ALA F 130 -7.83 -1.66 20.16
C ALA F 130 -7.36 -2.24 18.82
N ASN F 131 -8.24 -2.91 18.09
CA ASN F 131 -7.93 -3.47 16.78
C ASN F 131 -8.17 -2.45 15.65
N GLY F 132 -9.05 -1.47 15.88
CA GLY F 132 -9.41 -0.54 14.82
C GLY F 132 -10.02 0.72 15.40
N THR F 133 -10.32 1.67 14.51
CA THR F 133 -11.06 2.86 14.90
C THR F 133 -12.29 2.99 14.01
N MET F 134 -13.39 3.35 14.66
CA MET F 134 -14.60 3.71 13.97
C MET F 134 -14.55 5.21 13.77
N LEU F 135 -14.40 5.65 12.51
CA LEU F 135 -13.89 6.98 12.20
C LEU F 135 -14.76 7.72 11.20
N GLY F 136 -15.28 8.85 11.67
CA GLY F 136 -15.99 9.82 10.85
C GLY F 136 -14.99 10.80 10.27
N VAL F 137 -15.46 11.99 9.84
CA VAL F 137 -14.52 12.94 9.26
C VAL F 137 -14.56 14.21 10.08
N PRO F 138 -13.44 14.96 10.16
CA PRO F 138 -13.48 16.32 10.71
C PRO F 138 -14.63 17.12 10.12
N MET F 139 -15.34 17.87 10.96
CA MET F 139 -16.64 18.39 10.50
C MET F 139 -16.86 19.89 10.79
N TRP F 140 -15.87 20.62 11.27
CA TRP F 140 -16.02 22.06 11.41
C TRP F 140 -16.23 22.68 10.04
N VAL F 141 -15.33 22.34 9.11
CA VAL F 141 -15.51 22.66 7.70
C VAL F 141 -15.97 21.40 7.00
N LYS F 142 -17.03 21.57 6.22
CA LYS F 142 -17.58 20.44 5.46
C LYS F 142 -16.55 19.98 4.43
N MET F 143 -16.30 18.68 4.45
CA MET F 143 -15.31 18.13 3.51
C MET F 143 -15.92 17.81 2.14
N ASP F 144 -15.09 17.95 1.12
CA ASP F 144 -15.49 17.50 -0.23
C ASP F 144 -14.88 16.12 -0.43
N LEU F 145 -15.14 15.55 -1.59
CA LEU F 145 -14.71 14.21 -1.87
C LEU F 145 -13.19 14.05 -1.77
N PRO F 146 -12.37 14.79 -2.55
CA PRO F 146 -10.92 14.59 -2.48
C PRO F 146 -10.34 14.76 -1.09
N THR F 147 -10.92 15.68 -0.32
CA THR F 147 -10.48 15.99 1.03
C THR F 147 -10.73 14.80 1.95
N ALA F 148 -11.91 14.20 1.81
CA ALA F 148 -12.29 13.06 2.64
C ALA F 148 -11.43 11.84 2.29
N VAL F 149 -11.24 11.61 0.99
CA VAL F 149 -10.43 10.51 0.52
C VAL F 149 -9.02 10.61 1.10
N GLN F 150 -8.40 11.80 0.97
CA GLN F 150 -7.06 12.05 1.44
C GLN F 150 -6.96 11.92 2.97
N PHE F 151 -7.98 12.41 3.68
CA PHE F 151 -8.06 12.20 5.13
C PHE F 151 -7.90 10.72 5.50
N TYR F 152 -8.73 9.82 4.95
CA TYR F 152 -8.63 8.41 5.28
C TYR F 152 -7.29 7.81 4.81
N ARG F 153 -6.80 8.20 3.62
CA ARG F 153 -5.49 7.72 3.18
C ARG F 153 -4.38 8.16 4.14
N ASP F 154 -4.47 9.40 4.65
CA ASP F 154 -3.50 9.91 5.59
C ASP F 154 -3.51 9.10 6.89
N VAL F 155 -4.71 8.77 7.43
CA VAL F 155 -4.76 8.04 8.69
C VAL F 155 -4.18 6.65 8.51
N ALA F 156 -4.57 5.98 7.42
CA ALA F 156 -4.07 4.64 7.12
C ALA F 156 -2.56 4.61 6.93
N ASP F 157 -2.03 5.65 6.26
CA ASP F 157 -0.60 5.80 6.05
C ASP F 157 0.12 5.97 7.39
N ALA F 158 -0.46 6.75 8.29
CA ALA F 158 0.19 7.07 9.56
C ALA F 158 0.10 5.92 10.56
N VAL F 159 -1.00 5.16 10.55
CA VAL F 159 -1.20 4.08 11.51
C VAL F 159 -1.58 2.82 10.74
N PRO F 160 -0.62 2.24 9.98
CA PRO F 160 -0.94 1.18 9.04
C PRO F 160 -1.51 -0.09 9.66
N GLU F 161 -1.25 -0.31 10.95
CA GLU F 161 -1.70 -1.53 11.61
C GLU F 161 -3.13 -1.39 12.12
N ALA F 162 -3.69 -0.17 12.13
CA ALA F 162 -5.08 0.01 12.53
C ALA F 162 -6.05 -0.38 11.42
N ALA F 163 -7.04 -1.21 11.75
CA ALA F 163 -8.22 -1.35 10.91
C ALA F 163 -9.08 -0.07 11.05
N ILE F 164 -9.81 0.27 9.99
CA ILE F 164 -10.69 1.42 9.99
C ILE F 164 -12.10 0.95 9.60
N ALA F 165 -13.04 1.42 10.41
CA ALA F 165 -14.46 1.38 10.08
C ALA F 165 -14.94 2.79 9.76
N ILE F 166 -15.41 2.94 8.53
CA ILE F 166 -15.92 4.23 8.12
C ILE F 166 -17.22 4.45 8.86
N TYR F 167 -17.31 5.59 9.56
CA TYR F 167 -18.54 5.96 10.24
C TYR F 167 -19.31 6.92 9.34
N ALA F 168 -20.21 6.35 8.51
CA ALA F 168 -20.78 7.07 7.40
C ALA F 168 -22.07 7.78 7.79
N ASN F 169 -21.95 8.82 8.64
CA ASN F 169 -23.07 9.57 9.17
C ASN F 169 -23.02 11.02 8.65
N PRO F 170 -23.83 11.37 7.64
CA PRO F 170 -23.84 12.72 7.07
C PRO F 170 -24.38 13.82 7.97
N GLU F 171 -25.30 13.47 8.89
CA GLU F 171 -25.84 14.44 9.81
C GLU F 171 -24.70 14.93 10.71
N ALA F 172 -23.95 13.99 11.29
CA ALA F 172 -22.86 14.35 12.17
C ALA F 172 -21.72 15.03 11.41
N PHE F 173 -21.30 14.45 10.28
CA PHE F 173 -20.02 14.83 9.70
C PHE F 173 -20.19 15.68 8.44
N LYS F 174 -21.44 16.01 8.03
CA LYS F 174 -21.72 16.91 6.92
C LYS F 174 -21.46 16.29 5.56
N PHE F 175 -20.23 15.83 5.32
CA PHE F 175 -19.92 15.04 4.14
C PHE F 175 -20.88 13.87 3.99
N ASP F 176 -21.30 13.53 2.76
CA ASP F 176 -22.36 12.54 2.59
C ASP F 176 -21.89 11.14 2.14
N PHE F 177 -20.58 10.90 2.10
CA PHE F 177 -20.02 9.58 1.85
C PHE F 177 -20.62 9.01 0.56
N PRO F 178 -20.42 9.68 -0.59
CA PRO F 178 -21.03 9.26 -1.85
C PRO F 178 -20.40 8.04 -2.52
N ARG F 179 -21.01 7.61 -3.62
CA ARG F 179 -20.54 6.43 -4.34
C ARG F 179 -19.04 6.48 -4.64
N PRO F 180 -18.48 7.52 -5.31
CA PRO F 180 -17.06 7.49 -5.65
C PRO F 180 -16.11 7.39 -4.44
N PHE F 181 -16.58 7.89 -3.29
CA PHE F 181 -15.84 7.72 -2.05
C PHE F 181 -15.63 6.24 -1.70
N TRP F 182 -16.67 5.42 -1.82
CA TRP F 182 -16.54 4.00 -1.48
C TRP F 182 -15.55 3.30 -2.41
N ALA F 183 -15.57 3.67 -3.70
CA ALA F 183 -14.61 3.12 -4.64
C ALA F 183 -13.18 3.41 -4.21
N GLU F 184 -12.91 4.62 -3.71
CA GLU F 184 -11.59 5.01 -3.22
C GLU F 184 -11.21 4.28 -1.92
N MET F 185 -12.16 4.17 -1.00
CA MET F 185 -11.89 3.49 0.26
C MET F 185 -11.52 2.03 0.03
N SER F 186 -12.09 1.38 -0.99
CA SER F 186 -11.84 -0.03 -1.26
C SER F 186 -10.40 -0.25 -1.68
N LYS F 187 -9.69 0.81 -2.06
CA LYS F 187 -8.28 0.67 -2.42
C LYS F 187 -7.36 0.77 -1.22
N ILE F 188 -7.90 1.09 -0.05
CA ILE F 188 -7.10 1.30 1.15
C ILE F 188 -7.23 0.04 2.00
N PRO F 189 -6.16 -0.78 2.14
CA PRO F 189 -6.27 -2.08 2.81
C PRO F 189 -6.80 -1.98 4.24
N GLN F 190 -6.46 -0.89 4.92
CA GLN F 190 -6.86 -0.70 6.32
C GLN F 190 -8.37 -0.51 6.49
N VAL F 191 -9.09 -0.07 5.43
CA VAL F 191 -10.52 0.16 5.51
C VAL F 191 -11.24 -1.16 5.27
N VAL F 192 -11.74 -1.79 6.34
CA VAL F 192 -12.27 -3.13 6.26
C VAL F 192 -13.78 -3.14 6.40
N THR F 193 -14.37 -2.08 6.98
CA THR F 193 -15.79 -2.12 7.22
C THR F 193 -16.32 -0.69 7.29
N ALA F 194 -17.65 -0.61 7.34
CA ALA F 194 -18.37 0.64 7.40
C ALA F 194 -19.60 0.50 8.28
N LYS F 195 -19.73 1.41 9.25
CA LYS F 195 -21.01 1.64 9.89
C LYS F 195 -21.90 2.42 8.92
N TYR F 196 -22.84 1.71 8.30
CA TYR F 196 -23.57 2.24 7.17
C TYR F 196 -24.99 2.55 7.58
N LEU F 197 -25.58 3.53 6.88
CA LEU F 197 -26.95 3.94 7.17
C LEU F 197 -27.85 3.43 6.05
N GLY F 198 -28.70 4.27 5.46
CA GLY F 198 -29.72 3.85 4.52
C GLY F 198 -29.14 2.99 3.40
N ILE F 199 -29.86 1.91 3.01
CA ILE F 199 -29.35 0.92 2.07
C ILE F 199 -29.83 1.16 0.64
N GLY F 200 -30.42 2.32 0.31
CA GLY F 200 -30.87 2.61 -1.04
C GLY F 200 -29.80 2.39 -2.12
N MET F 201 -28.53 2.63 -1.81
CA MET F 201 -27.46 2.46 -2.78
C MET F 201 -26.47 1.38 -2.35
N LEU F 202 -26.91 0.42 -1.53
CA LEU F 202 -25.98 -0.58 -1.04
C LEU F 202 -25.57 -1.52 -2.18
N ASP F 203 -26.50 -1.92 -3.04
CA ASP F 203 -26.16 -2.82 -4.14
C ASP F 203 -24.99 -2.27 -4.98
N LEU F 204 -25.07 -0.99 -5.30
CA LEU F 204 -24.01 -0.30 -6.04
C LEU F 204 -22.74 -0.16 -5.20
N ASP F 205 -22.88 0.28 -3.95
CA ASP F 205 -21.67 0.48 -3.15
C ASP F 205 -20.89 -0.83 -3.00
N LEU F 206 -21.59 -1.97 -2.85
CA LEU F 206 -20.91 -3.26 -2.79
C LEU F 206 -20.08 -3.53 -4.05
N ARG F 207 -20.64 -3.24 -5.22
CA ARG F 207 -19.94 -3.43 -6.48
C ARG F 207 -18.73 -2.50 -6.57
N LEU F 208 -18.88 -1.25 -6.11
CA LEU F 208 -17.83 -0.26 -6.19
C LEU F 208 -16.70 -0.56 -5.20
N ALA F 209 -17.03 -1.25 -4.10
CA ALA F 209 -16.12 -1.42 -2.97
C ALA F 209 -16.04 -2.89 -2.59
N PRO F 210 -15.42 -3.72 -3.46
CA PRO F 210 -15.33 -5.16 -3.21
C PRO F 210 -14.61 -5.56 -1.93
N ASN F 211 -13.79 -4.64 -1.37
CA ASN F 211 -12.90 -4.96 -0.26
C ASN F 211 -13.46 -4.53 1.09
N ILE F 212 -14.70 -4.02 1.13
CA ILE F 212 -15.25 -3.54 2.40
C ILE F 212 -16.40 -4.43 2.87
N ARG F 213 -16.40 -4.75 4.18
CA ARG F 213 -17.59 -5.33 4.79
C ARG F 213 -18.55 -4.21 5.21
N PHE F 214 -19.64 -4.03 4.46
CA PHE F 214 -20.63 -3.00 4.79
C PHE F 214 -21.53 -3.52 5.91
N LEU F 215 -21.59 -2.81 7.03
CA LEU F 215 -22.52 -3.14 8.09
C LEU F 215 -23.76 -2.28 8.00
N PRO F 216 -24.91 -2.85 7.59
CA PRO F 216 -26.18 -2.12 7.72
C PRO F 216 -26.55 -2.02 9.19
N HIS F 217 -27.46 -1.09 9.45
CA HIS F 217 -28.14 -1.03 10.74
C HIS F 217 -28.94 -2.32 10.94
N GLU F 218 -29.03 -2.80 12.17
CA GLU F 218 -29.74 -4.05 12.49
C GLU F 218 -31.10 -4.15 11.80
N ASP F 219 -31.91 -3.07 11.75
CA ASP F 219 -33.27 -3.12 11.20
C ASP F 219 -33.24 -3.38 9.68
N ASP F 220 -32.14 -2.99 9.03
CA ASP F 220 -31.96 -3.11 7.59
C ASP F 220 -31.22 -4.39 7.22
N TYR F 221 -30.72 -5.14 8.20
CA TYR F 221 -29.92 -6.32 7.91
C TYR F 221 -30.72 -7.37 7.14
N TYR F 222 -31.97 -7.59 7.52
CA TYR F 222 -32.84 -8.54 6.79
C TYR F 222 -32.86 -8.26 5.28
N ALA F 223 -33.20 -7.02 4.92
CA ALA F 223 -33.27 -6.60 3.52
C ALA F 223 -31.92 -6.75 2.84
N ALA F 224 -30.87 -6.20 3.50
CA ALA F 224 -29.53 -6.17 2.92
C ALA F 224 -29.01 -7.58 2.71
N ALA F 225 -29.26 -8.48 3.67
CA ALA F 225 -28.77 -9.84 3.53
C ALA F 225 -29.50 -10.56 2.39
N ARG F 226 -30.77 -10.20 2.11
CA ARG F 226 -31.51 -10.71 0.97
C ARG F 226 -30.95 -10.19 -0.36
N ILE F 227 -30.51 -8.93 -0.41
CA ILE F 227 -29.91 -8.36 -1.60
C ILE F 227 -28.61 -9.10 -1.97
N ASN F 228 -27.73 -9.27 -1.00
CA ASN F 228 -26.43 -9.86 -1.27
C ASN F 228 -26.06 -10.76 -0.10
N PRO F 229 -26.51 -12.01 -0.10
CA PRO F 229 -26.23 -12.88 1.04
C PRO F 229 -24.78 -13.30 1.19
N GLU F 230 -24.01 -13.26 0.11
CA GLU F 230 -22.61 -13.61 0.18
C GLU F 230 -21.84 -12.51 0.90
N ARG F 231 -22.19 -11.24 0.66
CA ARG F 231 -21.37 -10.14 1.14
C ARG F 231 -21.90 -9.57 2.47
N ILE F 232 -23.21 -9.63 2.66
CA ILE F 232 -23.83 -8.99 3.80
C ILE F 232 -24.05 -10.07 4.85
N THR F 233 -23.02 -10.28 5.68
CA THR F 233 -22.97 -11.31 6.72
C THR F 233 -22.89 -10.68 8.12
N ALA F 234 -22.98 -9.35 8.21
CA ALA F 234 -22.75 -8.66 9.47
C ALA F 234 -23.61 -7.41 9.52
N PHE F 235 -23.84 -6.90 10.74
CA PHE F 235 -24.65 -5.71 10.93
C PHE F 235 -24.16 -5.03 12.20
N TRP F 236 -24.52 -3.74 12.35
CA TRP F 236 -24.27 -3.07 13.61
C TRP F 236 -25.57 -2.88 14.39
N SER F 237 -25.46 -2.92 15.72
CA SER F 237 -26.59 -2.92 16.60
C SER F 237 -26.40 -1.92 17.73
N SER F 238 -27.37 -1.04 17.97
CA SER F 238 -27.43 -0.33 19.25
C SER F 238 -28.58 -0.87 20.10
N GLY F 239 -29.57 -1.51 19.47
CA GLY F 239 -30.64 -2.20 20.20
C GLY F 239 -30.11 -3.24 21.18
N ALA F 240 -28.94 -3.84 20.87
CA ALA F 240 -28.35 -4.84 21.75
C ALA F 240 -28.05 -4.30 23.15
N MET F 241 -27.89 -2.99 23.28
CA MET F 241 -27.59 -2.41 24.58
C MET F 241 -28.84 -2.43 25.46
N CYS F 242 -29.99 -2.81 24.89
CA CYS F 242 -31.20 -3.02 25.63
C CYS F 242 -31.45 -4.50 25.95
N GLY F 243 -30.46 -5.34 25.61
CA GLY F 243 -30.63 -6.79 25.70
C GLY F 243 -30.28 -7.43 24.35
N PRO F 244 -29.11 -8.10 24.24
CA PRO F 244 -28.60 -8.57 22.97
C PRO F 244 -29.27 -9.79 22.33
N ALA F 245 -30.20 -10.45 23.02
CA ALA F 245 -30.68 -11.72 22.51
C ALA F 245 -31.34 -11.51 21.16
N THR F 246 -32.00 -10.36 20.95
CA THR F 246 -32.69 -10.10 19.70
C THR F 246 -31.70 -10.08 18.54
N ALA F 247 -30.56 -9.39 18.70
CA ALA F 247 -29.54 -9.33 17.65
C ALA F 247 -28.91 -10.70 17.40
N ILE F 248 -28.72 -11.46 18.48
CA ILE F 248 -28.13 -12.78 18.35
C ILE F 248 -29.09 -13.68 17.57
N MET F 249 -30.39 -13.63 17.89
CA MET F 249 -31.42 -14.41 17.23
C MET F 249 -31.53 -14.03 15.74
N LEU F 250 -31.50 -12.72 15.44
CA LEU F 250 -31.49 -12.27 14.04
C LEU F 250 -30.32 -12.84 13.28
N ARG F 251 -29.13 -12.76 13.87
CA ARG F 251 -27.94 -13.25 13.22
C ARG F 251 -28.14 -14.73 12.88
N ASP F 252 -28.62 -15.48 13.87
CA ASP F 252 -28.71 -16.93 13.78
C ASP F 252 -29.74 -17.32 12.74
N GLU F 253 -30.87 -16.60 12.72
CA GLU F 253 -31.96 -16.97 11.83
C GLU F 253 -31.62 -16.62 10.38
N VAL F 254 -30.86 -15.55 10.18
CA VAL F 254 -30.45 -15.18 8.83
C VAL F 254 -29.46 -16.23 8.27
N VAL F 255 -28.49 -16.67 9.07
CA VAL F 255 -27.58 -17.75 8.69
C VAL F 255 -28.39 -18.96 8.23
N ARG F 256 -29.41 -19.32 9.01
CA ARG F 256 -30.31 -20.43 8.69
C ARG F 256 -31.07 -20.18 7.38
N ALA F 257 -31.66 -18.97 7.24
CA ALA F 257 -32.43 -18.63 6.06
C ALA F 257 -31.59 -18.70 4.79
N LYS F 258 -30.33 -18.26 4.88
CA LYS F 258 -29.44 -18.33 3.73
C LYS F 258 -29.28 -19.78 3.25
N SER F 259 -29.23 -20.73 4.17
CA SER F 259 -29.12 -22.14 3.82
C SER F 259 -30.44 -22.71 3.29
N THR F 260 -31.56 -22.46 3.99
CA THR F 260 -32.81 -23.17 3.73
C THR F 260 -33.66 -22.46 2.67
N GLY F 261 -33.48 -21.13 2.53
CA GLY F 261 -34.35 -20.36 1.67
C GLY F 261 -35.65 -19.92 2.34
N ASP F 262 -35.81 -20.26 3.62
CA ASP F 262 -37.00 -19.93 4.38
C ASP F 262 -36.69 -18.73 5.28
N TRP F 263 -37.16 -17.55 4.88
CA TRP F 263 -36.83 -16.28 5.50
C TRP F 263 -37.91 -15.80 6.49
N ALA F 264 -38.98 -16.58 6.70
CA ALA F 264 -40.12 -16.06 7.44
C ALA F 264 -39.74 -15.72 8.88
N LYS F 265 -38.89 -16.52 9.51
CA LYS F 265 -38.54 -16.28 10.90
C LYS F 265 -37.61 -15.05 11.03
N ALA F 266 -36.66 -14.95 10.11
CA ALA F 266 -35.82 -13.77 10.05
C ALA F 266 -36.67 -12.50 9.91
N LYS F 267 -37.64 -12.55 8.99
CA LYS F 267 -38.51 -11.41 8.73
C LYS F 267 -39.28 -11.05 9.99
N ALA F 268 -39.75 -12.03 10.77
CA ALA F 268 -40.54 -11.73 11.96
C ALA F 268 -39.73 -10.97 13.01
N ILE F 269 -38.48 -11.38 13.22
CA ILE F 269 -37.57 -10.74 14.15
C ILE F 269 -37.31 -9.30 13.69
N SER F 270 -37.02 -9.16 12.39
CA SER F 270 -36.68 -7.86 11.83
C SER F 270 -37.87 -6.92 11.96
N ASP F 271 -39.09 -7.42 11.73
CA ASP F 271 -40.30 -6.63 11.90
C ASP F 271 -40.51 -6.20 13.36
N ASP F 272 -40.27 -7.10 14.31
CA ASP F 272 -40.30 -6.74 15.73
C ASP F 272 -39.28 -5.64 16.04
N MET F 273 -38.07 -5.73 15.49
CA MET F 273 -37.05 -4.71 15.73
C MET F 273 -37.49 -3.32 15.23
N ARG F 274 -38.07 -3.29 14.03
CA ARG F 274 -38.50 -2.00 13.49
C ARG F 274 -39.64 -1.42 14.35
N ALA F 275 -40.54 -2.26 14.83
CA ALA F 275 -41.61 -1.77 15.70
C ALA F 275 -41.05 -1.20 17.01
N ALA F 276 -40.07 -1.91 17.62
CA ALA F 276 -39.42 -1.47 18.85
C ALA F 276 -38.76 -0.10 18.65
N ASP F 277 -38.24 0.13 17.44
CA ASP F 277 -37.58 1.37 17.06
C ASP F 277 -38.55 2.50 16.70
N SER F 278 -39.85 2.19 16.57
CA SER F 278 -40.83 3.07 15.94
C SER F 278 -41.10 4.37 16.69
N THR F 279 -40.74 4.47 17.97
CA THR F 279 -40.97 5.69 18.73
C THR F 279 -39.66 6.43 18.99
N LEU F 280 -38.53 5.95 18.44
CA LEU F 280 -37.23 6.47 18.81
C LEU F 280 -36.98 7.86 18.23
N PHE F 281 -37.25 8.02 16.94
CA PHE F 281 -36.90 9.25 16.21
C PHE F 281 -37.98 10.29 16.47
N PRO F 282 -37.67 11.49 17.02
CA PRO F 282 -38.68 12.55 17.17
C PRO F 282 -39.37 12.84 15.84
N ARG F 283 -40.71 12.75 15.83
CA ARG F 283 -41.56 12.87 14.64
C ARG F 283 -41.05 12.06 13.45
N GLY F 284 -40.38 10.93 13.73
CA GLY F 284 -39.95 10.01 12.69
C GLY F 284 -38.78 10.53 11.85
N ASP F 285 -38.04 11.54 12.36
CA ASP F 285 -37.14 12.34 11.53
C ASP F 285 -35.69 12.13 11.96
N PHE F 286 -34.84 11.68 11.04
CA PHE F 286 -33.47 11.38 11.42
C PHE F 286 -32.74 12.68 11.83
N SER F 287 -33.02 13.81 11.17
CA SER F 287 -32.31 15.05 11.46
C SER F 287 -32.66 15.57 12.86
N GLU F 288 -33.91 15.42 13.28
CA GLU F 288 -34.30 15.79 14.64
C GLU F 288 -33.74 14.79 15.67
N PHE F 289 -33.78 13.50 15.35
CA PHE F 289 -33.07 12.51 16.15
C PHE F 289 -31.61 12.90 16.32
N SER F 290 -30.99 13.36 15.22
CA SER F 290 -29.57 13.62 15.23
C SER F 290 -29.18 14.76 16.21
N LYS F 291 -30.06 15.73 16.44
CA LYS F 291 -29.78 16.77 17.43
C LYS F 291 -29.74 16.21 18.85
N TYR F 292 -30.37 15.05 19.07
CA TYR F 292 -30.46 14.47 20.42
C TYR F 292 -30.00 13.01 20.44
N ASN F 293 -29.08 12.67 19.53
CA ASN F 293 -28.66 11.29 19.29
C ASN F 293 -28.14 10.71 20.61
N ILE F 294 -27.35 11.54 21.32
CA ILE F 294 -26.73 11.11 22.56
C ILE F 294 -27.82 10.84 23.60
N GLY F 295 -28.63 11.86 23.93
CA GLY F 295 -29.53 11.73 25.05
C GLY F 295 -30.63 10.69 24.82
N LEU F 296 -31.07 10.54 23.56
CA LEU F 296 -32.10 9.57 23.25
C LEU F 296 -31.58 8.14 23.34
N GLU F 297 -30.35 7.89 22.84
CA GLU F 297 -29.82 6.54 22.93
C GLU F 297 -29.57 6.18 24.41
N LYS F 298 -28.94 7.10 25.15
CA LYS F 298 -28.62 6.79 26.54
C LYS F 298 -29.93 6.61 27.34
N ALA F 299 -30.94 7.44 27.05
CA ALA F 299 -32.19 7.34 27.77
C ALA F 299 -32.88 6.01 27.48
N ARG F 300 -32.80 5.54 26.24
CA ARG F 300 -33.44 4.30 25.87
C ARG F 300 -32.79 3.14 26.63
N MET F 301 -31.47 3.16 26.70
CA MET F 301 -30.72 2.12 27.37
C MET F 301 -31.00 2.15 28.87
N ASP F 302 -31.02 3.32 29.47
CA ASP F 302 -31.37 3.41 30.88
C ASP F 302 -32.77 2.82 31.13
N ALA F 303 -33.72 3.13 30.24
CA ALA F 303 -35.08 2.64 30.39
C ALA F 303 -35.16 1.12 30.23
N ALA F 304 -34.33 0.52 29.37
CA ALA F 304 -34.40 -0.92 29.13
C ALA F 304 -33.85 -1.70 30.32
N GLY F 305 -32.85 -1.16 31.03
CA GLY F 305 -32.40 -1.75 32.28
C GLY F 305 -31.39 -2.88 32.13
N TRP F 306 -30.85 -3.09 30.92
CA TRP F 306 -29.82 -4.08 30.74
C TRP F 306 -28.44 -3.53 31.11
N LEU F 307 -28.24 -2.23 30.88
CA LEU F 307 -27.06 -1.52 31.32
C LEU F 307 -27.45 -0.11 31.76
N LYS F 308 -26.52 0.53 32.45
CA LYS F 308 -26.71 1.89 32.94
C LYS F 308 -25.80 2.81 32.11
N ALA F 309 -26.41 3.49 31.15
CA ALA F 309 -25.64 4.39 30.29
C ALA F 309 -25.29 5.67 31.05
N GLY F 310 -26.26 6.17 31.77
CA GLY F 310 -26.03 7.29 32.66
C GLY F 310 -26.07 8.66 31.97
N PRO F 311 -25.87 9.73 32.76
CA PRO F 311 -26.02 11.10 32.25
C PRO F 311 -25.10 11.44 31.08
N CYS F 312 -25.60 12.35 30.26
CA CYS F 312 -24.83 12.82 29.10
C CYS F 312 -23.88 13.95 29.47
N ARG F 313 -22.67 13.89 28.89
CA ARG F 313 -21.65 14.87 29.19
C ARG F 313 -21.99 16.15 28.42
N PRO F 314 -21.62 17.34 28.96
CA PRO F 314 -21.97 18.62 28.35
C PRO F 314 -21.23 18.81 27.04
N PRO F 315 -21.86 19.46 26.04
CA PRO F 315 -23.08 20.24 26.24
C PRO F 315 -24.43 19.55 26.03
N TYR F 316 -24.40 18.25 25.65
CA TYR F 316 -25.58 17.60 25.11
C TYR F 316 -26.40 16.87 26.18
N ASN F 317 -26.79 17.60 27.21
CA ASN F 317 -27.40 17.03 28.40
C ASN F 317 -28.84 17.54 28.57
N LEU F 318 -29.44 18.12 27.52
CA LEU F 318 -30.83 18.59 27.56
C LEU F 318 -31.62 17.98 26.41
N VAL F 319 -32.70 17.26 26.72
CA VAL F 319 -33.54 16.66 25.69
C VAL F 319 -34.99 17.01 25.98
N PRO F 320 -35.82 17.46 25.01
CA PRO F 320 -37.24 17.70 25.32
C PRO F 320 -37.92 16.45 25.89
N GLU F 321 -38.82 16.63 26.86
CA GLU F 321 -39.44 15.55 27.61
C GLU F 321 -40.15 14.56 26.70
N ASP F 322 -40.86 15.04 25.65
CA ASP F 322 -41.64 14.20 24.75
C ASP F 322 -40.75 13.29 23.90
N TYR F 323 -39.59 13.82 23.51
CA TYR F 323 -38.63 13.01 22.79
C TYR F 323 -38.08 11.91 23.73
N LEU F 324 -37.79 12.26 24.98
CA LEU F 324 -37.25 11.33 25.96
C LEU F 324 -38.25 10.17 26.13
N ALA F 325 -39.53 10.51 26.18
CA ALA F 325 -40.56 9.50 26.41
C ALA F 325 -40.61 8.50 25.25
N GLY F 326 -40.47 9.00 24.02
CA GLY F 326 -40.42 8.10 22.87
C GLY F 326 -39.24 7.13 22.94
N ALA F 327 -38.07 7.67 23.34
CA ALA F 327 -36.87 6.87 23.53
C ALA F 327 -37.06 5.81 24.63
N GLN F 328 -37.72 6.19 25.73
CA GLN F 328 -37.91 5.28 26.85
C GLN F 328 -38.84 4.14 26.46
N LYS F 329 -39.88 4.48 25.69
CA LYS F 329 -40.80 3.49 25.18
C LYS F 329 -40.08 2.49 24.26
N SER F 330 -39.14 2.99 23.45
CA SER F 330 -38.33 2.14 22.58
C SER F 330 -37.48 1.19 23.42
N GLY F 331 -36.87 1.73 24.48
CA GLY F 331 -36.05 0.92 25.36
C GLY F 331 -36.84 -0.22 26.02
N LYS F 332 -38.06 0.08 26.48
CA LYS F 332 -38.90 -0.95 27.07
C LYS F 332 -39.33 -1.97 26.01
N ALA F 333 -39.60 -1.53 24.76
CA ALA F 333 -39.93 -2.46 23.70
C ALA F 333 -38.75 -3.39 23.37
N TRP F 334 -37.51 -2.88 23.34
CA TRP F 334 -36.36 -3.73 23.07
C TRP F 334 -36.07 -4.66 24.24
N ALA F 335 -36.32 -4.19 25.47
CA ALA F 335 -36.17 -5.05 26.64
C ALA F 335 -37.17 -6.19 26.56
N ALA F 336 -38.39 -5.92 26.05
CA ALA F 336 -39.40 -6.96 25.88
C ALA F 336 -38.99 -7.98 24.81
N LEU F 337 -38.39 -7.52 23.71
CA LEU F 337 -37.84 -8.42 22.71
C LEU F 337 -36.72 -9.27 23.28
N HIS F 338 -35.82 -8.67 24.06
CA HIS F 338 -34.72 -9.41 24.66
C HIS F 338 -35.27 -10.57 25.51
N ALA F 339 -36.28 -10.31 26.33
CA ALA F 339 -36.86 -11.36 27.16
C ALA F 339 -37.47 -12.45 26.27
N LYS F 340 -38.22 -12.06 25.23
CA LYS F 340 -38.82 -13.02 24.32
C LYS F 340 -37.77 -13.90 23.65
N TYR F 341 -36.74 -13.29 23.02
CA TYR F 341 -35.76 -14.05 22.26
C TYR F 341 -34.75 -14.79 23.18
N SER F 342 -34.58 -14.32 24.43
CA SER F 342 -33.76 -15.07 25.39
C SER F 342 -34.38 -16.45 25.58
N ASN F 343 -35.71 -16.49 25.57
CA ASN F 343 -36.44 -17.71 25.83
C ASN F 343 -36.30 -18.63 24.61
N GLU F 344 -36.27 -18.03 23.42
CA GLU F 344 -36.19 -18.81 22.19
C GLU F 344 -34.77 -19.28 21.89
N LEU F 345 -33.75 -18.64 22.46
CA LEU F 345 -32.37 -19.08 22.27
C LEU F 345 -32.20 -20.43 22.99
N LYS F 346 -32.95 -20.59 24.10
CA LYS F 346 -33.11 -21.87 24.81
C LYS F 346 -31.82 -22.21 25.56
N SER G 21 -50.07 55.25 -19.37
CA SER G 21 -48.84 54.57 -19.84
C SER G 21 -48.37 53.56 -18.79
N ARG G 22 -47.48 52.66 -19.20
CA ARG G 22 -47.03 51.57 -18.30
C ARG G 22 -46.40 52.19 -17.04
N LEU G 23 -46.78 51.67 -15.88
CA LEU G 23 -46.18 52.10 -14.59
C LEU G 23 -44.66 52.04 -14.66
N THR G 24 -43.98 52.98 -14.00
CA THR G 24 -42.53 52.93 -13.84
C THR G 24 -42.19 52.75 -12.38
N ALA G 25 -40.93 52.39 -12.12
CA ALA G 25 -40.44 52.31 -10.76
C ALA G 25 -40.61 53.66 -10.07
N GLU G 26 -40.41 54.78 -10.79
CA GLU G 26 -40.51 56.08 -10.12
C GLU G 26 -41.90 56.31 -9.55
N ASP G 27 -42.91 55.72 -10.18
CA ASP G 27 -44.31 55.87 -9.78
C ASP G 27 -44.67 55.00 -8.57
N ILE G 28 -43.73 54.22 -8.03
CA ILE G 28 -44.03 53.28 -6.96
C ILE G 28 -43.42 53.84 -5.67
N ASN G 29 -44.32 54.26 -4.79
CA ASN G 29 -43.98 54.87 -3.51
CA ASN G 29 -44.07 54.96 -3.56
C ASN G 29 -45.04 54.47 -2.47
N GLY G 30 -44.63 54.54 -1.20
CA GLY G 30 -45.55 54.44 -0.08
C GLY G 30 -45.92 53.01 0.30
N ALA G 31 -47.18 52.88 0.74
CA ALA G 31 -47.70 51.62 1.24
C ALA G 31 -48.37 50.83 0.13
N TRP G 32 -47.80 49.67 -0.18
CA TRP G 32 -48.34 48.74 -1.15
C TRP G 32 -48.90 47.51 -0.41
N THR G 33 -50.24 47.38 -0.41
CA THR G 33 -50.91 46.41 0.44
C THR G 33 -51.33 45.20 -0.40
N ILE G 34 -50.98 44.01 0.10
CA ILE G 34 -51.30 42.75 -0.55
C ILE G 34 -52.60 42.21 0.04
N MET G 35 -53.60 42.11 -0.84
CA MET G 35 -54.96 41.72 -0.48
CA MET G 35 -54.93 41.73 -0.40
C MET G 35 -55.14 40.22 -0.62
N PRO G 36 -55.93 39.56 0.27
CA PRO G 36 -56.29 38.16 0.11
C PRO G 36 -57.36 38.07 -0.96
N THR G 37 -57.75 36.84 -1.30
CA THR G 37 -58.86 36.59 -2.20
C THR G 37 -60.01 36.09 -1.32
N PRO G 38 -60.95 36.99 -0.90
CA PRO G 38 -61.99 36.60 0.05
C PRO G 38 -62.76 35.36 -0.38
N SER G 39 -63.06 34.49 0.58
CA SER G 39 -63.76 33.28 0.22
CA SER G 39 -63.69 33.21 0.36
C SER G 39 -65.13 33.17 0.88
N THR G 40 -66.00 32.51 0.13
CA THR G 40 -67.33 32.10 0.59
C THR G 40 -67.18 30.99 1.63
N PRO G 41 -68.24 30.71 2.42
CA PRO G 41 -68.16 29.71 3.49
C PRO G 41 -67.80 28.29 3.06
N ASP G 42 -68.13 27.95 1.82
CA ASP G 42 -67.92 26.59 1.36
C ASP G 42 -66.57 26.47 0.63
N ALA G 43 -65.67 27.47 0.70
CA ALA G 43 -64.52 27.48 -0.19
C ALA G 43 -63.53 26.31 0.04
N SER G 44 -63.59 25.64 1.18
CA SER G 44 -62.62 24.59 1.47
C SER G 44 -63.02 23.31 0.76
N ASP G 45 -64.24 23.28 0.24
CA ASP G 45 -64.79 22.04 -0.32
C ASP G 45 -64.37 21.91 -1.78
N TRP G 46 -63.79 20.75 -2.16
CA TRP G 46 -63.34 20.59 -3.55
C TRP G 46 -64.52 20.65 -4.52
N ARG G 47 -65.72 20.38 -4.00
CA ARG G 47 -66.91 20.41 -4.81
C ARG G 47 -67.37 21.83 -5.16
N SER G 48 -66.90 22.86 -4.44
CA SER G 48 -67.41 24.21 -4.64
C SER G 48 -66.83 24.88 -5.88
N THR G 49 -67.61 25.69 -6.62
CA THR G 49 -67.11 26.18 -7.90
C THR G 49 -66.95 27.69 -7.98
N ALA G 50 -67.64 28.47 -7.15
CA ALA G 50 -67.51 29.91 -7.32
C ALA G 50 -67.31 30.49 -5.92
N THR G 51 -66.08 30.36 -5.43
CA THR G 51 -65.78 30.55 -4.02
C THR G 51 -65.27 31.97 -3.73
N VAL G 52 -65.34 32.91 -4.68
CA VAL G 52 -64.86 34.25 -4.36
C VAL G 52 -66.04 35.07 -3.85
N ASP G 53 -65.86 35.68 -2.67
CA ASP G 53 -66.80 36.68 -2.19
C ASP G 53 -66.44 37.99 -2.88
N LEU G 54 -67.15 38.27 -3.97
CA LEU G 54 -66.82 39.42 -4.78
C LEU G 54 -67.22 40.74 -4.12
N GLU G 55 -68.28 40.72 -3.29
CA GLU G 55 -68.70 41.95 -2.63
C GLU G 55 -67.71 42.31 -1.53
N GLU G 56 -67.24 41.31 -0.76
CA GLU G 56 -66.17 41.54 0.21
C GLU G 56 -64.91 42.01 -0.53
N THR G 57 -64.66 41.48 -1.75
CA THR G 57 -63.53 41.96 -2.55
C THR G 57 -63.66 43.47 -2.77
N ALA G 58 -64.83 43.90 -3.21
CA ALA G 58 -65.04 45.31 -3.54
C ALA G 58 -64.92 46.18 -2.29
N ARG G 59 -65.43 45.69 -1.17
CA ARG G 59 -65.41 46.44 0.09
C ARG G 59 -63.97 46.63 0.58
N ILE G 60 -63.15 45.57 0.48
CA ILE G 60 -61.75 45.68 0.86
C ILE G 60 -61.05 46.73 0.01
N VAL G 61 -61.22 46.67 -1.31
CA VAL G 61 -60.55 47.63 -2.16
C VAL G 61 -60.92 49.05 -1.75
N GLU G 62 -62.22 49.30 -1.57
CA GLU G 62 -62.65 50.66 -1.29
C GLU G 62 -62.07 51.12 0.04
N GLU G 63 -62.09 50.26 1.05
CA GLU G 63 -61.50 50.58 2.35
C GLU G 63 -60.02 50.90 2.24
N LEU G 64 -59.31 50.13 1.41
CA LEU G 64 -57.87 50.35 1.26
C LEU G 64 -57.62 51.69 0.58
N ILE G 65 -58.37 52.02 -0.47
CA ILE G 65 -58.22 53.31 -1.12
C ILE G 65 -58.54 54.42 -0.11
N ALA G 66 -59.65 54.25 0.64
CA ALA G 66 -60.09 55.24 1.61
C ALA G 66 -59.03 55.48 2.68
N ALA G 67 -58.28 54.41 3.03
CA ALA G 67 -57.22 54.51 4.01
C ALA G 67 -56.02 55.29 3.49
N GLY G 68 -55.90 55.47 2.17
CA GLY G 68 -54.75 56.19 1.63
C GLY G 68 -53.64 55.26 1.11
N VAL G 69 -53.92 53.98 0.86
CA VAL G 69 -52.87 53.12 0.35
C VAL G 69 -52.45 53.59 -1.05
N ASN G 70 -51.19 53.36 -1.40
CA ASN G 70 -50.61 53.87 -2.63
C ASN G 70 -50.84 52.95 -3.83
N GLY G 71 -51.03 51.67 -3.57
CA GLY G 71 -51.11 50.64 -4.59
C GLY G 71 -51.54 49.30 -3.99
N ILE G 72 -52.13 48.45 -4.81
CA ILE G 72 -52.66 47.18 -4.32
C ILE G 72 -52.00 46.03 -5.08
N LEU G 73 -51.54 45.04 -4.33
CA LEU G 73 -51.03 43.81 -4.92
C LEU G 73 -51.97 42.68 -4.51
N SER G 74 -51.91 41.56 -5.24
CA SER G 74 -52.82 40.45 -4.99
C SER G 74 -52.27 39.18 -5.64
N MET G 75 -52.89 38.07 -5.29
CA MET G 75 -52.65 36.80 -5.97
C MET G 75 -51.18 36.39 -5.91
N GLY G 76 -50.61 36.50 -4.72
CA GLY G 76 -49.39 35.76 -4.38
C GLY G 76 -49.72 34.44 -3.70
N THR G 77 -48.94 34.07 -2.69
CA THR G 77 -49.16 32.82 -1.99
C THR G 77 -50.47 32.88 -1.19
N PHE G 78 -50.55 33.80 -0.22
CA PHE G 78 -51.70 33.78 0.65
C PHE G 78 -52.95 34.26 -0.10
N GLY G 79 -52.76 34.92 -1.23
CA GLY G 79 -53.85 35.32 -2.11
C GLY G 79 -54.44 34.16 -2.93
N GLU G 80 -53.86 32.95 -2.84
CA GLU G 80 -54.44 31.72 -3.38
C GLU G 80 -54.39 31.69 -4.90
N CYS G 81 -53.36 32.33 -5.44
CA CYS G 81 -53.04 32.18 -6.85
C CYS G 81 -52.99 30.69 -7.24
N ALA G 82 -52.47 29.85 -6.36
CA ALA G 82 -52.30 28.43 -6.64
C ALA G 82 -53.64 27.68 -6.67
N THR G 83 -54.65 28.16 -5.91
CA THR G 83 -55.80 27.32 -5.61
C THR G 83 -57.12 27.87 -6.14
N LEU G 84 -57.12 29.06 -6.73
CA LEU G 84 -58.29 29.59 -7.42
C LEU G 84 -58.45 28.93 -8.80
N THR G 85 -59.71 28.77 -9.27
CA THR G 85 -59.98 28.42 -10.65
C THR G 85 -59.78 29.65 -11.51
N TRP G 86 -59.71 29.41 -12.82
CA TRP G 86 -59.48 30.52 -13.75
C TRP G 86 -60.67 31.49 -13.76
N ASP G 87 -61.88 30.93 -13.72
CA ASP G 87 -63.08 31.75 -13.73
C ASP G 87 -63.15 32.63 -12.49
N GLU G 88 -62.73 32.07 -11.35
CA GLU G 88 -62.65 32.80 -10.10
C GLU G 88 -61.66 33.96 -10.22
N LYS G 89 -60.51 33.69 -10.83
CA LYS G 89 -59.47 34.70 -10.98
C LYS G 89 -60.01 35.86 -11.82
N ARG G 90 -60.65 35.50 -12.95
CA ARG G 90 -61.13 36.55 -13.86
C ARG G 90 -62.15 37.42 -13.13
N ASP G 91 -63.00 36.79 -12.33
CA ASP G 91 -64.08 37.53 -11.67
C ASP G 91 -63.52 38.42 -10.58
N TYR G 92 -62.53 37.92 -9.86
CA TYR G 92 -61.92 38.67 -8.78
C TYR G 92 -61.25 39.91 -9.35
N VAL G 93 -60.50 39.70 -10.43
CA VAL G 93 -59.76 40.79 -11.04
C VAL G 93 -60.73 41.80 -11.69
N SER G 94 -61.79 41.31 -12.28
CA SER G 94 -62.80 42.21 -12.85
C SER G 94 -63.37 43.10 -11.76
N THR G 95 -63.70 42.50 -10.61
CA THR G 95 -64.34 43.24 -9.53
C THR G 95 -63.38 44.30 -9.00
N ILE G 96 -62.11 43.92 -8.84
CA ILE G 96 -61.13 44.86 -8.35
C ILE G 96 -61.00 46.05 -9.30
N VAL G 97 -60.82 45.78 -10.60
CA VAL G 97 -60.59 46.84 -11.57
C VAL G 97 -61.79 47.79 -11.61
N GLU G 98 -62.99 47.24 -11.59
CA GLU G 98 -64.14 48.14 -11.70
C GLU G 98 -64.32 48.92 -10.40
N THR G 99 -63.84 48.42 -9.25
CA THR G 99 -63.90 49.14 -7.99
C THR G 99 -62.84 50.26 -7.96
N ILE G 100 -61.61 49.90 -8.33
CA ILE G 100 -60.53 50.86 -8.33
C ILE G 100 -60.79 52.06 -9.26
N ARG G 101 -61.31 51.78 -10.46
CA ARG G 101 -61.55 52.81 -11.47
CA ARG G 101 -61.53 52.77 -11.51
C ARG G 101 -60.33 53.71 -11.63
N GLY G 102 -59.15 53.09 -11.83
CA GLY G 102 -57.94 53.80 -12.15
C GLY G 102 -57.35 54.65 -11.02
N ARG G 103 -57.92 54.61 -9.81
CA ARG G 103 -57.51 55.55 -8.78
C ARG G 103 -56.13 55.23 -8.21
N VAL G 104 -55.79 53.93 -8.10
CA VAL G 104 -54.49 53.49 -7.61
C VAL G 104 -54.03 52.37 -8.51
N PRO G 105 -52.72 52.14 -8.65
CA PRO G 105 -52.23 51.01 -9.42
C PRO G 105 -52.58 49.68 -8.75
N TYR G 106 -52.75 48.63 -9.56
CA TYR G 106 -53.17 47.32 -9.10
C TYR G 106 -52.39 46.25 -9.86
N PHE G 107 -51.85 45.28 -9.11
CA PHE G 107 -51.16 44.13 -9.65
C PHE G 107 -51.94 42.88 -9.33
N CYS G 108 -52.27 42.15 -10.39
CA CYS G 108 -52.76 40.80 -10.30
C CYS G 108 -51.55 39.88 -10.09
N GLY G 109 -51.75 38.57 -10.11
CA GLY G 109 -50.69 37.59 -9.96
C GLY G 109 -50.95 36.42 -10.91
N THR G 110 -49.92 35.97 -11.64
CA THR G 110 -50.12 35.06 -12.75
C THR G 110 -49.05 33.97 -12.76
N THR G 111 -48.43 33.72 -11.60
CA THR G 111 -47.48 32.63 -11.51
C THR G 111 -48.21 31.34 -11.88
N ALA G 112 -47.56 30.47 -12.68
CA ALA G 112 -48.18 29.22 -13.10
C ALA G 112 -47.05 28.22 -13.39
N LEU G 113 -47.39 27.03 -13.87
CA LEU G 113 -46.40 25.98 -14.03
C LEU G 113 -45.52 26.15 -15.28
N ASN G 114 -45.88 27.04 -16.23
CA ASN G 114 -45.06 27.17 -17.41
C ASN G 114 -45.23 28.55 -18.05
N THR G 115 -44.31 28.88 -18.95
CA THR G 115 -44.29 30.20 -19.54
C THR G 115 -45.55 30.50 -20.35
N ARG G 116 -46.06 29.52 -21.10
CA ARG G 116 -47.20 29.74 -21.96
C ARG G 116 -48.44 30.09 -21.16
N GLU G 117 -48.65 29.38 -20.04
CA GLU G 117 -49.79 29.64 -19.17
C GLU G 117 -49.64 31.01 -18.48
N VAL G 118 -48.42 31.41 -18.09
CA VAL G 118 -48.24 32.70 -17.45
C VAL G 118 -48.63 33.79 -18.44
N ILE G 119 -48.16 33.63 -19.69
CA ILE G 119 -48.41 34.62 -20.72
C ILE G 119 -49.92 34.73 -21.01
N ARG G 120 -50.60 33.60 -21.19
CA ARG G 120 -52.03 33.63 -21.44
C ARG G 120 -52.77 34.33 -20.29
N GLN G 121 -52.45 33.99 -19.05
CA GLN G 121 -53.12 34.61 -17.92
C GLN G 121 -52.81 36.10 -17.82
N THR G 122 -51.52 36.47 -17.97
CA THR G 122 -51.12 37.85 -17.90
C THR G 122 -51.85 38.67 -18.95
N ARG G 123 -51.90 38.18 -20.19
CA ARG G 123 -52.55 38.93 -21.26
C ARG G 123 -54.00 39.22 -20.88
N GLU G 124 -54.71 38.21 -20.39
CA GLU G 124 -56.14 38.35 -20.12
C GLU G 124 -56.37 39.29 -18.93
N LEU G 125 -55.57 39.16 -17.85
CA LEU G 125 -55.83 39.97 -16.66
C LEU G 125 -55.43 41.43 -16.88
N ILE G 126 -54.38 41.68 -17.67
CA ILE G 126 -53.99 43.02 -18.05
C ILE G 126 -55.09 43.61 -18.94
N ASP G 127 -55.64 42.83 -19.88
CA ASP G 127 -56.70 43.31 -20.74
C ASP G 127 -57.95 43.68 -19.93
N ILE G 128 -58.23 42.94 -18.84
CA ILE G 128 -59.33 43.26 -17.94
C ILE G 128 -59.05 44.61 -17.25
N GLY G 129 -57.79 44.88 -16.87
CA GLY G 129 -57.42 46.24 -16.50
C GLY G 129 -56.41 46.33 -15.38
N ALA G 130 -55.81 45.19 -14.94
CA ALA G 130 -54.66 45.26 -14.06
C ALA G 130 -53.53 46.03 -14.75
N ASN G 131 -52.66 46.67 -13.95
CA ASN G 131 -51.51 47.44 -14.43
C ASN G 131 -50.26 46.57 -14.59
N GLY G 132 -50.24 45.44 -13.87
CA GLY G 132 -49.05 44.61 -13.83
C GLY G 132 -49.36 43.29 -13.16
N THR G 133 -48.35 42.39 -13.13
CA THR G 133 -48.46 41.09 -12.51
C THR G 133 -47.34 40.92 -11.49
N MET G 134 -47.72 40.41 -10.32
CA MET G 134 -46.81 40.01 -9.29
C MET G 134 -46.46 38.55 -9.56
N LEU G 135 -45.22 38.33 -9.99
CA LEU G 135 -44.90 37.07 -10.67
C LEU G 135 -43.68 36.36 -10.08
N GLY G 136 -43.95 35.13 -9.58
CA GLY G 136 -42.92 34.18 -9.15
C GLY G 136 -42.44 33.39 -10.36
N VAL G 137 -41.77 32.25 -10.16
CA VAL G 137 -41.36 31.43 -11.29
C VAL G 137 -42.05 30.07 -11.21
N PRO G 138 -42.29 29.44 -12.36
CA PRO G 138 -42.65 28.02 -12.40
C PRO G 138 -41.77 27.20 -11.48
N MET G 139 -42.38 26.30 -10.71
CA MET G 139 -41.64 25.69 -9.59
C MET G 139 -41.77 24.16 -9.50
N TRP G 140 -42.39 23.46 -10.45
CA TRP G 140 -42.32 22.00 -10.43
C TRP G 140 -40.87 21.55 -10.55
N VAL G 141 -40.17 22.08 -11.55
CA VAL G 141 -38.74 21.90 -11.65
C VAL G 141 -38.06 23.21 -11.23
N LYS G 142 -37.11 23.08 -10.29
CA LYS G 142 -36.37 24.21 -9.79
C LYS G 142 -35.56 24.88 -10.90
N MET G 143 -35.74 26.18 -11.06
CA MET G 143 -35.04 26.95 -12.07
C MET G 143 -33.62 27.26 -11.65
N ASP G 144 -32.74 27.38 -12.66
CA ASP G 144 -31.42 27.94 -12.47
C ASP G 144 -31.50 29.38 -12.95
N LEU G 145 -30.35 30.05 -12.86
CA LEU G 145 -30.28 31.48 -13.13
C LEU G 145 -30.69 31.75 -14.57
N PRO G 146 -30.03 31.19 -15.59
CA PRO G 146 -30.39 31.53 -16.97
C PRO G 146 -31.84 31.22 -17.35
N THR G 147 -32.40 30.14 -16.80
CA THR G 147 -33.78 29.75 -17.03
C THR G 147 -34.72 30.81 -16.45
N ALA G 148 -34.44 31.28 -15.23
CA ALA G 148 -35.29 32.28 -14.59
C ALA G 148 -35.24 33.61 -15.35
N VAL G 149 -34.04 34.01 -15.76
CA VAL G 149 -33.88 35.25 -16.49
C VAL G 149 -34.66 35.18 -17.81
N GLN G 150 -34.53 34.08 -18.55
CA GLN G 150 -35.20 33.98 -19.83
C GLN G 150 -36.72 33.96 -19.64
N PHE G 151 -37.20 33.33 -18.57
CA PHE G 151 -38.63 33.35 -18.27
C PHE G 151 -39.16 34.78 -18.16
N TYR G 152 -38.51 35.64 -17.36
CA TYR G 152 -39.02 36.98 -17.20
C TYR G 152 -38.87 37.80 -18.50
N ARG G 153 -37.84 37.51 -19.28
CA ARG G 153 -37.68 38.19 -20.56
CA ARG G 153 -37.67 38.16 -20.57
C ARG G 153 -38.77 37.71 -21.52
N ASP G 154 -39.11 36.42 -21.45
CA ASP G 154 -40.17 35.88 -22.29
C ASP G 154 -41.54 36.52 -21.97
N VAL G 155 -41.90 36.64 -20.69
CA VAL G 155 -43.16 37.25 -20.32
C VAL G 155 -43.20 38.72 -20.76
N ALA G 156 -42.13 39.46 -20.50
CA ALA G 156 -42.08 40.87 -20.87
C ALA G 156 -42.15 41.08 -22.39
N ASP G 157 -41.50 40.19 -23.15
CA ASP G 157 -41.57 40.20 -24.60
C ASP G 157 -43.01 39.95 -25.04
N ALA G 158 -43.67 38.96 -24.41
CA ALA G 158 -45.00 38.52 -24.78
C ALA G 158 -46.05 39.55 -24.43
N VAL G 159 -45.88 40.26 -23.31
CA VAL G 159 -46.93 41.13 -22.82
C VAL G 159 -46.30 42.46 -22.47
N PRO G 160 -45.85 43.21 -23.50
CA PRO G 160 -45.02 44.39 -23.26
C PRO G 160 -45.65 45.51 -22.42
N GLU G 161 -46.98 45.58 -22.39
CA GLU G 161 -47.69 46.60 -21.64
C GLU G 161 -47.90 46.23 -20.15
N ALA G 162 -47.60 45.00 -19.73
CA ALA G 162 -47.67 44.63 -18.31
C ALA G 162 -46.41 45.10 -17.57
N ALA G 163 -46.60 45.83 -16.45
CA ALA G 163 -45.55 45.98 -15.46
C ALA G 163 -45.35 44.64 -14.73
N ILE G 164 -44.13 44.35 -14.28
CA ILE G 164 -43.88 43.12 -13.55
C ILE G 164 -43.34 43.49 -12.17
N ALA G 165 -43.87 42.79 -11.17
CA ALA G 165 -43.33 42.78 -9.83
C ALA G 165 -42.75 41.40 -9.58
N ILE G 166 -41.43 41.34 -9.37
CA ILE G 166 -40.80 40.06 -9.08
C ILE G 166 -41.25 39.59 -7.70
N TYR G 167 -41.87 38.41 -7.63
CA TYR G 167 -42.25 37.83 -6.34
C TYR G 167 -41.11 36.95 -5.86
N ALA G 168 -40.18 37.52 -5.06
CA ALA G 168 -38.92 36.85 -4.78
C ALA G 168 -38.99 35.94 -3.55
N ASN G 169 -39.76 34.85 -3.66
CA ASN G 169 -39.98 33.92 -2.56
C ASN G 169 -39.33 32.56 -2.86
N PRO G 170 -38.14 32.27 -2.29
CA PRO G 170 -37.46 31.00 -2.54
C PRO G 170 -38.17 29.78 -1.96
N GLU G 171 -38.92 29.96 -0.86
CA GLU G 171 -39.62 28.84 -0.26
C GLU G 171 -40.72 28.35 -1.20
N ALA G 172 -41.48 29.27 -1.79
CA ALA G 172 -42.49 28.88 -2.75
C ALA G 172 -41.85 28.43 -4.06
N PHE G 173 -40.89 29.21 -4.61
CA PHE G 173 -40.56 29.03 -6.01
C PHE G 173 -39.24 28.30 -6.20
N LYS G 174 -38.58 27.92 -5.09
CA LYS G 174 -37.36 27.10 -5.07
C LYS G 174 -36.12 27.89 -5.50
N PHE G 175 -36.15 28.49 -6.68
CA PHE G 175 -35.16 29.47 -7.14
C PHE G 175 -34.88 30.52 -6.06
N ASP G 176 -33.63 30.94 -5.90
CA ASP G 176 -33.36 31.81 -4.77
C ASP G 176 -33.15 33.29 -5.11
N PHE G 177 -33.39 33.72 -6.35
CA PHE G 177 -33.37 35.13 -6.73
C PHE G 177 -32.06 35.79 -6.32
N PRO G 178 -30.91 35.29 -6.85
CA PRO G 178 -29.60 35.75 -6.41
C PRO G 178 -29.17 37.09 -7.02
N ARG G 179 -28.03 37.61 -6.57
CA ARG G 179 -27.54 38.91 -7.01
C ARG G 179 -27.53 39.07 -8.54
N PRO G 180 -26.90 38.18 -9.32
CA PRO G 180 -26.86 38.34 -10.79
C PRO G 180 -28.23 38.37 -11.48
N PHE G 181 -29.20 37.70 -10.83
CA PHE G 181 -30.58 37.75 -11.26
C PHE G 181 -31.11 39.18 -11.25
N TRP G 182 -30.84 39.95 -10.19
CA TRP G 182 -31.30 41.34 -10.11
C TRP G 182 -30.65 42.22 -11.16
N ALA G 183 -29.36 41.99 -11.41
CA ALA G 183 -28.68 42.74 -12.47
C ALA G 183 -29.36 42.55 -13.83
N GLU G 184 -29.81 41.32 -14.11
CA GLU G 184 -30.47 41.04 -15.38
C GLU G 184 -31.87 41.66 -15.44
N MET G 185 -32.63 41.57 -14.33
CA MET G 185 -33.97 42.11 -14.30
C MET G 185 -33.98 43.62 -14.53
N SER G 186 -32.96 44.32 -14.04
CA SER G 186 -32.84 45.75 -14.17
C SER G 186 -32.70 46.16 -15.63
N LYS G 187 -32.36 45.23 -16.53
CA LYS G 187 -32.32 45.50 -17.96
C LYS G 187 -33.66 45.33 -18.66
N ILE G 188 -34.70 44.86 -17.95
CA ILE G 188 -36.01 44.62 -18.54
C ILE G 188 -36.93 45.77 -18.13
N PRO G 189 -37.40 46.64 -19.06
CA PRO G 189 -38.09 47.86 -18.65
C PRO G 189 -39.42 47.60 -17.92
N GLN G 190 -40.03 46.48 -18.26
CA GLN G 190 -41.29 46.07 -17.63
C GLN G 190 -41.09 45.70 -16.17
N VAL G 191 -39.86 45.35 -15.75
CA VAL G 191 -39.63 44.94 -14.38
C VAL G 191 -39.40 46.19 -13.53
N VAL G 192 -40.43 46.61 -12.78
CA VAL G 192 -40.41 47.89 -12.11
C VAL G 192 -40.27 47.74 -10.61
N THR G 193 -40.59 46.57 -10.06
CA THR G 193 -40.58 46.43 -8.62
C THR G 193 -40.39 44.97 -8.23
N ALA G 194 -40.13 44.76 -6.94
CA ALA G 194 -39.95 43.43 -6.38
C ALA G 194 -40.65 43.36 -5.03
N LYS G 195 -41.44 42.30 -4.82
CA LYS G 195 -41.81 41.90 -3.46
C LYS G 195 -40.63 41.15 -2.85
N TYR G 196 -39.87 41.83 -1.98
CA TYR G 196 -38.57 41.35 -1.53
C TYR G 196 -38.68 40.81 -0.11
N LEU G 197 -37.82 39.86 0.24
CA LEU G 197 -37.84 39.33 1.59
C LEU G 197 -36.61 39.88 2.34
N GLY G 198 -35.77 39.04 2.94
CA GLY G 198 -34.72 39.50 3.84
C GLY G 198 -33.84 40.55 3.17
N ILE G 199 -33.42 41.56 3.92
CA ILE G 199 -32.68 42.71 3.40
C ILE G 199 -31.16 42.64 3.59
N GLY G 200 -30.63 41.45 3.91
CA GLY G 200 -29.20 41.29 4.12
C GLY G 200 -28.35 41.77 2.92
N MET G 201 -28.84 41.59 1.70
CA MET G 201 -28.13 41.97 0.49
C MET G 201 -28.85 43.06 -0.28
N LEU G 202 -29.72 43.85 0.37
CA LEU G 202 -30.44 44.93 -0.30
C LEU G 202 -29.48 46.02 -0.79
N ASP G 203 -28.48 46.38 0.01
CA ASP G 203 -27.51 47.41 -0.41
C ASP G 203 -26.90 47.10 -1.77
N LEU G 204 -26.47 45.84 -1.93
CA LEU G 204 -25.85 45.39 -3.15
C LEU G 204 -26.90 45.28 -4.25
N ASP G 205 -28.09 44.73 -3.94
CA ASP G 205 -29.05 44.51 -5.01
C ASP G 205 -29.46 45.87 -5.58
N LEU G 206 -29.60 46.89 -4.72
CA LEU G 206 -29.92 48.23 -5.19
C LEU G 206 -28.89 48.72 -6.22
N ARG G 207 -27.61 48.45 -5.94
CA ARG G 207 -26.54 48.91 -6.83
C ARG G 207 -26.59 48.10 -8.13
N LEU G 208 -26.92 46.80 -8.04
CA LEU G 208 -26.92 45.94 -9.22
C LEU G 208 -28.13 46.20 -10.13
N ALA G 209 -29.19 46.72 -9.53
CA ALA G 209 -30.46 46.87 -10.23
C ALA G 209 -30.98 48.29 -10.01
N PRO G 210 -30.35 49.30 -10.65
CA PRO G 210 -30.77 50.69 -10.51
C PRO G 210 -32.19 51.02 -10.99
N ASN G 211 -32.83 50.15 -11.77
CA ASN G 211 -34.13 50.47 -12.38
C ASN G 211 -35.31 49.81 -11.64
N ILE G 212 -35.06 49.11 -10.52
CA ILE G 212 -36.14 48.42 -9.82
C ILE G 212 -36.48 49.13 -8.50
N ARG G 213 -37.79 49.28 -8.20
CA ARG G 213 -38.17 49.70 -6.86
C ARG G 213 -38.28 48.47 -5.99
N PHE G 214 -37.32 48.29 -5.07
CA PHE G 214 -37.34 47.16 -4.16
C PHE G 214 -38.32 47.46 -3.02
N LEU G 215 -39.31 46.59 -2.83
CA LEU G 215 -40.24 46.70 -1.71
C LEU G 215 -39.84 45.74 -0.61
N PRO G 216 -39.25 46.23 0.50
CA PRO G 216 -39.07 45.38 1.68
C PRO G 216 -40.44 45.06 2.29
N HIS G 217 -40.48 43.99 3.06
CA HIS G 217 -41.63 43.76 3.93
C HIS G 217 -41.73 44.95 4.89
N GLU G 218 -42.95 45.26 5.33
CA GLU G 218 -43.24 46.40 6.17
C GLU G 218 -42.35 46.45 7.40
N ASP G 219 -42.11 45.32 8.07
CA ASP G 219 -41.32 45.35 9.30
C ASP G 219 -39.86 45.76 9.02
N ASP G 220 -39.35 45.53 7.81
CA ASP G 220 -37.98 45.85 7.41
C ASP G 220 -37.89 47.21 6.73
N TYR G 221 -39.02 47.87 6.50
CA TYR G 221 -38.99 49.15 5.80
C TYR G 221 -38.17 50.20 6.56
N TYR G 222 -38.33 50.28 7.88
CA TYR G 222 -37.55 51.19 8.73
C TYR G 222 -36.04 51.04 8.45
N ALA G 223 -35.52 49.85 8.59
CA ALA G 223 -34.08 49.64 8.42
C ALA G 223 -33.68 49.96 6.99
N ALA G 224 -34.46 49.48 6.02
CA ALA G 224 -34.13 49.65 4.62
C ALA G 224 -34.14 51.11 4.20
N ALA G 225 -35.11 51.87 4.71
CA ALA G 225 -35.24 53.28 4.38
C ALA G 225 -34.04 54.01 4.94
N ARG G 226 -33.52 53.55 6.09
CA ARG G 226 -32.32 54.17 6.65
C ARG G 226 -31.10 53.85 5.81
N ILE G 227 -31.05 52.65 5.25
CA ILE G 227 -29.97 52.26 4.37
C ILE G 227 -29.86 53.17 3.16
N ASN G 228 -30.97 53.33 2.46
CA ASN G 228 -31.01 54.05 1.21
C ASN G 228 -32.33 54.83 1.15
N PRO G 229 -32.35 56.05 1.73
CA PRO G 229 -33.60 56.81 1.77
C PRO G 229 -34.06 57.31 0.40
N GLU G 230 -33.14 57.44 -0.54
CA GLU G 230 -33.44 57.92 -1.88
C GLU G 230 -34.21 56.84 -2.63
N ARG G 231 -33.80 55.57 -2.49
CA ARG G 231 -34.38 54.53 -3.33
C ARG G 231 -35.52 53.78 -2.63
N ILE G 232 -35.43 53.63 -1.31
CA ILE G 232 -36.39 52.82 -0.56
C ILE G 232 -37.49 53.74 -0.02
N THR G 233 -38.49 53.98 -0.87
CA THR G 233 -39.59 54.89 -0.59
C THR G 233 -40.93 54.16 -0.46
N ALA G 234 -40.91 52.81 -0.57
CA ALA G 234 -42.11 51.99 -0.69
C ALA G 234 -41.89 50.66 0.01
N PHE G 235 -43.00 50.02 0.44
CA PHE G 235 -42.91 48.75 1.14
C PHE G 235 -44.19 47.97 0.85
N TRP G 236 -44.13 46.67 1.07
CA TRP G 236 -45.32 45.85 0.98
C TRP G 236 -45.80 45.43 2.36
N SER G 237 -47.14 45.30 2.49
CA SER G 237 -47.79 45.05 3.75
C SER G 237 -48.87 43.99 3.58
N SER G 238 -48.84 42.96 4.41
CA SER G 238 -49.99 42.11 4.65
C SER G 238 -50.64 42.46 5.99
N GLY G 239 -49.91 43.12 6.89
CA GLY G 239 -50.48 43.57 8.16
C GLY G 239 -51.64 44.54 7.99
N ALA G 240 -51.61 45.31 6.89
CA ALA G 240 -52.67 46.26 6.58
C ALA G 240 -54.02 45.57 6.48
N MET G 241 -54.02 44.26 6.22
CA MET G 241 -55.29 43.56 6.08
C MET G 241 -55.93 43.32 7.45
N CYS G 242 -55.21 43.69 8.52
CA CYS G 242 -55.68 43.68 9.90
C CYS G 242 -56.08 45.07 10.36
N GLY G 243 -56.06 46.03 9.41
CA GLY G 243 -56.28 47.44 9.69
C GLY G 243 -55.10 48.26 9.20
N PRO G 244 -55.28 49.10 8.16
CA PRO G 244 -54.15 49.79 7.54
C PRO G 244 -53.54 51.03 8.16
N ALA G 245 -54.11 51.51 9.27
CA ALA G 245 -53.61 52.71 9.92
C ALA G 245 -52.13 52.61 10.26
N THR G 246 -51.67 51.43 10.71
CA THR G 246 -50.28 51.24 11.11
C THR G 246 -49.36 51.48 9.92
N ALA G 247 -49.66 50.85 8.77
CA ALA G 247 -48.84 51.03 7.57
C ALA G 247 -48.84 52.49 7.12
N ILE G 248 -50.01 53.12 7.17
CA ILE G 248 -50.10 54.50 6.73
C ILE G 248 -49.25 55.38 7.66
N MET G 249 -49.32 55.12 8.96
CA MET G 249 -48.55 55.90 9.92
C MET G 249 -47.04 55.68 9.74
N LEU G 250 -46.64 54.43 9.53
CA LEU G 250 -45.24 54.17 9.21
C LEU G 250 -44.79 54.94 7.97
N ARG G 251 -45.55 54.85 6.87
CA ARG G 251 -45.22 55.56 5.65
C ARG G 251 -45.01 57.05 5.95
N ASP G 252 -45.98 57.67 6.60
CA ASP G 252 -46.00 59.10 6.88
C ASP G 252 -44.82 59.50 7.76
N GLU G 253 -44.53 58.68 8.76
CA GLU G 253 -43.52 59.02 9.75
C GLU G 253 -42.11 58.85 9.18
N VAL G 254 -41.96 57.92 8.22
CA VAL G 254 -40.67 57.74 7.58
C VAL G 254 -40.38 58.93 6.65
N VAL G 255 -41.41 59.38 5.92
CA VAL G 255 -41.28 60.59 5.10
C VAL G 255 -40.76 61.75 5.97
N ARG G 256 -41.35 61.94 7.15
CA ARG G 256 -40.93 62.99 8.07
C ARG G 256 -39.52 62.75 8.60
N ALA G 257 -39.18 61.51 8.91
CA ALA G 257 -37.86 61.23 9.44
C ALA G 257 -36.76 61.56 8.44
N LYS G 258 -37.02 61.28 7.15
CA LYS G 258 -36.09 61.54 6.07
C LYS G 258 -35.87 63.05 5.91
N SER G 259 -36.84 63.86 6.32
CA SER G 259 -36.74 65.30 6.26
C SER G 259 -36.02 65.85 7.50
N THR G 260 -36.36 65.31 8.67
CA THR G 260 -35.97 65.93 9.94
C THR G 260 -34.68 65.32 10.47
N GLY G 261 -34.37 64.10 10.05
CA GLY G 261 -33.29 63.33 10.66
C GLY G 261 -33.71 62.69 11.98
N ASP G 262 -34.97 62.85 12.41
CA ASP G 262 -35.42 62.27 13.67
C ASP G 262 -36.28 61.03 13.42
N TRP G 263 -35.70 59.84 13.71
CA TRP G 263 -36.27 58.54 13.34
C TRP G 263 -36.97 57.87 14.51
N ALA G 264 -37.10 58.54 15.67
CA ALA G 264 -37.56 57.88 16.88
C ALA G 264 -39.00 57.39 16.74
N LYS G 265 -39.88 58.18 16.12
CA LYS G 265 -41.26 57.76 15.98
C LYS G 265 -41.43 56.62 14.98
N ALA G 266 -40.72 56.69 13.86
CA ALA G 266 -40.68 55.61 12.88
C ALA G 266 -40.19 54.32 13.53
N LYS G 267 -39.15 54.42 14.39
CA LYS G 267 -38.58 53.27 15.04
CA LYS G 267 -38.58 53.25 15.03
C LYS G 267 -39.62 52.62 15.97
N ALA G 268 -40.36 53.44 16.73
CA ALA G 268 -41.37 52.91 17.64
C ALA G 268 -42.51 52.20 16.91
N ILE G 269 -42.94 52.71 15.75
CA ILE G 269 -43.99 52.06 14.98
C ILE G 269 -43.46 50.72 14.47
N SER G 270 -42.26 50.75 13.89
CA SER G 270 -41.65 49.56 13.32
C SER G 270 -41.49 48.47 14.39
N ASP G 271 -41.06 48.87 15.58
CA ASP G 271 -40.90 47.93 16.68
C ASP G 271 -42.24 47.39 17.16
N ASP G 272 -43.29 48.21 17.15
CA ASP G 272 -44.65 47.71 17.40
C ASP G 272 -45.03 46.64 16.38
N MET G 273 -44.70 46.89 15.11
CA MET G 273 -45.03 46.00 14.03
C MET G 273 -44.33 44.65 14.20
N ARG G 274 -43.03 44.64 14.52
CA ARG G 274 -42.34 43.39 14.74
C ARG G 274 -42.98 42.60 15.89
N ALA G 275 -43.35 43.27 16.99
CA ALA G 275 -43.94 42.58 18.13
C ALA G 275 -45.28 41.96 17.75
N ALA G 276 -46.07 42.65 16.91
CA ALA G 276 -47.34 42.11 16.46
C ALA G 276 -47.12 40.85 15.63
N ASP G 277 -45.97 40.81 14.93
CA ASP G 277 -45.64 39.68 14.10
C ASP G 277 -45.01 38.52 14.87
N SER G 278 -44.67 38.74 16.14
CA SER G 278 -43.77 37.83 16.85
C SER G 278 -44.36 36.41 17.04
N THR G 279 -45.68 36.25 16.90
CA THR G 279 -46.29 34.93 17.09
C THR G 279 -46.77 34.31 15.76
N LEU G 280 -46.46 34.94 14.63
CA LEU G 280 -47.03 34.50 13.37
C LEU G 280 -46.36 33.24 12.85
N PHE G 281 -45.04 33.25 12.79
CA PHE G 281 -44.30 32.11 12.26
C PHE G 281 -44.27 30.96 13.27
N PRO G 282 -44.69 29.73 12.92
CA PRO G 282 -44.54 28.56 13.82
C PRO G 282 -43.08 28.39 14.21
N ARG G 283 -42.83 28.34 15.52
CA ARG G 283 -41.49 28.20 16.08
C ARG G 283 -40.50 29.25 15.55
N GLY G 284 -40.99 30.42 15.13
CA GLY G 284 -40.13 31.46 14.59
C GLY G 284 -39.46 31.10 13.25
N ASP G 285 -40.02 30.16 12.48
CA ASP G 285 -39.33 29.54 11.36
C ASP G 285 -40.08 29.80 10.05
N PHE G 286 -39.43 30.51 9.10
CA PHE G 286 -40.05 30.91 7.84
C PHE G 286 -40.43 29.67 7.01
N SER G 287 -39.63 28.60 7.10
CA SER G 287 -39.89 27.40 6.31
C SER G 287 -41.15 26.69 6.82
N GLU G 288 -41.35 26.62 8.13
CA GLU G 288 -42.58 26.08 8.72
C GLU G 288 -43.78 27.01 8.43
N PHE G 289 -43.60 28.32 8.60
CA PHE G 289 -44.62 29.27 8.17
C PHE G 289 -45.02 29.02 6.71
N SER G 290 -44.01 28.75 5.85
CA SER G 290 -44.22 28.57 4.43
C SER G 290 -45.14 27.41 4.11
N LYS G 291 -45.15 26.35 4.94
CA LYS G 291 -46.04 25.22 4.73
C LYS G 291 -47.52 25.61 4.94
N TYR G 292 -47.76 26.68 5.71
CA TYR G 292 -49.10 27.05 6.13
C TYR G 292 -49.34 28.51 5.83
N ASN G 293 -48.68 29.03 4.79
CA ASN G 293 -48.66 30.46 4.53
C ASN G 293 -50.09 30.94 4.38
N ILE G 294 -50.89 30.16 3.62
CA ILE G 294 -52.25 30.57 3.27
C ILE G 294 -53.09 30.62 4.54
N GLY G 295 -53.17 29.47 5.25
CA GLY G 295 -54.06 29.34 6.38
C GLY G 295 -53.69 30.27 7.54
N LEU G 296 -52.40 30.54 7.73
CA LEU G 296 -52.00 31.44 8.81
C LEU G 296 -52.33 32.90 8.50
N GLU G 297 -52.03 33.36 7.30
CA GLU G 297 -52.39 34.73 6.93
C GLU G 297 -53.90 34.92 6.99
N LYS G 298 -54.64 33.96 6.41
CA LYS G 298 -56.10 34.09 6.36
C LYS G 298 -56.69 34.02 7.77
N ALA G 299 -56.14 33.18 8.63
CA ALA G 299 -56.63 33.08 9.99
C ALA G 299 -56.31 34.33 10.78
N ARG G 300 -55.15 34.94 10.53
CA ARG G 300 -54.81 36.19 11.19
C ARG G 300 -55.80 37.29 10.81
N MET G 301 -56.12 37.38 9.53
CA MET G 301 -57.01 38.41 9.03
C MET G 301 -58.43 38.20 9.57
N ASP G 302 -58.89 36.94 9.63
CA ASP G 302 -60.17 36.58 10.22
C ASP G 302 -60.23 37.04 11.67
N ALA G 303 -59.16 36.78 12.45
CA ALA G 303 -59.13 37.18 13.86
C ALA G 303 -59.09 38.69 14.06
N ALA G 304 -58.41 39.45 13.18
CA ALA G 304 -58.31 40.89 13.38
C ALA G 304 -59.65 41.58 13.18
N GLY G 305 -60.46 41.06 12.26
CA GLY G 305 -61.82 41.57 12.10
C GLY G 305 -61.97 42.79 11.21
N TRP G 306 -60.93 43.16 10.47
CA TRP G 306 -61.01 44.27 9.57
C TRP G 306 -61.61 43.82 8.23
N LEU G 307 -61.32 42.56 7.86
CA LEU G 307 -61.92 41.96 6.68
C LEU G 307 -62.16 40.48 6.95
N LYS G 308 -62.95 39.85 6.08
CA LYS G 308 -63.26 38.45 6.20
C LYS G 308 -62.53 37.69 5.09
N ALA G 309 -61.41 37.06 5.40
CA ALA G 309 -60.65 36.35 4.39
C ALA G 309 -61.34 35.05 4.01
N GLY G 310 -61.78 34.31 5.03
CA GLY G 310 -62.63 33.17 4.82
C GLY G 310 -61.80 31.91 4.63
N PRO G 311 -62.47 30.76 4.45
CA PRO G 311 -61.79 29.46 4.37
C PRO G 311 -60.78 29.31 3.23
N CYS G 312 -59.80 28.44 3.44
CA CYS G 312 -58.77 28.18 2.45
C CYS G 312 -59.25 27.15 1.42
N ARG G 313 -58.95 27.41 0.15
CA ARG G 313 -59.32 26.53 -0.94
C ARG G 313 -58.40 25.32 -0.92
N PRO G 314 -58.89 24.14 -1.37
CA PRO G 314 -58.09 22.91 -1.25
C PRO G 314 -56.89 22.91 -2.21
N PRO G 315 -55.76 22.30 -1.83
CA PRO G 315 -55.63 21.45 -0.65
C PRO G 315 -55.24 22.02 0.70
N TYR G 316 -54.98 23.32 0.76
CA TYR G 316 -54.28 23.94 1.88
C TYR G 316 -55.27 24.42 2.93
N ASN G 317 -56.10 23.50 3.44
CA ASN G 317 -57.21 23.86 4.32
C ASN G 317 -57.05 23.21 5.69
N LEU G 318 -55.87 22.70 6.00
CA LEU G 318 -55.61 22.09 7.30
C LEU G 318 -54.40 22.76 7.93
N VAL G 319 -54.58 23.35 9.12
CA VAL G 319 -53.49 23.99 9.84
C VAL G 319 -53.46 23.46 11.26
N PRO G 320 -52.29 23.06 11.80
CA PRO G 320 -52.22 22.62 13.21
C PRO G 320 -52.76 23.72 14.13
N GLU G 321 -53.48 23.31 15.16
CA GLU G 321 -54.22 24.24 15.99
C GLU G 321 -53.30 25.26 16.68
N ASP G 322 -52.12 24.83 17.16
CA ASP G 322 -51.22 25.72 17.89
C ASP G 322 -50.66 26.82 16.98
N TYR G 323 -50.44 26.45 15.72
CA TYR G 323 -49.96 27.44 14.77
C TYR G 323 -51.07 28.44 14.50
N LEU G 324 -52.31 27.96 14.35
CA LEU G 324 -53.45 28.85 14.12
C LEU G 324 -53.55 29.88 15.26
N ALA G 325 -53.37 29.43 16.51
CA ALA G 325 -53.45 30.30 17.66
C ALA G 325 -52.42 31.43 17.58
N GLY G 326 -51.19 31.11 17.16
CA GLY G 326 -50.19 32.16 17.01
C GLY G 326 -50.62 33.22 16.00
N ALA G 327 -51.20 32.76 14.89
CA ALA G 327 -51.67 33.68 13.83
C ALA G 327 -52.79 34.57 14.34
N GLN G 328 -53.69 33.97 15.13
CA GLN G 328 -54.81 34.70 15.67
C GLN G 328 -54.35 35.74 16.69
N LYS G 329 -53.36 35.40 17.51
CA LYS G 329 -52.77 36.36 18.44
C LYS G 329 -52.13 37.53 17.67
N SER G 330 -51.48 37.25 16.54
CA SER G 330 -50.86 38.29 15.73
C SER G 330 -51.94 39.20 15.12
N GLY G 331 -53.03 38.57 14.65
CA GLY G 331 -54.17 39.29 14.12
C GLY G 331 -54.75 40.29 15.12
N LYS G 332 -54.92 39.84 16.37
CA LYS G 332 -55.44 40.70 17.43
CA LYS G 332 -55.44 40.70 17.43
C LYS G 332 -54.45 41.83 17.71
N ALA G 333 -53.16 41.51 17.62
CA ALA G 333 -52.13 42.50 17.94
C ALA G 333 -52.12 43.59 16.87
N TRP G 334 -52.27 43.19 15.59
CA TRP G 334 -52.31 44.16 14.53
C TRP G 334 -53.60 45.00 14.59
N ALA G 335 -54.70 44.40 14.99
CA ALA G 335 -55.95 45.15 15.15
C ALA G 335 -55.78 46.21 16.24
N ALA G 336 -55.06 45.86 17.31
CA ALA G 336 -54.77 46.81 18.38
C ALA G 336 -53.92 47.96 17.86
N LEU G 337 -52.93 47.65 16.99
CA LEU G 337 -52.10 48.69 16.39
C LEU G 337 -52.97 49.62 15.53
N HIS G 338 -53.84 49.04 14.71
CA HIS G 338 -54.72 49.83 13.86
C HIS G 338 -55.55 50.81 14.71
N ALA G 339 -56.08 50.34 15.84
CA ALA G 339 -56.93 51.17 16.70
C ALA G 339 -56.08 52.32 17.26
N LYS G 340 -54.87 52.01 17.71
CA LYS G 340 -53.98 53.00 18.26
C LYS G 340 -53.59 54.00 17.20
N TYR G 341 -53.20 53.54 15.98
CA TYR G 341 -52.66 54.50 15.01
C TYR G 341 -53.80 55.25 14.31
N SER G 342 -55.03 54.68 14.29
CA SER G 342 -56.19 55.37 13.75
C SER G 342 -56.39 56.67 14.53
N ASN G 343 -56.18 56.61 15.83
CA ASN G 343 -56.39 57.78 16.67
C ASN G 343 -55.24 58.78 16.51
N GLU G 344 -54.03 58.29 16.19
CA GLU G 344 -52.89 59.18 15.97
C GLU G 344 -52.99 59.84 14.59
N LEU G 345 -53.67 59.25 13.60
CA LEU G 345 -53.82 59.90 12.30
C LEU G 345 -54.87 61.02 12.33
N LYS G 346 -55.90 60.92 13.18
CA LYS G 346 -56.96 61.91 13.28
C LYS G 346 -56.43 63.21 13.91
N THR H 20 -6.19 45.31 34.50
CA THR H 20 -7.40 46.03 34.06
C THR H 20 -8.59 45.08 34.11
N SER H 21 -9.79 45.66 33.93
CA SER H 21 -11.06 44.96 34.09
C SER H 21 -11.49 44.34 32.76
N ARG H 22 -12.51 43.47 32.80
CA ARG H 22 -12.95 42.75 31.62
C ARG H 22 -13.51 43.74 30.60
N LEU H 23 -13.20 43.56 29.32
CA LEU H 23 -13.77 44.38 28.24
C LEU H 23 -15.28 44.50 28.38
N THR H 24 -15.83 45.65 27.98
CA THR H 24 -17.27 45.89 27.88
C THR H 24 -17.60 46.08 26.40
N ALA H 25 -18.87 45.89 26.07
CA ALA H 25 -19.38 46.24 24.76
C ALA H 25 -19.05 47.70 24.42
N GLU H 26 -19.15 48.62 25.40
CA GLU H 26 -18.95 50.04 25.09
C GLU H 26 -17.53 50.30 24.60
N ASP H 27 -16.58 49.43 24.98
CA ASP H 27 -15.19 49.60 24.63
C ASP H 27 -14.88 49.00 23.26
N ILE H 28 -15.86 48.40 22.58
CA ILE H 28 -15.66 47.80 21.27
C ILE H 28 -16.10 48.82 20.21
N ASN H 29 -15.15 49.39 19.47
CA ASN H 29 -15.41 50.35 18.42
C ASN H 29 -14.41 50.17 17.27
N GLY H 30 -14.79 50.63 16.10
CA GLY H 30 -13.85 50.71 15.00
C GLY H 30 -13.64 49.37 14.28
N ALA H 31 -12.43 49.22 13.74
CA ALA H 31 -12.06 48.09 12.90
C ALA H 31 -11.43 47.00 13.75
N TRP H 32 -12.10 45.84 13.77
CA TRP H 32 -11.66 44.65 14.45
C TRP H 32 -11.24 43.65 13.39
N THR H 33 -9.93 43.39 13.31
CA THR H 33 -9.37 42.65 12.19
C THR H 33 -9.13 41.22 12.60
N ILE H 34 -9.57 40.23 11.81
CA ILE H 34 -9.36 38.82 12.12
C ILE H 34 -8.09 38.35 11.40
N MET H 35 -7.11 37.92 12.18
CA MET H 35 -5.84 37.52 11.61
C MET H 35 -5.83 36.01 11.41
N PRO H 36 -5.12 35.52 10.38
CA PRO H 36 -4.89 34.09 10.22
C PRO H 36 -3.81 33.63 11.19
N THR H 37 -3.53 32.33 11.15
CA THR H 37 -2.45 31.72 11.90
C THR H 37 -1.36 31.35 10.90
N PRO H 38 -0.31 32.19 10.75
CA PRO H 38 0.63 32.00 9.64
C PRO H 38 1.28 30.63 9.73
N SER H 39 1.53 30.05 8.55
CA SER H 39 2.06 28.69 8.43
C SER H 39 3.49 28.66 7.94
N THR H 40 4.22 27.63 8.38
CA THR H 40 5.53 27.28 7.84
C THR H 40 5.31 26.57 6.51
N PRO H 41 6.33 26.44 5.64
CA PRO H 41 6.16 25.79 4.34
C PRO H 41 5.65 24.36 4.36
N ASP H 42 5.91 23.63 5.44
CA ASP H 42 5.57 22.22 5.51
C ASP H 42 4.18 22.00 6.12
N ALA H 43 3.37 23.08 6.29
CA ALA H 43 2.24 22.97 7.20
C ALA H 43 1.11 22.10 6.66
N SER H 44 1.10 21.75 5.39
CA SER H 44 0.05 20.88 4.87
C SER H 44 0.28 19.40 5.18
N ASP H 45 1.47 19.04 5.63
CA ASP H 45 1.84 17.64 5.85
C ASP H 45 1.44 17.21 7.26
N TRP H 46 0.67 16.10 7.39
CA TRP H 46 0.27 15.63 8.72
C TRP H 46 1.45 15.25 9.61
N ARG H 47 2.64 15.00 9.02
CA ARG H 47 3.81 14.66 9.81
C ARG H 47 4.43 15.87 10.49
N SER H 48 4.13 17.12 10.06
CA SER H 48 4.74 18.32 10.63
C SER H 48 4.17 18.67 12.01
N THR H 49 5.01 19.17 12.94
CA THR H 49 4.55 19.30 14.32
C THR H 49 4.48 20.74 14.82
N ALA H 50 5.34 21.62 14.31
CA ALA H 50 5.38 22.98 14.83
C ALA H 50 5.23 23.97 13.66
N THR H 51 3.99 24.10 13.15
CA THR H 51 3.73 24.71 11.86
C THR H 51 3.39 26.20 11.95
N VAL H 52 3.52 26.83 13.11
CA VAL H 52 3.14 28.25 13.18
C VAL H 52 4.41 29.06 12.92
N ASP H 53 4.33 29.98 11.98
CA ASP H 53 5.44 30.94 11.81
C ASP H 53 5.23 32.06 12.82
N LEU H 54 5.93 31.97 13.94
CA LEU H 54 5.71 32.88 15.05
C LEU H 54 6.27 34.28 14.78
N GLU H 55 7.32 34.38 13.97
CA GLU H 55 7.87 35.70 13.70
C GLU H 55 6.96 36.44 12.72
N GLU H 56 6.39 35.72 11.74
CA GLU H 56 5.36 36.32 10.91
C GLU H 56 4.14 36.66 11.74
N THR H 57 3.80 35.87 12.76
CA THR H 57 2.71 36.24 13.64
C THR H 57 2.98 37.61 14.28
N ALA H 58 4.17 37.79 14.86
CA ALA H 58 4.52 39.05 15.51
C ALA H 58 4.52 40.22 14.55
N ARG H 59 5.00 39.99 13.32
CA ARG H 59 5.08 41.05 12.33
C ARG H 59 3.69 41.53 11.93
N ILE H 60 2.75 40.57 11.74
CA ILE H 60 1.38 40.95 11.40
C ILE H 60 0.77 41.81 12.51
N VAL H 61 0.91 41.38 13.77
CA VAL H 61 0.30 42.10 14.87
C VAL H 61 0.81 43.52 14.91
N GLU H 62 2.14 43.68 14.80
CA GLU H 62 2.70 45.02 14.91
C GLU H 62 2.21 45.87 13.73
N GLU H 63 2.12 45.29 12.54
CA GLU H 63 1.63 46.01 11.37
C GLU H 63 0.18 46.44 11.55
N LEU H 64 -0.63 45.58 12.19
CA LEU H 64 -2.05 45.91 12.38
C LEU H 64 -2.18 47.06 13.38
N ILE H 65 -1.44 46.99 14.47
CA ILE H 65 -1.44 48.06 15.48
C ILE H 65 -1.00 49.38 14.80
N ALA H 66 0.07 49.32 14.00
CA ALA H 66 0.61 50.51 13.35
C ALA H 66 -0.40 51.13 12.40
N ALA H 67 -1.24 50.29 11.78
CA ALA H 67 -2.21 50.81 10.85
C ALA H 67 -3.35 51.50 11.60
N GLY H 68 -3.45 51.28 12.91
CA GLY H 68 -4.50 51.91 13.70
C GLY H 68 -5.74 51.01 13.92
N VAL H 69 -5.60 49.69 13.81
CA VAL H 69 -6.76 48.83 14.08
C VAL H 69 -7.16 48.95 15.56
N ASN H 70 -8.44 48.74 15.84
CA ASN H 70 -8.97 48.93 17.19
C ASN H 70 -8.83 47.68 18.04
N GLY H 71 -8.84 46.49 17.41
CA GLY H 71 -8.87 45.23 18.13
C GLY H 71 -8.53 44.09 17.19
N ILE H 72 -8.03 42.99 17.73
CA ILE H 72 -7.62 41.86 16.93
C ILE H 72 -8.41 40.64 17.36
N LEU H 73 -9.02 39.96 16.39
CA LEU H 73 -9.62 38.66 16.61
C LEU H 73 -8.79 37.60 15.90
N SER H 74 -8.95 36.37 16.31
CA SER H 74 -8.17 35.28 15.75
C SER H 74 -8.89 33.97 15.97
N MET H 75 -8.39 32.93 15.32
CA MET H 75 -8.70 31.55 15.66
C MET H 75 -10.19 31.29 15.45
N GLY H 76 -10.75 31.79 14.36
CA GLY H 76 -12.02 31.27 13.86
C GLY H 76 -11.82 30.15 12.85
N THR H 77 -12.63 30.17 11.80
CA THR H 77 -12.53 29.17 10.76
C THR H 77 -11.23 29.32 9.98
N PHE H 78 -10.98 30.44 9.28
CA PHE H 78 -9.83 30.51 8.40
C PHE H 78 -8.55 30.63 9.25
N GLY H 79 -8.69 31.03 10.52
CA GLY H 79 -7.59 31.03 11.48
C GLY H 79 -7.17 29.65 11.98
N GLU H 80 -7.89 28.61 11.55
CA GLU H 80 -7.47 27.22 11.71
C GLU H 80 -7.57 26.76 13.15
N CYS H 81 -8.55 27.30 13.88
CA CYS H 81 -8.84 26.80 15.22
C CYS H 81 -9.05 25.27 15.17
N ALA H 82 -9.63 24.76 14.08
CA ALA H 82 -9.93 23.34 13.94
C ALA H 82 -8.67 22.49 13.78
N THR H 83 -7.63 23.06 13.13
CA THR H 83 -6.57 22.22 12.60
C THR H 83 -5.21 22.47 13.25
N LEU H 84 -5.09 23.42 14.18
CA LEU H 84 -3.86 23.60 14.96
C LEU H 84 -3.79 22.57 16.09
N THR H 85 -2.57 22.20 16.49
CA THR H 85 -2.37 21.44 17.73
C THR H 85 -2.43 22.41 18.90
N TRP H 86 -2.60 21.85 20.08
CA TRP H 86 -2.69 22.66 21.28
C TRP H 86 -1.39 23.42 21.57
N ASP H 87 -0.24 22.78 21.33
CA ASP H 87 1.02 23.47 21.54
C ASP H 87 1.18 24.63 20.55
N GLU H 88 0.74 24.43 19.30
CA GLU H 88 0.74 25.49 18.30
C GLU H 88 -0.13 26.67 18.77
N LYS H 89 -1.29 26.37 19.33
CA LYS H 89 -2.21 27.45 19.77
C LYS H 89 -1.58 28.26 20.92
N ARG H 90 -0.99 27.56 21.88
CA ARG H 90 -0.38 28.25 23.05
C ARG H 90 0.78 29.14 22.58
N ASP H 91 1.59 28.63 21.67
CA ASP H 91 2.74 29.41 21.15
C ASP H 91 2.25 30.63 20.38
N TYR H 92 1.26 30.44 19.49
CA TYR H 92 0.72 31.56 18.75
C TYR H 92 0.14 32.66 19.66
N VAL H 93 -0.74 32.28 20.60
CA VAL H 93 -1.32 33.23 21.53
C VAL H 93 -0.24 33.91 22.38
N SER H 94 0.77 33.15 22.87
CA SER H 94 1.86 33.73 23.66
C SER H 94 2.58 34.82 22.86
N THR H 95 2.85 34.51 21.58
CA THR H 95 3.55 35.45 20.71
C THR H 95 2.69 36.71 20.53
N ILE H 96 1.40 36.53 20.24
CA ILE H 96 0.51 37.67 20.06
C ILE H 96 0.51 38.54 21.33
N VAL H 97 0.31 37.92 22.49
CA VAL H 97 0.16 38.65 23.74
C VAL H 97 1.43 39.45 24.02
N GLU H 98 2.61 38.81 23.85
CA GLU H 98 3.90 39.47 24.00
C GLU H 98 4.08 40.67 23.06
N THR H 99 3.60 40.55 21.83
CA THR H 99 3.77 41.58 20.83
C THR H 99 2.83 42.75 21.15
N ILE H 100 1.56 42.45 21.43
CA ILE H 100 0.58 43.49 21.68
C ILE H 100 0.95 44.34 22.90
N ARG H 101 1.39 43.66 23.97
CA ARG H 101 1.77 44.25 25.24
C ARG H 101 0.71 45.25 25.71
N GLY H 102 -0.55 44.79 25.75
CA GLY H 102 -1.61 45.57 26.36
C GLY H 102 -2.17 46.70 25.49
N ARG H 103 -1.75 46.83 24.23
CA ARG H 103 -2.00 48.05 23.50
C ARG H 103 -3.37 48.06 22.83
N VAL H 104 -3.84 46.89 22.41
CA VAL H 104 -5.19 46.79 21.85
C VAL H 104 -5.81 45.51 22.38
N PRO H 105 -7.15 45.41 22.44
CA PRO H 105 -7.78 44.14 22.84
C PRO H 105 -7.55 43.00 21.86
N TYR H 106 -7.46 41.78 22.39
CA TYR H 106 -7.16 40.60 21.60
C TYR H 106 -8.09 39.46 22.02
N PHE H 107 -8.73 38.84 21.04
CA PHE H 107 -9.51 37.62 21.24
C PHE H 107 -8.83 36.44 20.57
N CYS H 108 -8.66 35.39 21.36
CA CYS H 108 -8.29 34.07 20.87
C CYS H 108 -9.58 33.39 20.43
N GLY H 109 -9.50 32.12 20.04
CA GLY H 109 -10.66 31.32 19.69
C GLY H 109 -10.50 29.95 20.33
N THR H 110 -11.56 29.43 20.96
CA THR H 110 -11.49 28.20 21.72
C THR H 110 -12.66 27.27 21.39
N THR H 111 -13.25 27.41 20.21
CA THR H 111 -14.33 26.52 19.85
C THR H 111 -13.76 25.09 19.82
N ALA H 112 -14.49 24.14 20.42
CA ALA H 112 -14.05 22.76 20.43
C ALA H 112 -15.27 21.85 20.50
N LEU H 113 -15.03 20.55 20.62
CA LEU H 113 -16.10 19.56 20.50
C LEU H 113 -16.99 19.45 21.74
N ASN H 114 -16.57 19.99 22.88
CA ASN H 114 -17.37 19.91 24.07
C ASN H 114 -17.05 21.04 25.05
N THR H 115 -17.94 21.19 26.04
CA THR H 115 -17.90 22.28 26.98
C THR H 115 -16.63 22.23 27.83
N ARG H 116 -16.23 21.04 28.28
CA ARG H 116 -15.09 20.91 29.18
C ARG H 116 -13.79 21.30 28.47
N GLU H 117 -13.67 20.89 27.20
CA GLU H 117 -12.51 21.26 26.40
C GLU H 117 -12.50 22.78 26.13
N VAL H 118 -13.63 23.37 25.83
CA VAL H 118 -13.68 24.81 25.61
C VAL H 118 -13.23 25.54 26.87
N ILE H 119 -13.68 25.06 28.03
CA ILE H 119 -13.36 25.73 29.28
C ILE H 119 -11.85 25.62 29.55
N ARG H 120 -11.31 24.42 29.39
CA ARG H 120 -9.87 24.19 29.58
C ARG H 120 -9.06 25.15 28.71
N GLN H 121 -9.36 25.20 27.42
CA GLN H 121 -8.63 26.04 26.50
C GLN H 121 -8.73 27.53 26.85
N THR H 122 -9.95 27.98 27.13
CA THR H 122 -10.26 29.35 27.43
C THR H 122 -9.47 29.80 28.65
N ARG H 123 -9.48 28.99 29.71
CA ARG H 123 -8.77 29.34 30.94
C ARG H 123 -7.28 29.52 30.64
N GLU H 124 -6.70 28.65 29.81
CA GLU H 124 -5.27 28.67 29.52
CA GLU H 124 -5.27 28.71 29.57
C GLU H 124 -4.90 29.91 28.67
N LEU H 125 -5.68 30.16 27.62
CA LEU H 125 -5.34 31.27 26.73
C LEU H 125 -5.66 32.64 27.36
N ILE H 126 -6.73 32.74 28.14
CA ILE H 126 -6.97 33.96 28.90
C ILE H 126 -5.83 34.16 29.90
N ASP H 127 -5.33 33.07 30.52
CA ASP H 127 -4.25 33.15 31.49
C ASP H 127 -2.95 33.66 30.83
N ILE H 128 -2.66 33.21 29.62
CA ILE H 128 -1.52 33.70 28.85
C ILE H 128 -1.64 35.21 28.59
N GLY H 129 -2.88 35.70 28.35
CA GLY H 129 -3.12 37.13 28.29
C GLY H 129 -4.10 37.61 27.23
N ALA H 130 -4.80 36.70 26.54
CA ALA H 130 -5.93 37.11 25.72
C ALA H 130 -6.99 37.76 26.58
N ASN H 131 -7.75 38.71 26.01
CA ASN H 131 -8.80 39.36 26.78
C ASN H 131 -10.13 38.63 26.68
N GLY H 132 -10.28 37.80 25.66
CA GLY H 132 -11.55 37.16 25.37
C GLY H 132 -11.38 36.01 24.37
N THR H 133 -12.47 35.27 24.15
CA THR H 133 -12.48 34.20 23.17
C THR H 133 -13.62 34.45 22.19
N MET H 134 -13.29 34.23 20.92
CA MET H 134 -14.23 34.24 19.82
C MET H 134 -14.70 32.80 19.65
N LEU H 135 -15.98 32.55 19.97
CA LEU H 135 -16.41 31.20 20.32
C LEU H 135 -17.70 30.82 19.58
N GLY H 136 -17.60 29.79 18.74
CA GLY H 136 -18.77 29.16 18.11
C GLY H 136 -19.32 28.10 19.07
N VAL H 137 -20.05 27.12 18.55
CA VAL H 137 -20.56 26.07 19.45
C VAL H 137 -20.06 24.73 18.95
N PRO H 138 -19.89 23.75 19.85
CA PRO H 138 -19.67 22.36 19.48
C PRO H 138 -20.64 21.90 18.39
N MET H 139 -20.11 21.20 17.39
CA MET H 139 -20.87 20.98 16.18
C MET H 139 -20.90 19.51 15.72
N TRP H 140 -20.34 18.55 16.44
CA TRP H 140 -20.53 17.17 16.02
C TRP H 140 -22.03 16.85 16.04
N VAL H 141 -22.71 17.20 17.15
CA VAL H 141 -24.16 17.11 17.22
C VAL H 141 -24.69 18.54 17.16
N LYS H 142 -25.64 18.73 16.26
CA LYS H 142 -26.23 20.06 16.07
C LYS H 142 -26.95 20.48 17.35
N MET H 143 -26.63 21.68 17.83
CA MET H 143 -27.25 22.15 19.07
C MET H 143 -28.63 22.77 18.86
N ASP H 144 -29.50 22.64 19.84
CA ASP H 144 -30.78 23.37 19.83
C ASP H 144 -30.60 24.64 20.68
N LEU H 145 -31.64 25.44 20.79
CA LEU H 145 -31.56 26.71 21.48
C LEU H 145 -31.15 26.53 22.95
N PRO H 146 -31.87 25.78 23.81
CA PRO H 146 -31.48 25.70 25.22
C PRO H 146 -30.08 25.13 25.41
N THR H 147 -29.68 24.18 24.56
CA THR H 147 -28.35 23.60 24.61
C THR H 147 -27.27 24.66 24.34
N ALA H 148 -27.49 25.48 23.32
CA ALA H 148 -26.55 26.54 22.98
C ALA H 148 -26.47 27.58 24.08
N VAL H 149 -27.61 27.99 24.61
CA VAL H 149 -27.62 29.00 25.66
C VAL H 149 -26.88 28.49 26.90
N GLN H 150 -27.20 27.27 27.32
CA GLN H 150 -26.55 26.65 28.46
C GLN H 150 -25.04 26.57 28.22
N PHE H 151 -24.61 26.28 26.98
CA PHE H 151 -23.19 26.20 26.67
C PHE H 151 -22.46 27.51 26.96
N TYR H 152 -22.98 28.64 26.47
CA TYR H 152 -22.30 29.90 26.70
C TYR H 152 -22.42 30.32 28.17
N ARG H 153 -23.52 29.98 28.83
CA ARG H 153 -23.66 30.25 30.26
C ARG H 153 -22.60 29.48 31.06
N ASP H 154 -22.39 28.22 30.68
CA ASP H 154 -21.41 27.37 31.32
C ASP H 154 -20.01 27.96 31.15
N VAL H 155 -19.64 28.35 29.92
CA VAL H 155 -18.32 28.91 29.69
C VAL H 155 -18.16 30.17 30.52
N ALA H 156 -19.15 31.05 30.53
CA ALA H 156 -19.00 32.31 31.25
C ALA H 156 -18.90 32.05 32.75
N ASP H 157 -19.70 31.09 33.26
CA ASP H 157 -19.63 30.70 34.66
C ASP H 157 -18.22 30.20 34.98
N ALA H 158 -17.67 29.38 34.10
CA ALA H 158 -16.41 28.72 34.35
C ALA H 158 -15.23 29.69 34.27
N VAL H 159 -15.29 30.66 33.34
CA VAL H 159 -14.17 31.55 33.09
C VAL H 159 -14.69 33.00 33.11
N PRO H 160 -15.09 33.49 34.31
CA PRO H 160 -15.82 34.76 34.40
C PRO H 160 -15.01 36.00 33.99
N GLU H 161 -13.69 35.89 33.91
CA GLU H 161 -12.83 36.99 33.50
C GLU H 161 -12.72 37.10 31.99
N ALA H 162 -13.17 36.06 31.25
CA ALA H 162 -13.05 36.07 29.79
C ALA H 162 -14.21 36.85 29.17
N ALA H 163 -13.93 37.81 28.29
CA ALA H 163 -14.95 38.34 27.41
C ALA H 163 -15.25 37.27 26.36
N ILE H 164 -16.49 37.23 25.86
CA ILE H 164 -16.89 36.30 24.82
C ILE H 164 -17.38 37.09 23.62
N ALA H 165 -16.91 36.67 22.44
CA ALA H 165 -17.44 37.09 21.16
C ALA H 165 -18.11 35.89 20.53
N ILE H 166 -19.42 35.99 20.33
CA ILE H 166 -20.16 34.89 19.71
C ILE H 166 -19.76 34.82 18.25
N TYR H 167 -19.33 33.65 17.81
CA TYR H 167 -18.98 33.45 16.41
C TYR H 167 -20.20 32.83 15.75
N ALA H 168 -21.07 33.65 15.17
CA ALA H 168 -22.38 33.20 14.76
C ALA H 168 -22.35 32.72 13.31
N ASN H 169 -21.70 31.58 13.07
CA ASN H 169 -21.56 30.97 11.76
C ASN H 169 -22.37 29.67 11.69
N PRO H 170 -23.56 29.69 11.06
CA PRO H 170 -24.39 28.49 10.95
C PRO H 170 -23.82 27.39 10.06
N GLU H 171 -22.97 27.79 9.10
CA GLU H 171 -22.33 26.83 8.22
C GLU H 171 -21.36 25.96 9.00
N ALA H 172 -20.43 26.58 9.70
CA ALA H 172 -19.51 25.84 10.54
C ALA H 172 -20.23 25.10 11.68
N PHE H 173 -21.12 25.78 12.41
CA PHE H 173 -21.53 25.26 13.70
C PHE H 173 -22.95 24.67 13.70
N LYS H 174 -23.63 24.62 12.54
CA LYS H 174 -24.95 24.00 12.36
C LYS H 174 -26.07 24.80 13.01
N PHE H 175 -25.97 25.07 14.32
CA PHE H 175 -26.88 26.00 14.98
C PHE H 175 -27.00 27.34 14.24
N ASP H 176 -28.22 27.90 14.19
CA ASP H 176 -28.36 29.09 13.38
C ASP H 176 -28.43 30.41 14.15
N PHE H 177 -28.22 30.43 15.48
CA PHE H 177 -28.10 31.67 16.25
C PHE H 177 -29.34 32.55 16.05
N PRO H 178 -30.52 32.03 16.43
CA PRO H 178 -31.79 32.67 16.10
C PRO H 178 -32.10 33.81 17.06
N ARG H 179 -33.17 34.55 16.81
CA ARG H 179 -33.51 35.73 17.62
C ARG H 179 -33.47 35.48 19.13
N PRO H 180 -34.22 34.49 19.68
CA PRO H 180 -34.27 34.26 21.12
C PRO H 180 -32.93 33.94 21.76
N PHE H 181 -32.01 33.37 20.98
CA PHE H 181 -30.66 33.18 21.44
C PHE H 181 -29.97 34.49 21.77
N TRP H 182 -30.12 35.51 20.91
CA TRP H 182 -29.52 36.81 21.17
C TRP H 182 -30.08 37.44 22.44
N ALA H 183 -31.39 37.25 22.68
CA ALA H 183 -31.99 37.84 23.87
C ALA H 183 -31.42 37.19 25.12
N GLU H 184 -31.11 35.88 25.05
CA GLU H 184 -30.50 35.20 26.19
C GLU H 184 -29.05 35.66 26.36
N MET H 185 -28.33 35.80 25.24
CA MET H 185 -26.92 36.16 25.34
C MET H 185 -26.73 37.53 26.02
N SER H 186 -27.66 38.45 25.79
CA SER H 186 -27.63 39.80 26.33
C SER H 186 -27.73 39.77 27.86
N LYS H 187 -28.22 38.65 28.42
CA LYS H 187 -28.26 38.50 29.87
C LYS H 187 -26.93 38.08 30.49
N ILE H 188 -25.92 37.75 29.65
CA ILE H 188 -24.66 37.22 30.12
C ILE H 188 -23.60 38.33 30.05
N PRO H 189 -23.12 38.88 31.18
CA PRO H 189 -22.24 40.05 31.13
C PRO H 189 -20.98 39.82 30.27
N GLN H 190 -20.47 38.59 30.31
CA GLN H 190 -19.24 38.25 29.61
C GLN H 190 -19.41 38.37 28.08
N VAL H 191 -20.65 38.29 27.58
CA VAL H 191 -20.89 38.28 26.14
C VAL H 191 -20.98 39.74 25.72
N VAL H 192 -19.92 40.26 25.09
CA VAL H 192 -19.81 41.68 24.83
C VAL H 192 -19.95 41.98 23.35
N THR H 193 -19.75 40.95 22.50
CA THR H 193 -19.74 41.24 21.08
C THR H 193 -20.10 39.97 20.30
N ALA H 194 -20.31 40.14 19.01
CA ALA H 194 -20.63 39.05 18.11
C ALA H 194 -19.95 39.28 16.78
N LYS H 195 -19.36 38.23 16.23
CA LYS H 195 -18.97 38.21 14.85
C LYS H 195 -20.20 37.75 14.07
N TYR H 196 -20.86 38.71 13.43
CA TYR H 196 -22.17 38.47 12.87
C TYR H 196 -22.08 38.37 11.35
N LEU H 197 -23.04 37.66 10.77
CA LEU H 197 -23.06 37.57 9.31
C LEU H 197 -24.24 38.40 8.78
N GLY H 198 -25.13 37.81 7.97
CA GLY H 198 -26.13 38.58 7.25
C GLY H 198 -26.93 39.48 8.20
N ILE H 199 -27.22 40.71 7.75
CA ILE H 199 -27.81 41.74 8.61
C ILE H 199 -29.33 41.84 8.43
N GLY H 200 -29.96 40.84 7.81
CA GLY H 200 -31.39 40.86 7.59
C GLY H 200 -32.23 41.06 8.87
N MET H 201 -31.76 40.52 10.00
CA MET H 201 -32.49 40.66 11.26
C MET H 201 -31.67 41.47 12.27
N LEU H 202 -30.71 42.29 11.81
CA LEU H 202 -29.89 43.04 12.73
C LEU H 202 -30.75 44.03 13.53
N ASP H 203 -31.68 44.73 12.88
CA ASP H 203 -32.53 45.69 13.59
C ASP H 203 -33.20 45.07 14.83
N LEU H 204 -33.81 43.90 14.62
CA LEU H 204 -34.45 43.18 15.70
C LEU H 204 -33.45 42.66 16.74
N ASP H 205 -32.35 42.06 16.28
CA ASP H 205 -31.37 41.51 17.21
C ASP H 205 -30.84 42.60 18.14
N LEU H 206 -30.64 43.79 17.61
CA LEU H 206 -30.14 44.92 18.45
C LEU H 206 -31.16 45.21 19.57
N ARG H 207 -32.44 45.21 19.23
CA ARG H 207 -33.48 45.46 20.25
C ARG H 207 -33.48 44.33 21.32
N LEU H 208 -33.34 43.08 20.88
CA LEU H 208 -33.43 41.92 21.80
C LEU H 208 -32.16 41.82 22.65
N ALA H 209 -31.07 42.39 22.15
CA ALA H 209 -29.80 42.21 22.84
C ALA H 209 -29.13 43.57 23.03
N PRO H 210 -29.67 44.39 23.94
CA PRO H 210 -29.12 45.73 24.15
C PRO H 210 -27.68 45.76 24.68
N ASN H 211 -27.14 44.62 25.19
CA ASN H 211 -25.86 44.65 25.87
C ASN H 211 -24.72 44.14 24.97
N ILE H 212 -24.99 43.86 23.70
CA ILE H 212 -23.97 43.29 22.84
C ILE H 212 -23.62 44.30 21.73
N ARG H 213 -22.32 44.42 21.44
CA ARG H 213 -21.86 45.11 20.25
C ARG H 213 -21.80 44.13 19.08
N PHE H 214 -22.77 44.24 18.18
CA PHE H 214 -22.80 43.37 17.03
C PHE H 214 -21.79 43.89 16.02
N LEU H 215 -20.96 42.99 15.49
CA LEU H 215 -19.99 43.35 14.47
C LEU H 215 -20.48 42.78 13.16
N PRO H 216 -20.95 43.62 12.24
CA PRO H 216 -21.20 43.16 10.89
C PRO H 216 -19.87 42.90 10.21
N HIS H 217 -19.91 42.08 9.17
CA HIS H 217 -18.80 42.01 8.24
C HIS H 217 -18.57 43.39 7.64
N GLU H 218 -17.30 43.68 7.33
CA GLU H 218 -16.88 44.96 6.81
C GLU H 218 -17.77 45.44 5.66
N ASP H 219 -18.12 44.56 4.71
CA ASP H 219 -18.89 44.98 3.54
C ASP H 219 -20.30 45.50 3.90
N ASP H 220 -20.82 44.99 5.03
CA ASP H 220 -22.18 45.29 5.51
C ASP H 220 -22.19 46.46 6.49
N TYR H 221 -20.99 46.91 6.91
CA TYR H 221 -20.88 47.94 7.92
C TYR H 221 -21.61 49.21 7.47
N TYR H 222 -21.42 49.60 6.21
CA TYR H 222 -22.07 50.82 5.74
C TYR H 222 -23.58 50.78 6.02
N ALA H 223 -24.22 49.71 5.58
CA ALA H 223 -25.66 49.58 5.71
C ALA H 223 -26.06 49.52 7.19
N ALA H 224 -25.30 48.74 7.96
CA ALA H 224 -25.66 48.52 9.35
C ALA H 224 -25.52 49.81 10.14
N ALA H 225 -24.41 50.55 9.88
CA ALA H 225 -24.17 51.81 10.53
C ALA H 225 -25.31 52.80 10.21
N ARG H 226 -25.85 52.74 9.00
CA ARG H 226 -26.95 53.64 8.65
C ARG H 226 -28.20 53.23 9.42
N ILE H 227 -28.43 51.93 9.57
CA ILE H 227 -29.59 51.42 10.30
C ILE H 227 -29.58 51.91 11.76
N ASN H 228 -28.44 51.77 12.43
CA ASN H 228 -28.35 52.11 13.84
C ASN H 228 -26.98 52.70 14.12
N PRO H 229 -26.80 54.01 13.86
CA PRO H 229 -25.49 54.66 13.99
C PRO H 229 -25.04 54.75 15.43
N GLU H 230 -25.98 54.67 16.38
CA GLU H 230 -25.67 54.71 17.79
C GLU H 230 -24.98 53.40 18.22
N ARG H 231 -25.51 52.25 17.76
CA ARG H 231 -25.07 50.95 18.25
C ARG H 231 -24.00 50.31 17.36
N ILE H 232 -24.05 50.58 16.07
CA ILE H 232 -23.16 49.95 15.10
C ILE H 232 -21.99 50.90 14.85
N THR H 233 -20.95 50.76 15.70
CA THR H 233 -19.75 51.59 15.71
C THR H 233 -18.51 50.78 15.32
N ALA H 234 -18.69 49.48 15.04
CA ALA H 234 -17.58 48.54 14.94
C ALA H 234 -17.91 47.48 13.90
N PHE H 235 -16.88 46.88 13.30
CA PHE H 235 -17.10 45.85 12.30
C PHE H 235 -15.92 44.89 12.34
N TRP H 236 -16.13 43.70 11.77
CA TRP H 236 -15.02 42.78 11.60
C TRP H 236 -14.55 42.72 10.14
N SER H 237 -13.22 42.50 9.97
CA SER H 237 -12.56 42.55 8.67
C SER H 237 -11.60 41.38 8.50
N SER H 238 -11.73 40.64 7.40
CA SER H 238 -10.64 39.79 6.96
C SER H 238 -9.91 40.44 5.79
N GLY H 239 -10.56 41.34 5.07
CA GLY H 239 -9.98 42.09 3.95
C GLY H 239 -8.73 42.87 4.37
N ALA H 240 -8.71 43.30 5.64
CA ALA H 240 -7.60 44.01 6.21
C ALA H 240 -6.28 43.20 6.12
N MET H 241 -6.38 41.87 6.07
CA MET H 241 -5.21 41.01 5.93
C MET H 241 -4.56 41.12 4.54
N CYS H 242 -5.20 41.86 3.62
CA CYS H 242 -4.71 42.16 2.29
C CYS H 242 -4.18 43.60 2.21
N GLY H 243 -4.10 44.27 3.37
CA GLY H 243 -3.80 45.69 3.43
C GLY H 243 -4.93 46.41 4.18
N PRO H 244 -4.68 46.84 5.43
CA PRO H 244 -5.75 47.41 6.24
C PRO H 244 -6.21 48.83 5.95
N ALA H 245 -5.59 49.53 4.98
CA ALA H 245 -5.93 50.93 4.83
C ALA H 245 -7.40 51.08 4.43
N THR H 246 -7.94 50.14 3.65
CA THR H 246 -9.35 50.21 3.25
C THR H 246 -10.29 50.23 4.46
N ALA H 247 -10.07 49.31 5.38
CA ALA H 247 -10.90 49.22 6.58
C ALA H 247 -10.71 50.47 7.46
N ILE H 248 -9.49 50.96 7.55
CA ILE H 248 -9.25 52.18 8.38
C ILE H 248 -10.01 53.36 7.76
N MET H 249 -9.89 53.50 6.44
CA MET H 249 -10.65 54.58 5.75
CA MET H 249 -10.65 54.58 5.75
C MET H 249 -12.21 54.51 5.95
N LEU H 250 -12.67 53.26 5.83
CA LEU H 250 -14.14 53.07 6.02
C LEU H 250 -14.53 53.51 7.43
N ARG H 251 -13.79 53.00 8.42
CA ARG H 251 -14.05 53.43 9.79
C ARG H 251 -14.07 54.95 9.90
N ASP H 252 -12.97 55.59 9.50
CA ASP H 252 -12.89 57.05 9.63
C ASP H 252 -14.00 57.77 8.89
N GLU H 253 -14.35 57.31 7.70
CA GLU H 253 -15.33 58.01 6.86
C GLU H 253 -16.75 57.81 7.38
N VAL H 254 -17.05 56.62 7.94
CA VAL H 254 -18.33 56.42 8.61
C VAL H 254 -18.47 57.31 9.85
N VAL H 255 -17.42 57.47 10.66
CA VAL H 255 -17.47 58.42 11.77
C VAL H 255 -17.83 59.84 11.29
N ARG H 256 -17.20 60.26 10.20
CA ARG H 256 -17.46 61.57 9.60
C ARG H 256 -18.89 61.67 9.05
N ALA H 257 -19.39 60.61 8.39
CA ALA H 257 -20.74 60.60 7.82
C ALA H 257 -21.80 60.69 8.90
N LYS H 258 -21.51 60.14 10.07
CA LYS H 258 -22.47 60.10 11.17
C LYS H 258 -22.64 61.51 11.72
N SER H 259 -21.56 62.27 11.63
CA SER H 259 -21.53 63.65 12.08
C SER H 259 -22.05 64.61 11.02
N THR H 260 -21.73 64.42 9.73
CA THR H 260 -22.07 65.43 8.73
C THR H 260 -23.39 65.12 8.03
N GLY H 261 -23.82 63.85 8.08
CA GLY H 261 -24.93 63.38 7.25
C GLY H 261 -24.60 63.10 5.79
N ASP H 262 -23.34 63.21 5.34
CA ASP H 262 -22.98 62.97 3.96
C ASP H 262 -22.29 61.61 3.86
N TRP H 263 -23.01 60.64 3.29
CA TRP H 263 -22.57 59.25 3.32
C TRP H 263 -21.93 58.84 2.00
N ALA H 264 -21.73 59.80 1.08
CA ALA H 264 -21.28 59.49 -0.26
C ALA H 264 -19.92 58.79 -0.27
N LYS H 265 -18.94 59.33 0.48
CA LYS H 265 -17.60 58.76 0.51
C LYS H 265 -17.57 57.37 1.14
N ALA H 266 -18.29 57.20 2.24
CA ALA H 266 -18.40 55.90 2.89
C ALA H 266 -18.99 54.86 1.94
N LYS H 267 -20.02 55.29 1.20
CA LYS H 267 -20.70 54.41 0.25
C LYS H 267 -19.73 53.96 -0.85
N ALA H 268 -18.89 54.90 -1.32
CA ALA H 268 -17.96 54.55 -2.38
C ALA H 268 -16.92 53.52 -1.94
N ILE H 269 -16.39 53.68 -0.72
CA ILE H 269 -15.44 52.74 -0.14
C ILE H 269 -16.11 51.39 0.01
N SER H 270 -17.31 51.41 0.59
CA SER H 270 -18.07 50.19 0.82
C SER H 270 -18.31 49.45 -0.48
N ASP H 271 -18.67 50.19 -1.53
CA ASP H 271 -18.92 49.61 -2.83
C ASP H 271 -17.65 49.01 -3.43
N ASP H 272 -16.50 49.68 -3.25
CA ASP H 272 -15.22 49.14 -3.70
C ASP H 272 -14.94 47.79 -3.02
N MET H 273 -15.22 47.74 -1.72
CA MET H 273 -15.00 46.53 -0.93
C MET H 273 -15.83 45.34 -1.44
N ARG H 274 -17.11 45.59 -1.73
CA ARG H 274 -17.96 44.53 -2.24
C ARG H 274 -17.44 44.06 -3.61
N ALA H 275 -16.99 45.00 -4.47
CA ALA H 275 -16.41 44.61 -5.75
C ALA H 275 -15.17 43.75 -5.56
N ALA H 276 -14.30 44.10 -4.60
CA ALA H 276 -13.10 43.31 -4.38
C ALA H 276 -13.46 41.90 -3.89
N ASP H 277 -14.62 41.77 -3.22
CA ASP H 277 -15.09 40.47 -2.74
C ASP H 277 -15.89 39.67 -3.78
N SER H 278 -16.10 40.24 -4.96
CA SER H 278 -17.07 39.70 -5.89
C SER H 278 -16.65 38.34 -6.45
N THR H 279 -15.36 37.99 -6.37
CA THR H 279 -14.91 36.71 -6.92
C THR H 279 -14.50 35.71 -5.84
N LEU H 280 -14.71 36.04 -4.57
CA LEU H 280 -14.25 35.22 -3.47
C LEU H 280 -15.11 33.95 -3.34
N PHE H 281 -16.43 34.09 -3.30
CA PHE H 281 -17.27 32.92 -3.08
C PHE H 281 -17.37 32.09 -4.36
N PRO H 282 -17.06 30.77 -4.34
CA PRO H 282 -17.30 29.90 -5.51
C PRO H 282 -18.78 29.95 -5.90
N ARG H 283 -19.04 30.40 -7.13
CA ARG H 283 -20.36 30.67 -7.70
C ARG H 283 -21.27 31.51 -6.80
N GLY H 284 -20.73 32.52 -6.11
CA GLY H 284 -21.57 33.44 -5.37
C GLY H 284 -22.17 32.78 -4.12
N ASP H 285 -21.76 31.54 -3.81
CA ASP H 285 -22.44 30.70 -2.84
C ASP H 285 -21.67 30.54 -1.53
N PHE H 286 -22.27 31.00 -0.43
CA PHE H 286 -21.63 30.98 0.86
C PHE H 286 -21.41 29.55 1.38
N SER H 287 -22.37 28.65 1.09
CA SER H 287 -22.21 27.23 1.47
C SER H 287 -21.01 26.61 0.75
N GLU H 288 -20.78 26.95 -0.53
CA GLU H 288 -19.64 26.41 -1.27
C GLU H 288 -18.32 27.04 -0.79
N PHE H 289 -18.33 28.36 -0.56
CA PHE H 289 -17.22 29.04 0.10
C PHE H 289 -16.89 28.37 1.44
N SER H 290 -17.93 27.99 2.20
CA SER H 290 -17.78 27.36 3.50
C SER H 290 -17.00 26.06 3.43
N LYS H 291 -17.11 25.29 2.35
CA LYS H 291 -16.31 24.07 2.23
C LYS H 291 -14.81 24.38 2.12
N TYR H 292 -14.46 25.58 1.64
CA TYR H 292 -13.07 25.91 1.36
C TYR H 292 -12.66 27.20 2.06
N ASN H 293 -13.31 27.52 3.19
CA ASN H 293 -13.16 28.82 3.86
C ASN H 293 -11.68 29.05 4.13
N ILE H 294 -10.97 28.02 4.61
CA ILE H 294 -9.60 28.18 5.05
C ILE H 294 -8.71 28.46 3.84
N GLY H 295 -8.77 27.56 2.84
CA GLY H 295 -7.90 27.65 1.67
C GLY H 295 -8.11 28.96 0.89
N LEU H 296 -9.36 29.39 0.78
CA LEU H 296 -9.68 30.56 -0.03
C LEU H 296 -9.21 31.82 0.69
N GLU H 297 -9.47 31.94 1.99
CA GLU H 297 -9.00 33.13 2.70
C GLU H 297 -7.48 33.17 2.69
N LYS H 298 -6.85 32.04 2.96
CA LYS H 298 -5.39 32.00 3.02
C LYS H 298 -4.78 32.29 1.63
N ALA H 299 -5.33 31.75 0.55
CA ALA H 299 -4.83 32.02 -0.79
C ALA H 299 -5.03 33.48 -1.19
N ARG H 300 -6.12 34.10 -0.73
CA ARG H 300 -6.36 35.49 -1.04
C ARG H 300 -5.30 36.34 -0.36
N MET H 301 -5.02 36.04 0.91
CA MET H 301 -3.97 36.73 1.65
C MET H 301 -2.61 36.53 0.99
N ASP H 302 -2.30 35.30 0.60
CA ASP H 302 -1.01 35.06 -0.05
C ASP H 302 -0.90 35.94 -1.30
N ALA H 303 -1.98 36.01 -2.10
CA ALA H 303 -1.94 36.71 -3.37
C ALA H 303 -1.82 38.21 -3.19
N ALA H 304 -2.40 38.75 -2.11
CA ALA H 304 -2.36 40.18 -1.87
C ALA H 304 -0.94 40.65 -1.54
N GLY H 305 -0.18 39.84 -0.82
CA GLY H 305 1.21 40.15 -0.54
C GLY H 305 1.46 41.03 0.67
N TRP H 306 0.42 41.35 1.45
CA TRP H 306 0.62 42.11 2.68
C TRP H 306 1.15 41.23 3.80
N LEU H 307 0.77 39.95 3.79
CA LEU H 307 1.26 38.98 4.77
C LEU H 307 1.32 37.60 4.14
N LYS H 308 2.05 36.70 4.81
CA LYS H 308 2.20 35.34 4.33
C LYS H 308 1.38 34.39 5.21
N ALA H 309 0.20 34.04 4.74
CA ALA H 309 -0.66 33.14 5.49
C ALA H 309 -0.13 31.71 5.44
N GLY H 310 0.33 31.27 4.28
CA GLY H 310 1.01 29.99 4.17
C GLY H 310 0.03 28.84 3.95
N PRO H 311 0.56 27.62 3.80
CA PRO H 311 -0.25 26.44 3.52
C PRO H 311 -1.27 26.09 4.60
N CYS H 312 -2.30 25.37 4.19
CA CYS H 312 -3.37 24.97 5.09
C CYS H 312 -3.03 23.64 5.77
N ARG H 313 -3.33 23.58 7.08
CA ARG H 313 -3.06 22.38 7.84
C ARG H 313 -4.13 21.33 7.48
N PRO H 314 -3.77 20.03 7.57
CA PRO H 314 -4.66 18.96 7.15
C PRO H 314 -5.83 18.86 8.12
N PRO H 315 -7.03 18.57 7.62
CA PRO H 315 -7.21 18.06 6.25
C PRO H 315 -7.54 19.02 5.11
N TYR H 316 -7.68 20.31 5.41
CA TYR H 316 -8.29 21.26 4.49
C TYR H 316 -7.27 21.95 3.60
N ASN H 317 -6.53 21.12 2.84
CA ASN H 317 -5.38 21.58 2.08
C ASN H 317 -5.62 21.33 0.59
N LEU H 318 -6.86 21.05 0.19
CA LEU H 318 -7.16 20.82 -1.21
C LEU H 318 -8.29 21.75 -1.62
N VAL H 319 -8.01 22.66 -2.58
CA VAL H 319 -9.00 23.60 -3.09
C VAL H 319 -9.01 23.49 -4.60
N PRO H 320 -10.18 23.30 -5.24
CA PRO H 320 -10.28 23.34 -6.70
C PRO H 320 -9.62 24.59 -7.31
N GLU H 321 -8.89 24.38 -8.39
CA GLU H 321 -8.11 25.47 -9.02
C GLU H 321 -8.95 26.71 -9.40
N ASP H 322 -10.17 26.55 -9.92
CA ASP H 322 -10.95 27.74 -10.32
C ASP H 322 -11.32 28.56 -9.10
N TYR H 323 -11.58 27.88 -7.99
CA TYR H 323 -11.99 28.59 -6.77
C TYR H 323 -10.78 29.37 -6.25
N LEU H 324 -9.60 28.74 -6.31
CA LEU H 324 -8.38 29.41 -5.87
C LEU H 324 -8.18 30.70 -6.69
N ALA H 325 -8.38 30.62 -8.00
CA ALA H 325 -8.18 31.77 -8.87
C ALA H 325 -9.12 32.93 -8.49
N GLY H 326 -10.36 32.60 -8.08
CA GLY H 326 -11.29 33.63 -7.63
C GLY H 326 -10.76 34.34 -6.38
N ALA H 327 -10.23 33.53 -5.46
CA ALA H 327 -9.69 34.05 -4.23
C ALA H 327 -8.47 34.93 -4.52
N GLN H 328 -7.63 34.51 -5.46
CA GLN H 328 -6.42 35.26 -5.76
C GLN H 328 -6.76 36.62 -6.36
N LYS H 329 -7.76 36.63 -7.25
CA LYS H 329 -8.23 37.86 -7.87
C LYS H 329 -8.79 38.82 -6.82
N SER H 330 -9.50 38.28 -5.83
CA SER H 330 -10.02 39.08 -4.74
C SER H 330 -8.86 39.66 -3.92
N GLY H 331 -7.82 38.85 -3.67
CA GLY H 331 -6.63 39.29 -2.97
C GLY H 331 -5.94 40.48 -3.67
N LYS H 332 -5.77 40.36 -4.99
CA LYS H 332 -5.18 41.44 -5.78
C LYS H 332 -6.05 42.70 -5.72
N ALA H 333 -7.37 42.52 -5.71
CA ALA H 333 -8.29 43.66 -5.71
C ALA H 333 -8.20 44.39 -4.36
N TRP H 334 -8.16 43.62 -3.26
CA TRP H 334 -7.99 44.25 -1.94
C TRP H 334 -6.63 44.93 -1.81
N ALA H 335 -5.58 44.35 -2.40
CA ALA H 335 -4.25 44.97 -2.40
C ALA H 335 -4.31 46.33 -3.10
N ALA H 336 -5.01 46.39 -4.24
CA ALA H 336 -5.17 47.62 -5.00
C ALA H 336 -5.94 48.67 -4.18
N LEU H 337 -6.98 48.22 -3.43
CA LEU H 337 -7.68 49.14 -2.53
C LEU H 337 -6.74 49.67 -1.45
N HIS H 338 -5.94 48.76 -0.86
CA HIS H 338 -4.98 49.20 0.15
C HIS H 338 -4.07 50.28 -0.43
N ALA H 339 -3.59 50.09 -1.65
CA ALA H 339 -2.69 51.08 -2.23
C ALA H 339 -3.43 52.41 -2.42
N LYS H 340 -4.69 52.34 -2.89
CA LYS H 340 -5.45 53.53 -3.17
C LYS H 340 -5.76 54.30 -1.88
N TYR H 341 -6.16 53.58 -0.83
CA TYR H 341 -6.62 54.24 0.38
C TYR H 341 -5.43 54.65 1.26
N SER H 342 -4.29 53.98 1.10
CA SER H 342 -3.07 54.34 1.81
C SER H 342 -2.68 55.78 1.45
N ASN H 343 -2.89 56.14 0.19
CA ASN H 343 -2.57 57.49 -0.26
C ASN H 343 -3.63 58.50 0.20
N GLU H 344 -4.89 58.08 0.33
CA GLU H 344 -5.93 58.97 0.80
C GLU H 344 -5.81 59.24 2.30
N LEU H 345 -5.14 58.36 3.06
CA LEU H 345 -4.94 58.59 4.50
C LEU H 345 -3.79 59.59 4.75
C10 KRN I . 26.85 -9.89 14.96
C11 KRN I . 26.56 -11.01 15.93
C12 KRN I . 28.31 -9.70 14.65
O13 KRN I . 27.37 -11.87 16.14
O14 KRN I . 25.49 -10.94 16.46
C15 KRN I . 28.95 -10.83 13.73
C16 KRN I . 30.18 -10.28 13.30
C17 KRN I . 30.38 -9.92 11.98
C18 KRN I . 31.60 -9.32 11.62
C19 KRN I . 32.63 -9.05 12.51
C20 KRN I . 32.44 -9.42 13.84
C21 KRN I . 31.22 -10.01 14.21
O22 KRN I . 31.02 -10.36 15.49
O23 KRN I . 27.99 -11.25 12.66
P PO4 J . 17.48 6.89 7.71
O1 PO4 J . 17.63 6.47 9.13
O2 PO4 J . 18.75 6.61 7.00
O3 PO4 J . 16.28 6.19 7.08
O4 PO4 J . 17.17 8.39 7.70
P PO4 K . 37.44 -6.77 10.51
O1 PO4 K . 38.04 -8.18 10.78
O2 PO4 K . 38.55 -5.85 10.03
O3 PO4 K . 36.31 -6.82 9.42
O4 PO4 K . 36.80 -6.24 11.81
C1 GOL L . 25.37 -8.37 3.80
O1 GOL L . 25.38 -7.49 4.93
C2 GOL L . 25.23 -7.57 2.54
O2 GOL L . 23.92 -7.66 1.98
C3 GOL L . 25.53 -6.10 2.79
O3 GOL L . 26.71 -5.94 3.57
OAH NK M . 32.18 -9.31 4.69
CAD NK M . 32.52 -9.43 5.84
CAA NK M . 32.72 -8.31 6.76
CAC NK M . 32.81 -8.53 8.14
CAG NK M . 32.98 -7.48 9.01
CAI NK M . 33.10 -6.20 8.53
CAE NK M . 33.05 -5.96 7.17
CAB NK M . 32.87 -7.00 6.28
OAF NK M . 32.82 -6.80 4.93
C10 KRN N . 37.43 -5.78 -17.00
C11 KRN N . 37.68 -6.53 -18.28
C12 KRN N . 36.00 -5.48 -16.80
O13 KRN N . 36.78 -7.19 -18.76
O14 KRN N . 38.81 -6.41 -18.73
C15 KRN N . 35.22 -6.66 -16.18
C16 KRN N . 34.04 -6.09 -15.60
C17 KRN N . 33.87 -5.98 -14.22
C18 KRN N . 32.71 -5.35 -13.68
C19 KRN N . 31.69 -4.80 -14.48
C20 KRN N . 31.86 -4.91 -15.87
C21 KRN N . 33.02 -5.51 -16.40
O22 KRN N . 33.15 -5.60 -17.72
O23 KRN N . 36.21 -7.31 -15.27
P PO4 O . 48.13 7.40 -5.43
O1 PO4 O . 49.31 6.55 -5.03
O2 PO4 O . 47.94 7.36 -6.90
O3 PO4 O . 46.92 6.96 -4.78
O4 PO4 O . 48.45 8.83 -5.02
P PO4 P . 26.92 -3.01 -11.64
O1 PO4 P . 27.67 -3.76 -10.55
O2 PO4 P . 27.95 -2.28 -12.53
O3 PO4 P . 26.10 -3.98 -12.51
O4 PO4 P . 25.95 -2.03 -10.99
C1 GOL Q . 44.51 -17.77 -0.12
O1 GOL Q . 45.04 -19.01 -0.57
C2 GOL Q . 45.60 -16.72 -0.03
O2 GOL Q . 45.24 -15.72 0.94
C3 GOL Q . 46.92 -17.34 0.34
O3 GOL Q . 46.76 -18.61 0.97
C1 GOL R . 39.26 -6.22 -6.58
O1 GOL R . 38.09 -6.91 -7.02
C2 GOL R . 39.30 -6.21 -5.08
O2 GOL R . 38.06 -5.69 -4.58
C3 GOL R . 39.57 -7.59 -4.53
O3 GOL R . 40.26 -7.53 -3.29
OAH NK S . 30.54 -7.57 -7.88
CAD NK S . 30.89 -7.05 -8.91
CAA NK S . 31.34 -5.68 -9.03
CAC NK S . 31.81 -5.21 -10.25
CAG NK S . 32.23 -3.92 -10.39
CAI NK S . 32.21 -3.06 -9.31
CAE NK S . 31.75 -3.49 -8.09
CAB NK S . 31.32 -4.80 -7.94
OAF NK S . 30.85 -5.23 -6.72
C10 KRN T . 15.91 -36.14 3.10
C11 KRN T . 14.89 -35.20 3.75
C12 KRN T . 16.00 -36.09 1.62
O13 KRN T . 14.49 -34.27 3.09
O14 KRN T . 14.59 -35.42 4.93
C15 KRN T . 16.64 -34.80 0.98
C16 KRN T . 16.88 -35.17 -0.39
C17 KRN T . 18.13 -35.35 -0.95
C18 KRN T . 18.24 -35.79 -2.29
C19 KRN T . 17.17 -36.03 -3.14
C20 KRN T . 15.91 -35.80 -2.62
C21 KRN T . 15.78 -35.42 -1.27
O22 KRN T . 14.55 -35.20 -0.75
O23 KRN T . 17.78 -34.32 1.79
P PO4 U . 34.22 -53.41 4.86
O1 PO4 U . 33.74 -54.43 3.83
O2 PO4 U . 35.71 -53.53 5.06
O3 PO4 U . 33.96 -52.00 4.30
O4 PO4 U . 33.45 -53.65 6.18
P PO4 V . 26.56 -52.76 9.10
O1 PO4 V . 26.80 -54.28 9.14
O2 PO4 V . 27.47 -52.15 10.15
O3 PO4 V . 26.85 -52.25 7.73
O4 PO4 V . 25.14 -52.51 9.47
P PO4 W . 18.74 -37.49 -8.45
O1 PO4 W . 18.98 -38.42 -9.62
O2 PO4 W . 20.04 -37.29 -7.64
O3 PO4 W . 18.23 -36.14 -9.01
O4 PO4 W . 17.70 -38.07 -7.50
C1 GOL X . 27.44 -36.55 2.53
O1 GOL X . 26.48 -37.63 2.58
C2 GOL X . 28.84 -37.10 2.43
O2 GOL X . 29.34 -37.44 3.73
C3 GOL X . 28.92 -38.32 1.53
O3 GOL X . 27.63 -38.76 1.12
OAH NK Y . 24.26 -34.45 -5.16
CAD NK Y . 23.13 -34.74 -4.82
CAA NK Y . 22.66 -36.09 -4.51
CAC NK Y . 21.40 -36.28 -3.94
CAG NK Y . 20.94 -37.53 -3.63
CAI NK Y . 21.73 -38.64 -3.90
CAE NK Y . 22.95 -38.49 -4.50
CAB NK Y . 23.44 -37.22 -4.80
OAF NK Y . 24.67 -37.11 -5.38
OAH NK Z . 37.64 -35.39 -4.54
CAD NK Z . 38.64 -35.57 -5.18
CAA NK Z . 38.92 -36.76 -5.96
CAC NK Z . 40.04 -36.79 -6.80
CAG NK Z . 40.33 -37.90 -7.55
CAI NK Z . 39.51 -39.01 -7.48
CAE NK Z . 38.43 -39.03 -6.65
CAB NK Z . 38.12 -37.90 -5.88
OAF NK Z . 37.02 -37.94 -5.06
C10 KRN AA . 45.65 -35.11 -13.28
C11 KRN AA . 46.73 -34.18 -13.70
C12 KRN AA . 45.69 -35.51 -11.82
O13 KRN AA . 47.00 -34.22 -14.91
O14 KRN AA . 47.30 -33.50 -12.87
C15 KRN AA . 45.05 -34.50 -10.85
C16 KRN AA . 44.75 -35.25 -9.63
C17 KRN AA . 43.47 -35.43 -9.17
C18 KRN AA . 43.25 -36.18 -8.00
C19 KRN AA . 44.28 -36.75 -7.27
C20 KRN AA . 45.58 -36.56 -7.71
C21 KRN AA . 45.80 -35.82 -8.87
O22 KRN AA . 47.05 -35.59 -9.30
O23 KRN AA . 43.93 -33.76 -11.50
P PO4 BA . 25.67 -49.49 -19.49
O1 PO4 BA . 26.19 -50.82 -18.86
O2 PO4 BA . 26.33 -49.34 -20.89
O3 PO4 BA . 24.15 -49.54 -19.60
O4 PO4 BA . 26.04 -48.30 -18.60
P PO4 CA . 33.59 -48.35 -23.44
O1 PO4 CA . 33.39 -49.83 -23.85
O2 PO4 CA . 35.02 -48.00 -23.64
O3 PO4 CA . 32.72 -47.50 -24.35
O4 PO4 CA . 33.18 -48.23 -22.01
P PO4 DA . 42.46 -39.51 -2.36
O1 PO4 DA . 42.28 -40.77 -1.57
O2 PO4 DA . 43.12 -39.76 -3.71
O3 PO4 DA . 41.08 -38.89 -2.63
O4 PO4 DA . 43.33 -38.53 -1.56
C1 GOL EA . 32.88 -34.52 -13.17
O1 GOL EA . 31.62 -34.85 -13.73
C2 GOL EA . 33.65 -35.68 -12.55
O2 GOL EA . 32.87 -36.78 -12.07
C3 GOL EA . 34.67 -36.23 -13.50
O3 GOL EA . 35.95 -35.83 -13.06
C10 KRN FA . -40.18 10.41 -13.48
C11 KRN FA . -40.56 11.50 -14.44
C12 KRN FA . -38.74 10.11 -13.45
O13 KRN FA . -39.75 12.31 -14.80
O14 KRN FA . -41.73 11.53 -14.70
C15 KRN FA . -37.89 11.14 -12.67
C16 KRN FA . -36.61 10.47 -12.56
C17 KRN FA . -36.12 10.01 -11.33
C18 KRN FA . -34.89 9.33 -11.25
C19 KRN FA . -34.13 9.04 -12.39
C20 KRN FA . -34.59 9.51 -13.63
C21 KRN FA . -35.82 10.18 -13.71
O22 KRN FA . -36.23 10.60 -14.93
O23 KRN FA . -38.59 11.55 -11.44
P PO4 GA . -49.13 -5.78 -4.41
O1 PO4 GA . -49.50 -7.26 -4.36
O2 PO4 GA . -47.75 -5.59 -3.87
O3 PO4 GA . -49.23 -5.32 -5.82
O4 PO4 GA . -50.16 -5.03 -3.56
P PO4 HA . -28.82 6.59 -11.11
O1 PO4 HA . -27.99 5.34 -10.92
O2 PO4 HA . -27.96 7.72 -11.72
O3 PO4 HA . -30.01 6.32 -12.04
O4 PO4 HA . -29.34 7.02 -9.72
C1 GOL IA . -40.86 8.36 -1.08
O1 GOL IA . -40.53 8.05 0.27
C2 GOL IA . -40.08 7.50 -2.05
O2 GOL IA . -39.83 8.17 -3.29
C3 GOL IA . -38.78 7.01 -1.49
O3 GOL IA . -38.25 6.04 -2.37
C10 KRN JA . -23.82 5.49 15.68
C11 KRN JA . -23.32 6.15 16.88
C12 KRN JA . -25.31 5.31 15.72
O13 KRN JA . -22.14 5.91 17.15
O14 KRN JA . -24.07 6.89 17.51
C15 KRN JA . -26.18 6.56 15.23
C16 KRN JA . -27.55 6.08 15.03
C17 KRN JA . -28.12 6.05 13.75
C18 KRN JA . -29.42 5.50 13.56
C19 KRN JA . -30.20 5.00 14.59
C20 KRN JA . -29.66 5.01 15.88
C21 KRN JA . -28.36 5.53 16.07
O22 KRN JA . -27.86 5.52 17.33
O23 KRN JA . -25.50 7.30 14.08
P PO4 KA . -16.39 -8.34 2.42
O1 PO4 KA . -16.09 -9.81 2.10
O2 PO4 KA . -16.22 -8.13 3.88
O3 PO4 KA . -15.34 -7.50 1.66
O4 PO4 KA . -17.76 -7.99 2.00
P PO4 LA . -35.19 3.42 12.76
O1 PO4 LA . -34.35 2.57 13.72
O2 PO4 LA . -34.24 3.88 11.63
O3 PO4 LA . -36.36 2.64 12.20
O4 PO4 LA . -35.75 4.63 13.55
C1 GOL MA . -23.87 5.39 4.73
C1 GOL MA . -24.86 5.07 2.98
O1 GOL MA . -24.47 5.91 5.91
O1 GOL MA . -25.89 5.02 3.96
C2 GOL MA . -24.44 6.07 3.53
C2 GOL MA . -23.80 6.10 3.32
O2 GOL MA . -25.74 5.55 3.26
O2 GOL MA . -23.47 6.93 2.21
C3 GOL MA . -23.53 5.92 2.32
C3 GOL MA . -24.23 6.94 4.49
O3 GOL MA . -23.34 7.17 1.66
O3 GOL MA . -24.44 6.08 5.60
OAH NK NA . -31.48 7.85 7.04
CAD NK NA . -31.34 7.54 8.19
CAA NK NA . -31.28 6.17 8.69
CAC NK NA . -31.01 5.93 10.05
CAG NK NA . -30.95 4.65 10.53
CAI NK NA . -31.15 3.57 9.68
CAE NK NA . -31.43 3.78 8.35
CAB NK NA . -31.50 5.07 7.84
OAF NK NA . -31.77 5.26 6.52
C10 KRN OA . -46.56 37.09 -0.11
C11 KRN OA . -47.79 36.37 -0.51
C12 KRN OA . -46.35 37.15 1.34
O13 KRN OA . -48.21 35.50 0.24
O14 KRN OA . -48.33 36.78 -1.56
C15 KRN OA . -45.67 35.84 1.90
C16 KRN OA . -45.13 36.24 3.21
C17 KRN OA . -43.78 36.40 3.52
C18 KRN OA . -43.37 36.83 4.81
C19 KRN OA . -44.25 37.13 5.84
C20 KRN OA . -45.61 37.00 5.56
C21 KRN OA . -46.03 36.58 4.28
O22 KRN OA . -47.37 36.44 4.05
O23 KRN OA . -44.82 35.17 0.86
P PO4 PA . -27.73 52.90 -5.48
O1 PO4 PA . -28.16 51.54 -4.97
O2 PO4 PA . -26.27 52.78 -5.93
O3 PO4 PA . -28.65 53.35 -6.65
O4 PO4 PA . -27.88 53.95 -4.34
P PO4 QA . -36.19 53.12 -8.00
O1 PO4 QA . -35.62 52.58 -6.78
O2 PO4 QA . -35.65 52.39 -9.22
O3 PO4 QA . -37.65 53.09 -8.05
O4 PO4 QA . -35.74 54.61 -8.16
P PO4 RA . -41.66 38.44 10.78
O1 PO4 RA . -42.17 37.16 11.45
O2 PO4 RA . -40.51 38.13 9.79
O3 PO4 RA . -42.82 39.05 9.96
O4 PO4 RA . -41.19 39.37 11.85
C1 GOL SA . -36.00 38.35 -1.98
O1 GOL SA . -36.68 37.40 -1.18
C2 GOL SA . -34.54 38.41 -1.59
O2 GOL SA . -34.44 38.68 -0.19
C3 GOL SA . -33.80 37.14 -1.97
O3 GOL SA . -32.89 37.37 -3.04
OAH NK TA . -37.68 34.90 6.56
CAD NK TA . -38.70 35.47 6.26
CAA NK TA . -38.82 36.89 6.02
CAC NK TA . -40.05 37.44 5.63
CAG NK TA . -40.18 38.78 5.40
CAI NK TA . -39.09 39.62 5.55
CAE NK TA . -37.87 39.12 5.94
CAB NK TA . -37.72 37.76 6.18
OAF NK TA . -36.49 37.26 6.57
C10 KRN UA . -14.67 34.06 10.14
C11 KRN UA . -13.48 33.11 10.26
C12 KRN UA . -14.92 34.57 8.76
O13 KRN UA . -13.19 32.44 9.28
O14 KRN UA . -12.92 33.07 11.36
C15 KRN UA . -15.74 33.55 7.89
C16 KRN UA . -16.10 34.35 6.74
C17 KRN UA . -17.41 34.78 6.48
C18 KRN UA . -17.63 35.63 5.37
C19 KRN UA . -16.65 36.09 4.50
C20 KRN UA . -15.35 35.66 4.74
C21 KRN UA . -15.09 34.82 5.84
O22 KRN UA . -13.81 34.42 6.08
O23 KRN UA . -16.80 32.89 8.74
P PO4 VA . -31.86 49.62 20.03
O1 PO4 VA . -30.88 49.58 21.23
O2 PO4 VA . -31.65 50.97 19.30
O3 PO4 VA . -31.58 48.47 19.11
O4 PO4 VA . -33.31 49.48 20.44
P PO4 WA . -33.91 25.01 17.71
O1 PO4 WA . -33.23 23.71 17.23
O2 PO4 WA . -33.03 26.25 17.36
O3 PO4 WA . -35.24 25.12 17.00
O4 PO4 WA . -34.12 24.99 19.22
P PO4 XA . -23.42 48.25 22.38
O1 PO4 XA . -23.97 47.25 23.36
O2 PO4 XA . -21.94 48.13 22.35
O3 PO4 XA . -24.03 48.11 21.07
O4 PO4 XA . -23.76 49.69 22.95
P PO4 YA . -19.32 38.74 0.09
O1 PO4 YA . -20.51 38.18 0.89
O2 PO4 YA . -18.72 37.62 -0.81
O3 PO4 YA . -19.79 39.87 -0.79
O4 PO4 YA . -18.26 39.20 1.09
C1 GOL ZA . -27.32 35.34 13.23
C1 GOL ZA . -25.86 34.37 12.09
O1 GOL ZA . -28.61 34.80 12.91
O1 GOL ZA . -24.88 35.40 12.00
C2 GOL ZA . -26.44 35.46 12.00
C2 GOL ZA . -27.24 34.98 12.17
O2 GOL ZA . -26.70 36.67 11.27
O2 GOL ZA . -27.76 34.80 13.49
C3 GOL ZA . -24.98 35.43 12.33
C3 GOL ZA . -27.24 36.46 11.80
O3 GOL ZA . -24.20 35.18 11.16
O3 GOL ZA . -26.20 36.79 10.89
OAH NK AB . -24.11 35.00 3.39
CAD NK AB . -22.95 35.12 3.69
CAA NK AB . -22.41 36.26 4.42
CAC NK AB . -21.10 36.22 4.90
CAG NK AB . -20.58 37.29 5.59
CAI NK AB . -21.36 38.41 5.80
CAE NK AB . -22.64 38.49 5.32
CAB NK AB . -23.18 37.41 4.62
OAF NK AB . -24.47 37.47 4.14
#